data_8V8U
#
_entry.id   8V8U
#
_cell.length_a   84.633
_cell.length_b   121.859
_cell.length_c   163.881
_cell.angle_alpha   90.00
_cell.angle_beta   91.69
_cell.angle_gamma   90.00
#
_symmetry.space_group_name_H-M   'P 1 21 1'
#
loop_
_entity.id
_entity.type
_entity.pdbx_description
1 polymer 'Phosphatidylinositol 4,5-bisphosphate 3-kinase catalytic subunit alpha isoform'
2 polymer 'Phosphatidylinositol 3-kinase regulatory subunit alpha'
3 non-polymer (2S)-N~1~-{4-methyl-5-[2-(1,1,1-trifluoro-2-methylpropan-2-yl)pyridin-4-yl]-1,3-thiazol-2-yl}pyrrolidine-1,2-dicarboxamide
4 non-polymer (3S)-9-[(1R)-1-(2-carboxyanilino)ethyl]-3-cyano-7-methyl-4-oxo-2-(piperidin-1-yl)-3,4-dihydropyrido[1,2-a]pyrimidin-5-ium
5 water water
#
loop_
_entity_poly.entity_id
_entity_poly.type
_entity_poly.pdbx_seq_one_letter_code
_entity_poly.pdbx_strand_id
1 'polypeptide(L)'
;AMGSMPPRPSSGELWGIHLMPPRILVECLLPNGMIVTLECLREATLITIKHELFKEARKYPLHQLLQDESSYIFVSVTQE
AEREEFFDETRRLCDLRLFQPFLKVIEPVGNREEKILNREIGFAIGMPVCEFDMVKDPEVQDFRRNILNVCKEAVDLRDL
NSPHSRAMYVYPPNVESSPELPKHIYNKLDKGQIIVVIWVIVSPNNDKQKYTLKINHDCVPEQVIAEAIRKKTRSMLLSS
EQLKLCVLEYQGKYILKVCGCDEYFLEKYPLSQYKYIRSCIMLGRMPNLMLMAKESLYSQLPMDCFTMPSYSRRISTATP
YMNGETSTKSLWVINSALRIKILCATYVNVNIRDIDKIYVRTGIYHGGEPLCDNVNTQRVPCSNPRWNEWLNYDIYIPDL
PRAARLCLSICSVKGRKGAKEEHCPLAWGNINLFDYTDTLVSGKMALNLWPVPHGLEDLLNPIGVTGSNPNKETPCLELE
FDWFSSVVKFPDMSVIEEHANWSVSREAGFSYSHAGLSNRLARDNELRENDKEQLKAISTRDPLSEITEQEKDFLWSHRH
YCVTIPEILPKLLLSVKWNSRDEVAQMYCLVKDWPPIKPEQAMELLDCNYPDPMVRGFAVRCLEKYLTDDKLSQYLIQLV
QVLKYEQYLDNLLVRFLLKKALTNQRIGHFFFWHLKSEMHNKTVSQRFGLLLESYCRACGMYLKHLNRQVEAMEKLINLT
DILKQEKKDETQKVQMKFLVEQMRRPDFMDALQGFLSPLNPAHQLGNLRLEECRIMSSAKRPLWLNWENPDIMSELLFQN
NEIIFKNGDDLRQDMLTLQIIRIMENIWQNQGLDLRMLPYGCLSIGDCVGLIEVVRNSHTIMQIQCKGGLKGALQFNSHT
LHQWLKDKNKGEIYDAAIDLFTRSCAGYCVATFILGIGDRHNSNIMVKDDGQLFHIDFGHFLDHKKKKFGYKRERVPFVL
TQDFLIVISKGAQECTKTREFERFQEMCYKAYLAIRQHANLFINLFSMMLGSGMPELQSFDDIAYIRKTLALDKTEQEAL
EYFMKQMNDARHGGWTTKMDWIFHTIKQHALN
;
A,C
2 'polypeptide(L)'
;MNNNMSLQDAEWYWGDISREEVNEKLRDTADGTFLVRDASTKMHGDYTLTLRKGGNNKLIKIFHRDGKYGFSDPLTFSSV
VELINHYRNESLAQYNPKLDVKLLYPVSKYQQDQVVKEDNIEAVGKKLHEYNTQFQEKSREYDRLYEEYTRTSQEIQMKR
TAIEAFNETIKIFEEQCQTQERYSKEYIEKFKREGNEKEIQRIMHNYDKLKSRISEIIDSRRRLEEDLKKQAAEYREIDK
RMNSIKPDLIQLRKTRDQYLMWLTQKGVRQKKLNEWLGN
;
B,D
#
# COMPACT_ATOMS: atom_id res chain seq x y z
N MET A 5 -39.91 -39.60 -1.44
CA MET A 5 -38.88 -40.19 -2.28
C MET A 5 -37.50 -39.65 -1.90
N PRO A 6 -36.65 -40.51 -1.33
CA PRO A 6 -35.28 -40.13 -1.02
C PRO A 6 -34.31 -40.93 -1.88
N PRO A 7 -33.02 -41.00 -1.49
CA PRO A 7 -32.17 -42.08 -2.02
C PRO A 7 -32.59 -43.47 -1.54
N ARG A 8 -31.65 -44.41 -1.51
CA ARG A 8 -32.01 -45.77 -1.14
C ARG A 8 -31.59 -46.08 0.30
N PRO A 9 -32.46 -46.74 1.06
CA PRO A 9 -32.05 -47.19 2.40
C PRO A 9 -31.00 -48.29 2.36
N SER A 10 -31.22 -49.31 1.53
CA SER A 10 -30.30 -50.42 1.37
C SER A 10 -29.90 -50.55 -0.10
N SER A 11 -28.81 -51.29 -0.32
CA SER A 11 -28.35 -51.61 -1.67
C SER A 11 -28.81 -52.99 -2.12
N GLY A 12 -29.97 -53.44 -1.62
CA GLY A 12 -30.47 -54.77 -1.93
C GLY A 12 -31.42 -54.77 -3.11
N GLU A 13 -31.65 -55.97 -3.63
CA GLU A 13 -32.44 -56.15 -4.85
C GLU A 13 -33.94 -56.06 -4.60
N LEU A 14 -34.36 -56.17 -3.34
CA LEU A 14 -35.75 -55.95 -2.94
C LEU A 14 -35.76 -55.27 -1.58
N TRP A 15 -36.85 -54.58 -1.28
CA TRP A 15 -37.02 -53.98 0.04
C TRP A 15 -36.95 -55.04 1.12
N GLY A 16 -35.96 -54.90 2.01
CA GLY A 16 -35.77 -55.83 3.10
C GLY A 16 -35.04 -57.11 2.75
N ILE A 17 -34.62 -57.29 1.50
CA ILE A 17 -33.98 -58.52 1.05
C ILE A 17 -32.70 -58.16 0.31
N HIS A 18 -31.58 -58.72 0.75
CA HIS A 18 -30.31 -58.45 0.08
C HIS A 18 -30.22 -59.19 -1.25
N LEU A 19 -30.54 -60.48 -1.25
CA LEU A 19 -30.44 -61.33 -2.43
C LEU A 19 -31.80 -61.94 -2.74
N MET A 20 -32.28 -61.72 -3.97
CA MET A 20 -33.42 -62.45 -4.46
C MET A 20 -33.11 -63.94 -4.49
N PRO A 21 -34.09 -64.80 -4.21
CA PRO A 21 -33.86 -66.23 -4.41
C PRO A 21 -33.61 -66.52 -5.88
N PRO A 22 -32.86 -67.59 -6.18
CA PRO A 22 -32.56 -67.90 -7.59
C PRO A 22 -33.76 -67.87 -8.51
N ARG A 23 -34.94 -68.21 -8.01
CA ARG A 23 -36.19 -68.05 -8.73
C ARG A 23 -37.18 -67.33 -7.83
N ILE A 24 -37.93 -66.40 -8.41
CA ILE A 24 -38.78 -65.50 -7.63
C ILE A 24 -40.13 -65.36 -8.34
N LEU A 25 -41.19 -65.26 -7.55
CA LEU A 25 -42.53 -65.04 -8.06
C LEU A 25 -42.75 -63.54 -8.27
N VAL A 26 -43.32 -63.18 -9.42
CA VAL A 26 -43.51 -61.77 -9.77
C VAL A 26 -44.98 -61.54 -10.10
N GLU A 27 -45.63 -60.65 -9.36
CA GLU A 27 -46.99 -60.26 -9.69
C GLU A 27 -46.99 -59.44 -10.97
N CYS A 28 -47.79 -59.86 -11.95
CA CYS A 28 -47.93 -59.12 -13.20
C CYS A 28 -49.38 -58.68 -13.35
N LEU A 29 -49.58 -57.41 -13.63
CA LEU A 29 -50.92 -56.83 -13.77
C LEU A 29 -51.15 -56.51 -15.24
N LEU A 30 -51.95 -57.32 -15.91
CA LEU A 30 -52.16 -57.18 -17.34
C LEU A 30 -53.13 -56.03 -17.64
N PRO A 31 -53.08 -55.48 -18.86
CA PRO A 31 -53.94 -54.33 -19.18
C PRO A 31 -55.43 -54.65 -19.14
N ASN A 32 -55.82 -55.93 -19.21
CA ASN A 32 -57.23 -56.31 -19.25
C ASN A 32 -57.80 -56.58 -17.86
N GLY A 33 -57.11 -56.15 -16.80
CA GLY A 33 -57.58 -56.35 -15.44
C GLY A 33 -57.14 -57.64 -14.79
N MET A 34 -56.55 -58.57 -15.55
CA MET A 34 -56.14 -59.85 -14.99
C MET A 34 -54.80 -59.71 -14.28
N ILE A 35 -54.54 -60.64 -13.37
CA ILE A 35 -53.31 -60.65 -12.57
C ILE A 35 -52.69 -62.03 -12.69
N VAL A 36 -51.43 -62.07 -13.13
CA VAL A 36 -50.74 -63.33 -13.43
C VAL A 36 -49.51 -63.41 -12.56
N THR A 37 -49.42 -64.47 -11.75
CA THR A 37 -48.20 -64.78 -11.01
C THR A 37 -47.30 -65.64 -11.89
N LEU A 38 -46.02 -65.28 -11.93
CA LEU A 38 -45.08 -65.83 -12.89
C LEU A 38 -43.73 -66.01 -12.22
N GLU A 39 -43.23 -67.24 -12.18
CA GLU A 39 -41.93 -67.50 -11.57
C GLU A 39 -40.82 -67.12 -12.53
N CYS A 40 -40.03 -66.11 -12.17
CA CYS A 40 -38.94 -65.63 -12.99
C CYS A 40 -37.59 -65.90 -12.32
N LEU A 41 -36.57 -66.12 -13.14
CA LEU A 41 -35.20 -66.07 -12.63
C LEU A 41 -34.89 -64.65 -12.18
N ARG A 42 -34.09 -64.52 -11.12
CA ARG A 42 -33.75 -63.18 -10.64
C ARG A 42 -32.89 -62.43 -11.65
N GLU A 43 -32.07 -63.14 -12.42
CA GLU A 43 -31.23 -62.53 -13.44
C GLU A 43 -31.95 -62.39 -14.78
N ALA A 44 -33.25 -62.69 -14.85
CA ALA A 44 -33.97 -62.56 -16.10
C ALA A 44 -34.04 -61.10 -16.53
N THR A 45 -33.90 -60.86 -17.83
CA THR A 45 -34.11 -59.53 -18.37
C THR A 45 -35.60 -59.25 -18.49
N LEU A 46 -35.94 -57.96 -18.58
CA LEU A 46 -37.33 -57.58 -18.73
C LEU A 46 -37.88 -58.04 -20.07
N ILE A 47 -37.02 -58.17 -21.08
CA ILE A 47 -37.43 -58.77 -22.35
C ILE A 47 -37.93 -60.19 -22.13
N THR A 48 -37.12 -61.01 -21.46
CA THR A 48 -37.48 -62.40 -21.22
C THR A 48 -38.77 -62.50 -20.41
N ILE A 49 -38.86 -61.74 -19.32
CA ILE A 49 -40.02 -61.83 -18.43
C ILE A 49 -41.29 -61.45 -19.18
N LYS A 50 -41.23 -60.42 -20.02
CA LYS A 50 -42.41 -60.01 -20.77
C LYS A 50 -42.80 -61.07 -21.79
N HIS A 51 -41.80 -61.73 -22.38
CA HIS A 51 -42.09 -62.83 -23.30
C HIS A 51 -42.75 -64.00 -22.58
N GLU A 52 -42.17 -64.43 -21.45
CA GLU A 52 -42.77 -65.50 -20.66
C GLU A 52 -44.16 -65.10 -20.16
N LEU A 53 -44.32 -63.84 -19.78
CA LEU A 53 -45.61 -63.39 -19.24
C LEU A 53 -46.70 -63.50 -20.30
N PHE A 54 -46.43 -63.04 -21.52
CA PHE A 54 -47.46 -63.01 -22.55
C PHE A 54 -47.76 -64.40 -23.11
N LYS A 55 -46.85 -65.36 -22.93
CA LYS A 55 -47.19 -66.75 -23.20
C LYS A 55 -48.06 -67.31 -22.08
N GLU A 56 -47.68 -67.04 -20.83
CA GLU A 56 -48.50 -67.47 -19.69
C GLU A 56 -49.86 -66.77 -19.69
N ALA A 57 -49.94 -65.57 -20.28
CA ALA A 57 -51.16 -64.78 -20.21
C ALA A 57 -52.29 -65.36 -21.06
N ARG A 58 -51.98 -66.23 -22.01
CA ARG A 58 -53.05 -66.82 -22.83
C ARG A 58 -53.93 -67.76 -22.02
N LYS A 59 -53.44 -68.24 -20.88
CA LYS A 59 -54.19 -69.12 -19.99
C LYS A 59 -55.22 -68.38 -19.14
N TYR A 60 -55.45 -67.10 -19.40
CA TYR A 60 -56.23 -66.25 -18.53
C TYR A 60 -57.38 -65.60 -19.28
N PRO A 61 -58.44 -65.21 -18.56
CA PRO A 61 -59.60 -64.61 -19.22
C PRO A 61 -59.26 -63.35 -20.00
N LEU A 62 -60.11 -63.05 -20.98
CA LEU A 62 -60.01 -61.85 -21.80
C LEU A 62 -58.64 -61.73 -22.46
N HIS A 63 -58.03 -62.88 -22.78
CA HIS A 63 -56.66 -62.89 -23.29
C HIS A 63 -56.58 -62.25 -24.68
N GLN A 64 -57.66 -62.33 -25.46
CA GLN A 64 -57.64 -61.75 -26.80
C GLN A 64 -57.62 -60.23 -26.78
N LEU A 65 -57.84 -59.61 -25.63
CA LEU A 65 -57.84 -58.16 -25.52
C LEU A 65 -56.43 -57.58 -25.57
N LEU A 66 -55.42 -58.39 -25.31
CA LEU A 66 -54.04 -57.91 -25.27
C LEU A 66 -53.48 -57.74 -26.68
N GLN A 67 -52.75 -56.65 -26.88
CA GLN A 67 -52.06 -56.41 -28.14
C GLN A 67 -50.78 -57.24 -28.19
N ASP A 68 -49.97 -57.04 -29.21
CA ASP A 68 -48.66 -57.65 -29.25
C ASP A 68 -47.80 -57.10 -28.12
N GLU A 69 -46.88 -57.93 -27.62
CA GLU A 69 -46.07 -57.53 -26.47
C GLU A 69 -45.13 -56.38 -26.80
N SER A 70 -44.89 -56.10 -28.08
CA SER A 70 -44.05 -54.98 -28.46
C SER A 70 -44.75 -53.63 -28.27
N SER A 71 -46.04 -53.63 -27.98
CA SER A 71 -46.80 -52.41 -27.74
C SER A 71 -46.92 -52.04 -26.27
N TYR A 72 -46.28 -52.80 -25.38
CA TYR A 72 -46.38 -52.56 -23.95
C TYR A 72 -44.99 -52.46 -23.34
N ILE A 73 -44.93 -51.81 -22.17
CA ILE A 73 -43.74 -51.81 -21.32
C ILE A 73 -44.18 -51.98 -19.87
N PHE A 74 -43.21 -52.29 -19.02
CA PHE A 74 -43.46 -52.48 -17.60
C PHE A 74 -43.36 -51.17 -16.84
N VAL A 75 -44.15 -51.05 -15.78
CA VAL A 75 -44.01 -50.00 -14.78
C VAL A 75 -44.13 -50.66 -13.42
N SER A 76 -43.38 -50.14 -12.46
CA SER A 76 -43.38 -50.71 -11.12
C SER A 76 -42.91 -49.65 -10.14
N VAL A 77 -42.99 -49.99 -8.86
CA VAL A 77 -42.57 -49.10 -7.78
C VAL A 77 -41.19 -49.54 -7.32
N THR A 78 -40.26 -48.59 -7.25
CA THR A 78 -38.90 -48.87 -6.84
C THR A 78 -38.68 -48.49 -5.38
N GLN A 79 -37.60 -49.02 -4.80
CA GLN A 79 -37.30 -48.79 -3.40
C GLN A 79 -37.18 -47.30 -3.06
N GLU A 80 -36.92 -46.46 -4.05
CA GLU A 80 -36.90 -45.01 -3.88
C GLU A 80 -38.29 -44.40 -3.99
N ALA A 81 -39.33 -45.20 -3.79
CA ALA A 81 -40.73 -44.76 -3.81
C ALA A 81 -41.14 -44.14 -5.13
N GLU A 82 -40.44 -44.47 -6.22
CA GLU A 82 -40.71 -43.85 -7.52
C GLU A 82 -41.50 -44.81 -8.41
N ARG A 83 -42.40 -44.24 -9.20
CA ARG A 83 -43.20 -44.97 -10.18
C ARG A 83 -42.42 -44.99 -11.48
N GLU A 84 -41.55 -45.98 -11.62
CA GLU A 84 -40.59 -46.02 -12.73
C GLU A 84 -41.12 -46.87 -13.88
N GLU A 85 -41.15 -46.28 -15.07
CA GLU A 85 -41.38 -47.02 -16.30
C GLU A 85 -40.05 -47.51 -16.86
N PHE A 86 -40.01 -48.76 -17.29
CA PHE A 86 -38.78 -49.42 -17.71
C PHE A 86 -38.75 -49.50 -19.23
N PHE A 87 -38.28 -48.43 -19.87
CA PHE A 87 -38.17 -48.45 -21.33
C PHE A 87 -36.99 -49.31 -21.78
N ASP A 88 -35.84 -49.16 -21.15
CA ASP A 88 -34.68 -50.02 -21.42
C ASP A 88 -34.96 -51.39 -20.83
N GLU A 89 -35.42 -52.30 -21.67
CA GLU A 89 -35.86 -53.63 -21.24
C GLU A 89 -34.72 -54.64 -21.23
N THR A 90 -33.49 -54.24 -21.55
CA THR A 90 -32.36 -55.14 -21.43
C THR A 90 -31.94 -55.38 -19.99
N ARG A 91 -32.56 -54.68 -19.04
CA ARG A 91 -32.12 -54.71 -17.65
C ARG A 91 -32.61 -55.96 -16.94
N ARG A 92 -31.73 -56.56 -16.15
CA ARG A 92 -32.10 -57.73 -15.36
C ARG A 92 -33.03 -57.35 -14.22
N LEU A 93 -33.81 -58.33 -13.78
CA LEU A 93 -34.82 -58.10 -12.74
C LEU A 93 -34.17 -57.68 -11.43
N CYS A 94 -33.03 -58.29 -11.07
CA CYS A 94 -32.37 -58.02 -9.80
C CYS A 94 -31.69 -56.66 -9.75
N ASP A 95 -31.60 -55.95 -10.88
CA ASP A 95 -30.97 -54.65 -10.93
C ASP A 95 -32.00 -53.54 -11.19
N LEU A 96 -33.28 -53.80 -10.94
CA LEU A 96 -34.31 -52.80 -11.10
C LEU A 96 -34.59 -52.01 -9.84
N ARG A 97 -34.06 -52.46 -8.69
CA ARG A 97 -34.33 -51.85 -7.39
C ARG A 97 -35.84 -51.82 -7.13
N LEU A 98 -36.49 -52.95 -7.38
CA LEU A 98 -37.92 -53.04 -7.15
C LEU A 98 -38.24 -53.03 -5.66
N PHE A 99 -39.32 -52.32 -5.30
CA PHE A 99 -39.79 -52.28 -3.93
C PHE A 99 -40.42 -53.62 -3.56
N GLN A 100 -41.55 -53.93 -4.17
CA GLN A 100 -42.13 -55.25 -4.11
C GLN A 100 -42.03 -55.93 -5.48
N PRO A 101 -41.86 -57.25 -5.52
CA PRO A 101 -41.74 -57.92 -6.82
C PRO A 101 -43.05 -57.99 -7.59
N PHE A 102 -43.48 -56.86 -8.15
CA PHE A 102 -44.63 -56.82 -9.02
C PHE A 102 -44.33 -55.94 -10.22
N LEU A 103 -45.09 -56.14 -11.29
CA LEU A 103 -44.90 -55.40 -12.53
C LEU A 103 -46.27 -55.14 -13.16
N LYS A 104 -46.51 -53.90 -13.55
CA LYS A 104 -47.74 -53.55 -14.25
C LYS A 104 -47.45 -53.35 -15.73
N VAL A 105 -48.32 -53.89 -16.58
CA VAL A 105 -48.17 -53.79 -18.02
C VAL A 105 -48.96 -52.58 -18.51
N ILE A 106 -48.25 -51.65 -19.16
CA ILE A 106 -48.85 -50.41 -19.66
C ILE A 106 -48.34 -50.14 -21.07
N GLU A 107 -49.03 -49.24 -21.76
CA GLU A 107 -48.54 -48.83 -23.07
C GLU A 107 -47.56 -47.67 -22.91
N PRO A 108 -46.37 -47.75 -23.52
CA PRO A 108 -45.36 -46.70 -23.32
C PRO A 108 -45.78 -45.39 -23.95
N VAL A 109 -45.56 -44.30 -23.22
CA VAL A 109 -45.86 -42.96 -23.69
C VAL A 109 -44.62 -42.10 -23.54
N GLY A 110 -44.49 -41.09 -24.40
CA GLY A 110 -43.41 -40.13 -24.31
C GLY A 110 -42.18 -40.53 -25.09
N ASN A 111 -41.16 -39.69 -24.97
CA ASN A 111 -39.88 -39.91 -25.64
C ASN A 111 -39.12 -41.03 -24.93
N ARG A 112 -38.84 -42.11 -25.66
CA ARG A 112 -38.15 -43.25 -25.06
C ARG A 112 -36.74 -42.88 -24.64
N GLU A 113 -36.00 -42.20 -25.52
CA GLU A 113 -34.62 -41.87 -25.23
C GLU A 113 -34.51 -40.88 -24.07
N GLU A 114 -35.45 -39.94 -23.99
CA GLU A 114 -35.45 -38.99 -22.89
C GLU A 114 -35.65 -39.69 -21.55
N LYS A 115 -36.57 -40.65 -21.51
CA LYS A 115 -36.89 -41.32 -20.26
C LYS A 115 -35.80 -42.33 -19.86
N ILE A 116 -35.11 -42.91 -20.84
CA ILE A 116 -33.98 -43.77 -20.52
C ILE A 116 -32.86 -42.95 -19.89
N LEU A 117 -32.61 -41.75 -20.43
CA LEU A 117 -31.57 -40.88 -19.88
C LEU A 117 -31.92 -40.42 -18.46
N ASN A 118 -33.14 -39.96 -18.25
CA ASN A 118 -33.54 -39.48 -16.94
C ASN A 118 -33.42 -40.55 -15.87
N ARG A 119 -33.49 -41.83 -16.26
CA ARG A 119 -33.25 -42.90 -15.30
C ARG A 119 -31.75 -43.09 -15.09
N GLU A 120 -30.98 -43.13 -16.18
CA GLU A 120 -29.53 -43.23 -16.08
C GLU A 120 -28.96 -42.10 -15.24
N ILE A 121 -29.49 -40.88 -15.39
CA ILE A 121 -29.05 -39.76 -14.57
C ILE A 121 -29.46 -39.98 -13.11
N GLY A 122 -30.74 -40.28 -12.87
CA GLY A 122 -31.19 -40.51 -11.51
C GLY A 122 -30.45 -41.63 -10.82
N PHE A 123 -30.07 -42.66 -11.57
CA PHE A 123 -29.31 -43.75 -11.00
C PHE A 123 -27.90 -43.30 -10.63
N ALA A 124 -27.28 -42.47 -11.48
CA ALA A 124 -25.90 -42.06 -11.26
C ALA A 124 -25.77 -41.10 -10.08
N ILE A 125 -26.75 -40.20 -9.91
CA ILE A 125 -26.71 -39.23 -8.81
C ILE A 125 -27.35 -39.76 -7.54
N GLY A 126 -27.89 -40.99 -7.57
CA GLY A 126 -28.47 -41.59 -6.38
C GLY A 126 -29.78 -40.98 -5.94
N MET A 127 -30.57 -40.47 -6.88
CA MET A 127 -31.78 -39.73 -6.58
C MET A 127 -32.59 -39.51 -7.85
N PRO A 128 -33.85 -39.94 -7.90
CA PRO A 128 -34.65 -39.80 -9.12
C PRO A 128 -34.85 -38.33 -9.48
N VAL A 129 -34.54 -38.00 -10.73
CA VAL A 129 -34.65 -36.63 -11.21
C VAL A 129 -36.10 -36.15 -11.24
N CYS A 130 -37.06 -37.04 -11.00
CA CYS A 130 -38.44 -36.61 -10.87
C CYS A 130 -38.68 -35.90 -9.55
N GLU A 131 -37.88 -36.21 -8.52
CA GLU A 131 -37.98 -35.51 -7.25
C GLU A 131 -37.65 -34.04 -7.39
N PHE A 132 -36.69 -33.69 -8.27
CA PHE A 132 -36.40 -32.28 -8.53
C PHE A 132 -37.60 -31.59 -9.17
N ASP A 133 -38.26 -32.26 -10.12
CA ASP A 133 -39.40 -31.66 -10.80
C ASP A 133 -40.57 -31.41 -9.86
N MET A 134 -40.55 -32.00 -8.66
CA MET A 134 -41.63 -31.84 -7.70
C MET A 134 -41.43 -30.65 -6.76
N VAL A 135 -40.23 -30.05 -6.73
CA VAL A 135 -39.95 -29.01 -5.75
C VAL A 135 -40.62 -27.71 -6.19
N LYS A 136 -41.25 -27.03 -5.23
CA LYS A 136 -41.92 -25.77 -5.51
C LYS A 136 -40.96 -24.59 -5.41
N ASP A 137 -39.79 -24.79 -4.81
CA ASP A 137 -38.82 -23.74 -4.59
C ASP A 137 -38.41 -23.10 -5.92
N PRO A 138 -38.66 -21.81 -6.11
CA PRO A 138 -38.28 -21.17 -7.38
C PRO A 138 -36.77 -21.13 -7.61
N GLU A 139 -35.97 -21.12 -6.54
CA GLU A 139 -34.52 -21.10 -6.74
C GLU A 139 -34.01 -22.43 -7.27
N VAL A 140 -34.67 -23.53 -6.91
CA VAL A 140 -34.27 -24.82 -7.45
C VAL A 140 -34.60 -24.91 -8.93
N GLN A 141 -35.83 -24.50 -9.30
CA GLN A 141 -36.21 -24.53 -10.70
C GLN A 141 -35.43 -23.51 -11.52
N ASP A 142 -35.05 -22.38 -10.92
CA ASP A 142 -34.23 -21.43 -11.64
C ASP A 142 -32.81 -21.96 -11.84
N PHE A 143 -32.28 -22.70 -10.86
CA PHE A 143 -30.94 -23.26 -11.02
C PHE A 143 -30.91 -24.28 -12.15
N ARG A 144 -31.92 -25.16 -12.21
CA ARG A 144 -31.93 -26.21 -13.23
C ARG A 144 -31.94 -25.62 -14.63
N ARG A 145 -32.71 -24.56 -14.85
CA ARG A 145 -32.72 -23.92 -16.17
C ARG A 145 -31.44 -23.13 -16.41
N ASN A 146 -31.13 -22.20 -15.51
CA ASN A 146 -30.11 -21.19 -15.81
C ASN A 146 -28.72 -21.80 -15.91
N ILE A 147 -28.45 -22.88 -15.18
CA ILE A 147 -27.14 -23.50 -15.24
C ILE A 147 -26.88 -24.21 -16.55
N LEU A 148 -27.92 -24.45 -17.36
CA LEU A 148 -27.71 -25.03 -18.68
C LEU A 148 -26.91 -24.12 -19.59
N ASN A 149 -26.88 -22.82 -19.31
CA ASN A 149 -25.99 -21.93 -20.05
C ASN A 149 -24.54 -22.38 -19.92
N VAL A 150 -24.13 -22.70 -18.70
CA VAL A 150 -22.77 -23.20 -18.48
C VAL A 150 -22.55 -24.50 -19.24
N CYS A 151 -23.58 -25.34 -19.32
CA CYS A 151 -23.46 -26.62 -19.99
C CYS A 151 -23.30 -26.44 -21.49
N LYS A 152 -24.21 -25.70 -22.11
CA LYS A 152 -24.12 -25.44 -23.55
C LYS A 152 -22.81 -24.75 -23.90
N GLU A 153 -22.44 -23.74 -23.10
CA GLU A 153 -21.20 -23.01 -23.34
C GLU A 153 -19.99 -23.93 -23.36
N ALA A 154 -19.98 -24.95 -22.50
CA ALA A 154 -18.85 -25.87 -22.43
C ALA A 154 -18.88 -26.89 -23.56
N VAL A 155 -20.08 -27.37 -23.92
CA VAL A 155 -20.19 -28.33 -25.01
C VAL A 155 -19.73 -27.71 -26.32
N ASP A 156 -20.03 -26.43 -26.52
CA ASP A 156 -19.52 -25.74 -27.71
C ASP A 156 -18.01 -25.65 -27.68
N LEU A 157 -17.43 -25.32 -26.52
CA LEU A 157 -15.98 -25.28 -26.39
C LEU A 157 -15.35 -26.64 -26.61
N ARG A 158 -16.13 -27.71 -26.53
CA ARG A 158 -15.64 -29.04 -26.84
C ARG A 158 -15.69 -29.33 -28.34
N ASP A 159 -16.85 -29.09 -28.96
CA ASP A 159 -17.04 -29.37 -30.37
C ASP A 159 -16.62 -28.21 -31.28
N LEU A 160 -15.94 -27.21 -30.74
CA LEU A 160 -15.47 -26.10 -31.56
C LEU A 160 -14.30 -26.53 -32.44
N ASN A 161 -13.26 -27.07 -31.81
CA ASN A 161 -12.05 -27.50 -32.52
C ASN A 161 -12.06 -29.02 -32.75
N SER A 162 -13.18 -29.52 -33.27
CA SER A 162 -13.30 -30.94 -33.53
C SER A 162 -12.36 -31.36 -34.67
N PRO A 163 -11.84 -32.60 -34.63
CA PRO A 163 -12.05 -33.55 -33.54
C PRO A 163 -10.91 -33.56 -32.52
N HIS A 164 -9.99 -32.59 -32.61
CA HIS A 164 -8.89 -32.53 -31.65
C HIS A 164 -9.39 -32.09 -30.28
N SER A 165 -10.34 -31.16 -30.24
CA SER A 165 -10.84 -30.66 -28.96
C SER A 165 -11.66 -31.71 -28.22
N ARG A 166 -12.41 -32.55 -28.95
CA ARG A 166 -13.10 -33.65 -28.29
C ARG A 166 -12.13 -34.68 -27.75
N ALA A 167 -10.98 -34.86 -28.42
CA ALA A 167 -9.96 -35.75 -27.88
C ALA A 167 -9.27 -35.15 -26.68
N MET A 168 -9.17 -33.81 -26.62
CA MET A 168 -8.57 -33.16 -25.46
C MET A 168 -9.48 -33.30 -24.24
N TYR A 169 -10.79 -33.19 -24.44
CA TYR A 169 -11.75 -33.41 -23.35
C TYR A 169 -11.64 -34.83 -22.83
N VAL A 170 -11.73 -35.82 -23.73
CA VAL A 170 -11.77 -37.21 -23.31
C VAL A 170 -10.43 -37.66 -22.74
N TYR A 171 -9.33 -37.20 -23.33
CA TYR A 171 -7.98 -37.62 -22.94
C TYR A 171 -7.11 -36.40 -22.68
N PRO A 172 -7.26 -35.76 -21.53
CA PRO A 172 -6.47 -34.57 -21.22
C PRO A 172 -5.07 -34.95 -20.81
N PRO A 173 -4.08 -34.12 -21.14
CA PRO A 173 -2.70 -34.45 -20.79
C PRO A 173 -2.51 -34.47 -19.29
N ASN A 174 -1.81 -35.50 -18.81
CA ASN A 174 -1.51 -35.67 -17.39
C ASN A 174 -0.09 -35.13 -17.16
N VAL A 175 0.00 -33.84 -16.89
CA VAL A 175 1.29 -33.17 -16.78
C VAL A 175 1.46 -32.57 -15.39
N GLU A 176 2.72 -32.37 -15.01
CA GLU A 176 3.03 -31.58 -13.84
C GLU A 176 2.67 -30.11 -14.09
N SER A 177 2.72 -29.32 -13.01
CA SER A 177 2.37 -27.91 -13.14
C SER A 177 3.48 -27.06 -13.72
N SER A 178 4.72 -27.54 -13.69
CA SER A 178 5.83 -26.77 -14.24
C SER A 178 6.72 -27.68 -15.08
N PRO A 179 7.20 -27.18 -16.23
CA PRO A 179 8.14 -27.97 -17.04
C PRO A 179 9.55 -27.99 -16.49
N GLU A 180 9.91 -27.05 -15.62
CA GLU A 180 11.26 -26.97 -15.10
C GLU A 180 11.59 -28.20 -14.26
N LEU A 181 12.65 -28.91 -14.64
CA LEU A 181 13.07 -30.09 -13.91
C LEU A 181 14.08 -29.70 -12.84
N PRO A 182 13.77 -29.89 -11.56
CA PRO A 182 14.77 -29.62 -10.52
C PRO A 182 16.02 -30.46 -10.73
N LYS A 183 17.17 -29.91 -10.32
CA LYS A 183 18.46 -30.45 -10.72
C LYS A 183 18.67 -31.88 -10.24
N HIS A 184 18.05 -32.27 -9.12
CA HIS A 184 18.21 -33.66 -8.69
C HIS A 184 17.40 -34.62 -9.53
N ILE A 185 16.49 -34.12 -10.37
CA ILE A 185 15.84 -34.98 -11.36
C ILE A 185 16.55 -34.92 -12.71
N TYR A 186 17.13 -33.76 -13.06
CA TYR A 186 17.89 -33.66 -14.30
C TYR A 186 19.14 -34.53 -14.25
N ASN A 187 19.84 -34.55 -13.12
CA ASN A 187 21.02 -35.38 -12.99
C ASN A 187 20.71 -36.87 -12.93
N LYS A 188 19.45 -37.24 -12.73
CA LYS A 188 19.07 -38.65 -12.87
C LYS A 188 18.98 -39.08 -14.32
N LEU A 189 18.98 -38.13 -15.27
CA LEU A 189 18.97 -38.45 -16.68
C LEU A 189 20.38 -38.83 -17.13
N ASP A 190 20.57 -38.96 -18.44
CA ASP A 190 21.87 -39.20 -19.04
C ASP A 190 22.21 -37.97 -19.89
N LYS A 191 22.87 -36.99 -19.25
CA LYS A 191 23.17 -35.71 -19.89
C LYS A 191 21.90 -35.02 -20.38
N GLY A 192 20.85 -35.09 -19.57
CA GLY A 192 19.58 -34.50 -19.92
C GLY A 192 18.76 -35.27 -20.93
N GLN A 193 19.17 -36.49 -21.28
CA GLN A 193 18.46 -37.31 -22.24
C GLN A 193 17.80 -38.49 -21.56
N ILE A 194 16.72 -38.99 -22.17
CA ILE A 194 16.01 -40.17 -21.67
C ILE A 194 15.79 -41.13 -22.82
N ILE A 195 15.84 -42.42 -22.51
CA ILE A 195 15.63 -43.46 -23.50
C ILE A 195 14.15 -43.88 -23.44
N VAL A 196 13.42 -43.63 -24.52
CA VAL A 196 12.03 -44.02 -24.61
C VAL A 196 11.92 -45.15 -25.62
N VAL A 197 10.87 -45.96 -25.48
CA VAL A 197 10.59 -47.06 -26.38
C VAL A 197 9.26 -46.80 -27.06
N ILE A 198 9.26 -46.70 -28.38
CA ILE A 198 8.06 -46.48 -29.16
C ILE A 198 7.60 -47.81 -29.72
N TRP A 199 6.35 -48.19 -29.45
CA TRP A 199 5.78 -49.43 -29.93
C TRP A 199 4.78 -49.16 -31.04
N VAL A 200 4.67 -50.13 -31.95
CA VAL A 200 3.71 -50.08 -33.05
C VAL A 200 3.14 -51.47 -33.25
N ILE A 201 1.81 -51.55 -33.39
CA ILE A 201 1.13 -52.81 -33.66
C ILE A 201 1.01 -52.94 -35.17
N VAL A 202 1.92 -53.71 -35.78
CA VAL A 202 1.90 -53.98 -37.21
C VAL A 202 1.09 -55.25 -37.45
N SER A 203 0.14 -55.19 -38.38
CA SER A 203 -0.82 -56.29 -38.42
C SER A 203 -1.52 -56.64 -39.73
N PRO A 204 -1.41 -57.89 -40.15
CA PRO A 204 -2.61 -58.72 -40.37
C PRO A 204 -2.87 -59.64 -39.17
N ASN A 205 -1.99 -59.62 -38.15
CA ASN A 205 -1.93 -60.61 -37.09
C ASN A 205 -1.73 -59.99 -35.71
N ASN A 206 -1.68 -58.66 -35.64
CA ASN A 206 -1.51 -57.91 -34.40
C ASN A 206 -0.15 -58.17 -33.76
N ASP A 207 0.90 -58.16 -34.59
CA ASP A 207 2.26 -58.28 -34.09
C ASP A 207 2.75 -56.93 -33.56
N LYS A 208 3.76 -56.99 -32.71
CA LYS A 208 4.28 -55.81 -32.02
C LYS A 208 5.71 -55.53 -32.49
N GLN A 209 5.98 -54.27 -32.82
CA GLN A 209 7.27 -53.83 -33.32
C GLN A 209 7.81 -52.73 -32.43
N LYS A 210 9.13 -52.72 -32.24
CA LYS A 210 9.78 -51.87 -31.27
C LYS A 210 10.78 -50.93 -31.94
N TYR A 211 10.76 -49.66 -31.53
CA TYR A 211 11.75 -48.68 -31.93
C TYR A 211 12.23 -47.96 -30.68
N THR A 212 13.54 -47.90 -30.49
CA THR A 212 14.14 -47.35 -29.28
C THR A 212 14.78 -46.00 -29.61
N LEU A 213 14.20 -44.93 -29.09
CA LEU A 213 14.75 -43.59 -29.26
C LEU A 213 15.57 -43.19 -28.03
N LYS A 214 16.43 -42.21 -28.23
CA LYS A 214 17.20 -41.60 -27.15
C LYS A 214 17.18 -40.09 -27.37
N ILE A 215 16.42 -39.37 -26.55
CA ILE A 215 16.05 -38.00 -26.83
C ILE A 215 16.20 -37.16 -25.57
N ASN A 216 16.28 -35.84 -25.77
CA ASN A 216 16.26 -34.90 -24.66
C ASN A 216 14.89 -34.93 -23.98
N HIS A 217 14.86 -34.46 -22.74
CA HIS A 217 13.61 -34.41 -21.99
C HIS A 217 12.72 -33.23 -22.38
N ASP A 218 13.22 -32.31 -23.21
CA ASP A 218 12.41 -31.17 -23.64
C ASP A 218 11.57 -31.47 -24.87
N CYS A 219 11.70 -32.67 -25.44
CA CYS A 219 11.03 -32.97 -26.70
C CYS A 219 9.51 -32.94 -26.54
N VAL A 220 8.86 -32.21 -27.44
CA VAL A 220 7.41 -32.23 -27.59
C VAL A 220 7.04 -33.55 -28.24
N PRO A 221 5.88 -34.15 -27.92
CA PRO A 221 5.48 -35.40 -28.57
C PRO A 221 5.61 -35.41 -30.09
N GLU A 222 5.37 -34.28 -30.77
CA GLU A 222 5.54 -34.25 -32.23
C GLU A 222 6.97 -34.55 -32.63
N GLN A 223 7.94 -34.06 -31.85
CA GLN A 223 9.35 -34.32 -32.17
C GLN A 223 9.75 -35.75 -31.84
N VAL A 224 9.15 -36.34 -30.81
CA VAL A 224 9.39 -37.76 -30.53
C VAL A 224 8.86 -38.62 -31.66
N ILE A 225 7.66 -38.29 -32.15
CA ILE A 225 7.12 -38.96 -33.34
C ILE A 225 8.05 -38.74 -34.53
N ALA A 226 8.49 -37.50 -34.72
CA ALA A 226 9.37 -37.18 -35.85
C ALA A 226 10.68 -37.98 -35.76
N GLU A 227 11.21 -38.14 -34.55
CA GLU A 227 12.43 -38.93 -34.39
C GLU A 227 12.16 -40.42 -34.62
N ALA A 228 10.94 -40.87 -34.33
CA ALA A 228 10.55 -42.24 -34.67
C ALA A 228 10.47 -42.41 -36.19
N ILE A 229 9.82 -41.47 -36.87
CA ILE A 229 9.75 -41.50 -38.33
C ILE A 229 11.15 -41.56 -38.93
N ARG A 230 12.08 -40.80 -38.36
CA ARG A 230 13.45 -40.77 -38.87
C ARG A 230 14.11 -42.14 -38.75
N LYS A 231 14.09 -42.71 -37.54
CA LYS A 231 14.73 -44.00 -37.32
C LYS A 231 14.11 -45.09 -38.18
N LYS A 232 12.83 -44.96 -38.51
CA LYS A 232 12.15 -45.98 -39.30
C LYS A 232 12.58 -45.94 -40.76
N THR A 233 12.54 -44.76 -41.38
CA THR A 233 12.82 -44.63 -42.80
C THR A 233 14.27 -44.29 -43.10
N ARG A 234 15.20 -44.59 -42.18
CA ARG A 234 16.61 -44.44 -42.51
C ARG A 234 17.08 -45.59 -43.38
N SER A 235 16.58 -46.81 -43.11
CA SER A 235 16.90 -47.93 -43.96
C SER A 235 16.14 -47.88 -45.28
N MET A 236 15.00 -47.19 -45.29
CA MET A 236 14.22 -47.00 -46.51
C MET A 236 14.90 -45.93 -47.35
N LEU A 237 15.62 -46.37 -48.39
CA LEU A 237 16.34 -45.50 -49.30
C LEU A 237 15.48 -44.34 -49.77
N LEU A 238 15.84 -43.12 -49.34
CA LEU A 238 15.10 -41.93 -49.69
C LEU A 238 16.07 -40.76 -49.80
N SER A 239 15.77 -39.83 -50.70
CA SER A 239 16.56 -38.62 -50.81
C SER A 239 16.45 -37.79 -49.55
N SER A 240 17.50 -37.02 -49.27
CA SER A 240 17.50 -36.17 -48.08
C SER A 240 16.33 -35.20 -48.08
N GLU A 241 16.06 -34.59 -49.23
CA GLU A 241 14.96 -33.63 -49.33
C GLU A 241 13.62 -34.29 -49.07
N GLN A 242 13.44 -35.53 -49.56
CA GLN A 242 12.20 -36.24 -49.29
C GLN A 242 12.11 -36.66 -47.82
N LEU A 243 13.24 -37.10 -47.25
CA LEU A 243 13.24 -37.48 -45.84
C LEU A 243 12.94 -36.30 -44.93
N LYS A 244 13.61 -35.17 -45.17
CA LYS A 244 13.28 -33.96 -44.42
C LYS A 244 11.84 -33.52 -44.66
N LEU A 245 11.31 -33.80 -45.85
CA LEU A 245 9.90 -33.55 -46.12
C LEU A 245 8.99 -34.67 -45.62
N CYS A 246 9.51 -35.89 -45.48
CA CYS A 246 8.70 -36.99 -44.96
C CYS A 246 8.45 -36.82 -43.47
N VAL A 247 9.50 -36.49 -42.71
CA VAL A 247 9.34 -36.19 -41.28
C VAL A 247 8.43 -34.98 -41.09
N LEU A 248 8.63 -33.94 -41.90
CA LEU A 248 7.87 -32.71 -41.76
C LEU A 248 6.39 -32.87 -42.12
N GLU A 249 6.04 -33.84 -42.97
CA GLU A 249 4.66 -34.04 -43.38
C GLU A 249 3.89 -34.96 -42.44
N TYR A 250 4.56 -35.96 -41.85
CA TYR A 250 3.88 -36.99 -41.10
C TYR A 250 4.09 -36.91 -39.59
N GLN A 251 4.86 -35.93 -39.11
CA GLN A 251 5.06 -35.82 -37.67
C GLN A 251 3.76 -35.48 -36.95
N GLY A 252 2.90 -34.71 -37.61
CA GLY A 252 1.63 -34.33 -37.02
C GLY A 252 0.48 -35.19 -37.51
N LYS A 253 0.79 -36.38 -38.01
CA LYS A 253 -0.21 -37.35 -38.42
C LYS A 253 -0.37 -38.50 -37.44
N TYR A 254 0.40 -38.51 -36.36
CA TYR A 254 0.34 -39.56 -35.36
C TYR A 254 0.23 -38.93 -33.98
N ILE A 255 -0.13 -39.77 -32.99
CA ILE A 255 -0.16 -39.37 -31.59
C ILE A 255 0.51 -40.47 -30.78
N LEU A 256 0.92 -40.11 -29.57
CA LEU A 256 1.58 -41.04 -28.66
C LEU A 256 0.69 -41.35 -27.46
N LYS A 257 0.80 -42.59 -27.00
CA LYS A 257 0.00 -43.11 -25.89
C LYS A 257 0.89 -43.96 -25.01
N VAL A 258 0.61 -43.95 -23.71
CA VAL A 258 1.32 -44.80 -22.78
C VAL A 258 0.84 -46.24 -22.95
N CYS A 259 1.78 -47.18 -22.94
CA CYS A 259 1.45 -48.59 -23.04
C CYS A 259 0.87 -49.08 -21.72
N GLY A 260 -0.31 -49.70 -21.80
CA GLY A 260 -0.97 -50.30 -20.65
C GLY A 260 -2.22 -49.55 -20.20
N CYS A 261 -2.23 -48.23 -20.34
CA CYS A 261 -3.36 -47.42 -19.88
C CYS A 261 -3.69 -46.36 -20.92
N ASP A 262 -4.80 -45.67 -20.69
CA ASP A 262 -5.33 -44.69 -21.66
C ASP A 262 -4.90 -43.27 -21.31
N GLU A 263 -3.59 -43.04 -21.36
CA GLU A 263 -3.00 -41.73 -21.10
C GLU A 263 -2.22 -41.31 -22.33
N TYR A 264 -2.72 -40.31 -23.05
CA TYR A 264 -2.18 -39.89 -24.33
C TYR A 264 -1.37 -38.60 -24.19
N PHE A 265 -0.43 -38.40 -25.11
CA PHE A 265 0.40 -37.20 -25.16
C PHE A 265 -0.12 -36.24 -26.23
N LEU A 266 -1.33 -35.73 -26.00
CA LEU A 266 -2.05 -35.00 -27.04
C LEU A 266 -1.64 -33.53 -27.16
N GLU A 267 -0.91 -32.99 -26.19
CA GLU A 267 -0.60 -31.56 -26.18
C GLU A 267 0.91 -31.33 -26.18
N LYS A 268 1.29 -30.12 -26.55
CA LYS A 268 2.68 -29.74 -26.78
C LYS A 268 3.43 -29.39 -25.51
N TYR A 269 3.30 -30.22 -24.48
CA TYR A 269 4.17 -29.99 -23.33
C TYR A 269 5.50 -30.71 -23.53
N PRO A 270 6.58 -30.25 -22.88
CA PRO A 270 7.82 -31.03 -22.92
C PRO A 270 7.60 -32.41 -22.32
N LEU A 271 8.39 -33.37 -22.81
CA LEU A 271 8.13 -34.78 -22.47
C LEU A 271 8.27 -35.02 -20.96
N SER A 272 9.28 -34.42 -20.34
CA SER A 272 9.50 -34.65 -18.91
C SER A 272 8.41 -34.02 -18.05
N GLN A 273 7.61 -33.11 -18.58
CA GLN A 273 6.53 -32.54 -17.79
C GLN A 273 5.31 -33.45 -17.73
N TYR A 274 5.20 -34.42 -18.64
CA TYR A 274 4.12 -35.40 -18.56
C TYR A 274 4.33 -36.31 -17.36
N LYS A 275 3.29 -36.45 -16.54
CA LYS A 275 3.43 -37.14 -15.25
C LYS A 275 3.96 -38.56 -15.40
N TYR A 276 3.59 -39.25 -16.48
CA TYR A 276 4.12 -40.60 -16.68
C TYR A 276 5.62 -40.57 -16.96
N ILE A 277 6.08 -39.56 -17.72
CA ILE A 277 7.48 -39.52 -18.11
C ILE A 277 8.36 -39.03 -16.96
N ARG A 278 7.90 -38.01 -16.23
CA ARG A 278 8.69 -37.55 -15.09
C ARG A 278 8.81 -38.63 -14.02
N SER A 279 7.76 -39.44 -13.87
CA SER A 279 7.80 -40.53 -12.89
C SER A 279 8.86 -41.56 -13.26
N CYS A 280 8.96 -41.91 -14.55
CA CYS A 280 9.96 -42.87 -15.00
C CYS A 280 11.38 -42.36 -14.79
N ILE A 281 11.58 -41.04 -14.73
CA ILE A 281 12.89 -40.51 -14.35
C ILE A 281 13.16 -40.78 -12.88
N MET A 282 12.19 -40.47 -12.02
CA MET A 282 12.35 -40.66 -10.59
C MET A 282 12.64 -42.11 -10.25
N LEU A 283 11.82 -43.03 -10.75
CA LEU A 283 11.99 -44.46 -10.46
C LEU A 283 13.10 -45.11 -11.28
N GLY A 284 13.60 -44.44 -12.31
CA GLY A 284 14.55 -45.08 -13.20
C GLY A 284 13.88 -46.19 -13.99
N ARG A 285 12.74 -45.88 -14.59
CA ARG A 285 11.94 -46.84 -15.33
C ARG A 285 11.94 -46.51 -16.82
N MET A 286 11.91 -47.55 -17.65
CA MET A 286 11.94 -47.41 -19.10
C MET A 286 10.57 -46.99 -19.63
N PRO A 287 10.45 -45.77 -20.17
CA PRO A 287 9.16 -45.33 -20.72
C PRO A 287 8.81 -46.13 -21.97
N ASN A 288 7.62 -46.70 -21.98
CA ASN A 288 7.11 -47.50 -23.09
C ASN A 288 5.84 -46.85 -23.63
N LEU A 289 5.98 -46.11 -24.72
CA LEU A 289 4.87 -45.42 -25.34
C LEU A 289 4.42 -46.18 -26.58
N MET A 290 3.18 -45.92 -27.00
CA MET A 290 2.58 -46.59 -28.14
C MET A 290 2.17 -45.54 -29.17
N LEU A 291 2.71 -45.65 -30.38
CA LEU A 291 2.41 -44.73 -31.47
C LEU A 291 1.29 -45.31 -32.33
N MET A 292 0.26 -44.50 -32.57
CA MET A 292 -0.83 -44.87 -33.45
C MET A 292 -1.20 -43.67 -34.32
N ALA A 293 -1.73 -43.97 -35.50
CA ALA A 293 -2.21 -42.91 -36.38
C ALA A 293 -3.25 -42.06 -35.65
N LYS A 294 -3.17 -40.74 -35.87
CA LYS A 294 -4.10 -39.84 -35.21
C LYS A 294 -5.55 -40.15 -35.60
N GLU A 295 -5.75 -40.71 -36.80
CA GLU A 295 -7.11 -41.01 -37.25
C GLU A 295 -7.67 -42.25 -36.57
N SER A 296 -6.81 -43.19 -36.18
CA SER A 296 -7.28 -44.37 -35.46
C SER A 296 -7.80 -44.03 -34.07
N LEU A 297 -7.34 -42.92 -33.49
CA LEU A 297 -7.86 -42.48 -32.20
C LEU A 297 -9.17 -41.71 -32.36
N TYR A 298 -9.24 -40.83 -33.36
CA TYR A 298 -10.45 -40.06 -33.59
C TYR A 298 -11.63 -40.95 -33.97
N SER A 299 -11.37 -42.17 -34.46
CA SER A 299 -12.45 -43.10 -34.74
C SER A 299 -13.03 -43.71 -33.47
N GLN A 300 -12.20 -43.92 -32.44
CA GLN A 300 -12.71 -44.42 -31.16
C GLN A 300 -13.56 -43.39 -30.45
N LEU A 301 -13.27 -42.10 -30.65
CA LEU A 301 -13.93 -41.03 -29.92
C LEU A 301 -15.43 -41.04 -30.16
N PRO A 302 -16.25 -41.16 -29.12
CA PRO A 302 -17.70 -41.19 -29.32
C PRO A 302 -18.25 -39.79 -29.58
N MET A 303 -19.25 -39.73 -30.45
CA MET A 303 -19.88 -38.46 -30.79
C MET A 303 -20.68 -37.96 -29.60
N ASP A 304 -20.17 -36.93 -28.92
CA ASP A 304 -20.86 -36.32 -27.79
C ASP A 304 -21.98 -35.43 -28.32
N CYS A 305 -23.22 -35.87 -28.15
CA CYS A 305 -24.39 -35.09 -28.54
C CYS A 305 -25.12 -34.65 -27.28
N PHE A 306 -25.22 -33.33 -27.10
CA PHE A 306 -25.86 -32.73 -25.94
C PHE A 306 -27.24 -32.25 -26.34
N THR A 307 -28.25 -32.59 -25.53
CA THR A 307 -29.64 -32.29 -25.86
C THR A 307 -30.24 -31.43 -24.75
N MET A 308 -30.80 -30.29 -25.14
CA MET A 308 -31.46 -29.42 -24.17
C MET A 308 -32.65 -30.13 -23.55
N PRO A 309 -32.70 -30.26 -22.23
CA PRO A 309 -33.82 -30.98 -21.59
C PRO A 309 -35.15 -30.24 -21.69
N SER A 310 -36.22 -30.88 -21.20
CA SER A 310 -37.56 -30.30 -21.35
C SER A 310 -37.75 -29.07 -20.49
N TYR A 311 -37.15 -29.05 -19.30
CA TYR A 311 -37.39 -27.95 -18.37
C TYR A 311 -36.73 -26.64 -18.80
N SER A 312 -35.98 -26.61 -19.91
CA SER A 312 -35.42 -25.37 -20.41
C SER A 312 -36.44 -24.60 -21.23
N SER A 327 -42.63 -2.06 -8.43
CA SER A 327 -42.30 -1.24 -7.27
C SER A 327 -41.34 -1.98 -6.36
N THR A 328 -40.06 -1.59 -6.41
CA THR A 328 -39.01 -2.19 -5.58
C THR A 328 -38.19 -1.06 -4.95
N LYS A 329 -38.41 -0.80 -3.67
CA LYS A 329 -37.62 0.20 -2.97
C LYS A 329 -36.24 -0.34 -2.62
N SER A 330 -35.26 0.55 -2.64
CA SER A 330 -33.89 0.16 -2.34
C SER A 330 -33.72 -0.08 -0.85
N LEU A 331 -32.79 -0.97 -0.50
CA LEU A 331 -32.52 -1.25 0.90
C LEU A 331 -32.06 0.01 1.63
N TRP A 332 -31.31 0.86 0.92
CA TRP A 332 -30.66 2.01 1.54
C TRP A 332 -31.58 3.20 1.74
N VAL A 333 -32.87 3.09 1.40
CA VAL A 333 -33.84 4.12 1.73
C VAL A 333 -34.89 3.62 2.71
N ILE A 334 -34.66 2.48 3.36
CA ILE A 334 -35.53 1.97 4.41
C ILE A 334 -34.94 2.47 5.73
N ASN A 335 -35.45 3.59 6.23
CA ASN A 335 -34.94 4.17 7.47
C ASN A 335 -35.68 3.51 8.63
N SER A 336 -35.15 2.37 9.08
CA SER A 336 -35.71 1.63 10.21
C SER A 336 -34.67 0.62 10.68
N ALA A 337 -34.83 0.20 11.94
CA ALA A 337 -33.98 -0.82 12.51
C ALA A 337 -34.57 -2.21 12.25
N LEU A 338 -33.69 -3.21 12.20
CA LEU A 338 -34.12 -4.57 11.88
C LEU A 338 -34.87 -5.17 13.06
N ARG A 339 -36.11 -5.61 12.82
CA ARG A 339 -36.88 -6.30 13.84
C ARG A 339 -37.51 -7.54 13.24
N ILE A 340 -37.33 -8.66 13.92
CA ILE A 340 -37.85 -9.97 13.51
C ILE A 340 -38.79 -10.45 14.58
N LYS A 341 -39.83 -11.18 14.17
CA LYS A 341 -40.82 -11.71 15.10
C LYS A 341 -40.60 -13.20 15.29
N ILE A 342 -40.38 -13.62 16.53
CA ILE A 342 -40.46 -15.03 16.90
C ILE A 342 -41.88 -15.30 17.37
N LEU A 343 -42.61 -16.11 16.61
CA LEU A 343 -44.02 -16.38 16.92
C LEU A 343 -44.15 -17.56 17.87
N CYS A 344 -43.88 -18.77 17.38
CA CYS A 344 -44.07 -19.97 18.17
C CYS A 344 -43.29 -21.11 17.55
N ALA A 345 -43.18 -22.20 18.32
CA ALA A 345 -42.57 -23.43 17.84
C ALA A 345 -43.55 -24.58 18.08
N THR A 346 -43.58 -25.52 17.13
CA THR A 346 -44.52 -26.62 17.21
C THR A 346 -44.31 -27.44 18.48
N TYR A 347 -43.08 -27.90 18.72
CA TYR A 347 -42.79 -28.70 19.89
C TYR A 347 -41.28 -28.70 20.15
N VAL A 348 -40.93 -29.01 21.39
CA VAL A 348 -39.56 -29.33 21.76
C VAL A 348 -39.59 -30.57 22.65
N ASN A 349 -38.58 -31.42 22.51
CA ASN A 349 -38.53 -32.69 23.24
C ASN A 349 -37.73 -32.51 24.54
N VAL A 350 -38.45 -32.06 25.57
CA VAL A 350 -37.88 -31.91 26.91
C VAL A 350 -38.84 -32.51 27.91
N ASN A 351 -38.29 -32.98 29.03
CA ASN A 351 -39.08 -33.46 30.14
C ASN A 351 -39.42 -32.27 31.03
N ILE A 352 -40.72 -31.95 31.11
CA ILE A 352 -41.17 -30.74 31.79
C ILE A 352 -40.70 -30.70 33.24
N ARG A 353 -40.46 -31.87 33.84
CA ARG A 353 -40.02 -31.93 35.22
C ARG A 353 -38.54 -31.65 35.39
N ASP A 354 -37.73 -31.81 34.34
CA ASP A 354 -36.30 -31.60 34.43
C ASP A 354 -35.82 -30.32 33.74
N ILE A 355 -36.69 -29.62 33.03
CA ILE A 355 -36.33 -28.39 32.33
C ILE A 355 -37.30 -27.30 32.74
N ASP A 356 -36.75 -26.16 33.17
CA ASP A 356 -37.57 -25.06 33.66
C ASP A 356 -38.29 -24.36 32.52
N LYS A 357 -37.55 -23.68 31.64
CA LYS A 357 -38.17 -22.93 30.56
C LYS A 357 -37.30 -23.01 29.31
N ILE A 358 -37.89 -22.55 28.19
CA ILE A 358 -37.19 -22.49 26.92
C ILE A 358 -37.29 -21.07 26.36
N TYR A 359 -36.40 -20.76 25.43
CA TYR A 359 -36.35 -19.44 24.81
C TYR A 359 -35.58 -19.55 23.49
N VAL A 360 -35.93 -18.67 22.55
CA VAL A 360 -35.27 -18.61 21.25
C VAL A 360 -34.17 -17.55 21.31
N ARG A 361 -32.95 -17.94 20.95
CA ARG A 361 -31.79 -17.07 20.97
C ARG A 361 -31.37 -16.75 19.55
N THR A 362 -31.24 -15.46 19.23
CA THR A 362 -31.04 -15.02 17.86
C THR A 362 -29.77 -14.20 17.73
N GLY A 363 -29.42 -13.91 16.47
CA GLY A 363 -28.22 -13.13 16.15
C GLY A 363 -28.06 -12.92 14.66
N ILE A 364 -27.56 -11.76 14.26
CA ILE A 364 -27.35 -11.43 12.85
C ILE A 364 -25.86 -11.57 12.55
N TYR A 365 -25.51 -12.47 11.64
CA TYR A 365 -24.13 -12.83 11.44
C TYR A 365 -23.68 -12.55 10.00
N HIS A 366 -22.37 -12.42 9.83
CA HIS A 366 -21.74 -12.30 8.53
C HIS A 366 -20.56 -13.26 8.56
N GLY A 367 -20.78 -14.48 8.05
CA GLY A 367 -19.80 -15.51 8.25
C GLY A 367 -19.85 -16.00 9.68
N GLY A 368 -18.86 -15.64 10.48
CA GLY A 368 -18.85 -16.07 11.86
C GLY A 368 -19.03 -14.95 12.87
N GLU A 369 -18.88 -13.69 12.43
CA GLU A 369 -18.88 -12.56 13.35
C GLU A 369 -20.25 -11.93 13.44
N PRO A 370 -20.76 -11.71 14.66
CA PRO A 370 -22.07 -11.06 14.80
C PRO A 370 -22.04 -9.61 14.34
N LEU A 371 -23.13 -9.19 13.68
CA LEU A 371 -23.28 -7.82 13.23
C LEU A 371 -23.89 -6.91 14.29
N CYS A 372 -24.28 -7.46 15.43
CA CYS A 372 -24.78 -6.68 16.57
C CYS A 372 -24.85 -7.62 17.77
N ASP A 373 -25.44 -7.14 18.85
CA ASP A 373 -25.59 -7.96 20.05
C ASP A 373 -26.66 -9.02 19.81
N ASN A 374 -26.38 -10.25 20.22
CA ASN A 374 -27.40 -11.29 20.16
C ASN A 374 -28.62 -10.89 20.98
N VAL A 375 -29.79 -11.29 20.50
CA VAL A 375 -31.07 -10.92 21.12
C VAL A 375 -31.81 -12.20 21.49
N ASN A 376 -32.25 -12.28 22.74
CA ASN A 376 -33.03 -13.41 23.22
C ASN A 376 -34.49 -13.04 23.37
N THR A 377 -35.35 -14.03 23.21
CA THR A 377 -36.76 -13.84 23.51
C THR A 377 -36.98 -13.98 25.01
N GLN A 378 -38.19 -13.65 25.46
CA GLN A 378 -38.56 -13.93 26.84
C GLN A 378 -38.62 -15.43 27.07
N ARG A 379 -38.55 -15.83 28.33
CA ARG A 379 -38.62 -17.24 28.69
C ARG A 379 -40.06 -17.69 28.79
N VAL A 380 -40.35 -18.87 28.25
CA VAL A 380 -41.69 -19.44 28.26
C VAL A 380 -41.59 -20.90 28.69
N PRO A 381 -42.69 -21.46 29.20
CA PRO A 381 -42.68 -22.88 29.56
C PRO A 381 -42.57 -23.77 28.34
N CYS A 382 -42.14 -25.01 28.58
CA CYS A 382 -41.81 -25.92 27.49
C CYS A 382 -43.08 -26.42 26.78
N SER A 383 -44.11 -26.76 27.54
CA SER A 383 -45.32 -27.32 26.96
C SER A 383 -46.12 -26.32 26.12
N ASN A 384 -45.75 -25.04 26.14
CA ASN A 384 -46.48 -24.00 25.42
C ASN A 384 -45.49 -23.04 24.78
N PRO A 385 -44.82 -23.48 23.71
CA PRO A 385 -43.80 -22.61 23.06
C PRO A 385 -44.43 -21.58 22.11
N ARG A 386 -44.89 -20.49 22.70
CA ARG A 386 -45.39 -19.35 21.94
C ARG A 386 -44.80 -18.09 22.55
N TRP A 387 -44.17 -17.27 21.71
CA TRP A 387 -43.52 -16.04 22.15
C TRP A 387 -44.21 -14.77 21.66
N ASN A 388 -44.67 -14.76 20.41
CA ASN A 388 -45.39 -13.59 19.84
C ASN A 388 -44.64 -12.29 20.09
N GLU A 389 -43.31 -12.38 20.04
CA GLU A 389 -42.42 -11.34 20.57
C GLU A 389 -41.55 -10.78 19.46
N TRP A 390 -41.66 -9.47 19.22
CA TRP A 390 -40.75 -8.79 18.31
C TRP A 390 -39.38 -8.65 18.96
N LEU A 391 -38.34 -9.08 18.26
CA LEU A 391 -36.97 -8.87 18.70
C LEU A 391 -36.37 -7.69 17.93
N ASN A 392 -35.88 -6.69 18.65
CA ASN A 392 -35.32 -5.49 18.05
C ASN A 392 -33.80 -5.54 18.12
N TYR A 393 -33.15 -5.40 16.97
CA TYR A 393 -31.73 -5.61 16.83
C TYR A 393 -30.99 -4.29 16.69
N ASP A 394 -29.71 -4.29 17.08
CA ASP A 394 -28.87 -3.11 17.00
C ASP A 394 -28.24 -3.03 15.60
N ILE A 395 -29.10 -2.81 14.61
CA ILE A 395 -28.63 -2.63 13.24
C ILE A 395 -29.72 -1.94 12.45
N TYR A 396 -29.31 -1.00 11.61
CA TYR A 396 -30.21 -0.33 10.69
C TYR A 396 -30.32 -1.14 9.41
N ILE A 397 -31.52 -1.20 8.86
CA ILE A 397 -31.83 -2.02 7.69
C ILE A 397 -30.88 -1.73 6.53
N PRO A 398 -30.51 -0.47 6.24
CA PRO A 398 -29.54 -0.22 5.17
C PRO A 398 -28.11 -0.66 5.48
N ASP A 399 -27.79 -0.97 6.73
CA ASP A 399 -26.45 -1.40 7.09
C ASP A 399 -26.23 -2.89 6.91
N LEU A 400 -27.25 -3.64 6.49
CA LEU A 400 -27.15 -5.09 6.43
C LEU A 400 -26.29 -5.53 5.25
N PRO A 401 -25.21 -6.26 5.49
CA PRO A 401 -24.39 -6.77 4.37
C PRO A 401 -25.17 -7.76 3.51
N ARG A 402 -24.65 -7.97 2.31
CA ARG A 402 -25.34 -8.82 1.34
C ARG A 402 -25.50 -10.24 1.86
N ALA A 403 -24.46 -10.79 2.48
CA ALA A 403 -24.50 -12.13 3.05
C ALA A 403 -24.96 -12.15 4.51
N ALA A 404 -25.77 -11.18 4.92
CA ALA A 404 -26.29 -11.17 6.28
C ALA A 404 -27.27 -12.32 6.48
N ARG A 405 -27.17 -12.95 7.66
CA ARG A 405 -28.01 -14.09 8.00
C ARG A 405 -28.61 -13.89 9.38
N LEU A 406 -29.68 -14.65 9.65
CA LEU A 406 -30.25 -14.77 10.97
C LEU A 406 -29.93 -16.15 11.50
N CYS A 407 -29.23 -16.21 12.63
CA CYS A 407 -28.93 -17.45 13.32
C CYS A 407 -29.76 -17.52 14.58
N LEU A 408 -30.50 -18.61 14.75
CA LEU A 408 -31.35 -18.78 15.93
C LEU A 408 -31.26 -20.22 16.41
N SER A 409 -31.92 -20.47 17.53
CA SER A 409 -31.98 -21.77 18.19
C SER A 409 -32.98 -21.69 19.33
N ILE A 410 -33.52 -22.85 19.71
CA ILE A 410 -34.34 -22.98 20.90
C ILE A 410 -33.45 -23.53 22.01
N CYS A 411 -33.37 -22.80 23.12
CA CYS A 411 -32.49 -23.15 24.22
C CYS A 411 -33.31 -23.41 25.49
N SER A 412 -32.99 -24.51 26.17
CA SER A 412 -33.58 -24.85 27.45
C SER A 412 -32.68 -24.34 28.57
N VAL A 413 -33.28 -24.13 29.74
CA VAL A 413 -32.56 -23.65 30.91
C VAL A 413 -33.04 -24.39 32.14
N LYS A 414 -32.09 -24.89 32.94
CA LYS A 414 -32.39 -25.57 34.20
C LYS A 414 -31.36 -25.12 35.23
N GLY A 415 -31.85 -24.66 36.39
CA GLY A 415 -30.95 -24.20 37.43
C GLY A 415 -31.29 -24.79 38.78
N ARG A 416 -30.72 -25.96 39.09
CA ARG A 416 -31.05 -26.69 40.30
C ARG A 416 -30.01 -26.58 41.41
N LYS A 417 -28.86 -25.99 41.14
CA LYS A 417 -27.77 -25.94 42.11
C LYS A 417 -27.37 -24.50 42.37
N GLY A 418 -27.65 -24.01 43.58
CA GLY A 418 -27.18 -22.71 44.01
C GLY A 418 -27.72 -21.58 43.16
N ALA A 419 -26.87 -20.59 42.90
CA ALA A 419 -27.19 -19.46 42.04
C ALA A 419 -26.70 -19.63 40.62
N LYS A 420 -26.09 -20.78 40.30
CA LYS A 420 -25.59 -21.05 38.97
C LYS A 420 -26.70 -21.64 38.10
N GLU A 421 -26.64 -21.34 36.81
CA GLU A 421 -27.69 -21.71 35.87
C GLU A 421 -27.08 -22.41 34.66
N GLU A 422 -27.83 -23.36 34.11
CA GLU A 422 -27.36 -24.16 32.99
C GLU A 422 -28.25 -23.91 31.77
N HIS A 423 -27.65 -23.43 30.70
CA HIS A 423 -28.33 -23.28 29.41
C HIS A 423 -27.88 -24.38 28.46
N CYS A 424 -28.79 -24.79 27.57
CA CYS A 424 -28.48 -25.81 26.60
C CYS A 424 -29.26 -25.56 25.32
N PRO A 425 -28.62 -25.67 24.17
CA PRO A 425 -29.36 -25.57 22.90
C PRO A 425 -30.07 -26.88 22.57
N LEU A 426 -31.29 -26.76 22.07
CA LEU A 426 -32.13 -27.91 21.71
C LEU A 426 -32.15 -28.19 20.21
N ALA A 427 -32.41 -27.16 19.41
CA ALA A 427 -32.46 -27.29 17.95
C ALA A 427 -32.30 -25.90 17.35
N TRP A 428 -31.68 -25.85 16.16
CA TRP A 428 -31.20 -24.59 15.61
C TRP A 428 -31.57 -24.48 14.14
N GLY A 429 -31.40 -23.27 13.60
CA GLY A 429 -31.61 -23.00 12.20
C GLY A 429 -31.06 -21.64 11.79
N ASN A 430 -30.52 -21.55 10.58
CA ASN A 430 -30.01 -20.30 10.02
C ASN A 430 -30.83 -19.91 8.81
N ILE A 431 -30.84 -18.61 8.49
CA ILE A 431 -31.66 -18.06 7.42
C ILE A 431 -30.90 -16.92 6.74
N ASN A 432 -30.80 -16.97 5.42
CA ASN A 432 -30.32 -15.83 4.65
C ASN A 432 -31.39 -14.73 4.64
N LEU A 433 -30.98 -13.51 4.96
CA LEU A 433 -31.91 -12.39 5.04
C LEU A 433 -32.24 -11.79 3.68
N PHE A 434 -31.49 -12.12 2.64
CA PHE A 434 -31.85 -11.86 1.25
C PHE A 434 -31.87 -13.19 0.50
N ASP A 435 -32.80 -13.33 -0.43
CA ASP A 435 -32.85 -14.55 -1.24
C ASP A 435 -31.92 -14.39 -2.44
N TYR A 436 -31.97 -15.35 -3.36
CA TYR A 436 -31.06 -15.36 -4.50
C TYR A 436 -31.34 -14.23 -5.49
N THR A 437 -32.45 -13.51 -5.33
CA THR A 437 -32.81 -12.40 -6.21
C THR A 437 -32.54 -11.04 -5.58
N ASP A 438 -31.81 -11.01 -4.46
CA ASP A 438 -31.43 -9.81 -3.71
C ASP A 438 -32.59 -9.18 -2.95
N THR A 439 -33.62 -9.95 -2.62
CA THR A 439 -34.82 -9.42 -1.97
C THR A 439 -34.77 -9.65 -0.47
N LEU A 440 -34.97 -8.58 0.30
CA LEU A 440 -35.03 -8.70 1.75
C LEU A 440 -36.26 -9.50 2.15
N VAL A 441 -36.06 -10.50 3.00
CA VAL A 441 -37.15 -11.40 3.39
C VAL A 441 -38.29 -10.59 4.01
N SER A 442 -39.51 -11.04 3.75
CA SER A 442 -40.71 -10.38 4.27
C SER A 442 -41.78 -11.42 4.56
N GLY A 443 -42.69 -11.05 5.46
CA GLY A 443 -43.84 -11.87 5.78
C GLY A 443 -43.52 -13.00 6.75
N LYS A 444 -44.51 -13.88 6.90
CA LYS A 444 -44.35 -15.03 7.78
C LYS A 444 -43.48 -16.09 7.11
N MET A 445 -42.82 -16.89 7.94
CA MET A 445 -41.90 -17.91 7.45
C MET A 445 -41.74 -18.99 8.51
N ALA A 446 -41.95 -20.24 8.12
CA ALA A 446 -41.80 -21.37 9.03
C ALA A 446 -40.49 -22.07 8.74
N LEU A 447 -39.71 -22.33 9.80
CA LEU A 447 -38.38 -22.91 9.69
C LEU A 447 -38.32 -24.18 10.53
N ASN A 448 -37.93 -25.28 9.90
CA ASN A 448 -37.74 -26.54 10.61
C ASN A 448 -36.30 -26.60 11.12
N LEU A 449 -36.16 -26.82 12.42
CA LEU A 449 -34.85 -26.73 13.04
C LEU A 449 -34.08 -28.04 12.85
N TRP A 450 -32.79 -27.96 13.14
CA TRP A 450 -31.87 -29.06 12.98
C TRP A 450 -31.45 -29.62 14.33
N PRO A 451 -31.11 -30.91 14.41
CA PRO A 451 -30.53 -31.45 15.64
C PRO A 451 -29.23 -30.73 16.01
N VAL A 452 -28.92 -30.73 17.29
CA VAL A 452 -27.68 -30.15 17.80
C VAL A 452 -26.55 -31.10 17.40
N PRO A 453 -25.53 -30.61 16.70
CA PRO A 453 -24.42 -31.48 16.32
C PRO A 453 -23.73 -32.07 17.55
N HIS A 454 -23.15 -33.25 17.36
CA HIS A 454 -22.47 -33.92 18.45
C HIS A 454 -21.17 -33.18 18.77
N GLY A 455 -20.97 -32.89 20.06
CA GLY A 455 -19.83 -32.13 20.51
C GLY A 455 -20.04 -30.64 20.59
N LEU A 456 -21.10 -30.11 19.96
CA LEU A 456 -21.39 -28.69 20.03
C LEU A 456 -22.04 -28.35 21.37
N GLU A 457 -21.50 -27.34 22.04
CA GLU A 457 -22.04 -26.85 23.29
C GLU A 457 -22.42 -25.37 23.25
N ASP A 458 -22.07 -24.66 22.17
CA ASP A 458 -22.51 -23.28 22.01
C ASP A 458 -24.02 -23.23 21.75
N LEU A 459 -24.59 -22.04 21.95
CA LEU A 459 -26.02 -21.85 21.79
C LEU A 459 -26.43 -21.58 20.35
N LEU A 460 -25.57 -20.95 19.55
CA LEU A 460 -25.81 -20.71 18.14
C LEU A 460 -24.81 -21.49 17.30
N ASN A 461 -25.18 -21.73 16.03
CA ASN A 461 -24.36 -22.51 15.11
C ASN A 461 -24.27 -21.76 13.78
N PRO A 462 -23.41 -20.76 13.68
CA PRO A 462 -23.33 -19.97 12.45
C PRO A 462 -22.61 -20.65 11.30
N ILE A 463 -21.91 -21.77 11.54
CA ILE A 463 -21.20 -22.47 10.48
C ILE A 463 -22.06 -23.55 9.82
N GLY A 464 -23.07 -24.05 10.52
CA GLY A 464 -23.98 -25.03 9.94
C GLY A 464 -24.77 -24.48 8.77
N VAL A 465 -25.42 -25.40 8.05
CA VAL A 465 -26.07 -25.04 6.79
C VAL A 465 -27.25 -24.11 7.06
N THR A 466 -27.45 -23.16 6.15
CA THR A 466 -28.60 -22.28 6.22
C THR A 466 -29.81 -22.95 5.57
N GLY A 467 -30.99 -22.43 5.90
CA GLY A 467 -32.22 -22.93 5.33
C GLY A 467 -32.90 -23.94 6.22
N SER A 468 -34.18 -24.17 5.95
CA SER A 468 -34.98 -25.07 6.77
C SER A 468 -34.49 -26.51 6.62
N ASN A 469 -34.72 -27.29 7.66
CA ASN A 469 -34.48 -28.73 7.60
C ASN A 469 -35.44 -29.35 6.60
N PRO A 470 -34.96 -30.00 5.53
CA PRO A 470 -35.89 -30.67 4.62
C PRO A 470 -36.73 -31.73 5.31
N ASN A 471 -36.16 -32.45 6.26
CA ASN A 471 -36.94 -33.29 7.17
C ASN A 471 -37.95 -32.42 7.91
N LYS A 472 -39.24 -32.58 7.58
CA LYS A 472 -40.31 -31.77 8.15
C LYS A 472 -40.94 -32.40 9.37
N GLU A 473 -40.35 -33.46 9.90
CA GLU A 473 -40.86 -34.06 11.14
C GLU A 473 -39.95 -33.67 12.30
N THR A 474 -39.80 -32.38 12.53
CA THR A 474 -38.88 -31.80 13.50
C THR A 474 -39.54 -30.58 14.14
N PRO A 475 -38.97 -29.99 15.19
CA PRO A 475 -39.50 -28.72 15.68
C PRO A 475 -39.54 -27.66 14.58
N CYS A 476 -40.69 -27.03 14.41
CA CYS A 476 -40.92 -26.03 13.36
C CYS A 476 -41.14 -24.68 14.02
N LEU A 477 -40.13 -23.80 13.93
CA LEU A 477 -40.21 -22.46 14.51
C LEU A 477 -40.77 -21.50 13.48
N GLU A 478 -41.86 -20.82 13.83
CA GLU A 478 -42.48 -19.85 12.94
C GLU A 478 -41.94 -18.46 13.24
N LEU A 479 -41.56 -17.74 12.19
CA LEU A 479 -41.08 -16.37 12.32
C LEU A 479 -41.99 -15.43 11.56
N GLU A 480 -41.78 -14.13 11.75
CA GLU A 480 -42.36 -13.11 10.88
C GLU A 480 -41.37 -11.97 10.71
N PHE A 481 -41.19 -11.53 9.48
CA PHE A 481 -40.30 -10.43 9.15
C PHE A 481 -41.09 -9.17 8.87
N ASP A 482 -40.40 -8.03 8.93
CA ASP A 482 -41.05 -6.73 8.84
C ASP A 482 -41.52 -6.45 7.41
N TRP A 483 -42.55 -5.61 7.30
CA TRP A 483 -43.06 -5.17 6.01
C TRP A 483 -42.87 -3.66 5.87
N PHE A 484 -42.48 -3.23 4.66
CA PHE A 484 -42.20 -1.83 4.38
C PHE A 484 -43.04 -1.30 3.22
N SER A 485 -44.20 -1.90 2.98
CA SER A 485 -45.16 -1.46 1.97
C SER A 485 -44.59 -1.47 0.55
N SER A 486 -43.54 -2.27 0.33
CA SER A 486 -42.91 -2.41 -0.98
C SER A 486 -41.84 -3.47 -0.88
N VAL A 487 -41.48 -4.04 -2.02
CA VAL A 487 -40.40 -5.02 -2.07
C VAL A 487 -39.07 -4.30 -1.86
N VAL A 488 -38.26 -4.80 -0.93
CA VAL A 488 -36.97 -4.20 -0.61
C VAL A 488 -35.88 -5.02 -1.30
N LYS A 489 -35.03 -4.34 -2.07
CA LYS A 489 -33.94 -4.98 -2.80
C LYS A 489 -32.61 -4.43 -2.32
N PHE A 490 -31.64 -5.31 -2.15
CA PHE A 490 -30.26 -4.89 -1.98
C PHE A 490 -29.87 -4.03 -3.19
N PRO A 491 -29.23 -2.88 -2.98
CA PRO A 491 -28.96 -1.99 -4.11
C PRO A 491 -28.03 -2.60 -5.13
N ASP A 492 -28.12 -2.09 -6.35
CA ASP A 492 -27.26 -2.56 -7.43
C ASP A 492 -25.82 -2.12 -7.21
N MET A 493 -24.91 -2.78 -7.92
CA MET A 493 -23.49 -2.51 -7.72
C MET A 493 -23.11 -1.10 -8.17
N SER A 494 -23.83 -0.56 -9.14
CA SER A 494 -23.57 0.82 -9.55
C SER A 494 -23.90 1.80 -8.44
N VAL A 495 -24.97 1.54 -7.69
CA VAL A 495 -25.35 2.43 -6.60
C VAL A 495 -24.39 2.30 -5.42
N ILE A 496 -23.87 1.09 -5.19
CA ILE A 496 -22.96 0.88 -4.07
C ILE A 496 -21.63 1.57 -4.34
N GLU A 497 -21.09 1.43 -5.55
CA GLU A 497 -19.80 2.03 -5.86
C GLU A 497 -19.87 3.54 -5.84
N GLU A 498 -20.96 4.13 -6.34
CA GLU A 498 -21.10 5.57 -6.36
C GLU A 498 -21.15 6.14 -4.95
N HIS A 499 -21.86 5.48 -4.04
CA HIS A 499 -21.94 5.94 -2.66
C HIS A 499 -20.58 5.88 -1.97
N ALA A 500 -19.71 4.98 -2.40
CA ALA A 500 -18.41 4.83 -1.75
C ALA A 500 -17.42 5.89 -2.19
N ASN A 501 -17.50 6.34 -3.44
CA ASN A 501 -16.52 7.29 -3.96
C ASN A 501 -16.56 8.60 -3.19
N TRP A 502 -17.74 9.09 -2.84
CA TRP A 502 -17.89 10.32 -2.08
C TRP A 502 -17.90 10.06 -0.58
N SER A 503 -17.74 8.81 -0.15
CA SER A 503 -17.52 8.49 1.26
C SER A 503 -16.13 7.95 1.56
N VAL A 504 -15.34 7.63 0.53
CA VAL A 504 -13.97 7.18 0.75
C VAL A 504 -12.98 8.33 0.86
N SER A 505 -13.30 9.49 0.28
CA SER A 505 -12.49 10.70 0.44
C SER A 505 -13.15 11.72 1.35
N ARG A 506 -14.35 11.43 1.85
CA ARG A 506 -15.02 12.25 2.85
C ARG A 506 -14.79 11.74 4.26
N GLU A 507 -14.36 10.50 4.42
CA GLU A 507 -14.06 9.89 5.71
C GLU A 507 -12.56 9.81 6.00
N ALA A 508 -11.76 9.47 4.98
CA ALA A 508 -10.33 9.22 5.15
C ALA A 508 -9.55 10.39 4.55
N GLY A 509 -9.22 11.38 5.39
CA GLY A 509 -8.40 12.49 4.95
C GLY A 509 -8.70 13.81 5.62
N PHE A 510 -8.94 13.79 6.93
CA PHE A 510 -9.18 15.02 7.67
C PHE A 510 -7.87 15.66 8.10
N SER A 511 -7.66 15.79 9.41
CA SER A 511 -6.45 16.39 9.95
C SER A 511 -5.49 15.31 10.46
N TYR A 512 -4.38 15.75 11.04
CA TYR A 512 -3.34 14.84 11.52
C TYR A 512 -3.61 14.31 12.92
N SER A 513 -4.41 15.01 13.72
CA SER A 513 -4.75 14.57 15.07
C SER A 513 -5.59 13.30 15.08
N HIS A 514 -5.97 12.78 13.92
CA HIS A 514 -6.79 11.58 13.83
C HIS A 514 -5.93 10.32 13.96
N ALA A 515 -4.84 10.40 14.71
CA ALA A 515 -4.00 9.25 15.01
C ALA A 515 -4.05 8.88 16.49
N GLY A 516 -5.07 9.36 17.21
CA GLY A 516 -5.17 9.10 18.63
C GLY A 516 -6.56 9.21 19.22
N LEU A 517 -7.54 8.55 18.58
CA LEU A 517 -8.89 8.44 19.11
C LEU A 517 -9.59 7.26 18.45
N SER A 518 -9.55 7.21 17.12
CA SER A 518 -10.03 6.10 16.33
C SER A 518 -9.52 6.30 14.90
N ASN A 519 -8.28 5.91 14.64
CA ASN A 519 -7.57 6.34 13.44
C ASN A 519 -8.14 5.79 12.14
N ARG A 520 -9.40 5.34 12.18
CA ARG A 520 -10.10 5.00 10.94
C ARG A 520 -10.53 6.24 10.15
N LEU A 521 -10.07 7.41 10.58
CA LEU A 521 -10.32 8.68 9.91
C LEU A 521 -9.02 9.48 9.75
N ALA A 522 -7.88 8.79 9.69
CA ALA A 522 -6.59 9.45 9.64
C ALA A 522 -6.27 9.95 8.24
N ARG A 523 -5.06 10.49 8.07
CA ARG A 523 -4.62 10.99 6.77
C ARG A 523 -4.07 9.85 5.92
N ASP A 524 -4.27 9.98 4.61
CA ASP A 524 -4.07 8.88 3.66
C ASP A 524 -2.81 9.10 2.83
N ASN A 525 -1.68 9.13 3.53
CA ASN A 525 -0.39 9.01 2.84
C ASN A 525 0.72 8.54 3.78
N GLU A 526 0.37 8.02 4.96
CA GLU A 526 1.36 7.45 5.88
C GLU A 526 2.15 6.34 5.23
N LEU A 527 3.25 6.68 4.57
CA LEU A 527 4.09 5.71 3.87
C LEU A 527 5.35 5.37 4.67
N ARG A 528 5.29 5.46 5.99
CA ARG A 528 6.44 5.17 6.82
C ARG A 528 6.76 3.67 6.79
N GLU A 529 7.93 3.32 7.32
CA GLU A 529 8.33 1.91 7.38
C GLU A 529 7.68 1.20 8.54
N ASN A 530 7.53 1.88 9.68
CA ASN A 530 6.81 1.29 10.81
C ASN A 530 5.42 0.86 10.38
N ASP A 531 4.82 1.59 9.45
CA ASP A 531 3.54 1.19 8.88
C ASP A 531 3.70 0.10 7.84
N LYS A 532 4.69 0.24 6.95
CA LYS A 532 4.86 -0.73 5.87
C LYS A 532 5.34 -2.08 6.41
N GLU A 533 6.18 -2.06 7.44
CA GLU A 533 6.71 -3.32 7.97
C GLU A 533 5.71 -4.03 8.88
N GLN A 534 4.72 -3.32 9.41
CA GLN A 534 3.67 -3.98 10.18
C GLN A 534 2.66 -4.66 9.26
N LEU A 535 2.33 -4.03 8.13
CA LEU A 535 1.48 -4.68 7.14
C LEU A 535 2.13 -5.95 6.59
N LYS A 536 3.46 -6.00 6.58
CA LYS A 536 4.14 -7.21 6.14
C LYS A 536 4.04 -8.31 7.19
N ALA A 537 4.17 -7.95 8.47
CA ALA A 537 4.09 -8.95 9.53
C ALA A 537 2.66 -9.47 9.70
N ILE A 538 1.68 -8.60 9.50
CA ILE A 538 0.28 -8.99 9.62
C ILE A 538 -0.09 -10.01 8.54
N SER A 539 0.33 -9.77 7.30
CA SER A 539 -0.07 -10.65 6.22
C SER A 539 0.57 -12.03 6.33
N THR A 540 1.73 -12.14 6.99
CA THR A 540 2.42 -13.40 7.12
C THR A 540 1.95 -14.23 8.32
N ARG A 541 1.10 -13.67 9.17
CA ARG A 541 0.56 -14.44 10.29
C ARG A 541 -0.43 -15.49 9.77
N ASP A 542 -0.51 -16.60 10.50
CA ASP A 542 -1.35 -17.70 10.08
C ASP A 542 -2.82 -17.29 10.16
N PRO A 543 -3.67 -17.91 9.34
CA PRO A 543 -5.08 -17.49 9.27
C PRO A 543 -5.86 -17.67 10.57
N LEU A 544 -5.35 -18.44 11.53
CA LEU A 544 -6.04 -18.65 12.80
C LEU A 544 -5.61 -17.68 13.89
N SER A 545 -4.58 -16.87 13.65
CA SER A 545 -4.12 -15.94 14.67
C SER A 545 -5.18 -14.88 14.95
N GLU A 546 -5.23 -14.45 16.20
CA GLU A 546 -6.13 -13.37 16.58
C GLU A 546 -5.70 -12.07 15.92
N ILE A 547 -6.66 -11.37 15.33
CA ILE A 547 -6.43 -10.05 14.74
C ILE A 547 -7.15 -9.03 15.60
N THR A 548 -6.38 -8.13 16.19
CA THR A 548 -6.86 -7.26 17.25
C THR A 548 -7.55 -6.02 16.69
N GLU A 549 -8.10 -5.21 17.60
CA GLU A 549 -8.96 -4.11 17.19
C GLU A 549 -8.16 -2.97 16.58
N GLN A 550 -6.97 -2.68 17.12
CA GLN A 550 -6.12 -1.69 16.47
C GLN A 550 -5.68 -2.17 15.09
N GLU A 551 -5.17 -3.40 15.01
CA GLU A 551 -4.75 -3.93 13.72
C GLU A 551 -5.91 -3.94 12.72
N LYS A 552 -7.15 -4.10 13.20
CA LYS A 552 -8.29 -3.91 12.32
C LYS A 552 -8.45 -2.45 11.92
N ASP A 553 -8.35 -1.55 12.90
CA ASP A 553 -8.35 -0.12 12.59
C ASP A 553 -7.11 0.26 11.80
N PHE A 554 -5.97 -0.35 12.11
CA PHE A 554 -4.72 -0.04 11.42
C PHE A 554 -4.75 -0.54 9.98
N LEU A 555 -5.16 -1.79 9.77
CA LEU A 555 -5.31 -2.30 8.41
C LEU A 555 -6.30 -1.46 7.62
N TRP A 556 -7.43 -1.15 8.22
CA TRP A 556 -8.47 -0.42 7.49
C TRP A 556 -8.03 1.00 7.17
N SER A 557 -7.28 1.63 8.08
CA SER A 557 -6.84 3.00 7.85
C SER A 557 -5.84 3.07 6.70
N HIS A 558 -5.05 2.01 6.49
CA HIS A 558 -4.11 1.92 5.40
C HIS A 558 -4.60 1.01 4.28
N ARG A 559 -5.94 0.91 4.12
CA ARG A 559 -6.53 0.00 3.16
C ARG A 559 -6.05 0.27 1.74
N HIS A 560 -5.76 1.54 1.42
CA HIS A 560 -5.35 1.89 0.07
C HIS A 560 -3.91 1.50 -0.24
N TYR A 561 -3.07 1.33 0.78
CA TYR A 561 -1.73 0.81 0.55
C TYR A 561 -1.68 -0.71 0.55
N CYS A 562 -2.67 -1.37 1.14
CA CYS A 562 -2.73 -2.83 1.13
C CYS A 562 -2.72 -3.39 -0.28
N VAL A 563 -3.08 -2.58 -1.28
CA VAL A 563 -3.02 -3.01 -2.67
C VAL A 563 -1.59 -3.35 -3.07
N THR A 564 -0.61 -2.66 -2.48
CA THR A 564 0.79 -2.91 -2.80
C THR A 564 1.27 -4.25 -2.24
N ILE A 565 0.59 -4.78 -1.21
CA ILE A 565 0.85 -6.12 -0.70
C ILE A 565 -0.47 -6.88 -0.82
N PRO A 566 -0.80 -7.39 -2.02
CA PRO A 566 -2.19 -7.81 -2.28
C PRO A 566 -2.63 -9.06 -1.52
N GLU A 567 -1.70 -9.90 -1.08
CA GLU A 567 -2.06 -11.11 -0.35
C GLU A 567 -2.46 -10.83 1.10
N ILE A 568 -2.49 -9.55 1.52
CA ILE A 568 -3.05 -9.20 2.81
C ILE A 568 -4.57 -9.10 2.77
N LEU A 569 -5.16 -9.32 1.59
CA LEU A 569 -6.61 -9.12 1.43
C LEU A 569 -7.46 -9.94 2.41
N PRO A 570 -7.10 -11.19 2.77
CA PRO A 570 -7.88 -11.87 3.81
C PRO A 570 -7.98 -11.08 5.11
N LYS A 571 -6.85 -10.58 5.61
CA LYS A 571 -6.86 -9.92 6.92
C LYS A 571 -7.51 -8.55 6.85
N LEU A 572 -7.38 -7.84 5.73
CA LEU A 572 -8.10 -6.59 5.57
C LEU A 572 -9.61 -6.82 5.51
N LEU A 573 -10.03 -7.94 4.93
CA LEU A 573 -11.46 -8.25 4.85
C LEU A 573 -12.04 -8.56 6.21
N LEU A 574 -11.25 -9.14 7.11
CA LEU A 574 -11.71 -9.33 8.49
C LEU A 574 -11.61 -8.04 9.31
N SER A 575 -11.03 -6.98 8.74
CA SER A 575 -10.94 -5.69 9.40
C SER A 575 -12.03 -4.71 8.96
N VAL A 576 -12.80 -5.05 7.93
CA VAL A 576 -13.90 -4.19 7.51
C VAL A 576 -15.05 -4.34 8.51
N LYS A 577 -15.75 -3.23 8.78
CA LYS A 577 -16.91 -3.25 9.66
C LYS A 577 -18.14 -3.54 8.78
N TRP A 578 -18.46 -4.83 8.66
CA TRP A 578 -19.47 -5.27 7.71
C TRP A 578 -20.88 -4.79 8.05
N ASN A 579 -21.11 -4.28 9.26
CA ASN A 579 -22.41 -3.73 9.63
C ASN A 579 -22.50 -2.23 9.36
N SER A 580 -21.70 -1.72 8.43
CA SER A 580 -21.73 -0.32 8.01
C SER A 580 -21.67 -0.28 6.49
N ARG A 581 -22.73 0.22 5.85
CA ARG A 581 -22.77 0.20 4.39
C ARG A 581 -21.71 1.13 3.79
N ASP A 582 -21.35 2.19 4.51
CA ASP A 582 -20.34 3.12 4.00
C ASP A 582 -18.98 2.45 3.95
N GLU A 583 -18.60 1.74 5.01
CA GLU A 583 -17.32 1.03 5.01
C GLU A 583 -17.31 -0.11 4.00
N VAL A 584 -18.39 -0.90 3.97
CA VAL A 584 -18.45 -2.05 3.07
C VAL A 584 -18.35 -1.59 1.62
N ALA A 585 -19.05 -0.49 1.28
CA ALA A 585 -19.05 0.02 -0.08
C ALA A 585 -17.63 0.36 -0.54
N GLN A 586 -16.88 1.04 0.33
CA GLN A 586 -15.47 1.32 0.03
C GLN A 586 -14.68 0.03 -0.14
N MET A 587 -14.98 -0.99 0.68
CA MET A 587 -14.32 -2.28 0.52
C MET A 587 -14.66 -2.93 -0.81
N TYR A 588 -15.90 -2.73 -1.29
CA TYR A 588 -16.29 -3.29 -2.58
C TYR A 588 -15.46 -2.69 -3.70
N CYS A 589 -15.23 -1.37 -3.66
CA CYS A 589 -14.43 -0.73 -4.70
C CYS A 589 -12.97 -1.12 -4.64
N LEU A 590 -12.45 -1.44 -3.44
CA LEU A 590 -11.08 -1.89 -3.34
C LEU A 590 -10.91 -3.30 -3.91
N VAL A 591 -11.86 -4.20 -3.60
CA VAL A 591 -11.79 -5.56 -4.12
C VAL A 591 -12.03 -5.57 -5.63
N LYS A 592 -12.84 -4.64 -6.14
CA LYS A 592 -13.18 -4.61 -7.55
C LYS A 592 -11.93 -4.55 -8.43
N ASP A 593 -10.93 -3.76 -8.02
CA ASP A 593 -9.70 -3.61 -8.77
C ASP A 593 -8.52 -4.29 -8.11
N TRP A 594 -8.76 -5.17 -7.15
CA TRP A 594 -7.66 -5.80 -6.43
C TRP A 594 -6.83 -6.65 -7.39
N PRO A 595 -5.51 -6.65 -7.25
CA PRO A 595 -4.68 -7.54 -8.07
C PRO A 595 -5.02 -8.98 -7.78
N PRO A 596 -5.13 -9.82 -8.82
CA PRO A 596 -5.29 -11.26 -8.57
C PRO A 596 -4.08 -11.80 -7.83
N ILE A 597 -4.35 -12.76 -6.94
CA ILE A 597 -3.30 -13.40 -6.15
C ILE A 597 -3.31 -14.89 -6.48
N LYS A 598 -2.27 -15.57 -6.02
CA LYS A 598 -2.11 -16.99 -6.30
C LYS A 598 -3.30 -17.78 -5.76
N PRO A 599 -3.67 -18.88 -6.41
CA PRO A 599 -4.81 -19.67 -5.93
C PRO A 599 -4.67 -20.15 -4.49
N GLU A 600 -3.47 -20.54 -4.07
CA GLU A 600 -3.27 -21.02 -2.69
C GLU A 600 -3.72 -20.00 -1.65
N GLN A 601 -3.87 -18.73 -2.04
CA GLN A 601 -4.39 -17.70 -1.16
C GLN A 601 -5.81 -17.27 -1.51
N ALA A 602 -6.22 -17.41 -2.77
CA ALA A 602 -7.59 -17.10 -3.12
C ALA A 602 -8.57 -18.12 -2.56
N MET A 603 -8.13 -19.38 -2.41
CA MET A 603 -8.99 -20.41 -1.85
C MET A 603 -9.39 -20.13 -0.40
N GLU A 604 -8.58 -19.34 0.32
CA GLU A 604 -8.94 -18.97 1.68
C GLU A 604 -10.19 -18.11 1.72
N LEU A 605 -10.40 -17.27 0.69
CA LEU A 605 -11.59 -16.42 0.61
C LEU A 605 -12.84 -17.19 0.28
N LEU A 606 -12.74 -18.49 0.04
CA LEU A 606 -13.89 -19.32 -0.32
C LEU A 606 -14.40 -20.18 0.83
N ASP A 607 -13.77 -20.13 2.00
CA ASP A 607 -14.18 -20.97 3.10
C ASP A 607 -15.35 -20.30 3.84
N CYS A 608 -15.68 -20.80 5.03
CA CYS A 608 -16.81 -20.30 5.81
C CYS A 608 -16.58 -18.89 6.37
N ASN A 609 -15.37 -18.35 6.27
CA ASN A 609 -15.05 -17.06 6.86
C ASN A 609 -15.40 -15.87 5.98
N TYR A 610 -15.72 -16.09 4.71
CA TYR A 610 -15.91 -14.99 3.75
C TYR A 610 -17.20 -15.22 2.96
N PRO A 611 -18.35 -14.86 3.54
CA PRO A 611 -19.63 -15.15 2.87
C PRO A 611 -20.01 -14.15 1.80
N ASP A 612 -19.34 -13.01 1.71
CA ASP A 612 -19.76 -11.96 0.79
C ASP A 612 -19.63 -12.42 -0.65
N PRO A 613 -20.62 -12.13 -1.50
CA PRO A 613 -20.52 -12.55 -2.91
C PRO A 613 -19.39 -11.88 -3.66
N MET A 614 -19.12 -10.60 -3.37
CA MET A 614 -18.11 -9.88 -4.13
C MET A 614 -16.71 -10.39 -3.84
N VAL A 615 -16.46 -10.81 -2.60
CA VAL A 615 -15.16 -11.38 -2.26
C VAL A 615 -14.99 -12.73 -2.94
N ARG A 616 -16.01 -13.59 -2.86
CA ARG A 616 -15.89 -14.91 -3.44
C ARG A 616 -15.75 -14.83 -4.96
N GLY A 617 -16.41 -13.85 -5.58
CA GLY A 617 -16.23 -13.59 -6.99
C GLY A 617 -14.77 -13.35 -7.33
N PHE A 618 -14.14 -12.43 -6.59
CA PHE A 618 -12.71 -12.20 -6.75
C PHE A 618 -11.91 -13.49 -6.61
N ALA A 619 -12.21 -14.28 -5.58
CA ALA A 619 -11.50 -15.54 -5.38
C ALA A 619 -11.64 -16.45 -6.60
N VAL A 620 -12.83 -16.47 -7.22
CA VAL A 620 -13.04 -17.30 -8.40
C VAL A 620 -12.33 -16.71 -9.61
N ARG A 621 -12.28 -15.38 -9.73
CA ARG A 621 -11.55 -14.75 -10.82
C ARG A 621 -10.06 -15.04 -10.74
N CYS A 622 -9.53 -15.23 -9.53
CA CYS A 622 -8.14 -15.63 -9.39
C CYS A 622 -7.93 -17.07 -9.82
N LEU A 623 -8.94 -17.92 -9.65
CA LEU A 623 -8.85 -19.31 -10.10
C LEU A 623 -8.95 -19.41 -11.61
N GLU A 624 -9.82 -18.60 -12.23
CA GLU A 624 -9.90 -18.60 -13.69
C GLU A 624 -8.60 -18.11 -14.31
N LYS A 625 -7.79 -17.38 -13.55
CA LYS A 625 -6.60 -16.75 -14.11
C LYS A 625 -5.33 -17.55 -13.83
N TYR A 626 -5.24 -18.19 -12.67
CA TYR A 626 -3.99 -18.84 -12.27
C TYR A 626 -4.12 -20.32 -11.98
N LEU A 627 -5.32 -20.86 -11.77
CA LEU A 627 -5.46 -22.24 -11.34
C LEU A 627 -5.38 -23.16 -12.56
N THR A 628 -4.31 -23.95 -12.64
CA THR A 628 -4.16 -24.92 -13.70
C THR A 628 -5.04 -26.15 -13.44
N ASP A 629 -5.34 -26.87 -14.51
CA ASP A 629 -6.17 -28.07 -14.38
C ASP A 629 -5.50 -29.11 -13.48
N ASP A 630 -4.17 -29.07 -13.37
CA ASP A 630 -3.48 -29.99 -12.48
C ASP A 630 -3.68 -29.60 -11.02
N LYS A 631 -3.67 -28.30 -10.72
CA LYS A 631 -3.92 -27.85 -9.36
C LYS A 631 -5.40 -27.94 -9.00
N LEU A 632 -6.29 -27.75 -9.98
CA LEU A 632 -7.72 -27.95 -9.73
C LEU A 632 -8.00 -29.40 -9.36
N SER A 633 -7.31 -30.34 -10.01
CA SER A 633 -7.39 -31.73 -9.61
C SER A 633 -6.74 -31.97 -8.25
N GLN A 634 -5.81 -31.10 -7.84
CA GLN A 634 -5.15 -31.24 -6.55
C GLN A 634 -6.03 -30.75 -5.41
N TYR A 635 -6.85 -29.72 -5.65
CA TYR A 635 -7.66 -29.09 -4.61
C TYR A 635 -9.14 -29.36 -4.79
N LEU A 636 -9.50 -30.40 -5.55
CA LEU A 636 -10.90 -30.59 -5.91
C LEU A 636 -11.74 -30.94 -4.67
N ILE A 637 -11.17 -31.72 -3.75
CA ILE A 637 -11.85 -32.04 -2.50
C ILE A 637 -12.32 -30.77 -1.81
N GLN A 638 -11.38 -29.85 -1.58
CA GLN A 638 -11.69 -28.63 -0.84
C GLN A 638 -12.62 -27.71 -1.62
N LEU A 639 -12.49 -27.70 -2.95
CA LEU A 639 -13.33 -26.80 -3.74
C LEU A 639 -14.78 -27.29 -3.80
N VAL A 640 -15.00 -28.60 -3.74
CA VAL A 640 -16.35 -29.12 -3.62
C VAL A 640 -16.92 -28.87 -2.23
N GLN A 641 -16.07 -29.00 -1.20
CA GLN A 641 -16.54 -28.80 0.18
C GLN A 641 -17.09 -27.39 0.38
N VAL A 642 -16.36 -26.38 -0.09
CA VAL A 642 -16.78 -25.00 0.13
C VAL A 642 -18.04 -24.64 -0.63
N LEU A 643 -18.56 -25.53 -1.48
CA LEU A 643 -19.84 -25.27 -2.12
C LEU A 643 -20.96 -25.21 -1.10
N LYS A 644 -20.78 -25.89 0.04
CA LYS A 644 -21.76 -25.85 1.12
C LYS A 644 -21.88 -24.46 1.74
N TYR A 645 -20.83 -23.64 1.64
CA TYR A 645 -20.81 -22.30 2.23
C TYR A 645 -21.35 -21.23 1.30
N GLU A 646 -21.64 -21.56 0.04
CA GLU A 646 -22.26 -20.58 -0.84
C GLU A 646 -23.70 -20.34 -0.42
N GLN A 647 -24.12 -19.06 -0.48
CA GLN A 647 -25.46 -18.70 -0.03
C GLN A 647 -26.54 -19.36 -0.87
N TYR A 648 -26.34 -19.42 -2.19
CA TYR A 648 -27.40 -19.76 -3.11
C TYR A 648 -26.93 -20.88 -4.05
N LEU A 649 -27.87 -21.44 -4.80
CA LEU A 649 -27.53 -22.52 -5.71
C LEU A 649 -26.74 -22.01 -6.91
N ASP A 650 -27.17 -20.89 -7.48
CA ASP A 650 -26.51 -20.30 -8.65
C ASP A 650 -25.44 -19.31 -8.16
N ASN A 651 -24.17 -19.65 -8.37
CA ASN A 651 -23.09 -18.79 -7.92
C ASN A 651 -21.91 -18.90 -8.88
N LEU A 652 -20.96 -17.98 -8.73
CA LEU A 652 -19.80 -17.93 -9.61
C LEU A 652 -18.87 -19.12 -9.39
N LEU A 653 -18.78 -19.63 -8.16
CA LEU A 653 -17.87 -20.74 -7.88
C LEU A 653 -18.35 -22.02 -8.54
N VAL A 654 -19.64 -22.34 -8.44
CA VAL A 654 -20.14 -23.57 -9.03
C VAL A 654 -20.11 -23.48 -10.56
N ARG A 655 -20.42 -22.29 -11.11
CA ARG A 655 -20.35 -22.12 -12.55
C ARG A 655 -18.92 -22.26 -13.07
N PHE A 656 -17.93 -21.85 -12.28
CA PHE A 656 -16.54 -22.10 -12.64
C PHE A 656 -16.21 -23.58 -12.53
N LEU A 657 -16.62 -24.22 -11.43
CA LEU A 657 -16.33 -25.64 -11.23
C LEU A 657 -17.06 -26.51 -12.25
N LEU A 658 -18.30 -26.14 -12.59
CA LEU A 658 -19.07 -26.95 -13.54
C LEU A 658 -18.46 -26.89 -14.94
N LYS A 659 -18.14 -25.69 -15.41
CA LYS A 659 -17.53 -25.54 -16.72
C LYS A 659 -16.20 -26.28 -16.80
N LYS A 660 -15.42 -26.27 -15.72
CA LYS A 660 -14.13 -26.94 -15.73
C LYS A 660 -14.28 -28.45 -15.80
N ALA A 661 -15.27 -29.00 -15.11
CA ALA A 661 -15.51 -30.44 -15.19
C ALA A 661 -16.09 -30.84 -16.54
N LEU A 662 -16.83 -29.95 -17.17
CA LEU A 662 -17.44 -30.24 -18.47
C LEU A 662 -16.46 -30.08 -19.63
N THR A 663 -15.21 -29.68 -19.38
CA THR A 663 -14.21 -29.54 -20.42
C THR A 663 -12.91 -30.26 -20.07
N ASN A 664 -12.89 -31.06 -19.01
CA ASN A 664 -11.76 -31.93 -18.68
C ASN A 664 -12.33 -33.15 -17.99
N GLN A 665 -12.39 -34.27 -18.73
CA GLN A 665 -13.08 -35.45 -18.23
C GLN A 665 -12.38 -36.08 -17.04
N ARG A 666 -11.08 -35.82 -16.85
CA ARG A 666 -10.42 -36.29 -15.64
C ARG A 666 -10.86 -35.49 -14.42
N ILE A 667 -11.17 -34.22 -14.61
CA ILE A 667 -11.73 -33.41 -13.53
C ILE A 667 -13.19 -33.78 -13.31
N GLY A 668 -13.94 -33.93 -14.39
CA GLY A 668 -15.35 -34.28 -14.27
C GLY A 668 -15.58 -35.65 -13.62
N HIS A 669 -14.62 -36.56 -13.77
CA HIS A 669 -14.73 -37.85 -13.11
C HIS A 669 -14.73 -37.69 -11.60
N PHE A 670 -13.71 -37.01 -11.08
CA PHE A 670 -13.62 -36.83 -9.64
C PHE A 670 -14.57 -35.75 -9.13
N PHE A 671 -14.95 -34.81 -10.00
CA PHE A 671 -16.03 -33.89 -9.66
C PHE A 671 -17.30 -34.68 -9.36
N PHE A 672 -17.61 -35.67 -10.22
CA PHE A 672 -18.79 -36.49 -10.01
C PHE A 672 -18.70 -37.27 -8.70
N TRP A 673 -17.61 -38.04 -8.53
CA TRP A 673 -17.52 -38.95 -7.39
C TRP A 673 -17.52 -38.21 -6.06
N HIS A 674 -16.74 -37.12 -5.97
CA HIS A 674 -16.67 -36.38 -4.72
C HIS A 674 -18.01 -35.74 -4.38
N LEU A 675 -18.75 -35.26 -5.39
CA LEU A 675 -20.10 -34.80 -5.15
C LEU A 675 -21.02 -35.98 -4.83
N LYS A 676 -20.92 -37.06 -5.61
CA LYS A 676 -21.70 -38.26 -5.34
C LYS A 676 -21.42 -38.80 -3.95
N SER A 677 -20.17 -38.68 -3.49
CA SER A 677 -19.78 -39.29 -2.22
C SER A 677 -20.56 -38.70 -1.05
N GLU A 678 -21.03 -37.47 -1.17
CA GLU A 678 -21.69 -36.77 -0.08
C GLU A 678 -23.21 -36.72 -0.25
N MET A 679 -23.76 -37.48 -1.21
CA MET A 679 -25.20 -37.42 -1.46
C MET A 679 -26.03 -38.04 -0.34
N HIS A 680 -25.42 -38.78 0.58
CA HIS A 680 -26.13 -39.28 1.74
C HIS A 680 -26.34 -38.21 2.80
N ASN A 681 -25.53 -37.16 2.79
CA ASN A 681 -25.60 -36.09 3.78
C ASN A 681 -26.75 -35.16 3.39
N LYS A 682 -27.89 -35.31 4.07
CA LYS A 682 -29.11 -34.61 3.68
C LYS A 682 -29.00 -33.10 3.81
N THR A 683 -27.94 -32.58 4.42
CA THR A 683 -27.79 -31.13 4.53
C THR A 683 -27.44 -30.51 3.19
N VAL A 684 -26.79 -31.27 2.31
CA VAL A 684 -26.35 -30.78 1.00
C VAL A 684 -26.85 -31.66 -0.14
N SER A 685 -27.63 -32.70 0.15
CA SER A 685 -28.00 -33.66 -0.89
C SER A 685 -28.83 -33.02 -2.00
N GLN A 686 -29.54 -31.93 -1.72
CA GLN A 686 -30.27 -31.24 -2.77
C GLN A 686 -29.32 -30.40 -3.63
N ARG A 687 -28.42 -29.64 -2.99
CA ARG A 687 -27.47 -28.83 -3.75
C ARG A 687 -26.60 -29.68 -4.64
N PHE A 688 -26.03 -30.76 -4.09
CA PHE A 688 -25.17 -31.62 -4.89
C PHE A 688 -25.97 -32.42 -5.90
N GLY A 689 -27.20 -32.78 -5.55
CA GLY A 689 -28.08 -33.48 -6.47
C GLY A 689 -28.36 -32.66 -7.71
N LEU A 690 -28.83 -31.42 -7.51
CA LEU A 690 -29.10 -30.54 -8.64
C LEU A 690 -27.85 -30.27 -9.45
N LEU A 691 -26.70 -30.20 -8.77
CA LEU A 691 -25.44 -29.99 -9.48
C LEU A 691 -25.04 -31.23 -10.27
N LEU A 692 -25.04 -32.40 -9.60
CA LEU A 692 -24.72 -33.65 -10.28
C LEU A 692 -25.64 -33.92 -11.46
N GLU A 693 -26.91 -33.50 -11.36
CA GLU A 693 -27.83 -33.64 -12.48
C GLU A 693 -27.34 -32.87 -13.70
N SER A 694 -27.08 -31.57 -13.53
CA SER A 694 -26.67 -30.76 -14.66
C SER A 694 -25.30 -31.17 -15.20
N TYR A 695 -24.44 -31.75 -14.36
CA TYR A 695 -23.21 -32.31 -14.89
C TYR A 695 -23.50 -33.54 -15.74
N CYS A 696 -24.29 -34.47 -15.20
CA CYS A 696 -24.61 -35.70 -15.89
C CYS A 696 -25.30 -35.42 -17.22
N ARG A 697 -26.27 -34.51 -17.20
CA ARG A 697 -27.05 -34.22 -18.39
C ARG A 697 -26.22 -33.64 -19.53
N ALA A 698 -25.00 -33.17 -19.24
CA ALA A 698 -24.20 -32.45 -20.21
C ALA A 698 -22.79 -32.99 -20.42
N CYS A 699 -22.33 -33.92 -19.59
CA CYS A 699 -20.94 -34.37 -19.70
C CYS A 699 -20.68 -35.19 -20.94
N GLY A 700 -21.70 -35.50 -21.74
CA GLY A 700 -21.51 -36.28 -22.95
C GLY A 700 -21.55 -37.78 -22.70
N MET A 701 -20.67 -38.51 -23.37
CA MET A 701 -20.68 -39.98 -23.32
C MET A 701 -20.21 -40.53 -21.98
N TYR A 702 -19.60 -39.71 -21.12
CA TYR A 702 -18.99 -40.26 -19.91
C TYR A 702 -20.04 -40.78 -18.94
N LEU A 703 -21.27 -40.26 -19.03
CA LEU A 703 -22.34 -40.72 -18.14
C LEU A 703 -22.52 -42.23 -18.23
N LYS A 704 -22.46 -42.77 -19.44
CA LYS A 704 -22.55 -44.22 -19.63
C LYS A 704 -21.43 -44.94 -18.89
N HIS A 705 -20.19 -44.45 -19.06
CA HIS A 705 -19.06 -45.05 -18.34
C HIS A 705 -19.27 -44.99 -16.84
N LEU A 706 -19.87 -43.89 -16.34
CA LEU A 706 -20.11 -43.77 -14.91
C LEU A 706 -21.15 -44.76 -14.44
N ASN A 707 -22.19 -45.00 -15.24
CA ASN A 707 -23.23 -45.95 -14.85
C ASN A 707 -22.66 -47.34 -14.66
N ARG A 708 -21.73 -47.76 -15.54
CA ARG A 708 -21.02 -49.01 -15.32
C ARG A 708 -20.25 -48.98 -14.00
N GLN A 709 -19.72 -47.81 -13.63
CA GLN A 709 -19.02 -47.69 -12.36
C GLN A 709 -19.97 -47.71 -11.18
N VAL A 710 -21.03 -46.88 -11.24
CA VAL A 710 -22.01 -46.83 -10.16
C VAL A 710 -22.64 -48.21 -9.95
N GLU A 711 -23.07 -48.86 -11.04
CA GLU A 711 -23.63 -50.20 -10.90
C GLU A 711 -22.60 -51.18 -10.39
N ALA A 712 -21.31 -50.97 -10.68
CA ALA A 712 -20.29 -51.90 -10.21
C ALA A 712 -20.15 -51.83 -8.70
N MET A 713 -20.26 -50.62 -8.15
CA MET A 713 -20.11 -50.42 -6.71
C MET A 713 -21.30 -51.00 -5.96
N GLU A 714 -22.52 -50.77 -6.47
CA GLU A 714 -23.72 -51.26 -5.81
C GLU A 714 -23.69 -52.78 -5.64
N LYS A 715 -23.15 -53.49 -6.63
CA LYS A 715 -23.00 -54.93 -6.48
C LYS A 715 -22.02 -55.27 -5.37
N LEU A 716 -20.99 -54.43 -5.20
CA LEU A 716 -20.01 -54.68 -4.15
C LEU A 716 -20.54 -54.27 -2.79
N ILE A 717 -21.34 -53.21 -2.73
CA ILE A 717 -21.96 -52.80 -1.47
C ILE A 717 -22.94 -53.87 -0.99
N ASN A 718 -23.80 -54.34 -1.90
CA ASN A 718 -24.76 -55.37 -1.53
C ASN A 718 -24.07 -56.67 -1.11
N LEU A 719 -23.01 -57.05 -1.82
CA LEU A 719 -22.32 -58.30 -1.50
C LEU A 719 -21.59 -58.21 -0.17
N THR A 720 -21.09 -57.02 0.20
CA THR A 720 -20.43 -56.85 1.48
C THR A 720 -21.40 -56.63 2.63
N ASP A 721 -22.59 -56.06 2.36
CA ASP A 721 -23.63 -56.00 3.37
C ASP A 721 -23.97 -57.39 3.89
N ILE A 722 -24.10 -58.35 2.98
CA ILE A 722 -24.43 -59.72 3.36
C ILE A 722 -23.33 -60.30 4.23
N LEU A 723 -22.08 -60.23 3.78
CA LEU A 723 -20.97 -60.80 4.53
C LEU A 723 -20.81 -60.14 5.89
N LYS A 724 -21.22 -58.88 6.01
CA LYS A 724 -21.13 -58.18 7.29
C LYS A 724 -22.34 -58.38 8.18
N GLN A 725 -23.46 -58.82 7.62
CA GLN A 725 -24.68 -58.95 8.42
C GLN A 725 -25.13 -60.39 8.55
N GLU A 726 -25.70 -60.94 7.47
CA GLU A 726 -26.22 -62.31 7.51
C GLU A 726 -25.12 -63.31 7.81
N LYS A 727 -24.04 -63.29 7.02
CA LYS A 727 -23.00 -64.31 7.08
C LYS A 727 -21.91 -63.98 8.08
N LYS A 728 -22.13 -63.03 8.98
CA LYS A 728 -21.07 -62.61 9.89
C LYS A 728 -20.62 -63.74 10.81
N ASP A 729 -21.52 -64.64 11.16
CA ASP A 729 -21.23 -65.71 12.10
C ASP A 729 -20.71 -66.97 11.43
N GLU A 730 -20.39 -66.91 10.13
CA GLU A 730 -19.86 -68.05 9.40
C GLU A 730 -18.35 -67.95 9.26
N THR A 731 -17.74 -69.09 8.94
CA THR A 731 -16.30 -69.14 8.82
C THR A 731 -15.84 -68.42 7.55
N GLN A 732 -14.52 -68.18 7.47
CA GLN A 732 -13.96 -67.57 6.27
C GLN A 732 -14.16 -68.48 5.06
N LYS A 733 -14.00 -69.80 5.24
CA LYS A 733 -14.12 -70.71 4.12
C LYS A 733 -15.55 -70.76 3.60
N VAL A 734 -16.54 -70.63 4.49
CA VAL A 734 -17.93 -70.62 4.06
C VAL A 734 -18.30 -69.29 3.41
N GLN A 735 -17.79 -68.18 3.97
CA GLN A 735 -17.97 -66.88 3.33
C GLN A 735 -17.30 -66.84 1.97
N MET A 736 -16.06 -67.35 1.90
CA MET A 736 -15.34 -67.37 0.63
C MET A 736 -16.06 -68.20 -0.41
N LYS A 737 -16.61 -69.34 0.02
CA LYS A 737 -17.46 -70.14 -0.86
C LYS A 737 -18.62 -69.30 -1.39
N PHE A 738 -19.23 -68.50 -0.51
CA PHE A 738 -20.37 -67.69 -0.92
C PHE A 738 -19.94 -66.62 -1.92
N LEU A 739 -18.77 -66.03 -1.70
CA LEU A 739 -18.29 -64.96 -2.58
C LEU A 739 -18.07 -65.48 -4.00
N VAL A 740 -17.43 -66.65 -4.12
CA VAL A 740 -17.14 -67.21 -5.44
C VAL A 740 -18.43 -67.47 -6.21
N GLU A 741 -19.41 -68.08 -5.55
CA GLU A 741 -20.65 -68.42 -6.25
C GLU A 741 -21.46 -67.18 -6.61
N GLN A 742 -21.27 -66.08 -5.87
CA GLN A 742 -22.02 -64.87 -6.15
C GLN A 742 -21.43 -64.11 -7.34
N MET A 743 -20.11 -64.03 -7.43
CA MET A 743 -19.49 -63.31 -8.54
C MET A 743 -19.56 -64.07 -9.86
N ARG A 744 -20.01 -65.33 -9.84
CA ARG A 744 -20.17 -66.10 -11.07
C ARG A 744 -21.60 -66.04 -11.60
N ARG A 745 -22.53 -65.46 -10.85
CA ARG A 745 -23.87 -65.25 -11.38
C ARG A 745 -23.82 -64.32 -12.58
N PRO A 746 -24.68 -64.50 -13.58
CA PRO A 746 -24.62 -63.64 -14.77
C PRO A 746 -24.79 -62.16 -14.46
N ASP A 747 -25.58 -61.79 -13.45
CA ASP A 747 -25.76 -60.38 -13.12
C ASP A 747 -24.52 -59.79 -12.48
N PHE A 748 -23.69 -60.61 -11.84
CA PHE A 748 -22.45 -60.11 -11.24
C PHE A 748 -21.33 -60.02 -12.28
N MET A 749 -21.26 -60.99 -13.19
CA MET A 749 -20.25 -60.96 -14.24
C MET A 749 -20.50 -59.82 -15.22
N ASP A 750 -21.75 -59.37 -15.34
CA ASP A 750 -22.08 -58.28 -16.24
C ASP A 750 -21.66 -56.93 -15.67
N ALA A 751 -21.84 -56.72 -14.37
CA ALA A 751 -21.57 -55.43 -13.74
C ALA A 751 -20.12 -55.27 -13.31
N LEU A 752 -19.52 -56.30 -12.72
CA LEU A 752 -18.17 -56.21 -12.17
C LEU A 752 -17.09 -56.50 -13.20
N GLN A 753 -17.39 -56.38 -14.49
CA GLN A 753 -16.40 -56.58 -15.54
C GLN A 753 -16.63 -55.56 -16.64
N GLY A 754 -15.53 -55.05 -17.18
CA GLY A 754 -15.62 -54.04 -18.22
C GLY A 754 -16.15 -52.72 -17.71
N PHE A 755 -15.39 -52.06 -16.84
CA PHE A 755 -15.71 -50.70 -16.43
C PHE A 755 -14.41 -50.01 -16.04
N LEU A 756 -14.51 -48.70 -15.82
CA LEU A 756 -13.34 -47.87 -15.55
C LEU A 756 -13.14 -47.70 -14.06
N SER A 757 -11.94 -48.02 -13.57
CA SER A 757 -11.56 -47.91 -12.17
C SER A 757 -11.82 -46.51 -11.65
N PRO A 758 -12.77 -46.35 -10.73
CA PRO A 758 -13.03 -45.01 -10.16
C PRO A 758 -11.81 -44.36 -9.54
N LEU A 759 -10.85 -45.16 -9.06
CA LEU A 759 -9.62 -44.62 -8.51
C LEU A 759 -8.81 -43.86 -9.55
N ASN A 760 -8.85 -44.32 -10.80
CA ASN A 760 -8.07 -43.74 -11.87
C ASN A 760 -8.66 -44.17 -13.21
N PRO A 761 -9.54 -43.35 -13.81
CA PRO A 761 -10.23 -43.77 -15.04
C PRO A 761 -9.31 -44.11 -16.20
N ALA A 762 -8.02 -43.79 -16.10
CA ALA A 762 -7.09 -44.21 -17.14
C ALA A 762 -6.92 -45.73 -17.19
N HIS A 763 -7.25 -46.42 -16.11
CA HIS A 763 -7.16 -47.88 -16.06
C HIS A 763 -8.49 -48.49 -16.45
N GLN A 764 -8.43 -49.46 -17.36
CA GLN A 764 -9.60 -50.24 -17.75
C GLN A 764 -9.62 -51.53 -16.95
N LEU A 765 -10.76 -51.84 -16.36
CA LEU A 765 -10.95 -53.09 -15.63
C LEU A 765 -11.69 -54.06 -16.54
N GLY A 766 -11.04 -55.18 -16.87
CA GLY A 766 -11.64 -56.13 -17.78
C GLY A 766 -12.33 -57.30 -17.12
N ASN A 767 -11.86 -58.52 -17.39
CA ASN A 767 -12.45 -59.71 -16.81
C ASN A 767 -11.90 -59.92 -15.41
N LEU A 768 -12.78 -60.35 -14.51
CA LEU A 768 -12.36 -60.65 -13.15
C LEU A 768 -11.43 -61.86 -13.13
N ARG A 769 -10.35 -61.76 -12.36
CA ARG A 769 -9.51 -62.91 -12.07
C ARG A 769 -9.98 -63.48 -10.73
N LEU A 770 -11.02 -64.31 -10.81
CA LEU A 770 -11.70 -64.79 -9.60
C LEU A 770 -10.78 -65.62 -8.72
N GLU A 771 -9.77 -66.27 -9.30
CA GLU A 771 -8.85 -67.06 -8.50
C GLU A 771 -7.99 -66.19 -7.60
N GLU A 772 -7.87 -64.90 -7.91
CA GLU A 772 -7.10 -63.98 -7.08
C GLU A 772 -7.96 -63.13 -6.17
N CYS A 773 -9.26 -63.06 -6.41
CA CYS A 773 -10.14 -62.31 -5.52
C CYS A 773 -10.35 -63.04 -4.21
N ARG A 774 -10.48 -62.28 -3.13
CA ARG A 774 -10.61 -62.84 -1.80
C ARG A 774 -11.21 -61.80 -0.87
N ILE A 775 -11.78 -62.28 0.23
CA ILE A 775 -12.20 -61.43 1.34
C ILE A 775 -11.03 -61.32 2.30
N MET A 776 -10.60 -60.09 2.58
CA MET A 776 -9.49 -59.87 3.49
C MET A 776 -9.91 -60.13 4.93
N SER A 777 -8.92 -60.53 5.74
CA SER A 777 -9.20 -61.08 7.07
C SER A 777 -9.80 -60.07 8.04
N SER A 778 -9.58 -58.78 7.82
CA SER A 778 -10.05 -57.77 8.76
C SER A 778 -11.56 -57.80 8.91
N ALA A 779 -12.04 -57.23 10.02
CA ALA A 779 -13.43 -57.38 10.43
C ALA A 779 -14.42 -56.66 9.52
N LYS A 780 -13.99 -55.62 8.81
CA LYS A 780 -14.89 -54.90 7.91
C LYS A 780 -15.20 -55.67 6.64
N ARG A 781 -14.64 -56.86 6.48
CA ARG A 781 -14.73 -57.69 5.29
C ARG A 781 -14.35 -56.91 4.05
N PRO A 782 -13.09 -56.49 3.90
CA PRO A 782 -12.67 -55.88 2.64
C PRO A 782 -12.53 -56.93 1.55
N LEU A 783 -12.81 -56.52 0.33
CA LEU A 783 -12.70 -57.40 -0.84
C LEU A 783 -11.44 -57.04 -1.62
N TRP A 784 -10.55 -58.02 -1.79
CA TRP A 784 -9.35 -57.87 -2.60
C TRP A 784 -9.69 -58.31 -4.01
N LEU A 785 -9.82 -57.35 -4.94
CA LEU A 785 -10.32 -57.62 -6.27
C LEU A 785 -9.22 -57.46 -7.30
N ASN A 786 -9.25 -58.32 -8.32
CA ASN A 786 -8.22 -58.39 -9.35
C ASN A 786 -8.90 -58.44 -10.71
N TRP A 787 -8.47 -57.57 -11.62
CA TRP A 787 -8.98 -57.55 -12.97
C TRP A 787 -7.86 -57.74 -13.97
N GLU A 788 -8.20 -58.31 -15.13
CA GLU A 788 -7.29 -58.25 -16.26
C GLU A 788 -7.28 -56.83 -16.82
N ASN A 789 -6.18 -56.49 -17.49
CA ASN A 789 -6.11 -55.21 -18.17
C ASN A 789 -6.35 -55.45 -19.66
N PRO A 790 -7.45 -54.94 -20.23
CA PRO A 790 -7.75 -55.21 -21.64
C PRO A 790 -6.93 -54.41 -22.63
N ASP A 791 -6.01 -53.55 -22.17
CA ASP A 791 -5.14 -52.84 -23.10
C ASP A 791 -4.24 -53.84 -23.83
N ILE A 792 -4.03 -53.59 -25.12
CA ILE A 792 -3.25 -54.51 -25.94
C ILE A 792 -1.79 -54.55 -25.50
N MET A 793 -1.32 -53.54 -24.78
CA MET A 793 0.03 -53.49 -24.24
C MET A 793 0.05 -53.69 -22.73
N SER A 794 -0.89 -54.48 -22.21
CA SER A 794 -1.02 -54.63 -20.76
C SER A 794 0.17 -55.34 -20.14
N GLU A 795 0.96 -56.07 -20.93
CA GLU A 795 2.11 -56.80 -20.39
C GLU A 795 3.25 -55.88 -19.99
N LEU A 796 3.26 -54.64 -20.49
CA LEU A 796 4.34 -53.71 -20.19
C LEU A 796 4.03 -52.79 -19.02
N LEU A 797 2.75 -52.54 -18.72
CA LEU A 797 2.38 -51.73 -17.56
C LEU A 797 1.84 -52.61 -16.45
N PHE A 798 0.52 -52.58 -16.27
CA PHE A 798 -0.17 -53.38 -15.28
C PHE A 798 -0.92 -54.48 -16.01
N GLN A 799 -0.39 -55.71 -15.96
CA GLN A 799 -1.20 -56.86 -16.30
C GLN A 799 -2.28 -57.10 -15.25
N ASN A 800 -2.10 -56.60 -14.04
CA ASN A 800 -3.05 -56.75 -12.95
C ASN A 800 -3.49 -55.38 -12.46
N ASN A 801 -4.80 -55.21 -12.35
CA ASN A 801 -5.39 -54.06 -11.67
C ASN A 801 -5.99 -54.58 -10.37
N GLU A 802 -5.35 -54.25 -9.25
CA GLU A 802 -5.75 -54.74 -7.94
C GLU A 802 -6.30 -53.58 -7.13
N ILE A 803 -7.55 -53.69 -6.71
CA ILE A 803 -8.23 -52.67 -5.92
C ILE A 803 -8.85 -53.35 -4.71
N ILE A 804 -8.78 -52.69 -3.55
CA ILE A 804 -9.43 -53.16 -2.34
C ILE A 804 -10.71 -52.35 -2.14
N PHE A 805 -11.84 -53.04 -2.05
CA PHE A 805 -13.11 -52.42 -1.73
C PHE A 805 -13.40 -52.64 -0.25
N LYS A 806 -13.71 -51.56 0.47
CA LYS A 806 -13.97 -51.64 1.89
C LYS A 806 -15.30 -50.98 2.20
N ASN A 807 -16.20 -51.73 2.87
CA ASN A 807 -17.49 -51.22 3.29
C ASN A 807 -17.53 -51.30 4.81
N GLY A 808 -17.46 -50.14 5.47
CA GLY A 808 -17.54 -50.12 6.92
C GLY A 808 -16.80 -48.97 7.58
N ASP A 809 -15.73 -48.49 6.96
CA ASP A 809 -14.89 -47.45 7.54
C ASP A 809 -15.04 -46.14 6.76
N ASP A 810 -14.88 -45.02 7.47
CA ASP A 810 -14.82 -43.71 6.86
C ASP A 810 -13.44 -43.48 6.28
N LEU A 811 -13.37 -43.20 4.98
CA LEU A 811 -12.11 -43.05 4.27
C LEU A 811 -11.73 -41.60 4.03
N ARG A 812 -12.54 -40.63 4.48
CA ARG A 812 -12.28 -39.23 4.16
C ARG A 812 -11.00 -38.74 4.80
N GLN A 813 -10.69 -39.18 6.03
CA GLN A 813 -9.41 -38.82 6.64
C GLN A 813 -8.26 -39.40 5.85
N ASP A 814 -8.36 -40.68 5.47
CA ASP A 814 -7.33 -41.29 4.63
C ASP A 814 -7.20 -40.54 3.31
N MET A 815 -8.33 -40.08 2.76
CA MET A 815 -8.29 -39.33 1.52
C MET A 815 -7.62 -37.96 1.73
N LEU A 816 -7.93 -37.30 2.84
CA LEU A 816 -7.33 -35.98 3.11
C LEU A 816 -5.85 -36.10 3.43
N THR A 817 -5.48 -37.01 4.34
CA THR A 817 -4.08 -37.22 4.69
C THR A 817 -3.23 -37.49 3.44
N LEU A 818 -3.72 -38.38 2.58
CA LEU A 818 -2.99 -38.69 1.36
C LEU A 818 -2.84 -37.48 0.45
N GLN A 819 -3.90 -36.67 0.35
CA GLN A 819 -3.81 -35.43 -0.43
C GLN A 819 -2.75 -34.50 0.15
N ILE A 820 -2.75 -34.32 1.47
CA ILE A 820 -1.78 -33.45 2.12
C ILE A 820 -0.36 -33.96 1.86
N ILE A 821 -0.16 -35.27 2.03
CA ILE A 821 1.15 -35.88 1.81
C ILE A 821 1.68 -35.54 0.43
N ARG A 822 0.80 -35.52 -0.58
CA ARG A 822 1.23 -35.19 -1.93
C ARG A 822 1.67 -33.74 -2.06
N ILE A 823 1.04 -32.84 -1.31
CA ILE A 823 1.42 -31.43 -1.36
C ILE A 823 2.75 -31.21 -0.65
N MET A 824 2.95 -31.87 0.49
CA MET A 824 4.24 -31.80 1.16
C MET A 824 5.37 -32.27 0.26
N GLU A 825 5.12 -33.33 -0.51
CA GLU A 825 6.14 -33.81 -1.45
C GLU A 825 6.46 -32.76 -2.51
N ASN A 826 5.46 -32.00 -2.96
CA ASN A 826 5.71 -30.94 -3.92
C ASN A 826 6.57 -29.84 -3.31
N ILE A 827 6.28 -29.43 -2.07
CA ILE A 827 7.03 -28.36 -1.42
C ILE A 827 8.49 -28.76 -1.25
N TRP A 828 8.74 -30.02 -0.92
CA TRP A 828 10.11 -30.49 -0.77
C TRP A 828 10.83 -30.60 -2.11
N GLN A 829 10.10 -30.94 -3.18
CA GLN A 829 10.71 -31.01 -4.51
C GLN A 829 11.17 -29.63 -4.97
N ASN A 830 10.34 -28.60 -4.77
CA ASN A 830 10.68 -27.25 -5.17
C ASN A 830 11.84 -26.65 -4.39
N GLN A 831 12.22 -27.26 -3.26
CA GLN A 831 13.36 -26.79 -2.48
C GLN A 831 14.55 -27.75 -2.54
N GLY A 832 14.56 -28.64 -3.53
CA GLY A 832 15.67 -29.56 -3.71
C GLY A 832 15.74 -30.71 -2.72
N LEU A 833 14.67 -30.96 -1.96
CA LEU A 833 14.61 -32.08 -1.04
C LEU A 833 13.88 -33.23 -1.72
N ASP A 834 14.60 -34.32 -1.98
CA ASP A 834 14.02 -35.50 -2.63
C ASP A 834 13.61 -36.49 -1.55
N LEU A 835 12.45 -36.26 -0.95
CA LEU A 835 11.85 -37.18 -0.01
C LEU A 835 10.70 -37.88 -0.72
N ARG A 836 10.92 -39.15 -1.06
CA ARG A 836 9.95 -39.87 -1.90
C ARG A 836 8.80 -40.37 -1.05
N MET A 837 7.62 -39.80 -1.27
CA MET A 837 6.41 -40.30 -0.65
C MET A 837 5.70 -41.27 -1.60
N LEU A 838 4.66 -41.92 -1.10
CA LEU A 838 3.79 -42.77 -1.91
C LEU A 838 2.35 -42.52 -1.50
N PRO A 839 1.75 -41.43 -1.98
CA PRO A 839 0.30 -41.21 -1.75
C PRO A 839 -0.56 -42.08 -2.66
N TYR A 840 -0.79 -43.31 -2.21
CA TYR A 840 -1.56 -44.29 -2.98
C TYR A 840 -2.99 -43.80 -3.18
N GLY A 841 -3.69 -44.44 -4.11
CA GLY A 841 -5.05 -44.04 -4.42
C GLY A 841 -6.00 -44.37 -3.28
N CYS A 842 -6.96 -43.46 -3.06
CA CYS A 842 -8.00 -43.71 -2.07
C CYS A 842 -9.17 -42.78 -2.39
N LEU A 843 -10.27 -43.35 -2.88
CA LEU A 843 -11.47 -42.59 -3.21
C LEU A 843 -12.61 -43.06 -2.31
N SER A 844 -13.33 -42.11 -1.73
CA SER A 844 -14.53 -42.40 -0.95
C SER A 844 -15.74 -42.28 -1.86
N ILE A 845 -16.50 -43.37 -1.98
CA ILE A 845 -17.61 -43.43 -2.92
C ILE A 845 -18.97 -43.35 -2.23
N GLY A 846 -18.98 -43.14 -0.92
CA GLY A 846 -20.24 -42.96 -0.22
C GLY A 846 -20.07 -43.12 1.28
N ASP A 847 -21.21 -43.24 1.96
CA ASP A 847 -21.26 -43.33 3.41
C ASP A 847 -20.41 -44.48 3.92
N CYS A 848 -19.17 -44.17 4.31
CA CYS A 848 -18.25 -45.14 4.91
C CYS A 848 -17.99 -46.32 3.97
N VAL A 849 -17.64 -46.00 2.73
CA VAL A 849 -17.33 -47.00 1.72
C VAL A 849 -16.49 -46.33 0.64
N GLY A 850 -15.42 -47.02 0.23
CA GLY A 850 -14.58 -46.49 -0.81
C GLY A 850 -13.55 -47.50 -1.27
N LEU A 851 -12.66 -47.04 -2.15
CA LEU A 851 -11.67 -47.87 -2.82
C LEU A 851 -10.26 -47.50 -2.39
N ILE A 852 -9.34 -48.45 -2.54
CA ILE A 852 -7.93 -48.27 -2.19
C ILE A 852 -7.09 -48.92 -3.28
N GLU A 853 -6.18 -48.16 -3.88
CA GLU A 853 -5.25 -48.72 -4.84
C GLU A 853 -4.23 -49.59 -4.13
N VAL A 854 -4.01 -50.79 -4.62
CA VAL A 854 -2.99 -51.69 -4.07
C VAL A 854 -1.63 -51.24 -4.58
N VAL A 855 -0.62 -51.32 -3.71
CA VAL A 855 0.77 -51.09 -4.09
C VAL A 855 1.40 -52.45 -4.32
N ARG A 856 1.72 -52.75 -5.59
CA ARG A 856 2.34 -54.02 -5.92
C ARG A 856 3.70 -54.14 -5.26
N ASN A 857 4.07 -55.39 -4.94
CA ASN A 857 5.41 -55.71 -4.42
C ASN A 857 5.76 -54.86 -3.21
N SER A 858 4.84 -54.79 -2.26
CA SER A 858 5.05 -54.07 -1.01
C SER A 858 4.44 -54.89 0.12
N HIS A 859 5.05 -54.80 1.31
CA HIS A 859 4.66 -55.57 2.47
C HIS A 859 4.78 -54.72 3.72
N THR A 860 3.96 -55.03 4.72
CA THR A 860 4.08 -54.37 6.01
C THR A 860 5.37 -54.79 6.71
N ILE A 861 5.82 -53.95 7.65
CA ILE A 861 6.99 -54.29 8.45
C ILE A 861 6.74 -55.58 9.21
N MET A 862 5.51 -55.79 9.67
CA MET A 862 5.17 -57.02 10.38
C MET A 862 5.25 -58.23 9.46
N GLN A 863 4.81 -58.09 8.21
CA GLN A 863 4.90 -59.20 7.26
C GLN A 863 6.35 -59.56 6.96
N ILE A 864 7.25 -58.58 6.98
CA ILE A 864 8.65 -58.85 6.73
C ILE A 864 9.32 -59.52 7.92
N GLN A 865 8.90 -59.18 9.15
CA GLN A 865 9.41 -59.85 10.33
C GLN A 865 8.77 -61.22 10.53
N CYS A 866 7.50 -61.39 10.13
CA CYS A 866 6.88 -62.70 10.12
C CYS A 866 7.52 -63.63 9.10
N LYS A 867 8.34 -63.11 8.19
CA LYS A 867 9.06 -63.88 7.21
C LYS A 867 10.56 -63.90 7.46
N GLY A 868 11.00 -63.45 8.63
CA GLY A 868 12.40 -63.23 8.89
C GLY A 868 13.30 -64.45 8.84
N GLY A 869 13.45 -65.13 9.97
CA GLY A 869 12.73 -64.81 11.19
C GLY A 869 13.30 -65.76 12.22
N LEU A 870 12.68 -66.93 12.34
CA LEU A 870 12.94 -67.82 13.46
C LEU A 870 11.51 -68.12 13.91
N LYS A 871 11.18 -69.41 13.89
CA LYS A 871 9.82 -69.84 14.21
C LYS A 871 9.49 -69.56 15.66
N GLY A 872 8.27 -69.05 15.90
CA GLY A 872 7.84 -68.68 17.23
C GLY A 872 8.78 -67.66 17.85
N ALA A 873 8.75 -66.43 17.34
CA ALA A 873 9.73 -65.42 17.71
C ALA A 873 9.38 -64.65 18.97
N LEU A 874 8.09 -64.44 19.25
CA LEU A 874 7.64 -63.64 20.40
C LEU A 874 8.17 -62.21 20.35
N GLN A 875 9.48 -62.06 20.22
CA GLN A 875 10.14 -60.76 20.08
C GLN A 875 10.98 -60.77 18.82
N PHE A 876 10.60 -59.96 17.83
CA PHE A 876 11.36 -59.88 16.59
C PHE A 876 12.72 -59.24 16.82
N ASN A 877 13.70 -59.67 16.04
CA ASN A 877 15.02 -59.09 16.09
C ASN A 877 15.06 -57.79 15.30
N SER A 878 15.86 -56.84 15.77
CA SER A 878 15.91 -55.51 15.18
C SER A 878 16.54 -55.47 13.80
N HIS A 879 17.24 -56.53 13.39
CA HIS A 879 17.96 -56.54 12.13
C HIS A 879 17.22 -57.22 10.99
N THR A 880 16.07 -57.83 11.26
CA THR A 880 15.36 -58.58 10.23
C THR A 880 15.00 -57.70 9.04
N LEU A 881 14.57 -56.46 9.31
CA LEU A 881 14.20 -55.55 8.21
C LEU A 881 15.41 -55.21 7.36
N HIS A 882 16.53 -54.86 7.99
CA HIS A 882 17.74 -54.58 7.23
C HIS A 882 18.27 -55.82 6.52
N GLN A 883 18.07 -57.00 7.13
CA GLN A 883 18.51 -58.24 6.49
C GLN A 883 17.67 -58.55 5.27
N TRP A 884 16.37 -58.24 5.32
CA TRP A 884 15.49 -58.44 4.17
C TRP A 884 15.89 -57.52 3.02
N LEU A 885 16.26 -56.28 3.32
CA LEU A 885 16.66 -55.35 2.27
C LEU A 885 17.97 -55.77 1.62
N LYS A 886 18.91 -56.29 2.43
CA LYS A 886 20.15 -56.81 1.86
C LYS A 886 19.88 -57.95 0.89
N ASP A 887 18.92 -58.80 1.21
CA ASP A 887 18.63 -59.95 0.36
C ASP A 887 17.90 -59.53 -0.91
N LYS A 888 17.13 -58.44 -0.86
CA LYS A 888 16.40 -57.96 -2.01
C LYS A 888 17.23 -57.05 -2.90
N ASN A 889 18.27 -56.42 -2.36
CA ASN A 889 19.10 -55.48 -3.11
C ASN A 889 20.57 -55.81 -2.88
N LYS A 890 21.00 -56.96 -3.38
CA LYS A 890 22.39 -57.37 -3.24
C LYS A 890 23.28 -56.56 -4.20
N GLY A 891 24.47 -56.24 -3.74
CA GLY A 891 25.50 -55.72 -4.63
C GLY A 891 25.38 -54.23 -4.86
N GLU A 892 25.45 -53.84 -6.15
CA GLU A 892 25.53 -52.42 -6.48
C GLU A 892 24.23 -51.68 -6.19
N ILE A 893 23.09 -52.37 -6.24
CA ILE A 893 21.79 -51.73 -5.99
C ILE A 893 21.48 -51.61 -4.51
N TYR A 894 22.41 -51.99 -3.63
CA TYR A 894 22.18 -51.85 -2.19
C TYR A 894 22.16 -50.39 -1.78
N ASP A 895 23.16 -49.62 -2.23
CA ASP A 895 23.29 -48.23 -1.79
C ASP A 895 22.15 -47.37 -2.31
N ALA A 896 21.56 -47.73 -3.45
CA ALA A 896 20.41 -46.98 -3.95
C ALA A 896 19.14 -47.31 -3.17
N ALA A 897 19.05 -48.52 -2.60
CA ALA A 897 17.87 -48.91 -1.85
C ALA A 897 17.89 -48.32 -0.43
N ILE A 898 19.04 -48.40 0.24
CA ILE A 898 19.19 -47.78 1.56
C ILE A 898 18.91 -46.29 1.47
N ASP A 899 19.40 -45.63 0.40
CA ASP A 899 19.17 -44.20 0.24
C ASP A 899 17.70 -43.89 0.00
N LEU A 900 17.00 -44.77 -0.73
CA LEU A 900 15.56 -44.56 -0.94
C LEU A 900 14.78 -44.76 0.35
N PHE A 901 15.16 -45.78 1.13
CA PHE A 901 14.52 -45.98 2.43
C PHE A 901 14.73 -44.77 3.33
N THR A 902 15.92 -44.17 3.28
CA THR A 902 16.21 -43.01 4.13
C THR A 902 15.35 -41.82 3.76
N ARG A 903 15.32 -41.48 2.46
CA ARG A 903 14.56 -40.31 2.03
C ARG A 903 13.06 -40.52 2.12
N SER A 904 12.60 -41.76 2.00
CA SER A 904 11.17 -42.04 2.13
C SER A 904 10.74 -42.07 3.59
N CYS A 905 11.58 -42.65 4.46
CA CYS A 905 11.27 -42.64 5.89
C CYS A 905 11.24 -41.22 6.44
N ALA A 906 12.11 -40.35 5.93
CA ALA A 906 12.22 -38.99 6.45
C ALA A 906 10.96 -38.18 6.17
N GLY A 907 10.45 -38.24 4.94
CA GLY A 907 9.28 -37.46 4.59
C GLY A 907 8.03 -37.84 5.38
N TYR A 908 7.84 -39.14 5.61
CA TYR A 908 6.67 -39.59 6.37
C TYR A 908 6.83 -39.25 7.85
N CYS A 909 8.06 -39.34 8.37
CA CYS A 909 8.32 -38.97 9.75
C CYS A 909 7.85 -37.55 10.04
N VAL A 910 8.25 -36.60 9.18
CA VAL A 910 7.82 -35.21 9.35
C VAL A 910 6.32 -35.08 9.08
N ALA A 911 5.80 -35.79 8.07
CA ALA A 911 4.38 -35.69 7.74
C ALA A 911 3.51 -36.23 8.87
N THR A 912 3.91 -37.35 9.47
CA THR A 912 3.12 -37.91 10.56
C THR A 912 3.24 -37.10 11.85
N PHE A 913 4.33 -36.33 12.02
CA PHE A 913 4.45 -35.48 13.20
C PHE A 913 3.62 -34.21 13.05
N ILE A 914 3.76 -33.52 11.92
CA ILE A 914 3.01 -32.28 11.71
C ILE A 914 1.51 -32.53 11.78
N LEU A 915 1.06 -33.69 11.28
CA LEU A 915 -0.37 -33.97 11.21
C LEU A 915 -0.91 -34.68 12.45
N GLY A 916 -0.03 -35.28 13.25
CA GLY A 916 -0.48 -35.95 14.45
C GLY A 916 -1.05 -37.32 14.23
N ILE A 917 -0.56 -38.04 13.23
CA ILE A 917 -1.00 -39.41 12.97
C ILE A 917 -0.30 -40.34 13.95
N GLY A 918 -1.09 -41.14 14.67
CA GLY A 918 -0.58 -41.93 15.77
C GLY A 918 -0.53 -43.42 15.46
N ASP A 919 0.04 -44.16 16.42
CA ASP A 919 0.16 -45.62 16.35
C ASP A 919 0.95 -46.07 15.13
N ARG A 920 2.16 -45.52 14.99
CA ARG A 920 3.05 -45.89 13.90
C ARG A 920 3.84 -47.13 14.30
N HIS A 921 3.44 -48.29 13.78
CA HIS A 921 4.10 -49.55 14.09
C HIS A 921 4.06 -50.44 12.86
N ASN A 922 4.47 -51.70 13.03
CA ASN A 922 4.69 -52.59 11.89
C ASN A 922 3.42 -52.95 11.14
N SER A 923 2.25 -52.56 11.64
CA SER A 923 1.00 -52.94 11.00
C SER A 923 0.52 -51.94 9.96
N ASN A 924 0.97 -50.68 10.03
CA ASN A 924 0.54 -49.67 9.07
C ASN A 924 1.73 -48.94 8.43
N ILE A 925 2.90 -49.55 8.43
CA ILE A 925 4.07 -49.05 7.71
C ILE A 925 4.53 -50.15 6.76
N MET A 926 4.63 -49.82 5.47
CA MET A 926 4.93 -50.80 4.44
C MET A 926 6.20 -50.40 3.68
N VAL A 927 6.86 -51.41 3.11
CA VAL A 927 8.12 -51.23 2.40
C VAL A 927 8.05 -52.00 1.08
N LYS A 928 8.41 -51.32 -0.01
CA LYS A 928 8.56 -52.00 -1.29
C LYS A 928 9.87 -52.77 -1.33
N ASP A 929 9.93 -53.74 -2.25
CA ASP A 929 11.11 -54.59 -2.38
C ASP A 929 12.37 -53.77 -2.62
N ASP A 930 12.25 -52.65 -3.33
CA ASP A 930 13.39 -51.81 -3.67
C ASP A 930 13.71 -50.78 -2.58
N GLY A 931 13.02 -50.83 -1.44
CA GLY A 931 13.41 -50.05 -0.29
C GLY A 931 12.56 -48.84 0.03
N GLN A 932 11.63 -48.45 -0.85
CA GLN A 932 10.79 -47.30 -0.56
C GLN A 932 9.78 -47.64 0.54
N LEU A 933 9.74 -46.80 1.58
CA LEU A 933 8.82 -46.95 2.70
C LEU A 933 7.64 -46.00 2.54
N PHE A 934 6.48 -46.42 3.03
CA PHE A 934 5.30 -45.56 3.02
C PHE A 934 4.31 -46.02 4.08
N HIS A 935 3.50 -45.08 4.53
CA HIS A 935 2.53 -45.32 5.60
C HIS A 935 1.14 -45.54 5.01
N ILE A 936 0.37 -46.43 5.64
CA ILE A 936 -1.01 -46.68 5.28
C ILE A 936 -1.86 -46.56 6.53
N ASP A 937 -3.19 -46.62 6.32
CA ASP A 937 -4.17 -46.61 7.40
C ASP A 937 -3.99 -45.40 8.31
N PHE A 938 -4.56 -44.26 7.92
CA PHE A 938 -4.46 -43.05 8.73
C PHE A 938 -5.71 -42.89 9.58
N GLY A 939 -6.79 -42.37 8.99
CA GLY A 939 -8.10 -42.37 9.63
C GLY A 939 -8.24 -41.58 10.93
N HIS A 940 -7.12 -41.22 11.55
CA HIS A 940 -7.13 -40.49 12.82
C HIS A 940 -5.91 -39.57 12.84
N PHE A 941 -6.14 -38.27 12.68
CA PHE A 941 -5.05 -37.31 12.71
C PHE A 941 -5.42 -36.14 13.61
N LEU A 942 -4.52 -35.16 13.69
CA LEU A 942 -4.67 -33.95 14.50
C LEU A 942 -4.85 -34.26 15.98
N ASP A 943 -4.52 -35.49 16.38
CA ASP A 943 -4.52 -35.91 17.78
C ASP A 943 -5.88 -35.67 18.42
N HIS A 944 -6.91 -36.31 17.86
CA HIS A 944 -8.28 -36.08 18.27
C HIS A 944 -8.81 -37.09 19.27
N LYS A 945 -8.07 -38.17 19.54
CA LYS A 945 -8.43 -39.04 20.65
C LYS A 945 -8.17 -38.37 21.99
N LYS A 946 -7.23 -37.43 22.03
CA LYS A 946 -6.84 -36.74 23.24
C LYS A 946 -7.64 -35.46 23.47
N LYS A 947 -8.70 -35.24 22.69
CA LYS A 947 -9.63 -34.14 22.96
C LYS A 947 -10.50 -34.41 24.19
N LYS A 948 -10.59 -35.67 24.62
CA LYS A 948 -11.40 -36.04 25.77
C LYS A 948 -10.60 -36.11 27.07
N PHE A 949 -9.29 -36.28 26.99
CA PHE A 949 -8.42 -36.37 28.16
C PHE A 949 -7.60 -35.11 28.40
N GLY A 950 -7.14 -34.44 27.35
CA GLY A 950 -6.45 -33.17 27.51
C GLY A 950 -5.01 -33.16 27.07
N TYR A 951 -4.26 -34.21 27.41
CA TYR A 951 -2.84 -34.27 27.09
C TYR A 951 -2.63 -34.32 25.58
N LYS A 952 -1.95 -33.31 25.05
CA LYS A 952 -1.60 -33.28 23.63
C LYS A 952 -0.14 -33.62 23.38
N ARG A 953 0.60 -34.02 24.42
CA ARG A 953 1.98 -34.47 24.29
C ARG A 953 2.44 -35.17 25.56
N GLU A 954 2.69 -36.48 25.47
CA GLU A 954 3.24 -37.22 26.60
C GLU A 954 4.51 -37.94 26.18
N ARG A 955 4.48 -39.27 26.16
CA ARG A 955 5.63 -40.04 25.71
C ARG A 955 5.10 -41.31 25.02
N VAL A 956 5.13 -41.31 23.70
CA VAL A 956 4.79 -42.49 22.91
C VAL A 956 5.97 -42.81 22.01
N PRO A 957 7.02 -43.46 22.53
CA PRO A 957 8.22 -43.71 21.74
C PRO A 957 7.91 -44.50 20.48
N PHE A 958 8.56 -44.11 19.39
CA PHE A 958 8.39 -44.82 18.12
C PHE A 958 8.95 -46.23 18.25
N VAL A 959 8.10 -47.22 18.01
CA VAL A 959 8.48 -48.61 18.26
C VAL A 959 9.62 -49.04 17.34
N LEU A 960 9.61 -48.59 16.09
CA LEU A 960 10.52 -49.07 15.06
C LEU A 960 11.73 -48.15 14.87
N THR A 961 12.24 -47.54 15.94
CA THR A 961 13.45 -46.74 15.80
C THR A 961 14.66 -47.60 15.49
N GLN A 962 14.93 -48.59 16.35
CA GLN A 962 16.14 -49.40 16.20
C GLN A 962 16.14 -50.14 14.87
N ASP A 963 14.97 -50.59 14.42
CA ASP A 963 14.89 -51.29 13.14
C ASP A 963 15.29 -50.35 11.99
N PHE A 964 14.77 -49.12 12.00
CA PHE A 964 15.09 -48.18 10.95
C PHE A 964 16.49 -47.61 11.07
N LEU A 965 17.00 -47.46 12.30
CA LEU A 965 18.35 -46.96 12.49
C LEU A 965 19.38 -47.91 11.89
N ILE A 966 19.14 -49.23 12.01
CA ILE A 966 20.04 -50.20 11.43
C ILE A 966 20.07 -50.07 9.90
N VAL A 967 18.91 -49.83 9.30
CA VAL A 967 18.84 -49.70 7.84
C VAL A 967 19.52 -48.42 7.39
N ILE A 968 19.25 -47.30 8.08
CA ILE A 968 19.85 -46.03 7.70
C ILE A 968 21.36 -46.08 7.84
N SER A 969 21.85 -46.66 8.94
CA SER A 969 23.28 -46.76 9.19
C SER A 969 23.92 -47.96 8.49
N LYS A 970 23.21 -48.63 7.59
CA LYS A 970 23.75 -49.74 6.80
C LYS A 970 24.28 -50.87 7.69
N GLY A 971 23.69 -51.05 8.87
CA GLY A 971 24.02 -52.17 9.73
C GLY A 971 25.16 -51.95 10.70
N ALA A 972 25.56 -50.70 10.94
CA ALA A 972 26.58 -50.45 11.95
C ALA A 972 26.08 -50.87 13.33
N GLN A 973 27.02 -51.26 14.19
CA GLN A 973 26.63 -51.75 15.52
C GLN A 973 26.11 -50.61 16.39
N GLU A 974 26.84 -49.50 16.45
CA GLU A 974 26.42 -48.32 17.20
C GLU A 974 25.89 -47.31 16.20
N CYS A 975 24.57 -47.34 15.98
CA CYS A 975 23.98 -46.64 14.85
C CYS A 975 23.91 -45.13 15.04
N THR A 976 23.71 -44.67 16.28
CA THR A 976 23.44 -43.26 16.51
C THR A 976 24.61 -42.36 16.17
N LYS A 977 25.82 -42.90 16.06
CA LYS A 977 27.03 -42.11 15.82
C LYS A 977 27.53 -42.22 14.39
N THR A 978 26.72 -42.68 13.46
CA THR A 978 27.13 -42.83 12.08
C THR A 978 26.93 -41.53 11.32
N ARG A 979 27.74 -41.35 10.28
CA ARG A 979 27.62 -40.18 9.43
C ARG A 979 26.31 -40.19 8.66
N GLU A 980 25.76 -41.37 8.38
CA GLU A 980 24.53 -41.45 7.59
C GLU A 980 23.32 -40.97 8.39
N PHE A 981 23.29 -41.25 9.70
CA PHE A 981 22.16 -40.81 10.50
C PHE A 981 22.14 -39.29 10.65
N GLU A 982 23.31 -38.67 10.70
CA GLU A 982 23.38 -37.21 10.76
C GLU A 982 22.80 -36.59 9.49
N ARG A 983 23.05 -37.21 8.35
CA ARG A 983 22.40 -36.77 7.11
C ARG A 983 20.89 -36.95 7.20
N PHE A 984 20.45 -38.04 7.83
CA PHE A 984 19.01 -38.29 7.95
C PHE A 984 18.34 -37.22 8.79
N GLN A 985 18.99 -36.79 9.88
CA GLN A 985 18.41 -35.74 10.71
C GLN A 985 18.23 -34.45 9.91
N GLU A 986 19.22 -34.09 9.09
CA GLU A 986 19.14 -32.83 8.35
C GLU A 986 18.01 -32.83 7.34
N MET A 987 17.68 -33.98 6.75
CA MET A 987 16.52 -34.05 5.86
C MET A 987 15.24 -33.70 6.61
N CYS A 988 15.03 -34.31 7.77
CA CYS A 988 13.82 -34.04 8.55
C CYS A 988 13.79 -32.60 9.04
N TYR A 989 14.95 -32.06 9.44
CA TYR A 989 15.00 -30.66 9.87
C TYR A 989 14.67 -29.73 8.71
N LYS A 990 15.29 -29.94 7.55
CA LYS A 990 15.02 -29.09 6.39
C LYS A 990 13.59 -29.23 5.93
N ALA A 991 13.07 -30.46 5.91
CA ALA A 991 11.71 -30.70 5.45
C ALA A 991 10.69 -30.07 6.39
N TYR A 992 10.89 -30.24 7.70
CA TYR A 992 9.96 -29.69 8.68
C TYR A 992 9.80 -28.19 8.52
N LEU A 993 10.93 -27.46 8.41
CA LEU A 993 10.86 -26.02 8.22
C LEU A 993 10.20 -25.67 6.88
N ALA A 994 10.40 -26.51 5.87
CA ALA A 994 9.82 -26.26 4.55
C ALA A 994 8.30 -26.23 4.63
N ILE A 995 7.70 -27.22 5.31
CA ILE A 995 6.25 -27.23 5.52
C ILE A 995 5.85 -26.05 6.40
N ARG A 996 6.64 -25.77 7.44
CA ARG A 996 6.35 -24.65 8.33
C ARG A 996 6.31 -23.33 7.57
N GLN A 997 7.17 -23.17 6.57
CA GLN A 997 7.15 -21.97 5.75
C GLN A 997 5.85 -21.85 4.96
N HIS A 998 5.20 -22.97 4.67
CA HIS A 998 3.92 -22.99 3.98
C HIS A 998 2.76 -23.33 4.92
N ALA A 999 2.88 -22.93 6.18
CA ALA A 999 1.87 -23.29 7.18
C ALA A 999 0.50 -22.67 6.85
N ASN A 1000 0.48 -21.57 6.10
CA ASN A 1000 -0.80 -20.93 5.78
C ASN A 1000 -1.65 -21.80 4.84
N LEU A 1001 -1.00 -22.55 3.94
CA LEU A 1001 -1.76 -23.37 2.99
C LEU A 1001 -2.48 -24.51 3.71
N PHE A 1002 -1.77 -25.21 4.59
CA PHE A 1002 -2.37 -26.37 5.25
C PHE A 1002 -3.47 -25.96 6.23
N ILE A 1003 -3.31 -24.84 6.93
CA ILE A 1003 -4.43 -24.30 7.70
C ILE A 1003 -5.59 -23.98 6.78
N ASN A 1004 -5.30 -23.43 5.59
CA ASN A 1004 -6.37 -23.07 4.66
C ASN A 1004 -7.07 -24.31 4.12
N LEU A 1005 -6.32 -25.38 3.84
CA LEU A 1005 -6.93 -26.60 3.33
C LEU A 1005 -7.85 -27.22 4.37
N PHE A 1006 -7.34 -27.46 5.58
CA PHE A 1006 -8.17 -27.98 6.65
C PHE A 1006 -9.35 -27.06 6.93
N SER A 1007 -9.16 -25.75 6.82
CA SER A 1007 -10.25 -24.81 7.08
C SER A 1007 -11.38 -24.99 6.08
N MET A 1008 -11.06 -25.35 4.84
CA MET A 1008 -12.09 -25.54 3.83
C MET A 1008 -12.91 -26.80 4.09
N MET A 1009 -12.43 -27.69 4.96
CA MET A 1009 -13.07 -28.97 5.22
C MET A 1009 -13.98 -28.95 6.45
N LEU A 1010 -14.30 -27.78 6.98
CA LEU A 1010 -14.99 -27.73 8.27
C LEU A 1010 -16.42 -28.26 8.16
N GLY A 1011 -17.13 -27.92 7.11
CA GLY A 1011 -18.51 -28.36 6.97
C GLY A 1011 -18.69 -29.78 6.48
N SER A 1012 -17.61 -30.53 6.32
CA SER A 1012 -17.72 -31.87 5.73
C SER A 1012 -18.36 -32.86 6.69
N GLY A 1013 -18.14 -32.70 7.99
CA GLY A 1013 -18.69 -33.59 8.98
C GLY A 1013 -17.71 -34.61 9.52
N MET A 1014 -16.43 -34.47 9.24
CA MET A 1014 -15.44 -35.37 9.83
C MET A 1014 -15.31 -35.08 11.31
N PRO A 1015 -15.27 -36.10 12.17
CA PRO A 1015 -15.24 -35.84 13.62
C PRO A 1015 -13.98 -35.14 14.08
N GLU A 1016 -12.84 -35.38 13.45
CA GLU A 1016 -11.59 -34.73 13.80
C GLU A 1016 -11.48 -33.32 13.24
N LEU A 1017 -12.51 -32.84 12.55
CA LEU A 1017 -12.42 -31.58 11.81
C LEU A 1017 -13.76 -30.84 11.91
N GLN A 1018 -14.13 -30.46 13.14
CA GLN A 1018 -15.43 -29.85 13.42
C GLN A 1018 -15.38 -28.34 13.55
N SER A 1019 -14.43 -27.80 14.29
CA SER A 1019 -14.27 -26.37 14.45
C SER A 1019 -12.82 -25.99 14.19
N PHE A 1020 -12.57 -24.68 14.10
CA PHE A 1020 -11.21 -24.20 13.85
C PHE A 1020 -10.26 -24.61 14.97
N ASP A 1021 -10.77 -24.83 16.18
CA ASP A 1021 -9.94 -25.29 17.28
C ASP A 1021 -9.38 -26.68 17.02
N ASP A 1022 -10.04 -27.48 16.18
CA ASP A 1022 -9.48 -28.76 15.80
C ASP A 1022 -8.24 -28.59 14.91
N ILE A 1023 -8.28 -27.58 14.03
CA ILE A 1023 -7.16 -27.32 13.14
C ILE A 1023 -5.97 -26.73 13.89
N ALA A 1024 -6.20 -26.24 15.11
CA ALA A 1024 -5.14 -25.54 15.84
C ALA A 1024 -3.98 -26.44 16.21
N TYR A 1025 -4.15 -27.76 16.08
CA TYR A 1025 -3.08 -28.69 16.46
C TYR A 1025 -1.82 -28.45 15.64
N ILE A 1026 -1.96 -28.11 14.36
CA ILE A 1026 -0.80 -27.92 13.51
C ILE A 1026 -0.09 -26.60 13.79
N ARG A 1027 -0.71 -25.68 14.54
CA ARG A 1027 0.01 -24.50 15.00
C ARG A 1027 1.08 -24.90 16.01
N LYS A 1028 0.79 -25.90 16.85
CA LYS A 1028 1.76 -26.37 17.84
C LYS A 1028 2.85 -27.22 17.20
N THR A 1029 2.46 -28.16 16.32
CA THR A 1029 3.45 -29.02 15.71
C THR A 1029 4.33 -28.26 14.72
N LEU A 1030 3.84 -27.15 14.18
CA LEU A 1030 4.62 -26.30 13.30
C LEU A 1030 5.20 -25.09 14.03
N ALA A 1031 4.95 -24.98 15.34
CA ALA A 1031 5.53 -23.95 16.19
C ALA A 1031 5.35 -22.55 15.58
N LEU A 1032 4.09 -22.22 15.26
CA LEU A 1032 3.82 -20.97 14.56
C LEU A 1032 3.93 -19.75 15.46
N ASP A 1033 3.90 -19.92 16.77
CA ASP A 1033 4.06 -18.80 17.71
C ASP A 1033 5.50 -18.57 18.09
N LYS A 1034 6.45 -19.29 17.50
CA LYS A 1034 7.86 -19.18 17.81
C LYS A 1034 8.59 -18.49 16.65
N THR A 1035 9.91 -18.37 16.82
CA THR A 1035 10.78 -18.00 15.72
C THR A 1035 11.31 -19.28 15.04
N GLU A 1036 11.97 -19.11 13.90
CA GLU A 1036 12.41 -20.27 13.13
C GLU A 1036 13.41 -21.12 13.90
N GLN A 1037 14.27 -20.52 14.72
CA GLN A 1037 15.24 -21.31 15.48
C GLN A 1037 14.57 -22.01 16.65
N GLU A 1038 13.64 -21.33 17.33
CA GLU A 1038 12.92 -21.98 18.43
C GLU A 1038 12.07 -23.13 17.94
N ALA A 1039 11.57 -23.06 16.71
CA ALA A 1039 10.80 -24.17 16.15
C ALA A 1039 11.67 -25.39 15.94
N LEU A 1040 12.85 -25.20 15.34
CA LEU A 1040 13.75 -26.32 15.06
C LEU A 1040 14.22 -26.98 16.36
N GLU A 1041 14.49 -26.17 17.38
CA GLU A 1041 14.83 -26.74 18.68
C GLU A 1041 13.65 -27.50 19.27
N TYR A 1042 12.43 -26.98 19.06
CA TYR A 1042 11.23 -27.69 19.52
C TYR A 1042 11.07 -29.02 18.80
N PHE A 1043 11.38 -29.05 17.51
CA PHE A 1043 11.25 -30.30 16.75
C PHE A 1043 12.28 -31.33 17.17
N MET A 1044 13.53 -30.90 17.41
CA MET A 1044 14.55 -31.84 17.85
C MET A 1044 14.22 -32.43 19.21
N LYS A 1045 13.57 -31.64 20.08
CA LYS A 1045 13.19 -32.15 21.39
C LYS A 1045 12.05 -33.16 21.29
N GLN A 1046 11.05 -32.88 20.44
CA GLN A 1046 9.94 -33.81 20.29
C GLN A 1046 10.39 -35.13 19.69
N MET A 1047 11.34 -35.07 18.75
CA MET A 1047 11.89 -36.31 18.19
C MET A 1047 12.77 -37.03 19.21
N ASN A 1048 13.54 -36.27 19.98
CA ASN A 1048 14.41 -36.88 20.99
C ASN A 1048 13.59 -37.65 22.03
N ASP A 1049 12.49 -37.04 22.49
CA ASP A 1049 11.58 -37.74 23.41
C ASP A 1049 11.03 -39.01 22.77
N ALA A 1050 10.80 -38.98 21.46
CA ALA A 1050 10.16 -40.07 20.74
C ALA A 1050 11.14 -41.12 20.22
N ARG A 1051 12.25 -41.33 20.93
CA ARG A 1051 13.23 -42.34 20.53
C ARG A 1051 12.79 -43.73 20.97
N HIS A 1052 13.76 -44.63 21.17
CA HIS A 1052 13.59 -45.98 21.71
C HIS A 1052 14.92 -46.71 21.59
N GLY A 1053 15.26 -47.56 22.57
CA GLY A 1053 16.57 -48.19 22.62
C GLY A 1053 16.57 -49.57 23.21
N GLY A 1054 17.56 -49.84 24.06
CA GLY A 1054 17.80 -51.20 24.54
C GLY A 1054 16.71 -51.65 25.50
N TRP A 1055 16.58 -50.97 26.64
CA TRP A 1055 15.61 -51.38 27.65
C TRP A 1055 14.19 -51.33 27.11
N THR A 1056 13.82 -52.32 26.32
CA THR A 1056 12.49 -52.43 25.75
C THR A 1056 11.76 -53.62 26.37
N THR A 1057 10.50 -53.40 26.75
CA THR A 1057 9.68 -54.45 27.35
C THR A 1057 9.03 -55.30 26.25
N LYS A 1058 9.89 -55.89 25.42
CA LYS A 1058 9.48 -56.69 24.27
C LYS A 1058 9.44 -58.16 24.69
N MET A 1059 8.25 -58.64 25.04
CA MET A 1059 8.03 -60.04 25.37
C MET A 1059 7.11 -60.75 24.41
N ASP A 1060 6.18 -60.04 23.79
CA ASP A 1060 5.23 -60.65 22.88
C ASP A 1060 4.93 -59.66 21.76
N TRP A 1061 4.77 -60.17 20.54
CA TRP A 1061 4.44 -59.32 19.40
C TRP A 1061 3.00 -59.46 18.94
N ILE A 1062 2.38 -60.62 19.12
CA ILE A 1062 0.98 -60.78 18.74
C ILE A 1062 0.08 -59.98 19.66
N PHE A 1063 0.07 -60.34 20.95
CA PHE A 1063 -0.75 -59.66 21.95
C PHE A 1063 0.00 -58.60 22.73
N HIS A 1064 1.33 -58.65 22.74
CA HIS A 1064 2.18 -57.69 23.45
C HIS A 1064 2.02 -57.83 24.96
N THR A 1065 2.19 -59.05 25.46
CA THR A 1065 2.29 -59.30 26.89
C THR A 1065 3.67 -58.89 27.38
N ILE A 1066 3.75 -58.58 28.67
CA ILE A 1066 4.95 -58.02 29.27
C ILE A 1066 5.34 -58.87 30.47
N LYS A 1067 6.53 -59.49 30.41
CA LYS A 1067 6.96 -60.44 31.43
C LYS A 1067 7.55 -59.73 32.63
N GLN A 1068 7.03 -60.06 33.81
CA GLN A 1068 7.47 -59.56 35.13
C GLN A 1068 8.00 -58.13 35.08
N HIS A 1069 9.01 -57.83 35.89
CA HIS A 1069 9.60 -56.49 35.98
C HIS A 1069 8.53 -55.41 36.04
N ALA A 1070 7.43 -55.70 36.72
CA ALA A 1070 6.33 -54.74 36.80
C ALA A 1070 6.74 -53.48 37.55
N LEU A 1071 7.69 -53.60 38.48
CA LEU A 1071 8.24 -52.45 39.21
C LEU A 1071 7.14 -51.68 39.90
N ASN A 1072 6.70 -52.16 41.07
CA ASN A 1072 5.59 -51.54 41.78
C ASN A 1072 5.96 -51.21 43.22
N MET B 1 -6.98 3.03 43.32
CA MET B 1 -7.67 3.76 44.37
C MET B 1 -7.28 3.25 45.76
N ASN B 2 -6.16 2.53 45.82
CA ASN B 2 -5.72 1.89 47.05
C ASN B 2 -4.40 2.50 47.51
N ASN B 3 -3.78 1.85 48.50
CA ASN B 3 -2.44 2.19 48.96
C ASN B 3 -1.38 1.43 48.17
N ASN B 4 -1.53 0.11 48.06
CA ASN B 4 -0.62 -0.72 47.29
C ASN B 4 -1.41 -1.90 46.73
N MET B 5 -1.37 -2.07 45.42
CA MET B 5 -2.07 -3.15 44.74
C MET B 5 -1.05 -4.04 44.03
N SER B 6 -1.11 -5.34 44.33
CA SER B 6 -0.09 -6.28 43.89
C SER B 6 -0.49 -6.95 42.57
N LEU B 7 0.47 -7.68 42.00
CA LEU B 7 0.34 -8.26 40.67
C LEU B 7 -0.18 -9.69 40.69
N GLN B 8 0.08 -10.45 41.76
CA GLN B 8 -0.21 -11.87 41.77
C GLN B 8 -1.69 -12.16 42.00
N ASP B 9 -2.28 -11.57 43.05
CA ASP B 9 -3.67 -11.88 43.39
C ASP B 9 -4.69 -11.33 42.40
N ALA B 10 -4.24 -10.73 41.30
CA ALA B 10 -5.17 -10.23 40.30
C ALA B 10 -5.76 -11.41 39.51
N GLU B 11 -7.05 -11.30 39.21
CA GLU B 11 -7.79 -12.40 38.60
C GLU B 11 -7.35 -12.69 37.16
N TRP B 12 -6.54 -11.83 36.55
CA TRP B 12 -6.23 -11.93 35.13
C TRP B 12 -4.84 -12.48 34.83
N TYR B 13 -3.95 -12.57 35.82
CA TYR B 13 -2.57 -12.98 35.58
C TYR B 13 -2.52 -14.48 35.38
N TRP B 14 -2.19 -14.90 34.16
CA TRP B 14 -2.13 -16.32 33.80
C TRP B 14 -0.74 -16.82 33.48
N GLY B 15 0.25 -15.94 33.35
CA GLY B 15 1.59 -16.39 33.00
C GLY B 15 1.72 -16.59 31.51
N ASP B 16 2.21 -17.77 31.12
CA ASP B 16 2.55 -18.07 29.73
C ASP B 16 1.53 -18.97 29.05
N ILE B 17 0.23 -18.76 29.30
CA ILE B 17 -0.78 -19.59 28.66
C ILE B 17 -0.94 -19.17 27.20
N SER B 18 -1.33 -20.13 26.37
CA SER B 18 -1.42 -19.91 24.93
C SER B 18 -2.79 -19.32 24.58
N ARG B 19 -3.08 -19.22 23.27
CA ARG B 19 -4.36 -18.71 22.83
C ARG B 19 -5.49 -19.68 23.11
N GLU B 20 -5.23 -20.99 23.03
CA GLU B 20 -6.28 -21.97 23.26
C GLU B 20 -6.72 -22.01 24.72
N GLU B 21 -5.80 -21.75 25.65
CA GLU B 21 -6.18 -21.73 27.06
C GLU B 21 -7.06 -20.54 27.42
N VAL B 22 -7.06 -19.49 26.60
CA VAL B 22 -7.94 -18.36 26.84
C VAL B 22 -9.37 -18.67 26.37
N ASN B 23 -9.52 -19.51 25.35
CA ASN B 23 -10.84 -19.83 24.83
C ASN B 23 -11.69 -20.55 25.88
N GLU B 24 -11.07 -21.40 26.69
CA GLU B 24 -11.82 -22.16 27.68
C GLU B 24 -12.37 -21.26 28.78
N LYS B 25 -11.60 -20.27 29.22
CA LYS B 25 -11.98 -19.49 30.39
C LYS B 25 -12.95 -18.37 30.06
N LEU B 26 -12.94 -17.86 28.83
CA LEU B 26 -13.84 -16.80 28.41
C LEU B 26 -14.93 -17.41 27.54
N ARG B 27 -15.99 -17.89 28.19
CA ARG B 27 -17.10 -18.51 27.46
C ARG B 27 -18.35 -18.47 28.33
N ASP B 28 -19.39 -17.80 27.85
CA ASP B 28 -20.72 -17.78 28.45
C ASP B 28 -20.70 -17.23 29.88
N THR B 29 -19.62 -16.56 30.28
CA THR B 29 -19.55 -15.99 31.61
C THR B 29 -20.26 -14.63 31.64
N ALA B 30 -20.41 -14.10 32.85
CA ALA B 30 -21.12 -12.85 33.03
C ALA B 30 -20.19 -11.65 32.76
N ASP B 31 -20.78 -10.47 32.77
CA ASP B 31 -20.02 -9.24 32.59
C ASP B 31 -18.98 -9.10 33.71
N GLY B 32 -17.74 -8.83 33.32
CA GLY B 32 -16.66 -8.64 34.27
C GLY B 32 -15.62 -9.72 34.29
N THR B 33 -15.84 -10.83 33.60
CA THR B 33 -14.87 -11.91 33.54
C THR B 33 -13.86 -11.61 32.44
N PHE B 34 -12.58 -11.54 32.80
CA PHE B 34 -11.51 -11.30 31.85
C PHE B 34 -10.27 -12.07 32.29
N LEU B 35 -9.28 -12.09 31.40
CA LEU B 35 -8.01 -12.74 31.70
C LEU B 35 -6.95 -12.16 30.79
N VAL B 36 -5.69 -12.41 31.16
CA VAL B 36 -4.53 -11.96 30.40
C VAL B 36 -3.68 -13.18 30.07
N ARG B 37 -3.11 -13.19 28.86
CA ARG B 37 -2.08 -14.13 28.50
C ARG B 37 -0.88 -13.35 27.99
N ASP B 38 0.16 -14.08 27.55
CA ASP B 38 1.31 -13.45 26.94
C ASP B 38 0.89 -12.71 25.67
N ALA B 39 1.36 -11.48 25.52
CA ALA B 39 0.98 -10.66 24.37
C ALA B 39 1.57 -11.24 23.10
N SER B 40 0.97 -10.85 21.97
CA SER B 40 1.51 -11.21 20.67
C SER B 40 2.84 -10.50 20.41
N THR B 41 3.07 -9.36 21.03
CA THR B 41 4.40 -8.77 21.04
C THR B 41 5.32 -9.62 21.92
N LYS B 42 6.49 -9.96 21.39
CA LYS B 42 7.40 -10.88 22.06
C LYS B 42 7.95 -10.34 23.37
N MET B 43 7.63 -9.10 23.77
CA MET B 43 8.17 -8.49 24.97
C MET B 43 7.19 -8.62 26.14
N HIS B 44 7.74 -8.59 27.35
CA HIS B 44 6.92 -8.69 28.56
C HIS B 44 6.36 -7.32 28.91
N GLY B 45 5.06 -7.27 29.24
CA GLY B 45 4.47 -6.03 29.69
C GLY B 45 2.97 -5.89 29.55
N ASP B 46 2.41 -6.50 28.51
CA ASP B 46 1.04 -6.19 28.12
C ASP B 46 0.03 -6.95 28.97
N TYR B 47 -0.95 -6.22 29.51
CA TYR B 47 -2.09 -6.79 30.22
C TYR B 47 -3.37 -6.50 29.44
N THR B 48 -4.27 -7.47 29.39
CA THR B 48 -5.44 -7.43 28.52
C THR B 48 -6.73 -7.39 29.34
N LEU B 49 -7.60 -6.44 29.02
CA LEU B 49 -8.96 -6.39 29.57
C LEU B 49 -9.92 -6.99 28.56
N THR B 50 -10.76 -7.92 29.02
CA THR B 50 -11.71 -8.61 28.17
C THR B 50 -13.10 -8.45 28.77
N LEU B 51 -13.94 -7.64 28.11
CA LEU B 51 -15.30 -7.39 28.59
C LEU B 51 -16.30 -8.06 27.66
N ARG B 52 -17.33 -8.68 28.26
CA ARG B 52 -18.40 -9.30 27.52
C ARG B 52 -19.48 -8.25 27.26
N LYS B 53 -19.69 -7.90 26.00
CA LYS B 53 -20.74 -6.97 25.58
C LYS B 53 -21.49 -7.61 24.43
N GLY B 54 -22.76 -7.95 24.65
CA GLY B 54 -23.50 -8.68 23.64
C GLY B 54 -23.00 -10.08 23.40
N GLY B 55 -22.22 -10.62 24.34
CA GLY B 55 -21.70 -11.97 24.18
C GLY B 55 -20.46 -12.07 23.32
N ASN B 56 -19.64 -11.02 23.26
CA ASN B 56 -18.45 -11.02 22.43
C ASN B 56 -17.25 -10.49 23.22
N ASN B 57 -16.09 -11.07 22.94
CA ASN B 57 -14.82 -10.61 23.51
C ASN B 57 -14.06 -9.86 22.43
N LYS B 58 -13.82 -8.56 22.65
CA LYS B 58 -13.10 -7.73 21.70
C LYS B 58 -11.62 -7.73 22.05
N LEU B 59 -10.79 -7.98 21.03
CA LEU B 59 -9.34 -8.04 21.21
C LEU B 59 -8.73 -6.72 20.77
N ILE B 60 -8.02 -6.04 21.68
CA ILE B 60 -7.45 -4.72 21.46
C ILE B 60 -5.97 -4.80 21.83
N LYS B 61 -5.11 -4.80 20.81
CA LYS B 61 -3.68 -4.98 21.04
C LYS B 61 -3.05 -3.71 21.58
N ILE B 62 -2.26 -3.86 22.64
CA ILE B 62 -1.51 -2.75 23.20
C ILE B 62 -0.06 -2.89 22.77
N PHE B 63 0.36 -2.04 21.83
CA PHE B 63 1.70 -2.14 21.26
C PHE B 63 2.74 -1.75 22.30
N HIS B 64 3.74 -2.60 22.47
CA HIS B 64 4.66 -2.53 23.60
C HIS B 64 6.06 -2.20 23.08
N ARG B 65 6.56 -1.01 23.42
CA ARG B 65 7.93 -0.62 23.17
C ARG B 65 8.50 0.05 24.40
N ASP B 66 9.80 -0.15 24.62
CA ASP B 66 10.52 0.35 25.79
C ASP B 66 10.02 -0.26 27.09
N GLY B 67 10.80 -0.16 28.15
CA GLY B 67 10.51 -0.84 29.40
C GLY B 67 9.33 -0.29 30.19
N LYS B 68 8.43 0.42 29.53
CA LYS B 68 7.25 0.97 30.18
C LYS B 68 6.02 0.12 29.87
N TYR B 69 4.94 0.40 30.60
CA TYR B 69 3.73 -0.39 30.55
C TYR B 69 2.54 0.52 30.22
N GLY B 70 1.74 0.14 29.23
CA GLY B 70 0.60 0.95 28.87
C GLY B 70 -0.27 0.41 27.74
N PHE B 71 -0.89 1.32 26.98
CA PHE B 71 -1.73 0.94 25.86
C PHE B 71 -1.01 1.17 24.54
N SER B 72 -0.80 2.43 24.17
CA SER B 72 -0.05 2.77 22.96
C SER B 72 1.04 3.77 23.31
N ASP B 73 1.81 4.16 22.31
CA ASP B 73 2.96 5.04 22.54
C ASP B 73 2.49 6.42 23.01
N PRO B 74 3.04 6.94 24.12
CA PRO B 74 3.97 6.22 24.99
C PRO B 74 3.27 5.51 26.15
N LEU B 75 3.82 4.38 26.57
CA LEU B 75 3.22 3.59 27.65
C LEU B 75 3.45 4.29 28.98
N THR B 76 2.48 5.07 29.44
CA THR B 76 2.68 5.97 30.58
C THR B 76 1.55 5.81 31.60
N PHE B 77 1.29 4.57 32.01
CA PHE B 77 0.39 4.33 33.13
C PHE B 77 1.19 4.35 34.45
N SER B 78 0.47 4.31 35.56
CA SER B 78 1.09 4.31 36.88
C SER B 78 0.81 3.06 37.69
N SER B 79 -0.32 2.40 37.45
CA SER B 79 -0.61 1.12 38.09
C SER B 79 -1.32 0.22 37.09
N VAL B 80 -1.26 -1.08 37.34
CA VAL B 80 -1.92 -2.03 36.45
C VAL B 80 -3.44 -1.97 36.62
N VAL B 81 -3.91 -1.59 37.81
CA VAL B 81 -5.34 -1.51 38.06
C VAL B 81 -5.96 -0.37 37.23
N GLU B 82 -5.26 0.75 37.12
CA GLU B 82 -5.71 1.81 36.21
C GLU B 82 -5.73 1.32 34.76
N LEU B 83 -4.80 0.43 34.40
CA LEU B 83 -4.72 -0.05 33.03
C LEU B 83 -5.90 -0.94 32.68
N ILE B 84 -6.24 -1.89 33.57
CA ILE B 84 -7.21 -2.92 33.24
C ILE B 84 -8.29 -3.04 34.31
N ASN B 85 -7.89 -3.01 35.59
CA ASN B 85 -8.79 -3.46 36.64
C ASN B 85 -9.83 -2.41 37.04
N HIS B 86 -9.45 -1.14 37.11
CA HIS B 86 -10.35 -0.12 37.63
C HIS B 86 -11.62 0.04 36.80
N TYR B 87 -11.66 -0.50 35.58
CA TYR B 87 -12.87 -0.43 34.77
C TYR B 87 -14.09 -1.07 35.41
N ARG B 88 -13.90 -1.86 36.49
CA ARG B 88 -15.03 -2.48 37.18
C ARG B 88 -15.97 -1.48 37.81
N ASN B 89 -15.50 -0.27 38.12
CA ASN B 89 -16.32 0.72 38.81
C ASN B 89 -17.03 1.65 37.83
N GLU B 90 -16.26 2.42 37.06
CA GLU B 90 -16.82 3.33 36.08
C GLU B 90 -17.19 2.56 34.81
N SER B 91 -17.71 3.28 33.82
CA SER B 91 -18.09 2.67 32.56
C SER B 91 -16.85 2.34 31.74
N LEU B 92 -16.94 1.27 30.96
CA LEU B 92 -15.86 0.82 30.11
C LEU B 92 -15.88 1.46 28.72
N ALA B 93 -16.77 2.43 28.51
CA ALA B 93 -16.88 3.07 27.21
C ALA B 93 -15.69 3.97 26.89
N GLN B 94 -14.94 4.40 27.91
CA GLN B 94 -13.74 5.19 27.65
C GLN B 94 -12.66 4.36 26.99
N TYR B 95 -12.60 3.06 27.31
CA TYR B 95 -11.59 2.18 26.72
C TYR B 95 -11.88 1.92 25.24
N ASN B 96 -13.05 1.34 24.95
CA ASN B 96 -13.48 1.20 23.57
C ASN B 96 -14.99 1.33 23.55
N PRO B 97 -15.56 2.10 22.62
CA PRO B 97 -17.02 2.24 22.55
C PRO B 97 -17.75 0.95 22.17
N LYS B 98 -17.05 -0.14 21.89
CA LYS B 98 -17.67 -1.41 21.50
C LYS B 98 -17.99 -2.30 22.69
N LEU B 99 -17.90 -1.78 23.93
CA LEU B 99 -18.13 -2.54 25.16
C LEU B 99 -18.81 -1.63 26.19
N ASP B 100 -20.04 -1.21 25.89
CA ASP B 100 -20.77 -0.28 26.75
C ASP B 100 -21.59 -1.04 27.78
N VAL B 101 -20.88 -1.74 28.67
CA VAL B 101 -21.48 -2.51 29.75
C VAL B 101 -20.50 -2.56 30.91
N LYS B 102 -21.03 -2.86 32.10
CA LYS B 102 -20.23 -2.83 33.32
C LYS B 102 -19.61 -4.19 33.62
N LEU B 103 -19.35 -4.45 34.90
CA LEU B 103 -18.67 -5.67 35.35
C LEU B 103 -19.30 -6.07 36.68
N LEU B 104 -20.08 -7.16 36.69
CA LEU B 104 -20.91 -7.49 37.84
C LEU B 104 -20.51 -8.77 38.57
N TYR B 105 -20.30 -9.87 37.86
CA TYR B 105 -20.03 -11.14 38.53
C TYR B 105 -18.54 -11.46 38.48
N PRO B 106 -17.84 -11.49 39.62
CA PRO B 106 -16.45 -11.97 39.59
C PRO B 106 -16.32 -13.42 40.05
N VAL B 107 -15.73 -14.27 39.22
CA VAL B 107 -15.42 -15.64 39.63
C VAL B 107 -14.23 -15.59 40.58
N SER B 108 -14.49 -15.68 41.88
CA SER B 108 -13.48 -15.45 42.89
C SER B 108 -12.80 -16.74 43.31
N LYS B 109 -11.47 -16.65 43.51
CA LYS B 109 -10.72 -17.79 44.02
C LYS B 109 -11.03 -18.05 45.49
N TYR B 110 -11.28 -17.01 46.27
CA TYR B 110 -11.51 -17.15 47.70
C TYR B 110 -12.97 -17.47 48.04
N GLN B 111 -13.91 -17.14 47.16
CA GLN B 111 -15.28 -17.64 47.31
C GLN B 111 -15.32 -19.13 47.00
N GLN B 112 -14.59 -19.93 47.79
CA GLN B 112 -14.42 -21.34 47.46
C GLN B 112 -15.73 -22.10 47.64
N ASP B 113 -16.44 -21.89 48.75
CA ASP B 113 -17.69 -22.60 48.98
C ASP B 113 -18.75 -22.29 47.93
N GLN B 114 -18.55 -21.26 47.11
CA GLN B 114 -19.46 -20.99 46.01
C GLN B 114 -19.19 -21.87 44.80
N VAL B 115 -18.01 -22.48 44.70
CA VAL B 115 -17.70 -23.37 43.59
C VAL B 115 -17.21 -24.70 44.15
N VAL B 116 -16.33 -24.63 45.15
CA VAL B 116 -15.79 -25.81 45.82
C VAL B 116 -16.59 -26.01 47.10
N LYS B 117 -17.58 -26.90 47.05
CA LYS B 117 -18.59 -26.99 48.09
C LYS B 117 -18.47 -28.23 48.96
N GLU B 118 -17.36 -28.97 48.89
CA GLU B 118 -17.20 -30.11 49.78
C GLU B 118 -16.93 -29.63 51.21
N ASP B 119 -17.47 -30.36 52.18
CA ASP B 119 -17.48 -29.89 53.56
C ASP B 119 -16.14 -30.12 54.24
N ASN B 120 -15.74 -31.38 54.37
CA ASN B 120 -14.52 -31.72 55.10
C ASN B 120 -13.29 -31.62 54.21
N ILE B 121 -12.12 -31.51 54.86
CA ILE B 121 -10.86 -31.43 54.14
C ILE B 121 -10.56 -32.73 53.39
N GLU B 122 -11.15 -33.85 53.82
CA GLU B 122 -10.92 -35.12 53.15
C GLU B 122 -11.77 -35.26 51.88
N ALA B 123 -12.93 -34.62 51.84
CA ALA B 123 -13.78 -34.70 50.66
C ALA B 123 -13.35 -33.74 49.56
N VAL B 124 -12.67 -32.64 49.92
CA VAL B 124 -12.22 -31.68 48.91
C VAL B 124 -11.16 -32.31 48.01
N GLY B 125 -10.18 -33.00 48.61
CA GLY B 125 -9.09 -33.58 47.86
C GLY B 125 -9.47 -34.64 46.84
N LYS B 126 -10.74 -34.66 46.43
CA LYS B 126 -11.23 -35.61 45.45
C LYS B 126 -12.21 -35.00 44.46
N LYS B 127 -12.51 -33.71 44.57
CA LYS B 127 -13.52 -33.11 43.71
C LYS B 127 -13.11 -33.12 42.25
N LEU B 128 -11.81 -33.03 41.95
CA LEU B 128 -11.38 -33.21 40.57
C LEU B 128 -11.59 -34.65 40.13
N HIS B 129 -11.33 -35.60 41.01
CA HIS B 129 -11.57 -37.01 40.69
C HIS B 129 -13.06 -37.29 40.57
N GLU B 130 -13.86 -36.76 41.49
CA GLU B 130 -15.30 -36.99 41.43
C GLU B 130 -15.92 -36.32 40.21
N TYR B 131 -15.49 -35.10 39.89
CA TYR B 131 -16.06 -34.40 38.74
C TYR B 131 -15.63 -35.04 37.43
N ASN B 132 -14.41 -35.56 37.36
CA ASN B 132 -13.96 -36.20 36.13
C ASN B 132 -14.56 -37.59 35.96
N THR B 133 -14.74 -38.32 37.06
CA THR B 133 -15.43 -39.60 36.98
C THR B 133 -16.89 -39.41 36.58
N GLN B 134 -17.52 -38.34 37.06
CA GLN B 134 -18.89 -38.05 36.66
C GLN B 134 -18.96 -37.60 35.21
N PHE B 135 -17.91 -36.96 34.70
CA PHE B 135 -17.91 -36.55 33.30
C PHE B 135 -17.77 -37.75 32.38
N GLN B 136 -16.77 -38.60 32.62
CA GLN B 136 -16.52 -39.73 31.73
C GLN B 136 -17.67 -40.72 31.75
N GLU B 137 -18.35 -40.88 32.89
CA GLU B 137 -19.47 -41.81 32.95
C GLU B 137 -20.70 -41.25 32.24
N LYS B 138 -20.98 -39.95 32.40
CA LYS B 138 -22.16 -39.36 31.78
C LYS B 138 -21.91 -38.96 30.33
N SER B 139 -20.65 -38.76 29.94
CA SER B 139 -20.34 -38.54 28.53
C SER B 139 -20.61 -39.80 27.72
N ARG B 140 -20.12 -40.94 28.21
CA ARG B 140 -20.32 -42.19 27.48
C ARG B 140 -21.78 -42.64 27.52
N GLU B 141 -22.54 -42.20 28.53
CA GLU B 141 -23.98 -42.44 28.51
C GLU B 141 -24.64 -41.61 27.42
N TYR B 142 -24.26 -40.34 27.30
CA TYR B 142 -24.78 -39.53 26.20
C TYR B 142 -24.26 -40.02 24.85
N ASP B 143 -23.02 -40.53 24.81
CA ASP B 143 -22.51 -41.11 23.58
C ASP B 143 -23.35 -42.31 23.15
N ARG B 144 -23.63 -43.21 24.10
CA ARG B 144 -24.49 -44.36 23.81
C ARG B 144 -25.90 -43.91 23.43
N LEU B 145 -26.39 -42.84 24.04
CA LEU B 145 -27.72 -42.35 23.72
C LEU B 145 -27.76 -41.67 22.37
N TYR B 146 -26.69 -40.95 22.01
CA TYR B 146 -26.67 -40.26 20.72
C TYR B 146 -26.55 -41.25 19.57
N GLU B 147 -25.91 -42.40 19.80
CA GLU B 147 -25.79 -43.40 18.74
C GLU B 147 -27.14 -44.09 18.49
N GLU B 148 -27.93 -44.30 19.55
CA GLU B 148 -29.30 -44.74 19.36
C GLU B 148 -30.13 -43.67 18.66
N TYR B 149 -29.81 -42.40 18.90
CA TYR B 149 -30.59 -41.31 18.33
C TYR B 149 -30.38 -41.20 16.82
N THR B 150 -29.11 -41.25 16.38
CA THR B 150 -28.81 -41.19 14.96
C THR B 150 -29.30 -42.46 14.24
N ARG B 151 -29.19 -43.61 14.90
CA ARG B 151 -29.64 -44.86 14.30
C ARG B 151 -31.16 -44.88 14.15
N THR B 152 -31.88 -44.53 15.21
CA THR B 152 -33.34 -44.47 15.13
C THR B 152 -33.79 -43.42 14.13
N SER B 153 -33.00 -42.36 13.93
CA SER B 153 -33.34 -41.37 12.92
C SER B 153 -33.32 -41.98 11.53
N GLN B 154 -32.33 -42.83 11.25
CA GLN B 154 -32.25 -43.47 9.94
C GLN B 154 -33.41 -44.46 9.74
N GLU B 155 -33.65 -45.31 10.73
CA GLU B 155 -34.70 -46.32 10.60
C GLU B 155 -36.07 -45.68 10.44
N ILE B 156 -36.33 -44.58 11.15
CA ILE B 156 -37.60 -43.88 11.00
C ILE B 156 -37.72 -43.30 9.59
N GLN B 157 -36.64 -42.74 9.07
CA GLN B 157 -36.68 -42.17 7.72
C GLN B 157 -36.93 -43.25 6.68
N MET B 158 -36.39 -44.45 6.90
CA MET B 158 -36.60 -45.54 5.95
C MET B 158 -38.06 -46.01 5.95
N LYS B 159 -38.68 -46.06 7.13
CA LYS B 159 -40.10 -46.43 7.20
C LYS B 159 -40.98 -45.44 6.47
N ARG B 160 -40.64 -44.14 6.52
CA ARG B 160 -41.39 -43.16 5.74
C ARG B 160 -41.19 -43.38 4.25
N THR B 161 -39.97 -43.79 3.86
CA THR B 161 -39.73 -44.16 2.46
C THR B 161 -40.57 -45.37 2.06
N ALA B 162 -40.55 -46.41 2.91
CA ALA B 162 -41.30 -47.61 2.61
C ALA B 162 -42.80 -47.36 2.64
N ILE B 163 -43.25 -46.37 3.41
CA ILE B 163 -44.67 -46.03 3.43
C ILE B 163 -45.07 -45.34 2.13
N GLU B 164 -44.22 -44.44 1.62
CA GLU B 164 -44.52 -43.78 0.36
C GLU B 164 -44.48 -44.77 -0.81
N ALA B 165 -43.68 -45.83 -0.71
CA ALA B 165 -43.69 -46.87 -1.74
C ALA B 165 -44.94 -47.73 -1.65
N PHE B 166 -45.47 -47.93 -0.43
CA PHE B 166 -46.74 -48.64 -0.29
C PHE B 166 -47.89 -47.81 -0.83
N ASN B 167 -47.90 -46.50 -0.55
CA ASN B 167 -48.97 -45.64 -1.02
C ASN B 167 -49.08 -45.67 -2.54
N GLU B 168 -47.94 -45.65 -3.24
CA GLU B 168 -47.95 -45.69 -4.69
C GLU B 168 -48.26 -47.11 -5.19
N THR B 169 -47.78 -48.12 -4.47
CA THR B 169 -48.11 -49.50 -4.82
C THR B 169 -49.62 -49.74 -4.66
N ILE B 170 -50.17 -49.34 -3.52
CA ILE B 170 -51.62 -49.40 -3.33
C ILE B 170 -52.34 -48.55 -4.38
N LYS B 171 -51.74 -47.43 -4.76
CA LYS B 171 -52.32 -46.60 -5.81
C LYS B 171 -52.41 -47.37 -7.13
N ILE B 172 -51.44 -48.24 -7.40
CA ILE B 172 -51.39 -48.94 -8.67
C ILE B 172 -52.34 -50.14 -8.68
N PHE B 173 -52.38 -50.91 -7.58
CA PHE B 173 -53.33 -52.01 -7.50
C PHE B 173 -54.77 -51.52 -7.49
N GLU B 174 -55.02 -50.31 -6.97
CA GLU B 174 -56.37 -49.75 -7.03
C GLU B 174 -56.78 -49.48 -8.46
N GLU B 175 -55.85 -49.02 -9.30
CA GLU B 175 -56.17 -48.78 -10.70
C GLU B 175 -56.48 -50.09 -11.42
N GLN B 176 -55.79 -51.17 -11.05
CA GLN B 176 -56.05 -52.46 -11.67
C GLN B 176 -57.46 -52.95 -11.36
N CYS B 177 -57.97 -52.65 -10.16
CA CYS B 177 -59.35 -52.99 -9.83
C CYS B 177 -60.32 -52.17 -10.66
N GLN B 178 -60.08 -50.86 -10.79
CA GLN B 178 -60.96 -50.00 -11.58
C GLN B 178 -60.82 -50.25 -13.07
N THR B 179 -59.68 -50.79 -13.52
CA THR B 179 -59.53 -51.14 -14.93
C THR B 179 -60.24 -52.47 -15.24
N GLN B 180 -60.21 -53.41 -14.31
CA GLN B 180 -60.85 -54.71 -14.53
C GLN B 180 -62.36 -54.56 -14.65
N GLU B 181 -62.97 -53.71 -13.82
CA GLU B 181 -64.41 -53.51 -13.89
C GLU B 181 -64.83 -52.83 -15.20
N ARG B 182 -63.93 -52.05 -15.80
CA ARG B 182 -64.22 -51.43 -17.09
C ARG B 182 -64.32 -52.47 -18.18
N TYR B 183 -63.35 -53.38 -18.25
CA TYR B 183 -63.31 -54.35 -19.34
C TYR B 183 -64.26 -55.52 -19.11
N SER B 184 -64.18 -56.15 -17.93
CA SER B 184 -64.91 -57.39 -17.71
C SER B 184 -66.42 -57.20 -17.76
N LYS B 185 -66.90 -55.99 -17.46
CA LYS B 185 -68.34 -55.78 -17.40
C LYS B 185 -68.99 -55.97 -18.77
N GLU B 186 -68.32 -55.52 -19.83
CA GLU B 186 -68.81 -55.76 -21.18
C GLU B 186 -68.78 -57.24 -21.55
N TYR B 187 -68.08 -58.07 -20.77
CA TYR B 187 -67.96 -59.50 -21.02
C TYR B 187 -68.72 -60.36 -20.02
N ILE B 188 -68.72 -60.00 -18.73
CA ILE B 188 -69.48 -60.78 -17.75
C ILE B 188 -70.97 -60.71 -18.08
N GLU B 189 -71.43 -59.59 -18.64
CA GLU B 189 -72.79 -59.53 -19.15
C GLU B 189 -72.97 -60.35 -20.41
N LYS B 190 -71.88 -60.59 -21.16
CA LYS B 190 -71.97 -61.33 -22.41
C LYS B 190 -71.78 -62.83 -22.22
N PHE B 191 -70.89 -63.24 -21.32
CA PHE B 191 -70.70 -64.66 -21.06
C PHE B 191 -71.91 -65.29 -20.37
N LYS B 192 -72.73 -64.49 -19.67
CA LYS B 192 -74.03 -64.96 -19.24
C LYS B 192 -74.99 -65.04 -20.43
N ARG B 193 -74.88 -64.09 -21.37
CA ARG B 193 -75.70 -64.08 -22.56
C ARG B 193 -75.23 -65.09 -23.61
N GLU B 194 -74.06 -65.71 -23.42
CA GLU B 194 -73.52 -66.67 -24.37
C GLU B 194 -73.42 -68.07 -23.77
N GLY B 195 -74.06 -68.32 -22.62
CA GLY B 195 -74.08 -69.63 -22.01
C GLY B 195 -72.78 -70.11 -21.42
N ASN B 196 -71.66 -69.42 -21.65
CA ASN B 196 -70.39 -69.84 -21.11
C ASN B 196 -70.36 -69.60 -19.61
N GLU B 197 -70.08 -70.65 -18.83
CA GLU B 197 -70.07 -70.54 -17.38
C GLU B 197 -68.69 -70.75 -16.77
N LYS B 198 -67.81 -71.52 -17.42
CA LYS B 198 -66.43 -71.60 -16.95
C LYS B 198 -65.77 -70.23 -16.97
N GLU B 199 -66.04 -69.43 -18.01
CA GLU B 199 -65.39 -68.13 -18.14
C GLU B 199 -65.86 -67.14 -17.09
N ILE B 200 -67.11 -67.28 -16.64
CA ILE B 200 -67.64 -66.36 -15.64
C ILE B 200 -66.90 -66.50 -14.33
N GLN B 201 -66.67 -67.74 -13.89
CA GLN B 201 -65.98 -67.96 -12.62
C GLN B 201 -64.50 -67.61 -12.71
N ARG B 202 -63.89 -67.78 -13.88
CA ARG B 202 -62.47 -67.45 -14.02
C ARG B 202 -62.24 -65.96 -13.86
N ILE B 203 -63.14 -65.13 -14.39
CA ILE B 203 -63.02 -63.68 -14.20
C ILE B 203 -63.29 -63.32 -12.75
N MET B 204 -64.31 -63.93 -12.14
CA MET B 204 -64.55 -63.73 -10.72
C MET B 204 -63.38 -64.23 -9.88
N HIS B 205 -62.87 -65.42 -10.21
CA HIS B 205 -61.74 -65.97 -9.46
C HIS B 205 -60.52 -65.08 -9.59
N ASN B 206 -60.28 -64.54 -10.79
CA ASN B 206 -59.12 -63.68 -10.98
C ASN B 206 -59.26 -62.36 -10.24
N TYR B 207 -60.49 -61.82 -10.17
CA TYR B 207 -60.71 -60.63 -9.35
C TYR B 207 -60.60 -60.94 -7.86
N ASP B 208 -60.83 -62.19 -7.46
CA ASP B 208 -60.64 -62.57 -6.06
C ASP B 208 -59.16 -62.60 -5.69
N LYS B 209 -58.31 -63.01 -6.63
CA LYS B 209 -56.87 -62.95 -6.41
C LYS B 209 -56.41 -61.50 -6.22
N LEU B 210 -56.91 -60.59 -7.07
CA LEU B 210 -56.57 -59.19 -6.93
C LEU B 210 -57.12 -58.62 -5.62
N LYS B 211 -58.31 -59.06 -5.22
CA LYS B 211 -58.86 -58.67 -3.93
C LYS B 211 -57.93 -59.06 -2.79
N SER B 212 -57.50 -60.33 -2.78
CA SER B 212 -56.66 -60.82 -1.68
C SER B 212 -55.31 -60.13 -1.66
N ARG B 213 -54.78 -59.76 -2.82
CA ARG B 213 -53.47 -59.11 -2.86
C ARG B 213 -53.54 -57.72 -2.25
N ILE B 214 -54.52 -56.92 -2.67
CA ILE B 214 -54.65 -55.56 -2.14
C ILE B 214 -54.88 -55.58 -0.64
N SER B 215 -55.73 -56.51 -0.17
CA SER B 215 -55.99 -56.60 1.26
C SER B 215 -54.72 -56.93 2.03
N GLU B 216 -53.86 -57.77 1.46
CA GLU B 216 -52.63 -58.13 2.17
C GLU B 216 -51.62 -56.99 2.17
N ILE B 217 -51.61 -56.16 1.12
CA ILE B 217 -50.64 -55.07 1.06
C ILE B 217 -51.06 -53.92 1.99
N ILE B 218 -52.35 -53.57 2.00
CA ILE B 218 -52.82 -52.54 2.91
C ILE B 218 -52.50 -52.91 4.35
N ASP B 219 -52.69 -54.18 4.71
CA ASP B 219 -52.30 -54.65 6.03
C ASP B 219 -50.79 -54.54 6.24
N SER B 220 -50.01 -54.73 5.18
CA SER B 220 -48.56 -54.59 5.29
C SER B 220 -48.15 -53.14 5.51
N ARG B 221 -48.89 -52.19 4.92
CA ARG B 221 -48.64 -50.78 5.20
C ARG B 221 -49.13 -50.42 6.60
N ARG B 222 -50.29 -50.96 6.99
CA ARG B 222 -50.82 -50.72 8.34
C ARG B 222 -49.80 -51.12 9.40
N ARG B 223 -49.23 -52.32 9.28
CA ARG B 223 -48.24 -52.77 10.26
C ARG B 223 -46.99 -51.91 10.22
N LEU B 224 -46.68 -51.32 9.06
CA LEU B 224 -45.55 -50.41 8.98
C LEU B 224 -45.87 -49.05 9.61
N GLU B 225 -47.08 -48.54 9.37
CA GLU B 225 -47.48 -47.28 10.00
C GLU B 225 -47.61 -47.44 11.50
N GLU B 226 -48.15 -48.58 11.96
CA GLU B 226 -48.18 -48.85 13.40
C GLU B 226 -46.77 -48.83 13.99
N ASP B 227 -45.81 -49.42 13.27
CA ASP B 227 -44.43 -49.42 13.76
C ASP B 227 -43.79 -48.05 13.64
N LEU B 228 -44.24 -47.23 12.68
CA LEU B 228 -43.69 -45.88 12.56
C LEU B 228 -44.13 -45.01 13.74
N LYS B 229 -45.43 -45.08 14.09
CA LYS B 229 -45.93 -44.33 15.23
C LYS B 229 -45.15 -44.65 16.49
N LYS B 230 -44.93 -45.94 16.77
CA LYS B 230 -44.26 -46.34 18.00
C LYS B 230 -42.79 -45.95 18.01
N GLN B 231 -42.11 -45.98 16.86
CA GLN B 231 -40.71 -45.60 16.85
C GLN B 231 -40.52 -44.08 16.81
N ALA B 232 -41.46 -43.36 16.19
CA ALA B 232 -41.43 -41.90 16.28
C ALA B 232 -41.60 -41.44 17.72
N ALA B 233 -42.39 -42.17 18.51
CA ALA B 233 -42.51 -41.87 19.93
C ALA B 233 -41.25 -42.31 20.68
N GLU B 234 -40.72 -43.49 20.35
CA GLU B 234 -39.44 -43.92 20.90
C GLU B 234 -38.33 -42.93 20.59
N TYR B 235 -38.41 -42.29 19.42
CA TYR B 235 -37.45 -41.26 19.06
C TYR B 235 -37.58 -40.05 19.99
N ARG B 236 -38.80 -39.52 20.13
CA ARG B 236 -39.03 -38.35 20.98
C ARG B 236 -38.55 -38.60 22.40
N GLU B 237 -38.68 -39.82 22.92
CA GLU B 237 -38.19 -40.12 24.25
C GLU B 237 -36.67 -40.17 24.31
N ILE B 238 -36.04 -40.66 23.24
CA ILE B 238 -34.58 -40.64 23.17
C ILE B 238 -34.07 -39.21 23.18
N ASP B 239 -34.79 -38.30 22.52
CA ASP B 239 -34.40 -36.89 22.52
C ASP B 239 -34.59 -36.27 23.90
N LYS B 240 -35.70 -36.58 24.57
CA LYS B 240 -35.93 -36.09 25.92
C LYS B 240 -34.80 -36.52 26.87
N ARG B 241 -34.37 -37.77 26.77
CA ARG B 241 -33.31 -38.26 27.66
C ARG B 241 -31.99 -37.59 27.38
N MET B 242 -31.72 -37.21 26.12
CA MET B 242 -30.48 -36.50 25.82
C MET B 242 -30.55 -35.04 26.22
N ASN B 243 -31.67 -34.37 25.91
CA ASN B 243 -31.84 -32.95 26.24
C ASN B 243 -31.86 -32.69 27.74
N SER B 244 -32.04 -33.73 28.56
CA SER B 244 -31.89 -33.59 30.00
C SER B 244 -30.47 -33.86 30.46
N ILE B 245 -29.73 -34.69 29.71
CA ILE B 245 -28.34 -34.96 30.06
C ILE B 245 -27.41 -33.90 29.51
N LYS B 246 -27.72 -33.36 28.32
CA LYS B 246 -26.86 -32.35 27.69
C LYS B 246 -26.52 -31.18 28.60
N PRO B 247 -27.48 -30.45 29.21
CA PRO B 247 -27.08 -29.31 30.06
C PRO B 247 -26.29 -29.73 31.28
N ASP B 248 -26.50 -30.95 31.79
CA ASP B 248 -25.70 -31.44 32.91
C ASP B 248 -24.30 -31.83 32.46
N LEU B 249 -24.16 -32.33 31.22
CA LEU B 249 -22.85 -32.72 30.73
C LEU B 249 -22.00 -31.51 30.37
N ILE B 250 -22.63 -30.42 29.89
CA ILE B 250 -21.89 -29.20 29.57
C ILE B 250 -21.22 -28.63 30.82
N GLN B 251 -21.97 -28.60 31.93
CA GLN B 251 -21.42 -28.02 33.15
C GLN B 251 -20.30 -28.87 33.73
N LEU B 252 -20.45 -30.20 33.73
CA LEU B 252 -19.41 -31.07 34.26
C LEU B 252 -18.10 -30.90 33.50
N ARG B 253 -18.18 -30.64 32.20
CA ARG B 253 -16.97 -30.39 31.41
C ARG B 253 -16.34 -29.06 31.80
N LYS B 254 -17.16 -28.03 32.00
CA LYS B 254 -16.64 -26.74 32.45
C LYS B 254 -16.23 -26.79 33.93
N THR B 255 -17.00 -27.52 34.74
CA THR B 255 -16.65 -27.64 36.15
C THR B 255 -15.32 -28.36 36.33
N ARG B 256 -15.11 -29.45 35.59
CA ARG B 256 -13.82 -30.15 35.66
C ARG B 256 -12.69 -29.26 35.14
N ASP B 257 -12.97 -28.46 34.11
CA ASP B 257 -11.97 -27.52 33.63
C ASP B 257 -11.75 -26.37 34.61
N GLN B 258 -12.79 -25.99 35.35
CA GLN B 258 -12.62 -24.99 36.39
C GLN B 258 -11.74 -25.51 37.53
N TYR B 259 -11.96 -26.76 37.94
CA TYR B 259 -11.23 -27.39 39.03
C TYR B 259 -9.82 -27.82 38.63
N LEU B 260 -9.38 -27.50 37.40
CA LEU B 260 -8.02 -27.83 37.01
C LEU B 260 -7.00 -27.01 37.79
N MET B 261 -7.33 -25.75 38.12
CA MET B 261 -6.44 -24.89 38.89
C MET B 261 -6.64 -25.02 40.40
N TRP B 262 -7.75 -25.63 40.82
CA TRP B 262 -8.08 -25.64 42.24
C TRP B 262 -7.34 -26.72 43.02
N LEU B 263 -6.98 -27.84 42.37
CA LEU B 263 -6.42 -28.99 43.07
C LEU B 263 -4.94 -28.73 43.38
N THR B 264 -4.53 -27.47 43.31
CA THR B 264 -3.15 -27.13 43.64
C THR B 264 -2.84 -27.47 45.09
N GLN B 265 -3.79 -27.23 45.99
CA GLN B 265 -3.55 -27.51 47.41
C GLN B 265 -3.56 -29.01 47.70
N LYS B 266 -4.38 -29.79 46.99
CA LYS B 266 -4.43 -31.23 47.13
C LYS B 266 -3.71 -31.94 45.98
N GLY B 267 -2.60 -31.36 45.52
CA GLY B 267 -1.88 -31.77 44.33
C GLY B 267 -1.69 -33.26 44.13
N VAL B 268 -2.55 -33.86 43.29
CA VAL B 268 -2.38 -35.25 42.90
C VAL B 268 -1.22 -35.34 41.92
N ARG B 269 -0.42 -36.40 42.04
CA ARG B 269 0.86 -36.49 41.35
C ARG B 269 0.69 -36.38 39.84
N GLN B 270 1.80 -36.03 39.17
CA GLN B 270 1.82 -35.70 37.74
C GLN B 270 1.35 -36.86 36.88
N LYS B 271 2.14 -37.92 36.78
CA LYS B 271 1.72 -39.07 35.99
C LYS B 271 0.49 -39.75 36.60
N LYS B 272 0.22 -39.51 37.89
CA LYS B 272 -1.03 -39.97 38.47
C LYS B 272 -2.23 -39.30 37.82
N LEU B 273 -2.04 -38.08 37.30
CA LEU B 273 -3.07 -37.43 36.48
C LEU B 273 -3.23 -38.10 35.12
N ASN B 274 -2.58 -39.23 34.88
CA ASN B 274 -2.89 -40.11 33.75
C ASN B 274 -3.70 -41.33 34.20
N GLU B 275 -4.28 -41.28 35.40
CA GLU B 275 -5.18 -42.31 35.89
C GLU B 275 -6.15 -41.73 36.91
N TRP B 276 -5.67 -40.76 37.72
CA TRP B 276 -6.52 -39.97 38.59
C TRP B 276 -7.33 -38.93 37.83
N LEU B 277 -7.07 -38.77 36.53
CA LEU B 277 -7.80 -37.86 35.67
C LEU B 277 -8.52 -38.57 34.54
N GLY B 278 -8.39 -39.90 34.43
CA GLY B 278 -9.06 -40.64 33.38
C GLY B 278 -8.56 -42.05 33.22
N ASN B 279 -7.85 -42.32 32.13
CA ASN B 279 -7.34 -43.66 31.84
C ASN B 279 -6.33 -44.11 32.89
N MET C 5 19.61 59.52 0.45
CA MET C 5 20.19 58.58 1.40
C MET C 5 19.83 57.14 1.06
N PRO C 6 20.83 56.33 0.74
CA PRO C 6 20.60 54.93 0.46
C PRO C 6 21.40 54.04 1.39
N PRO C 7 21.49 52.73 1.12
CA PRO C 7 22.49 51.91 1.83
C PRO C 7 23.93 52.30 1.50
N ARG C 8 24.90 51.51 2.02
CA ARG C 8 26.33 51.75 1.82
C ARG C 8 26.83 51.00 0.60
N PRO C 9 27.61 51.65 -0.27
CA PRO C 9 28.24 50.92 -1.38
C PRO C 9 29.33 49.97 -0.92
N SER C 10 30.30 50.48 -0.16
CA SER C 10 31.45 49.70 0.30
C SER C 10 31.37 49.49 1.80
N SER C 11 32.30 48.67 2.29
CA SER C 11 32.51 48.46 3.72
C SER C 11 33.70 49.25 4.25
N GLY C 12 34.16 50.26 3.51
CA GLY C 12 35.33 51.00 3.90
C GLY C 12 35.08 51.93 5.07
N GLU C 13 36.16 52.21 5.79
CA GLU C 13 36.09 53.11 6.95
C GLU C 13 35.86 54.56 6.54
N LEU C 14 36.17 54.92 5.29
CA LEU C 14 35.80 56.19 4.70
C LEU C 14 35.28 55.92 3.30
N TRP C 15 34.43 56.81 2.78
CA TRP C 15 33.93 56.60 1.44
C TRP C 15 35.06 56.67 0.44
N GLY C 16 35.22 55.61 -0.35
CA GLY C 16 36.31 55.53 -1.30
C GLY C 16 37.61 55.04 -0.74
N ILE C 17 37.70 54.80 0.58
CA ILE C 17 38.93 54.37 1.22
C ILE C 17 38.60 53.20 2.15
N HIS C 18 39.37 52.12 2.04
CA HIS C 18 39.08 50.93 2.83
C HIS C 18 39.70 50.99 4.23
N LEU C 19 40.92 51.48 4.35
CA LEU C 19 41.60 51.58 5.64
C LEU C 19 42.04 53.01 5.88
N MET C 20 41.57 53.59 6.98
CA MET C 20 42.17 54.82 7.48
C MET C 20 43.65 54.55 7.77
N PRO C 21 44.51 55.55 7.59
CA PRO C 21 45.87 55.44 8.09
C PRO C 21 45.86 55.34 9.61
N PRO C 22 46.96 54.90 10.23
CA PRO C 22 46.99 54.83 11.70
C PRO C 22 46.64 56.17 12.36
N ARG C 23 47.12 57.28 11.81
CA ARG C 23 46.73 58.61 12.26
C ARG C 23 46.11 59.36 11.09
N ILE C 24 45.06 60.13 11.38
CA ILE C 24 44.32 60.85 10.35
C ILE C 24 43.85 62.19 10.92
N LEU C 25 43.83 63.21 10.06
CA LEU C 25 43.35 64.53 10.46
C LEU C 25 41.83 64.60 10.31
N VAL C 26 41.14 65.11 11.33
CA VAL C 26 39.69 65.17 11.34
C VAL C 26 39.27 66.63 11.51
N GLU C 27 38.42 67.11 10.59
CA GLU C 27 37.89 68.46 10.70
C GLU C 27 36.82 68.51 11.78
N CYS C 28 37.05 69.32 12.80
CA CYS C 28 36.15 69.41 13.94
C CYS C 28 35.44 70.75 13.92
N LEU C 29 34.11 70.72 13.84
CA LEU C 29 33.30 71.93 13.73
C LEU C 29 32.72 72.24 15.11
N LEU C 30 33.34 73.18 15.82
CA LEU C 30 33.03 73.45 17.20
C LEU C 30 31.78 74.32 17.34
N PRO C 31 31.11 74.28 18.50
CA PRO C 31 29.83 75.01 18.64
C PRO C 31 29.96 76.51 18.54
N ASN C 32 31.15 77.08 18.72
CA ASN C 32 31.35 78.52 18.57
C ASN C 32 31.67 78.92 17.13
N GLY C 33 31.56 77.98 16.18
CA GLY C 33 31.88 78.25 14.80
C GLY C 33 33.31 78.00 14.40
N MET C 34 34.21 77.82 15.37
CA MET C 34 35.60 77.55 15.06
C MET C 34 35.73 76.20 14.37
N ILE C 35 36.80 76.05 13.59
CA ILE C 35 37.11 74.79 12.93
C ILE C 35 38.54 74.42 13.29
N VAL C 36 38.72 73.26 13.92
CA VAL C 36 40.02 72.80 14.40
C VAL C 36 40.33 71.47 13.74
N THR C 37 41.54 71.35 13.21
CA THR C 37 42.03 70.10 12.64
C THR C 37 42.80 69.33 13.70
N LEU C 38 42.39 68.10 13.93
CA LEU C 38 42.93 67.26 14.99
C LEU C 38 43.49 65.98 14.37
N GLU C 39 44.69 65.59 14.80
CA GLU C 39 45.29 64.33 14.37
C GLU C 39 44.81 63.23 15.31
N CYS C 40 43.98 62.33 14.79
CA CYS C 40 43.41 61.25 15.57
C CYS C 40 43.96 59.91 15.11
N LEU C 41 44.04 58.96 16.04
CA LEU C 41 44.29 57.58 15.67
C LEU C 41 43.01 56.95 15.17
N ARG C 42 43.14 56.03 14.21
CA ARG C 42 41.97 55.43 13.57
C ARG C 42 41.14 54.61 14.55
N GLU C 43 41.79 53.96 15.52
CA GLU C 43 41.10 53.17 16.52
C GLU C 43 40.71 53.97 17.75
N ALA C 44 40.90 55.29 17.74
CA ALA C 44 40.57 56.10 18.90
C ALA C 44 39.07 56.11 19.13
N THR C 45 38.67 56.13 20.40
CA THR C 45 37.26 56.23 20.75
C THR C 45 36.80 57.67 20.63
N LEU C 46 35.48 57.85 20.49
CA LEU C 46 34.93 59.20 20.40
C LEU C 46 35.11 59.96 21.71
N ILE C 47 35.15 59.24 22.84
CA ILE C 47 35.45 59.89 24.12
C ILE C 47 36.86 60.47 24.09
N THR C 48 37.84 59.65 23.71
CA THR C 48 39.21 60.13 23.57
C THR C 48 39.29 61.32 22.62
N ILE C 49 38.62 61.23 21.48
CA ILE C 49 38.69 62.29 20.47
C ILE C 49 38.08 63.58 21.01
N LYS C 50 36.93 63.48 21.69
CA LYS C 50 36.30 64.68 22.22
C LYS C 50 37.14 65.31 23.32
N HIS C 51 37.87 64.50 24.09
CA HIS C 51 38.71 65.05 25.15
C HIS C 51 39.90 65.82 24.57
N GLU C 52 40.67 65.18 23.69
CA GLU C 52 41.80 65.86 23.05
C GLU C 52 41.35 67.06 22.23
N LEU C 53 40.13 67.01 21.67
CA LEU C 53 39.64 68.13 20.87
C LEU C 53 39.36 69.34 21.75
N PHE C 54 38.69 69.15 22.89
CA PHE C 54 38.32 70.27 23.74
C PHE C 54 39.52 70.87 24.46
N LYS C 55 40.60 70.12 24.68
CA LYS C 55 41.84 70.72 25.15
C LYS C 55 42.44 71.62 24.08
N GLU C 56 42.55 71.11 22.86
CA GLU C 56 43.13 71.90 21.78
C GLU C 56 42.23 73.07 21.40
N ALA C 57 40.93 72.96 21.65
CA ALA C 57 39.98 73.99 21.25
C ALA C 57 40.00 75.21 22.16
N ARG C 58 40.51 75.07 23.40
CA ARG C 58 40.67 76.23 24.27
C ARG C 58 41.70 77.21 23.73
N LYS C 59 42.56 76.78 22.82
CA LYS C 59 43.63 77.59 22.26
C LYS C 59 43.17 78.37 21.03
N TYR C 60 41.91 78.31 20.68
CA TYR C 60 41.36 78.98 19.51
C TYR C 60 40.43 80.11 19.93
N PRO C 61 40.18 81.09 19.05
CA PRO C 61 39.23 82.17 19.38
C PRO C 61 37.86 81.69 19.84
N LEU C 62 37.14 82.54 20.57
CA LEU C 62 35.80 82.23 21.08
C LEU C 62 35.82 80.96 21.94
N HIS C 63 36.90 80.76 22.69
CA HIS C 63 37.07 79.54 23.46
C HIS C 63 36.24 79.53 24.75
N GLN C 64 35.89 80.69 25.29
CA GLN C 64 35.10 80.74 26.51
C GLN C 64 33.63 80.43 26.28
N LEU C 65 33.21 80.28 25.02
CA LEU C 65 31.84 79.86 24.73
C LEU C 65 31.66 78.34 24.80
N LEU C 66 32.75 77.58 24.96
CA LEU C 66 32.69 76.13 24.96
C LEU C 66 32.33 75.65 26.36
N GLN C 67 31.15 75.03 26.49
CA GLN C 67 30.67 74.53 27.77
C GLN C 67 31.45 73.27 28.14
N ASP C 68 30.99 72.59 29.19
CA ASP C 68 31.61 71.34 29.58
C ASP C 68 31.45 70.32 28.46
N GLU C 69 32.48 69.48 28.28
CA GLU C 69 32.46 68.53 27.17
C GLU C 69 31.35 67.49 27.33
N SER C 70 30.85 67.28 28.54
CA SER C 70 29.74 66.38 28.77
C SER C 70 28.40 66.94 28.28
N SER C 71 28.36 68.19 27.82
CA SER C 71 27.14 68.80 27.32
C SER C 71 26.99 68.67 25.80
N TYR C 72 27.91 67.98 25.13
CA TYR C 72 27.92 67.90 23.67
C TYR C 72 28.08 66.46 23.22
N ILE C 73 27.77 66.24 21.94
CA ILE C 73 28.05 64.98 21.24
C ILE C 73 28.54 65.30 19.84
N PHE C 74 29.07 64.28 19.17
CA PHE C 74 29.54 64.40 17.80
C PHE C 74 28.43 64.08 16.82
N VAL C 75 28.36 64.83 15.73
CA VAL C 75 27.50 64.50 14.60
C VAL C 75 28.34 64.61 13.33
N SER C 76 28.01 63.81 12.34
CA SER C 76 28.74 63.78 11.08
C SER C 76 27.84 63.17 10.01
N VAL C 77 28.36 63.09 8.79
CA VAL C 77 27.67 62.48 7.66
C VAL C 77 28.33 61.14 7.37
N THR C 78 27.50 60.11 7.19
CA THR C 78 27.97 58.75 6.97
C THR C 78 27.84 58.38 5.49
N GLN C 79 28.42 57.22 5.15
CA GLN C 79 28.50 56.75 3.77
C GLN C 79 27.12 56.40 3.24
N GLU C 80 26.12 56.47 4.11
CA GLU C 80 24.73 56.39 3.71
C GLU C 80 24.11 57.75 3.43
N ALA C 81 24.93 58.79 3.28
CA ALA C 81 24.47 60.18 3.09
C ALA C 81 23.56 60.63 4.23
N GLU C 82 23.75 60.06 5.41
CA GLU C 82 22.87 60.30 6.55
C GLU C 82 23.56 61.16 7.59
N ARG C 83 22.78 62.04 8.22
CA ARG C 83 23.25 62.84 9.37
C ARG C 83 23.07 61.99 10.62
N GLU C 84 24.16 61.39 11.11
CA GLU C 84 24.10 60.45 12.20
C GLU C 84 24.73 61.05 13.46
N GLU C 85 23.93 61.17 14.52
CA GLU C 85 24.46 61.60 15.82
C GLU C 85 25.03 60.40 16.55
N PHE C 86 26.28 60.52 16.98
CA PHE C 86 27.00 59.41 17.61
C PHE C 86 26.79 59.49 19.12
N PHE C 87 25.74 58.82 19.60
CA PHE C 87 25.43 58.86 21.02
C PHE C 87 26.39 57.99 21.82
N ASP C 88 26.71 56.80 21.31
CA ASP C 88 27.60 55.87 22.00
C ASP C 88 29.04 56.32 21.71
N GLU C 89 29.55 57.16 22.57
CA GLU C 89 30.90 57.66 22.40
C GLU C 89 31.98 56.60 22.72
N THR C 90 31.63 55.34 22.97
CA THR C 90 32.63 54.29 23.03
C THR C 90 33.01 53.78 21.65
N ARG C 91 32.25 54.14 20.62
CA ARG C 91 32.55 53.72 19.27
C ARG C 91 33.86 54.32 18.78
N ARG C 92 34.60 53.54 18.01
CA ARG C 92 35.88 54.02 17.47
C ARG C 92 35.65 54.83 16.20
N LEU C 93 36.68 55.57 15.81
CA LEU C 93 36.58 56.48 14.66
C LEU C 93 36.33 55.71 13.37
N CYS C 94 37.04 54.59 13.17
CA CYS C 94 36.92 53.83 11.93
C CYS C 94 35.64 53.02 11.84
N ASP C 95 34.92 52.85 12.94
CA ASP C 95 33.66 52.11 12.94
C ASP C 95 32.45 53.03 12.82
N LEU C 96 32.68 54.32 12.56
CA LEU C 96 31.58 55.27 12.40
C LEU C 96 30.97 55.22 11.01
N ARG C 97 31.70 54.68 10.03
CA ARG C 97 31.28 54.68 8.64
C ARG C 97 31.18 56.11 8.11
N LEU C 98 32.21 56.90 8.37
CA LEU C 98 32.20 58.30 7.97
C LEU C 98 32.36 58.44 6.45
N PHE C 99 31.59 59.36 5.88
CA PHE C 99 31.76 59.73 4.47
C PHE C 99 33.07 60.49 4.31
N GLN C 100 33.13 61.70 4.85
CA GLN C 100 34.35 62.45 5.00
C GLN C 100 34.79 62.45 6.47
N PRO C 101 36.09 62.58 6.73
CA PRO C 101 36.56 62.65 8.13
C PRO C 101 36.35 64.03 8.76
N PHE C 102 35.10 64.32 9.13
CA PHE C 102 34.78 65.55 9.86
C PHE C 102 33.75 65.24 10.93
N LEU C 103 33.80 66.03 12.00
CA LEU C 103 32.92 65.88 13.16
C LEU C 103 32.41 67.25 13.57
N LYS C 104 31.11 67.36 13.79
CA LYS C 104 30.49 68.58 14.27
C LYS C 104 30.06 68.40 15.72
N VAL C 105 30.45 69.34 16.57
CA VAL C 105 30.11 69.28 17.99
C VAL C 105 28.82 70.06 18.20
N ILE C 106 27.80 69.40 18.76
CA ILE C 106 26.48 69.98 18.93
C ILE C 106 25.93 69.58 20.29
N GLU C 107 24.88 70.28 20.71
CA GLU C 107 24.17 69.93 21.93
C GLU C 107 23.06 68.95 21.58
N PRO C 108 23.09 67.71 22.07
CA PRO C 108 22.03 66.75 21.74
C PRO C 108 20.68 67.25 22.24
N VAL C 109 19.68 67.16 21.37
CA VAL C 109 18.34 67.63 21.68
C VAL C 109 17.35 66.51 21.40
N GLY C 110 16.22 66.54 22.10
CA GLY C 110 15.13 65.61 21.83
C GLY C 110 15.18 64.37 22.68
N ASN C 111 14.41 63.37 22.24
CA ASN C 111 14.27 62.10 22.95
C ASN C 111 15.45 61.20 22.59
N ARG C 112 16.35 60.98 23.55
CA ARG C 112 17.57 60.24 23.25
C ARG C 112 17.29 58.75 23.05
N GLU C 113 16.40 58.18 23.87
CA GLU C 113 16.14 56.74 23.76
C GLU C 113 15.47 56.37 22.45
N GLU C 114 14.66 57.27 21.90
CA GLU C 114 14.08 57.03 20.58
C GLU C 114 15.14 57.12 19.48
N LYS C 115 16.09 58.05 19.62
CA LYS C 115 17.12 58.22 18.59
C LYS C 115 18.15 57.10 18.64
N ILE C 116 18.48 56.59 19.82
CA ILE C 116 19.43 55.49 19.91
C ILE C 116 18.85 54.23 19.27
N LEU C 117 17.57 53.96 19.52
CA LEU C 117 16.92 52.79 18.93
C LEU C 117 16.87 52.91 17.41
N ASN C 118 16.48 54.09 16.91
CA ASN C 118 16.34 54.27 15.47
C ASN C 118 17.68 54.10 14.74
N ARG C 119 18.80 54.44 15.40
CA ARG C 119 20.09 54.18 14.78
C ARG C 119 20.43 52.69 14.84
N GLU C 120 20.18 52.06 15.98
CA GLU C 120 20.48 50.63 16.12
C GLU C 120 19.61 49.78 15.21
N ILE C 121 18.38 50.23 14.93
CA ILE C 121 17.57 49.56 13.92
C ILE C 121 18.17 49.80 12.54
N GLY C 122 18.46 51.06 12.22
CA GLY C 122 19.01 51.38 10.91
C GLY C 122 20.34 50.70 10.62
N PHE C 123 21.12 50.42 11.67
CA PHE C 123 22.40 49.75 11.45
C PHE C 123 22.20 48.28 11.11
N ALA C 124 21.21 47.64 11.74
CA ALA C 124 20.96 46.23 11.46
C ALA C 124 20.44 46.03 10.04
N ILE C 125 19.57 46.92 9.57
CA ILE C 125 19.02 46.78 8.23
C ILE C 125 20.03 47.19 7.16
N GLY C 126 21.04 47.98 7.52
CA GLY C 126 21.92 48.55 6.53
C GLY C 126 21.31 49.72 5.79
N MET C 127 20.49 50.50 6.46
CA MET C 127 19.78 51.65 5.89
C MET C 127 19.13 52.45 7.01
N PRO C 128 19.35 53.77 7.06
CA PRO C 128 18.76 54.56 8.15
C PRO C 128 17.24 54.54 8.09
N VAL C 129 16.61 54.33 9.25
CA VAL C 129 15.16 54.30 9.32
C VAL C 129 14.54 55.68 9.15
N CYS C 130 15.34 56.75 9.19
CA CYS C 130 14.82 58.07 8.90
C CYS C 130 14.38 58.19 7.43
N GLU C 131 14.96 57.36 6.56
CA GLU C 131 14.56 57.36 5.16
C GLU C 131 13.13 56.86 4.99
N PHE C 132 12.69 55.91 5.83
CA PHE C 132 11.33 55.39 5.72
C PHE C 132 10.30 56.46 6.04
N ASP C 133 10.62 57.38 6.94
CA ASP C 133 9.71 58.47 7.28
C ASP C 133 9.47 59.41 6.10
N MET C 134 10.33 59.37 5.08
CA MET C 134 10.28 60.33 4.00
C MET C 134 9.48 59.85 2.80
N VAL C 135 9.18 58.56 2.70
CA VAL C 135 8.48 58.03 1.54
C VAL C 135 7.07 58.61 1.49
N LYS C 136 6.67 59.09 0.32
CA LYS C 136 5.35 59.67 0.16
C LYS C 136 4.28 58.61 -0.01
N ASP C 137 4.63 57.45 -0.59
CA ASP C 137 3.70 56.37 -0.89
C ASP C 137 2.81 56.08 0.31
N PRO C 138 1.50 56.34 0.21
CA PRO C 138 0.61 56.13 1.36
C PRO C 138 0.60 54.69 1.85
N GLU C 139 0.74 53.72 0.94
CA GLU C 139 0.76 52.33 1.36
C GLU C 139 1.98 52.03 2.23
N VAL C 140 3.08 52.74 2.01
CA VAL C 140 4.28 52.54 2.82
C VAL C 140 4.04 53.04 4.24
N GLN C 141 3.48 54.24 4.37
CA GLN C 141 3.19 54.77 5.71
C GLN C 141 2.13 53.94 6.41
N ASP C 142 1.17 53.40 5.65
CA ASP C 142 0.15 52.54 6.23
C ASP C 142 0.77 51.23 6.74
N PHE C 143 1.67 50.64 5.95
CA PHE C 143 2.33 49.41 6.40
C PHE C 143 3.08 49.64 7.69
N ARG C 144 3.78 50.78 7.81
CA ARG C 144 4.58 51.03 9.01
C ARG C 144 3.70 51.10 10.25
N ARG C 145 2.59 51.83 10.17
CA ARG C 145 1.72 51.99 11.33
C ARG C 145 0.91 50.73 11.61
N ASN C 146 0.29 50.16 10.58
CA ASN C 146 -0.64 49.05 10.79
C ASN C 146 0.08 47.78 11.22
N ILE C 147 1.34 47.62 10.83
CA ILE C 147 2.07 46.40 11.19
C ILE C 147 2.43 46.36 12.67
N LEU C 148 2.38 47.51 13.36
CA LEU C 148 2.66 47.52 14.80
C LEU C 148 1.65 46.70 15.58
N ASN C 149 0.46 46.48 15.02
CA ASN C 149 -0.49 45.57 15.65
C ASN C 149 0.09 44.16 15.77
N VAL C 150 0.76 43.69 14.71
CA VAL C 150 1.44 42.40 14.78
C VAL C 150 2.60 42.45 15.76
N CYS C 151 3.24 43.62 15.90
CA CYS C 151 4.31 43.76 16.89
C CYS C 151 3.75 43.72 18.30
N LYS C 152 2.63 44.38 18.54
CA LYS C 152 2.04 44.40 19.88
C LYS C 152 1.52 43.02 20.27
N GLU C 153 0.93 42.29 19.32
CA GLU C 153 0.44 40.96 19.62
C GLU C 153 1.58 40.05 20.06
N ALA C 154 2.71 40.11 19.36
CA ALA C 154 3.81 39.19 19.64
C ALA C 154 4.44 39.47 20.98
N VAL C 155 4.63 40.74 21.33
CA VAL C 155 5.28 41.08 22.59
C VAL C 155 4.41 40.67 23.77
N ASP C 156 3.10 40.87 23.65
CA ASP C 156 2.20 40.41 24.71
C ASP C 156 2.19 38.90 24.80
N LEU C 157 2.30 38.21 23.67
CA LEU C 157 2.32 36.75 23.64
C LEU C 157 3.67 36.19 24.07
N ARG C 158 4.71 37.02 24.17
CA ARG C 158 6.01 36.58 24.67
C ARG C 158 6.10 36.69 26.18
N ASP C 159 6.01 37.92 26.71
CA ASP C 159 6.07 38.17 28.15
C ASP C 159 4.78 37.75 28.87
N LEU C 160 3.91 36.99 28.20
CA LEU C 160 2.68 36.51 28.81
C LEU C 160 2.98 35.59 29.98
N ASN C 161 3.69 34.49 29.71
CA ASN C 161 3.99 33.49 30.74
C ASN C 161 5.43 33.63 31.23
N SER C 162 5.73 34.81 31.76
CA SER C 162 7.07 35.10 32.24
C SER C 162 7.37 34.28 33.50
N PRO C 163 8.64 33.91 33.72
CA PRO C 163 9.75 34.12 32.80
C PRO C 163 10.00 32.91 31.92
N HIS C 164 9.11 31.91 32.02
CA HIS C 164 9.26 30.70 31.20
C HIS C 164 9.03 31.02 29.72
N SER C 165 7.98 31.78 29.43
CA SER C 165 7.68 32.10 28.03
C SER C 165 8.77 32.93 27.39
N ARG C 166 9.51 33.72 28.19
CA ARG C 166 10.64 34.45 27.66
C ARG C 166 11.79 33.50 27.33
N ALA C 167 12.03 32.50 28.17
CA ALA C 167 13.02 31.49 27.84
C ALA C 167 12.59 30.65 26.65
N MET C 168 11.28 30.46 26.47
CA MET C 168 10.79 29.73 25.31
C MET C 168 11.01 30.51 24.02
N TYR C 169 10.80 31.83 24.07
CA TYR C 169 11.02 32.67 22.90
C TYR C 169 12.50 32.72 22.54
N VAL C 170 13.38 32.72 23.55
CA VAL C 170 14.81 32.83 23.28
C VAL C 170 15.41 31.46 22.94
N TYR C 171 14.99 30.41 23.63
CA TYR C 171 15.58 29.09 23.49
C TYR C 171 14.50 28.07 23.15
N PRO C 172 13.99 28.10 21.92
CA PRO C 172 12.95 27.15 21.52
C PRO C 172 13.52 25.74 21.44
N PRO C 173 12.68 24.72 21.57
CA PRO C 173 13.18 23.34 21.52
C PRO C 173 13.59 22.97 20.09
N ASN C 174 14.81 22.44 19.97
CA ASN C 174 15.35 22.04 18.68
C ASN C 174 15.01 20.58 18.42
N VAL C 175 13.77 20.36 17.98
CA VAL C 175 13.22 19.01 17.88
C VAL C 175 12.90 18.67 16.43
N GLU C 176 12.95 17.37 16.15
CA GLU C 176 12.46 16.85 14.88
C GLU C 176 10.94 17.05 14.78
N SER C 177 10.40 16.73 13.60
CA SER C 177 8.98 16.97 13.36
C SER C 177 8.07 15.90 13.97
N SER C 178 8.62 14.72 14.30
CA SER C 178 7.79 13.66 14.84
C SER C 178 8.56 12.83 15.85
N PRO C 179 7.91 12.37 16.92
CA PRO C 179 8.60 11.48 17.87
C PRO C 179 8.83 10.08 17.34
N GLU C 180 8.23 9.70 16.22
CA GLU C 180 8.29 8.32 15.73
C GLU C 180 9.70 8.01 15.26
N LEU C 181 10.38 7.13 15.98
CA LEU C 181 11.71 6.69 15.59
C LEU C 181 11.60 5.66 14.47
N PRO C 182 12.21 5.90 13.31
CA PRO C 182 12.26 4.85 12.29
C PRO C 182 13.06 3.66 12.80
N LYS C 183 12.77 2.48 12.24
CA LYS C 183 13.26 1.23 12.82
C LYS C 183 14.78 1.14 12.79
N HIS C 184 15.41 1.61 11.71
CA HIS C 184 16.86 1.52 11.62
C HIS C 184 17.57 2.38 12.65
N ILE C 185 16.88 3.40 13.21
CA ILE C 185 17.44 4.18 14.31
C ILE C 185 17.16 3.53 15.64
N TYR C 186 15.92 3.08 15.84
CA TYR C 186 15.54 2.41 17.09
C TYR C 186 16.43 1.21 17.37
N ASN C 187 16.72 0.41 16.34
CA ASN C 187 17.54 -0.78 16.53
C ASN C 187 18.98 -0.45 16.88
N LYS C 188 19.42 0.79 16.63
CA LYS C 188 20.75 1.20 17.06
C LYS C 188 20.82 1.46 18.55
N LEU C 189 19.70 1.51 19.24
CA LEU C 189 19.69 1.70 20.68
C LEU C 189 19.96 0.37 21.39
N ASP C 190 19.99 0.41 22.72
CA ASP C 190 20.14 -0.78 23.55
C ASP C 190 18.79 -1.04 24.22
N LYS C 191 18.04 -2.00 23.67
CA LYS C 191 16.68 -2.30 24.09
C LYS C 191 15.80 -1.05 24.09
N GLY C 192 16.01 -0.17 23.11
CA GLY C 192 15.30 1.09 23.06
C GLY C 192 15.78 2.14 24.02
N GLN C 193 16.82 1.88 24.80
CA GLN C 193 17.31 2.80 25.81
C GLN C 193 18.61 3.47 25.34
N ILE C 194 18.83 4.68 25.84
CA ILE C 194 20.02 5.45 25.52
C ILE C 194 20.76 5.77 26.81
N ILE C 195 22.08 5.82 26.73
CA ILE C 195 22.92 6.20 27.86
C ILE C 195 23.24 7.69 27.74
N VAL C 196 22.88 8.45 28.77
CA VAL C 196 23.13 9.88 28.82
C VAL C 196 24.10 10.16 29.97
N VAL C 197 24.91 11.20 29.80
CA VAL C 197 25.78 11.70 30.85
C VAL C 197 25.30 13.09 31.23
N ILE C 198 24.96 13.27 32.51
CA ILE C 198 24.43 14.54 33.03
C ILE C 198 25.54 15.22 33.82
N TRP C 199 25.95 16.39 33.36
CA TRP C 199 27.00 17.16 34.01
C TRP C 199 26.38 18.25 34.87
N VAL C 200 27.01 18.52 36.00
CA VAL C 200 26.63 19.61 36.88
C VAL C 200 27.90 20.31 37.35
N ILE C 201 27.85 21.63 37.45
CA ILE C 201 28.98 22.45 37.87
C ILE C 201 28.84 22.72 39.36
N VAL C 202 29.82 22.28 40.14
CA VAL C 202 29.78 22.36 41.59
C VAL C 202 30.69 23.50 42.06
N SER C 203 30.18 24.31 42.99
CA SER C 203 30.95 25.39 43.57
C SER C 203 32.02 24.83 44.52
N PRO C 204 33.07 25.61 44.81
CA PRO C 204 33.38 26.97 44.36
C PRO C 204 34.39 27.05 43.20
N ASN C 205 34.97 25.91 42.83
CA ASN C 205 36.03 25.86 41.84
C ASN C 205 35.50 25.71 40.41
N ASN C 206 34.18 25.75 40.23
CA ASN C 206 33.55 25.38 38.96
C ASN C 206 33.95 23.96 38.57
N ASP C 207 33.98 23.08 39.57
CA ASP C 207 34.26 21.67 39.32
C ASP C 207 33.08 21.01 38.61
N LYS C 208 33.38 19.99 37.82
CA LYS C 208 32.40 19.32 36.98
C LYS C 208 32.12 17.94 37.55
N GLN C 209 30.88 17.71 37.96
CA GLN C 209 30.44 16.43 38.48
C GLN C 209 29.62 15.70 37.42
N LYS C 210 29.81 14.39 37.33
CA LYS C 210 29.32 13.59 36.23
C LYS C 210 28.43 12.47 36.75
N TYR C 211 27.24 12.34 36.16
CA TYR C 211 26.30 11.27 36.49
C TYR C 211 25.81 10.63 35.21
N THR C 212 25.89 9.31 35.13
CA THR C 212 25.56 8.57 33.92
C THR C 212 24.22 7.87 34.11
N LEU C 213 23.27 8.16 33.24
CA LEU C 213 21.94 7.57 33.30
C LEU C 213 21.70 6.70 32.05
N LYS C 214 20.95 5.63 32.25
CA LYS C 214 20.47 4.79 31.15
C LYS C 214 18.95 4.81 31.19
N ILE C 215 18.33 5.44 30.20
CA ILE C 215 16.90 5.71 30.22
C ILE C 215 16.30 5.40 28.85
N ASN C 216 14.97 5.22 28.84
CA ASN C 216 14.27 5.07 27.57
C ASN C 216 14.37 6.36 26.77
N HIS C 217 14.47 6.22 25.45
CA HIS C 217 14.55 7.38 24.58
C HIS C 217 13.28 8.22 24.59
N ASP C 218 12.16 7.69 25.09
CA ASP C 218 10.91 8.44 25.13
C ASP C 218 10.81 9.36 26.33
N CYS C 219 11.79 9.34 27.24
CA CYS C 219 11.72 10.11 28.47
C CYS C 219 11.67 11.61 28.18
N VAL C 220 10.77 12.30 28.85
CA VAL C 220 10.70 13.76 28.83
C VAL C 220 11.86 14.30 29.66
N PRO C 221 12.45 15.45 29.30
CA PRO C 221 13.56 15.99 30.11
C PRO C 221 13.27 16.10 31.60
N GLU C 222 12.03 16.43 31.99
CA GLU C 222 11.70 16.46 33.42
C GLU C 222 11.96 15.11 34.07
N GLN C 223 11.61 14.02 33.39
CA GLN C 223 11.90 12.68 33.91
C GLN C 223 13.39 12.40 33.94
N VAL C 224 14.13 12.96 32.99
CA VAL C 224 15.58 12.78 32.98
C VAL C 224 16.20 13.43 34.22
N ILE C 225 15.71 14.62 34.58
CA ILE C 225 16.10 15.23 35.86
C ILE C 225 15.75 14.31 37.01
N ALA C 226 14.49 13.85 37.04
CA ALA C 226 14.03 13.00 38.13
C ALA C 226 14.88 11.75 38.29
N GLU C 227 15.33 11.17 37.17
CA GLU C 227 16.20 10.01 37.25
C GLU C 227 17.60 10.41 37.73
N ALA C 228 18.05 11.62 37.37
CA ALA C 228 19.33 12.10 37.87
C ALA C 228 19.26 12.41 39.37
N ILE C 229 18.21 13.08 39.79
CA ILE C 229 17.99 13.33 41.22
C ILE C 229 18.00 12.00 41.98
N ARG C 230 17.32 11.00 41.44
CA ARG C 230 17.25 9.69 42.09
C ARG C 230 18.62 9.06 42.22
N LYS C 231 19.46 9.21 41.19
CA LYS C 231 20.79 8.61 41.24
C LYS C 231 21.65 9.24 42.31
N LYS C 232 21.52 10.55 42.51
CA LYS C 232 22.34 11.24 43.49
C LYS C 232 21.93 10.88 44.92
N THR C 233 20.63 10.95 45.21
CA THR C 233 20.14 10.91 46.57
C THR C 233 19.70 9.53 47.05
N ARG C 234 19.94 8.48 46.25
CA ARG C 234 19.55 7.15 46.71
C ARG C 234 20.39 6.71 47.90
N SER C 235 21.68 7.05 47.89
CA SER C 235 22.62 6.74 48.96
C SER C 235 22.42 7.59 50.22
N MET C 236 21.33 8.35 50.34
CA MET C 236 21.15 9.25 51.48
C MET C 236 19.96 8.85 52.35
N LEU C 237 20.01 7.65 52.93
CA LEU C 237 18.96 7.04 53.75
C LEU C 237 17.52 7.29 53.27
N LEU C 238 17.20 8.56 52.97
CA LEU C 238 15.90 9.08 52.53
C LEU C 238 14.75 8.09 52.46
N SER C 239 13.71 8.33 53.26
CA SER C 239 12.48 7.55 53.14
C SER C 239 11.94 7.68 51.73
N SER C 240 11.41 6.57 51.21
CA SER C 240 10.92 6.55 49.84
C SER C 240 9.91 7.65 49.59
N GLU C 241 9.10 7.98 50.60
CA GLU C 241 8.15 9.07 50.46
C GLU C 241 8.84 10.42 50.36
N GLN C 242 9.99 10.58 51.03
CA GLN C 242 10.71 11.85 50.97
C GLN C 242 11.47 12.01 49.65
N LEU C 243 11.90 10.91 49.04
CA LEU C 243 12.56 11.01 47.75
C LEU C 243 11.59 11.46 46.66
N LYS C 244 10.39 10.87 46.64
CA LYS C 244 9.37 11.29 45.70
C LYS C 244 9.02 12.77 45.89
N LEU C 245 8.95 13.21 47.15
CA LEU C 245 8.74 14.63 47.43
C LEU C 245 9.95 15.46 47.06
N CYS C 246 11.15 14.89 47.16
CA CYS C 246 12.37 15.60 46.77
C CYS C 246 12.51 15.68 45.25
N VAL C 247 12.20 14.57 44.56
CA VAL C 247 12.23 14.57 43.09
C VAL C 247 11.32 15.67 42.55
N LEU C 248 10.10 15.77 43.13
CA LEU C 248 9.15 16.78 42.66
C LEU C 248 9.67 18.18 42.90
N GLU C 249 10.53 18.38 43.89
CA GLU C 249 11.04 19.72 44.18
C GLU C 249 12.03 20.18 43.11
N TYR C 250 12.97 19.32 42.75
CA TYR C 250 13.99 19.68 41.78
C TYR C 250 13.45 19.65 40.35
N GLN C 251 12.57 18.69 40.07
CA GLN C 251 12.05 18.43 38.72
C GLN C 251 11.65 19.72 38.00
N GLY C 252 10.70 20.44 38.56
CA GLY C 252 10.26 21.70 37.99
C GLY C 252 11.16 22.88 38.28
N LYS C 253 12.29 22.66 38.95
CA LYS C 253 13.23 23.73 39.27
C LYS C 253 14.50 23.69 38.43
N TYR C 254 14.74 22.61 37.70
CA TYR C 254 15.94 22.48 36.88
C TYR C 254 15.56 22.32 35.41
N ILE C 255 16.54 22.57 34.55
CA ILE C 255 16.40 22.45 33.11
C ILE C 255 17.70 21.91 32.54
N LEU C 256 17.57 21.13 31.46
CA LEU C 256 18.74 20.54 30.83
C LEU C 256 19.22 21.43 29.68
N LYS C 257 20.49 21.25 29.33
CA LYS C 257 21.15 22.04 28.31
C LYS C 257 22.22 21.18 27.66
N VAL C 258 22.45 21.40 26.36
CA VAL C 258 23.47 20.65 25.64
C VAL C 258 24.85 21.19 26.00
N CYS C 259 25.76 20.29 26.36
CA CYS C 259 27.12 20.69 26.68
C CYS C 259 27.82 21.17 25.42
N GLY C 260 28.31 22.41 25.46
CA GLY C 260 29.07 22.98 24.35
C GLY C 260 28.36 24.03 23.56
N CYS C 261 27.05 24.19 23.71
CA CYS C 261 26.31 25.19 22.97
C CYS C 261 25.04 25.54 23.74
N ASP C 262 24.33 26.55 23.25
CA ASP C 262 23.20 27.12 23.98
C ASP C 262 21.87 26.63 23.43
N GLU C 263 21.66 25.31 23.53
CA GLU C 263 20.38 24.69 23.21
C GLU C 263 19.86 24.02 24.48
N TYR C 264 18.65 24.39 24.88
CA TYR C 264 18.06 23.93 26.13
C TYR C 264 16.84 23.05 25.85
N PHE C 265 16.61 22.08 26.76
CA PHE C 265 15.46 21.19 26.68
C PHE C 265 14.35 21.78 27.54
N LEU C 266 13.69 22.80 27.00
CA LEU C 266 12.69 23.56 27.74
C LEU C 266 11.27 23.02 27.60
N GLU C 267 11.03 22.07 26.69
CA GLU C 267 9.69 21.58 26.42
C GLU C 267 9.61 20.09 26.74
N LYS C 268 8.38 19.61 26.89
CA LYS C 268 8.12 18.21 27.28
C LYS C 268 8.01 17.29 26.07
N TYR C 269 8.93 17.41 25.13
CA TYR C 269 9.05 16.42 24.07
C TYR C 269 9.77 15.18 24.59
N PRO C 270 9.60 14.03 23.94
CA PRO C 270 10.48 12.90 24.23
C PRO C 270 11.92 13.26 23.92
N LEU C 271 12.85 12.64 24.65
CA LEU C 271 14.26 13.00 24.51
C LEU C 271 14.77 12.71 23.11
N SER C 272 14.36 11.58 22.52
CA SER C 272 14.83 11.23 21.19
C SER C 272 14.28 12.16 20.12
N GLN C 273 13.20 12.89 20.41
CA GLN C 273 12.68 13.85 19.45
C GLN C 273 13.54 15.10 19.35
N TYR C 274 14.35 15.39 20.37
CA TYR C 274 15.27 16.52 20.28
C TYR C 274 16.38 16.23 19.27
N LYS C 275 16.69 17.23 18.44
CA LYS C 275 17.60 17.00 17.31
C LYS C 275 19.02 16.66 17.77
N TYR C 276 19.45 17.17 18.92
CA TYR C 276 20.77 16.80 19.42
C TYR C 276 20.83 15.33 19.79
N ILE C 277 19.79 14.84 20.48
CA ILE C 277 19.80 13.46 20.95
C ILE C 277 19.63 12.49 19.77
N ARG C 278 18.76 12.84 18.82
CA ARG C 278 18.56 11.97 17.66
C ARG C 278 19.84 11.84 16.84
N SER C 279 20.56 12.95 16.65
CA SER C 279 21.85 12.90 15.97
C SER C 279 22.83 12.00 16.70
N CYS C 280 22.86 12.08 18.03
CA CYS C 280 23.77 11.22 18.81
C CYS C 280 23.49 9.75 18.55
N ILE C 281 22.21 9.38 18.45
CA ILE C 281 21.87 8.00 18.13
C ILE C 281 22.30 7.66 16.71
N MET C 282 22.03 8.56 15.76
CA MET C 282 22.45 8.36 14.38
C MET C 282 23.94 8.08 14.31
N LEU C 283 24.75 8.94 14.93
CA LEU C 283 26.20 8.85 14.88
C LEU C 283 26.78 7.94 15.95
N GLY C 284 25.93 7.31 16.77
CA GLY C 284 26.44 6.48 17.86
C GLY C 284 27.30 7.25 18.84
N ARG C 285 26.92 8.49 19.13
CA ARG C 285 27.71 9.38 19.96
C ARG C 285 27.06 9.54 21.33
N MET C 286 27.89 9.61 22.37
CA MET C 286 27.40 9.76 23.73
C MET C 286 26.80 11.14 23.94
N PRO C 287 25.50 11.24 24.28
CA PRO C 287 24.93 12.57 24.56
C PRO C 287 25.44 13.09 25.89
N ASN C 288 26.00 14.30 25.88
CA ASN C 288 26.50 14.96 27.07
C ASN C 288 25.60 16.16 27.35
N LEU C 289 24.80 16.06 28.41
CA LEU C 289 23.92 17.12 28.83
C LEU C 289 24.47 17.82 30.07
N MET C 290 23.95 19.02 30.34
CA MET C 290 24.29 19.78 31.52
C MET C 290 23.01 20.18 32.23
N LEU C 291 22.98 19.98 33.55
CA LEU C 291 21.84 20.36 34.37
C LEU C 291 22.17 21.63 35.13
N MET C 292 21.29 22.63 35.04
CA MET C 292 21.50 23.92 35.68
C MET C 292 20.19 24.42 36.26
N ALA C 293 20.28 25.23 37.31
CA ALA C 293 19.10 25.80 37.93
C ALA C 293 18.30 26.61 36.92
N LYS C 294 16.97 26.44 36.97
CA LYS C 294 16.11 27.23 36.10
C LYS C 294 16.22 28.71 36.38
N GLU C 295 16.75 29.10 37.54
CA GLU C 295 16.93 30.49 37.87
C GLU C 295 18.17 31.08 37.19
N SER C 296 19.24 30.29 37.09
CA SER C 296 20.45 30.78 36.45
C SER C 296 20.26 30.99 34.94
N LEU C 297 19.23 30.39 34.35
CA LEU C 297 18.85 30.73 32.98
C LEU C 297 17.95 31.96 32.93
N TYR C 298 17.01 32.07 33.87
CA TYR C 298 16.14 33.23 33.91
C TYR C 298 16.92 34.52 34.15
N SER C 299 18.10 34.41 34.79
CA SER C 299 18.89 35.59 35.07
C SER C 299 19.59 36.12 33.81
N GLN C 300 19.97 35.24 32.89
CA GLN C 300 20.58 35.69 31.64
C GLN C 300 19.57 36.42 30.77
N LEU C 301 18.31 35.97 30.78
CA LEU C 301 17.25 36.51 29.95
C LEU C 301 17.06 38.00 30.20
N PRO C 302 17.36 38.85 29.23
CA PRO C 302 17.13 40.29 29.40
C PRO C 302 15.65 40.62 29.32
N MET C 303 15.27 41.69 30.01
CA MET C 303 13.89 42.16 29.99
C MET C 303 13.65 42.93 28.69
N ASP C 304 12.87 42.34 27.80
CA ASP C 304 12.52 42.97 26.53
C ASP C 304 11.29 43.86 26.75
N CYS C 305 11.49 45.17 26.63
CA CYS C 305 10.41 46.13 26.73
C CYS C 305 10.14 46.73 25.36
N PHE C 306 8.88 46.70 24.94
CA PHE C 306 8.47 47.14 23.62
C PHE C 306 7.81 48.51 23.72
N THR C 307 8.32 49.48 22.95
CA THR C 307 7.85 50.85 22.99
C THR C 307 7.22 51.20 21.67
N MET C 308 5.99 51.72 21.72
CA MET C 308 5.33 52.18 20.49
C MET C 308 6.08 53.36 19.92
N PRO C 309 6.47 53.32 18.64
CA PRO C 309 7.27 54.42 18.07
C PRO C 309 6.47 55.70 17.86
N SER C 310 7.15 56.77 17.43
CA SER C 310 6.50 58.07 17.33
C SER C 310 5.49 58.12 16.18
N TYR C 311 5.80 57.47 15.06
CA TYR C 311 4.97 57.59 13.87
C TYR C 311 3.59 56.93 14.01
N SER C 312 3.28 56.34 15.16
CA SER C 312 1.96 55.76 15.39
C SER C 312 0.99 56.78 15.96
N SER C 327 -18.46 58.38 -2.01
CA SER C 327 -18.94 57.98 -3.33
C SER C 327 -18.07 56.87 -3.90
N THR C 328 -18.47 55.62 -3.66
CA THR C 328 -17.71 54.45 -4.09
C THR C 328 -18.62 53.56 -4.92
N LYS C 329 -18.33 53.46 -6.22
CA LYS C 329 -19.11 52.61 -7.12
C LYS C 329 -18.51 51.21 -7.15
N SER C 330 -19.39 50.22 -7.23
CA SER C 330 -18.94 48.84 -7.37
C SER C 330 -18.37 48.61 -8.76
N LEU C 331 -17.36 47.73 -8.82
CA LEU C 331 -16.76 47.40 -10.12
C LEU C 331 -17.75 46.76 -11.06
N TRP C 332 -18.69 45.97 -10.52
CA TRP C 332 -19.60 45.18 -11.34
C TRP C 332 -20.73 45.99 -11.95
N VAL C 333 -20.89 47.26 -11.57
CA VAL C 333 -21.89 48.12 -12.18
C VAL C 333 -21.26 49.11 -13.15
N ILE C 334 -19.96 48.98 -13.43
CA ILE C 334 -19.30 49.77 -14.46
C ILE C 334 -19.33 48.93 -15.73
N ASN C 335 -20.22 49.28 -16.66
CA ASN C 335 -20.40 48.52 -17.89
C ASN C 335 -19.63 49.18 -19.02
N SER C 336 -18.35 48.82 -19.14
CA SER C 336 -17.51 49.28 -20.23
C SER C 336 -16.37 48.29 -20.42
N ALA C 337 -15.74 48.37 -21.59
CA ALA C 337 -14.58 47.53 -21.85
C ALA C 337 -13.33 48.14 -21.20
N LEU C 338 -12.33 47.30 -21.00
CA LEU C 338 -11.08 47.77 -20.41
C LEU C 338 -10.32 48.59 -21.44
N ARG C 339 -9.99 49.82 -21.07
CA ARG C 339 -9.34 50.76 -21.98
C ARG C 339 -8.15 51.39 -21.27
N ILE C 340 -7.01 51.42 -21.94
CA ILE C 340 -5.78 51.98 -21.39
C ILE C 340 -5.15 52.87 -22.44
N LYS C 341 -4.73 54.07 -22.04
CA LYS C 341 -4.14 55.02 -22.96
C LYS C 341 -2.62 55.09 -22.76
N ILE C 342 -1.87 54.87 -23.83
CA ILE C 342 -0.43 55.12 -23.84
C ILE C 342 -0.22 56.56 -24.28
N LEU C 343 0.33 57.39 -23.38
CA LEU C 343 0.56 58.81 -23.68
C LEU C 343 1.87 59.00 -24.46
N CYS C 344 2.99 58.86 -23.77
CA CYS C 344 4.30 59.04 -24.39
C CYS C 344 5.35 58.41 -23.50
N ALA C 345 6.56 58.28 -24.04
CA ALA C 345 7.70 57.73 -23.31
C ALA C 345 8.85 58.72 -23.36
N THR C 346 9.56 58.85 -22.24
CA THR C 346 10.60 59.87 -22.14
C THR C 346 11.75 59.59 -23.11
N TYR C 347 12.34 58.40 -23.05
CA TYR C 347 13.43 58.06 -23.93
C TYR C 347 13.64 56.55 -23.93
N VAL C 348 14.23 56.06 -25.02
CA VAL C 348 14.73 54.70 -25.10
C VAL C 348 16.11 54.74 -25.73
N ASN C 349 16.99 53.85 -25.26
CA ASN C 349 18.39 53.85 -25.68
C ASN C 349 18.56 52.85 -26.83
N VAL C 350 18.28 53.33 -28.04
CA VAL C 350 18.41 52.53 -29.26
C VAL C 350 19.31 53.27 -30.23
N ASN C 351 19.95 52.49 -31.10
CA ASN C 351 20.73 53.05 -32.20
C ASN C 351 19.79 53.28 -33.38
N ILE C 352 19.62 54.54 -33.77
CA ILE C 352 18.60 54.90 -34.75
C ILE C 352 18.83 54.22 -36.09
N ARG C 353 20.10 53.95 -36.43
CA ARG C 353 20.40 53.33 -37.71
C ARG C 353 20.09 51.84 -37.72
N ASP C 354 20.24 51.16 -36.58
CA ASP C 354 20.04 49.72 -36.49
C ASP C 354 18.64 49.34 -36.02
N ILE C 355 17.86 50.28 -35.51
CA ILE C 355 16.50 50.02 -35.04
C ILE C 355 15.55 50.87 -35.88
N ASP C 356 14.48 50.24 -36.38
CA ASP C 356 13.54 50.95 -37.25
C ASP C 356 12.55 51.77 -36.45
N LYS C 357 11.76 51.10 -35.59
CA LYS C 357 10.71 51.77 -34.83
C LYS C 357 10.63 51.16 -33.44
N ILE C 358 9.77 51.76 -32.60
CA ILE C 358 9.48 51.23 -31.28
C ILE C 358 7.96 51.24 -31.09
N TYR C 359 7.50 50.36 -30.20
CA TYR C 359 6.07 50.26 -29.94
C TYR C 359 5.87 49.68 -28.54
N VAL C 360 4.68 49.91 -28.00
CA VAL C 360 4.33 49.50 -26.64
C VAL C 360 3.43 48.28 -26.72
N ARG C 361 3.88 47.17 -26.14
CA ARG C 361 3.10 45.95 -26.05
C ARG C 361 2.50 45.86 -24.65
N THR C 362 1.18 45.65 -24.59
CA THR C 362 0.48 45.57 -23.32
C THR C 362 -0.24 44.23 -23.21
N GLY C 363 -0.78 43.98 -22.01
CA GLY C 363 -1.50 42.75 -21.74
C GLY C 363 -2.03 42.68 -20.33
N ILE C 364 -3.25 42.18 -20.18
CA ILE C 364 -3.91 42.07 -18.88
C ILE C 364 -3.70 40.65 -18.37
N TYR C 365 -3.08 40.52 -17.20
CA TYR C 365 -2.64 39.22 -16.71
C TYR C 365 -3.20 38.93 -15.32
N HIS C 366 -3.43 37.64 -15.07
CA HIS C 366 -3.70 37.11 -13.74
C HIS C 366 -2.68 35.99 -13.51
N GLY C 367 -1.68 36.27 -12.68
CA GLY C 367 -0.57 35.35 -12.51
C GLY C 367 0.27 35.30 -13.77
N GLY C 368 0.39 34.12 -14.39
CA GLY C 368 1.09 33.96 -15.64
C GLY C 368 0.22 33.86 -16.86
N GLU C 369 -1.12 33.84 -16.70
CA GLU C 369 -2.00 33.61 -17.85
C GLU C 369 -2.64 34.92 -18.29
N PRO C 370 -2.66 35.19 -19.60
CA PRO C 370 -3.35 36.39 -20.10
C PRO C 370 -4.85 36.31 -19.85
N LEU C 371 -5.41 37.40 -19.32
CA LEU C 371 -6.86 37.51 -19.16
C LEU C 371 -7.56 37.91 -20.45
N CYS C 372 -6.83 38.35 -21.47
CA CYS C 372 -7.41 38.76 -22.74
C CYS C 372 -6.29 38.78 -23.78
N ASP C 373 -6.61 39.25 -24.98
CA ASP C 373 -5.63 39.31 -26.05
C ASP C 373 -4.63 40.44 -25.79
N ASN C 374 -3.36 40.16 -26.06
CA ASN C 374 -2.34 41.19 -25.94
C ASN C 374 -2.56 42.25 -27.02
N VAL C 375 -2.37 43.52 -26.63
CA VAL C 375 -2.68 44.65 -27.49
C VAL C 375 -1.44 45.52 -27.63
N ASN C 376 -0.98 45.71 -28.86
CA ASN C 376 0.17 46.56 -29.13
C ASN C 376 -0.29 47.93 -29.61
N THR C 377 0.54 48.94 -29.35
CA THR C 377 0.33 50.25 -29.91
C THR C 377 0.89 50.30 -31.33
N GLN C 378 0.59 51.39 -32.03
CA GLN C 378 1.18 51.60 -33.34
C GLN C 378 2.68 51.82 -33.21
N ARG C 379 3.39 51.58 -34.31
CA ARG C 379 4.82 51.81 -34.34
C ARG C 379 5.11 53.30 -34.56
N VAL C 380 6.19 53.77 -33.96
CA VAL C 380 6.63 55.17 -34.08
C VAL C 380 8.14 55.20 -34.23
N PRO C 381 8.67 56.24 -34.88
CA PRO C 381 10.13 56.37 -34.97
C PRO C 381 10.77 56.47 -33.60
N CYS C 382 12.00 55.96 -33.50
CA CYS C 382 12.68 55.91 -32.21
C CYS C 382 12.93 57.30 -31.66
N SER C 383 13.30 58.24 -32.52
CA SER C 383 13.64 59.60 -32.10
C SER C 383 12.45 60.36 -31.53
N ASN C 384 11.23 59.86 -31.70
CA ASN C 384 10.03 60.55 -31.23
C ASN C 384 9.07 59.53 -30.65
N PRO C 385 9.29 59.11 -29.39
CA PRO C 385 8.43 58.10 -28.74
C PRO C 385 7.13 58.69 -28.22
N ARG C 386 6.16 58.83 -29.12
CA ARG C 386 4.86 59.40 -28.77
C ARG C 386 3.77 58.63 -29.48
N TRP C 387 2.82 58.10 -28.72
CA TRP C 387 1.71 57.31 -29.24
C TRP C 387 0.36 58.00 -29.10
N ASN C 388 0.02 58.45 -27.88
CA ASN C 388 -1.28 59.06 -27.59
C ASN C 388 -2.42 58.19 -28.12
N GLU C 389 -2.41 56.93 -27.68
CA GLU C 389 -3.25 55.89 -28.25
C GLU C 389 -3.99 55.14 -27.14
N TRP C 390 -5.31 55.10 -27.25
CA TRP C 390 -6.11 54.24 -26.38
C TRP C 390 -6.07 52.80 -26.90
N LEU C 391 -5.72 51.87 -26.02
CA LEU C 391 -5.77 50.45 -26.35
C LEU C 391 -7.05 49.86 -25.76
N ASN C 392 -7.77 49.09 -26.58
CA ASN C 392 -9.04 48.48 -26.18
C ASN C 392 -8.85 46.99 -25.97
N TYR C 393 -9.31 46.49 -24.84
CA TYR C 393 -9.07 45.11 -24.43
C TYR C 393 -10.36 44.31 -24.48
N ASP C 394 -10.25 43.05 -24.90
CA ASP C 394 -11.39 42.13 -24.98
C ASP C 394 -11.68 41.56 -23.60
N ILE C 395 -12.21 42.41 -22.73
CA ILE C 395 -12.59 41.97 -21.39
C ILE C 395 -13.55 43.00 -20.80
N TYR C 396 -14.59 42.48 -20.13
CA TYR C 396 -15.50 43.33 -19.37
C TYR C 396 -14.77 43.91 -18.17
N ILE C 397 -15.12 45.16 -17.83
CA ILE C 397 -14.62 45.75 -16.58
C ILE C 397 -15.09 44.95 -15.36
N PRO C 398 -16.35 44.51 -15.26
CA PRO C 398 -16.72 43.67 -14.11
C PRO C 398 -16.05 42.30 -14.10
N ASP C 399 -15.58 41.81 -15.24
CA ASP C 399 -14.93 40.50 -15.28
C ASP C 399 -13.48 40.54 -14.79
N LEU C 400 -12.95 41.71 -14.50
CA LEU C 400 -11.58 41.82 -14.02
C LEU C 400 -11.42 41.15 -12.67
N PRO C 401 -10.51 40.18 -12.53
CA PRO C 401 -10.25 39.59 -11.21
C PRO C 401 -9.54 40.57 -10.30
N ARG C 402 -9.46 40.19 -9.02
CA ARG C 402 -8.84 41.07 -8.03
C ARG C 402 -7.35 41.21 -8.28
N ALA C 403 -6.68 40.12 -8.69
CA ALA C 403 -5.24 40.11 -8.90
C ALA C 403 -4.85 40.43 -10.34
N ALA C 404 -5.70 41.17 -11.06
CA ALA C 404 -5.42 41.52 -12.44
C ALA C 404 -4.35 42.60 -12.52
N ARG C 405 -3.41 42.41 -13.44
CA ARG C 405 -2.32 43.35 -13.66
C ARG C 405 -2.23 43.71 -15.14
N LEU C 406 -1.53 44.80 -15.41
CA LEU C 406 -1.13 45.17 -16.76
C LEU C 406 0.37 44.95 -16.89
N CYS C 407 0.77 44.13 -17.84
CA CYS C 407 2.17 43.90 -18.17
C CYS C 407 2.47 44.56 -19.50
N LEU C 408 3.33 45.57 -19.50
CA LEU C 408 3.69 46.30 -20.69
C LEU C 408 5.20 46.28 -20.90
N SER C 409 5.61 46.78 -22.06
CA SER C 409 7.02 46.93 -22.38
C SER C 409 7.17 47.78 -23.63
N ILE C 410 8.31 48.44 -23.75
CA ILE C 410 8.70 49.13 -24.97
C ILE C 410 9.52 48.15 -25.81
N CYS C 411 9.07 47.87 -27.02
CA CYS C 411 9.68 46.88 -27.88
C CYS C 411 10.23 47.55 -29.14
N SER C 412 11.49 47.27 -29.44
CA SER C 412 12.10 47.71 -30.69
C SER C 412 11.80 46.72 -31.79
N VAL C 413 11.66 47.22 -33.01
CA VAL C 413 11.40 46.39 -34.18
C VAL C 413 12.52 46.64 -35.18
N LYS C 414 13.18 45.56 -35.61
CA LYS C 414 14.27 45.62 -36.56
C LYS C 414 13.89 44.80 -37.79
N GLY C 415 13.75 45.47 -38.93
CA GLY C 415 13.33 44.79 -40.15
C GLY C 415 14.47 44.50 -41.10
N ARG C 416 15.10 43.34 -40.96
CA ARG C 416 16.19 42.96 -41.85
C ARG C 416 15.67 42.67 -43.26
N LYS C 417 16.59 42.26 -44.12
CA LYS C 417 16.28 41.94 -45.51
C LYS C 417 16.37 40.43 -45.69
N GLY C 418 15.29 39.84 -46.15
CA GLY C 418 15.14 38.39 -46.19
C GLY C 418 13.76 38.03 -45.69
N ALA C 419 12.89 39.04 -45.62
CA ALA C 419 11.50 38.94 -45.16
C ALA C 419 11.40 38.64 -43.68
N LYS C 420 12.53 38.62 -42.96
CA LYS C 420 12.52 38.37 -41.52
C LYS C 420 12.40 39.69 -40.76
N GLU C 421 11.60 39.67 -39.70
CA GLU C 421 11.42 40.81 -38.82
C GLU C 421 11.50 40.34 -37.37
N GLU C 422 12.19 41.11 -36.54
CA GLU C 422 12.44 40.73 -35.15
C GLU C 422 11.87 41.79 -34.20
N HIS C 423 11.20 41.31 -33.16
CA HIS C 423 10.72 42.14 -32.07
C HIS C 423 11.50 41.79 -30.81
N CYS C 424 12.03 42.82 -30.14
CA CYS C 424 12.88 42.64 -28.97
C CYS C 424 12.52 43.67 -27.91
N PRO C 425 12.42 43.26 -26.65
CA PRO C 425 12.05 44.21 -25.59
C PRO C 425 13.20 45.13 -25.20
N LEU C 426 12.86 46.38 -24.97
CA LEU C 426 13.82 47.39 -24.51
C LEU C 426 13.72 47.59 -23.00
N ALA C 427 12.53 47.93 -22.51
CA ALA C 427 12.27 48.05 -21.09
C ALA C 427 10.85 47.60 -20.81
N TRP C 428 10.58 47.23 -19.56
CA TRP C 428 9.28 46.66 -19.20
C TRP C 428 8.82 47.24 -17.87
N GLY C 429 7.55 47.01 -17.57
CA GLY C 429 6.96 47.45 -16.32
C GLY C 429 5.58 46.90 -16.07
N ASN C 430 5.36 46.32 -14.89
CA ASN C 430 4.06 45.80 -14.50
C ASN C 430 3.39 46.73 -13.51
N ILE C 431 2.06 46.72 -13.49
CA ILE C 431 1.28 47.56 -12.59
C ILE C 431 0.07 46.77 -12.10
N ASN C 432 -0.35 47.05 -10.86
CA ASN C 432 -1.58 46.49 -10.35
C ASN C 432 -2.76 47.34 -10.77
N LEU C 433 -3.76 46.72 -11.39
CA LEU C 433 -4.94 47.46 -11.85
C LEU C 433 -5.76 48.00 -10.69
N PHE C 434 -5.77 47.28 -9.56
CA PHE C 434 -6.36 47.78 -8.32
C PHE C 434 -5.24 48.04 -7.32
N ASP C 435 -5.33 49.14 -6.60
CA ASP C 435 -4.34 49.45 -5.57
C ASP C 435 -4.66 48.65 -4.31
N TYR C 436 -3.96 48.94 -3.22
CA TYR C 436 -4.12 48.17 -2.00
C TYR C 436 -5.44 48.44 -1.28
N THR C 437 -6.25 49.39 -1.77
CA THR C 437 -7.54 49.70 -1.19
C THR C 437 -8.70 49.22 -2.07
N ASP C 438 -8.44 48.25 -2.95
CA ASP C 438 -9.43 47.71 -3.88
C ASP C 438 -9.96 48.76 -4.86
N THR C 439 -9.24 49.86 -5.05
CA THR C 439 -9.65 50.92 -5.96
C THR C 439 -9.09 50.64 -7.35
N LEU C 440 -9.97 50.63 -8.35
CA LEU C 440 -9.54 50.52 -9.74
C LEU C 440 -8.80 51.79 -10.14
N VAL C 441 -7.53 51.64 -10.52
CA VAL C 441 -6.69 52.81 -10.79
C VAL C 441 -7.29 53.63 -11.93
N SER C 442 -7.09 54.95 -11.86
CA SER C 442 -7.73 55.85 -12.80
C SER C 442 -6.84 57.07 -13.01
N GLY C 443 -7.05 57.74 -14.14
CA GLY C 443 -6.32 58.94 -14.46
C GLY C 443 -4.98 58.65 -15.12
N LYS C 444 -4.20 59.72 -15.27
CA LYS C 444 -2.85 59.58 -15.83
C LYS C 444 -1.94 58.90 -14.82
N MET C 445 -0.91 58.23 -15.35
CA MET C 445 0.02 57.47 -14.51
C MET C 445 1.37 57.41 -15.19
N ALA C 446 2.43 57.69 -14.44
CA ALA C 446 3.80 57.66 -14.95
C ALA C 446 4.52 56.46 -14.34
N LEU C 447 5.02 55.57 -15.20
CA LEU C 447 5.61 54.31 -14.78
C LEU C 447 7.05 54.25 -15.28
N ASN C 448 8.01 54.28 -14.35
CA ASN C 448 9.42 54.15 -14.71
C ASN C 448 9.75 52.68 -14.91
N LEU C 449 10.27 52.36 -16.08
CA LEU C 449 10.45 50.97 -16.47
C LEU C 449 11.74 50.39 -15.89
N TRP C 450 11.88 49.08 -16.04
CA TRP C 450 12.98 48.29 -15.53
C TRP C 450 13.84 47.76 -16.68
N PRO C 451 15.14 47.56 -16.45
CA PRO C 451 15.96 46.91 -17.48
C PRO C 451 15.49 45.49 -17.71
N VAL C 452 15.52 45.07 -18.97
CA VAL C 452 15.11 43.69 -19.29
C VAL C 452 16.13 42.73 -18.70
N PRO C 453 15.70 41.70 -17.98
CA PRO C 453 16.66 40.76 -17.38
C PRO C 453 17.52 40.10 -18.44
N HIS C 454 18.69 39.62 -17.99
CA HIS C 454 19.64 38.99 -18.90
C HIS C 454 19.08 37.66 -19.41
N GLY C 455 18.95 37.54 -20.72
CA GLY C 455 18.41 36.36 -21.34
C GLY C 455 16.92 36.42 -21.63
N LEU C 456 16.18 37.32 -21.00
CA LEU C 456 14.76 37.44 -21.29
C LEU C 456 14.57 38.03 -22.68
N GLU C 457 13.86 37.30 -23.53
CA GLU C 457 13.54 37.76 -24.87
C GLU C 457 12.04 37.88 -25.10
N ASP C 458 11.22 37.42 -24.15
CA ASP C 458 9.78 37.63 -24.24
C ASP C 458 9.47 39.12 -24.26
N LEU C 459 8.40 39.49 -24.96
CA LEU C 459 8.06 40.90 -25.10
C LEU C 459 7.44 41.47 -23.82
N LEU C 460 6.75 40.64 -23.03
CA LEU C 460 6.23 41.03 -21.73
C LEU C 460 6.95 40.24 -20.65
N ASN C 461 6.79 40.68 -19.40
CA ASN C 461 7.46 40.05 -18.26
C ASN C 461 6.49 39.98 -17.09
N PRO C 462 5.64 38.95 -17.04
CA PRO C 462 4.64 38.85 -15.98
C PRO C 462 5.23 38.41 -14.64
N ILE C 463 6.33 37.65 -14.68
CA ILE C 463 6.95 37.17 -13.46
C ILE C 463 7.72 38.27 -12.75
N GLY C 464 8.12 39.33 -13.46
CA GLY C 464 8.82 40.42 -12.83
C GLY C 464 7.97 41.17 -11.83
N VAL C 465 8.66 41.89 -10.95
CA VAL C 465 7.97 42.62 -9.88
C VAL C 465 7.09 43.72 -10.49
N THR C 466 5.97 43.99 -9.83
CA THR C 466 5.05 45.04 -10.25
C THR C 466 5.33 46.32 -9.47
N GLY C 467 4.98 47.43 -10.09
CA GLY C 467 5.26 48.74 -9.52
C GLY C 467 6.39 49.44 -10.25
N SER C 468 6.48 50.74 -10.04
CA SER C 468 7.45 51.54 -10.76
C SER C 468 8.86 51.32 -10.23
N ASN C 469 9.84 51.43 -11.12
CA ASN C 469 11.24 51.37 -10.73
C ASN C 469 11.55 52.54 -9.79
N PRO C 470 12.10 52.29 -8.60
CA PRO C 470 12.49 53.42 -7.74
C PRO C 470 13.51 54.34 -8.39
N ASN C 471 14.44 53.77 -9.17
CA ASN C 471 15.38 54.57 -9.94
C ASN C 471 14.62 55.30 -11.03
N LYS C 472 14.43 56.60 -10.85
CA LYS C 472 13.65 57.42 -11.78
C LYS C 472 14.50 58.00 -12.89
N GLU C 473 15.77 57.62 -12.97
CA GLU C 473 16.64 58.01 -14.09
C GLU C 473 16.67 56.92 -15.15
N THR C 474 15.48 56.49 -15.57
CA THR C 474 15.27 55.39 -16.49
C THR C 474 14.17 55.78 -17.48
N PRO C 475 13.93 54.98 -18.52
CA PRO C 475 12.78 55.28 -19.40
C PRO C 475 11.48 55.32 -18.61
N CYS C 476 10.73 56.39 -18.78
CA CYS C 476 9.50 56.64 -18.03
C CYS C 476 8.32 56.72 -18.99
N LEU C 477 7.35 55.83 -18.81
CA LEU C 477 6.24 55.67 -19.74
C LEU C 477 4.98 56.30 -19.14
N GLU C 478 4.41 57.28 -19.85
CA GLU C 478 3.22 57.96 -19.38
C GLU C 478 1.98 57.17 -19.80
N LEU C 479 1.12 56.84 -18.84
CA LEU C 479 -0.12 56.12 -19.08
C LEU C 479 -1.31 56.99 -18.70
N GLU C 480 -2.50 56.54 -19.09
CA GLU C 480 -3.74 57.14 -18.63
C GLU C 480 -4.84 56.07 -18.66
N PHE C 481 -5.56 55.94 -17.55
CA PHE C 481 -6.64 54.98 -17.44
C PHE C 481 -7.98 55.70 -17.50
N ASP C 482 -9.00 54.96 -17.89
CA ASP C 482 -10.33 55.52 -18.04
C ASP C 482 -10.91 55.95 -16.70
N TRP C 483 -11.75 56.98 -16.73
CA TRP C 483 -12.49 57.42 -15.58
C TRP C 483 -13.98 57.15 -15.78
N PHE C 484 -14.69 56.93 -14.67
CA PHE C 484 -16.11 56.66 -14.72
C PHE C 484 -16.88 57.58 -13.79
N SER C 485 -16.41 58.83 -13.66
CA SER C 485 -17.08 59.89 -12.91
C SER C 485 -17.32 59.52 -11.45
N SER C 486 -16.56 58.58 -10.92
CA SER C 486 -16.67 58.15 -9.53
C SER C 486 -15.53 57.19 -9.23
N VAL C 487 -15.23 57.03 -7.94
CA VAL C 487 -14.23 56.06 -7.51
C VAL C 487 -14.81 54.66 -7.64
N VAL C 488 -14.07 53.77 -8.30
CA VAL C 488 -14.51 52.40 -8.54
C VAL C 488 -13.78 51.48 -7.57
N LYS C 489 -14.54 50.69 -6.81
CA LYS C 489 -13.99 49.76 -5.85
C LYS C 489 -14.33 48.33 -6.26
N PHE C 490 -13.44 47.41 -5.95
CA PHE C 490 -13.74 45.99 -6.13
C PHE C 490 -14.83 45.59 -5.15
N PRO C 491 -15.84 44.84 -5.59
CA PRO C 491 -16.99 44.54 -4.72
C PRO C 491 -16.58 43.72 -3.50
N ASP C 492 -17.42 43.83 -2.47
CA ASP C 492 -17.16 43.13 -1.22
C ASP C 492 -17.29 41.61 -1.43
N MET C 493 -16.65 40.86 -0.53
CA MET C 493 -16.70 39.41 -0.63
C MET C 493 -18.10 38.87 -0.35
N SER C 494 -18.90 39.61 0.43
CA SER C 494 -20.28 39.20 0.65
C SER C 494 -21.08 39.31 -0.64
N VAL C 495 -20.82 40.34 -1.44
CA VAL C 495 -21.54 40.51 -2.70
C VAL C 495 -21.17 39.41 -3.69
N ILE C 496 -19.90 39.00 -3.69
CA ILE C 496 -19.45 37.99 -4.65
C ILE C 496 -19.96 36.61 -4.28
N GLU C 497 -19.89 36.24 -2.99
CA GLU C 497 -20.38 34.93 -2.58
C GLU C 497 -21.90 34.83 -2.69
N GLU C 498 -22.62 35.93 -2.42
CA GLU C 498 -24.06 35.94 -2.61
C GLU C 498 -24.42 35.78 -4.09
N HIS C 499 -23.67 36.45 -4.98
CA HIS C 499 -23.87 36.27 -6.41
C HIS C 499 -23.57 34.85 -6.86
N ALA C 500 -22.73 34.12 -6.11
CA ALA C 500 -22.34 32.78 -6.51
C ALA C 500 -23.44 31.75 -6.28
N ASN C 501 -24.26 31.94 -5.24
CA ASN C 501 -25.38 31.04 -5.01
C ASN C 501 -26.32 30.96 -6.21
N TRP C 502 -26.33 32.00 -7.04
CA TRP C 502 -27.22 32.08 -8.20
C TRP C 502 -26.45 32.00 -9.51
N SER C 503 -25.31 31.33 -9.50
CA SER C 503 -24.55 31.06 -10.71
C SER C 503 -24.32 29.58 -10.96
N VAL C 504 -24.58 28.72 -9.96
CA VAL C 504 -24.54 27.28 -10.18
C VAL C 504 -25.87 26.75 -10.71
N SER C 505 -26.95 27.52 -10.54
CA SER C 505 -28.26 27.16 -11.07
C SER C 505 -28.66 28.00 -12.27
N ARG C 506 -27.87 29.02 -12.62
CA ARG C 506 -28.16 29.88 -13.76
C ARG C 506 -27.23 29.65 -14.95
N GLU C 507 -25.99 29.21 -14.69
CA GLU C 507 -25.09 28.88 -15.78
C GLU C 507 -25.59 27.69 -16.59
N ALA C 508 -26.35 26.79 -15.95
CA ALA C 508 -26.93 25.65 -16.65
C ALA C 508 -28.43 25.83 -16.82
N GLY C 509 -28.85 26.88 -17.52
CA GLY C 509 -30.25 27.08 -17.79
C GLY C 509 -30.71 28.52 -17.91
N PHE C 510 -31.34 28.85 -19.02
CA PHE C 510 -32.13 30.08 -19.14
C PHE C 510 -33.53 29.80 -18.62
N SER C 511 -33.60 29.65 -17.29
CA SER C 511 -34.76 29.14 -16.57
C SER C 511 -35.01 27.68 -16.92
N TYR C 512 -36.27 27.24 -16.85
CA TYR C 512 -36.61 25.82 -16.91
C TYR C 512 -36.46 25.23 -18.30
N SER C 513 -35.32 25.47 -18.97
CA SER C 513 -35.08 24.89 -20.29
C SER C 513 -33.63 25.01 -20.74
N HIS C 514 -33.29 26.15 -21.34
CA HIS C 514 -32.06 26.29 -22.14
C HIS C 514 -30.82 26.22 -21.27
N ALA C 515 -30.40 24.99 -20.97
CA ALA C 515 -29.13 24.71 -20.31
C ALA C 515 -28.02 24.39 -21.32
N GLY C 516 -28.06 25.01 -22.49
CA GLY C 516 -27.19 24.63 -23.58
C GLY C 516 -26.19 25.68 -24.03
N LEU C 517 -26.44 26.96 -23.74
CA LEU C 517 -25.52 28.01 -24.14
C LEU C 517 -24.36 28.11 -23.16
N SER C 518 -24.05 27.01 -22.49
CA SER C 518 -22.91 26.89 -21.58
C SER C 518 -22.69 25.43 -21.23
N ASN C 519 -21.49 24.91 -21.50
CA ASN C 519 -21.21 23.49 -21.30
C ASN C 519 -20.13 23.23 -20.26
N ARG C 520 -19.69 24.25 -19.52
CA ARG C 520 -18.67 24.08 -18.50
C ARG C 520 -19.26 23.76 -17.13
N LEU C 521 -20.56 23.56 -17.03
CA LEU C 521 -21.22 23.20 -15.78
C LEU C 521 -21.96 21.89 -15.98
N ALA C 522 -21.36 20.79 -15.55
CA ALA C 522 -22.02 19.51 -15.47
C ALA C 522 -22.62 19.31 -14.09
N ARG C 523 -23.69 18.50 -14.02
CA ARG C 523 -24.33 18.20 -12.75
C ARG C 523 -23.39 17.43 -11.83
N ASP C 524 -23.82 17.18 -10.59
CA ASP C 524 -23.10 16.28 -9.70
C ASP C 524 -23.65 14.86 -9.75
N ASN C 525 -24.52 14.57 -10.71
CA ASN C 525 -24.85 13.20 -11.09
C ASN C 525 -24.19 12.82 -12.40
N GLU C 526 -23.33 13.69 -12.94
CA GLU C 526 -22.51 13.36 -14.10
C GLU C 526 -21.22 12.64 -13.72
N LEU C 527 -20.71 12.90 -12.52
CA LEU C 527 -19.50 12.25 -12.03
C LEU C 527 -19.67 10.73 -12.00
N ARG C 528 -19.60 10.10 -13.16
CA ARG C 528 -19.79 8.66 -13.26
C ARG C 528 -18.56 7.94 -12.69
N GLU C 529 -18.50 6.62 -12.90
CA GLU C 529 -17.38 5.85 -12.40
C GLU C 529 -16.11 6.11 -13.21
N ASN C 530 -16.26 6.48 -14.48
CA ASN C 530 -15.08 6.81 -15.28
C ASN C 530 -14.52 8.18 -14.90
N ASP C 531 -15.39 9.13 -14.56
CA ASP C 531 -14.94 10.48 -14.21
C ASP C 531 -14.14 10.48 -12.91
N LYS C 532 -14.58 9.70 -11.92
CA LYS C 532 -13.94 9.74 -10.61
C LYS C 532 -12.52 9.19 -10.65
N GLU C 533 -12.25 8.21 -11.52
CA GLU C 533 -10.90 7.68 -11.64
C GLU C 533 -9.99 8.60 -12.43
N GLN C 534 -10.55 9.57 -13.17
CA GLN C 534 -9.76 10.56 -13.86
C GLN C 534 -9.37 11.72 -12.95
N LEU C 535 -10.23 12.08 -12.00
CA LEU C 535 -9.90 13.14 -11.06
C LEU C 535 -8.73 12.76 -10.16
N LYS C 536 -8.59 11.47 -9.83
CA LYS C 536 -7.48 11.04 -8.99
C LYS C 536 -6.16 11.11 -9.75
N ALA C 537 -6.17 10.73 -11.04
CA ALA C 537 -4.95 10.83 -11.84
C ALA C 537 -4.53 12.28 -12.05
N ILE C 538 -5.49 13.21 -12.11
CA ILE C 538 -5.16 14.61 -12.30
C ILE C 538 -4.46 15.17 -11.07
N SER C 539 -4.90 14.79 -9.88
CA SER C 539 -4.32 15.33 -8.66
C SER C 539 -2.88 14.88 -8.46
N THR C 540 -2.52 13.70 -8.95
CA THR C 540 -1.18 13.16 -8.70
C THR C 540 -0.13 13.69 -9.66
N ARG C 541 -0.52 14.46 -10.67
CA ARG C 541 0.47 15.01 -11.59
C ARG C 541 1.10 16.26 -10.98
N ASP C 542 2.26 16.62 -11.51
CA ASP C 542 3.08 17.69 -10.96
C ASP C 542 2.50 19.06 -11.29
N PRO C 543 2.92 20.11 -10.58
CA PRO C 543 2.37 21.45 -10.87
C PRO C 543 2.77 21.99 -12.23
N LEU C 544 3.81 21.45 -12.86
CA LEU C 544 4.23 21.87 -14.18
C LEU C 544 3.76 20.93 -15.28
N SER C 545 2.84 20.02 -14.97
CA SER C 545 2.32 19.10 -15.98
C SER C 545 1.41 19.84 -16.95
N GLU C 546 1.44 19.41 -18.21
CA GLU C 546 0.53 19.98 -19.21
C GLU C 546 -0.91 19.77 -18.78
N ILE C 547 -1.70 20.83 -18.85
CA ILE C 547 -3.13 20.76 -18.61
C ILE C 547 -3.83 21.22 -19.89
N THR C 548 -4.46 20.28 -20.58
CA THR C 548 -5.13 20.59 -21.84
C THR C 548 -6.40 21.40 -21.57
N GLU C 549 -6.87 22.09 -22.61
CA GLU C 549 -8.08 22.88 -22.47
C GLU C 549 -9.29 22.01 -22.17
N GLN C 550 -9.27 20.75 -22.64
CA GLN C 550 -10.33 19.81 -22.28
C GLN C 550 -10.33 19.54 -20.78
N GLU C 551 -9.14 19.28 -20.21
CA GLU C 551 -9.06 19.00 -18.78
C GLU C 551 -9.46 20.20 -17.94
N LYS C 552 -9.26 21.42 -18.45
CA LYS C 552 -9.71 22.60 -17.74
C LYS C 552 -11.22 22.62 -17.62
N ASP C 553 -11.92 22.34 -18.73
CA ASP C 553 -13.37 22.34 -18.69
C ASP C 553 -13.90 21.21 -17.82
N PHE C 554 -13.21 20.07 -17.81
CA PHE C 554 -13.68 18.92 -17.04
C PHE C 554 -13.57 19.17 -15.55
N LEU C 555 -12.44 19.70 -15.09
CA LEU C 555 -12.26 19.94 -13.67
C LEU C 555 -13.28 20.96 -13.15
N TRP C 556 -13.62 21.95 -13.97
CA TRP C 556 -14.54 22.98 -13.50
C TRP C 556 -15.96 22.44 -13.40
N SER C 557 -16.34 21.55 -14.30
CA SER C 557 -17.72 21.06 -14.35
C SER C 557 -18.06 20.16 -13.17
N HIS C 558 -17.06 19.59 -12.51
CA HIS C 558 -17.25 18.75 -11.33
C HIS C 558 -16.60 19.39 -10.11
N ARG C 559 -16.68 20.73 -10.03
CA ARG C 559 -15.95 21.47 -9.00
C ARG C 559 -16.47 21.14 -7.60
N HIS C 560 -17.78 20.97 -7.46
CA HIS C 560 -18.34 20.61 -6.16
C HIS C 560 -17.81 19.27 -5.69
N TYR C 561 -17.53 18.36 -6.63
CA TYR C 561 -17.01 17.05 -6.27
C TYR C 561 -15.52 17.07 -5.96
N CYS C 562 -14.82 18.17 -6.29
CA CYS C 562 -13.39 18.24 -6.02
C CYS C 562 -13.11 18.29 -4.52
N VAL C 563 -14.08 18.77 -3.73
CA VAL C 563 -13.86 18.96 -2.30
C VAL C 563 -13.53 17.65 -1.60
N THR C 564 -14.02 16.53 -2.12
CA THR C 564 -13.71 15.23 -1.53
C THR C 564 -12.23 14.92 -1.62
N ILE C 565 -11.60 15.27 -2.75
CA ILE C 565 -10.17 15.03 -2.95
C ILE C 565 -9.46 16.39 -2.93
N PRO C 566 -9.15 16.93 -1.75
CA PRO C 566 -8.80 18.35 -1.67
C PRO C 566 -7.43 18.71 -2.23
N GLU C 567 -6.53 17.75 -2.43
CA GLU C 567 -5.21 18.07 -2.94
C GLU C 567 -5.21 18.36 -4.45
N ILE C 568 -6.39 18.42 -5.07
CA ILE C 568 -6.53 18.82 -6.47
C ILE C 568 -6.82 20.31 -6.62
N LEU C 569 -6.86 21.05 -5.52
CA LEU C 569 -7.18 22.47 -5.58
C LEU C 569 -6.24 23.30 -6.44
N PRO C 570 -4.92 23.11 -6.41
CA PRO C 570 -4.06 23.90 -7.32
C PRO C 570 -4.44 23.76 -8.78
N LYS C 571 -4.94 22.59 -9.19
CA LYS C 571 -5.27 22.36 -10.59
C LYS C 571 -6.68 22.79 -10.94
N LEU C 572 -7.60 22.79 -9.97
CA LEU C 572 -8.92 23.38 -10.21
C LEU C 572 -8.80 24.90 -10.36
N LEU C 573 -7.97 25.53 -9.51
CA LEU C 573 -7.79 26.97 -9.58
C LEU C 573 -7.23 27.42 -10.93
N LEU C 574 -6.41 26.59 -11.55
CA LEU C 574 -5.87 26.91 -12.88
C LEU C 574 -6.83 26.55 -14.00
N SER C 575 -7.92 25.84 -13.71
CA SER C 575 -8.94 25.56 -14.71
C SER C 575 -10.04 26.61 -14.73
N VAL C 576 -10.14 27.44 -13.69
CA VAL C 576 -11.15 28.49 -13.66
C VAL C 576 -10.80 29.58 -14.66
N LYS C 577 -11.83 30.15 -15.28
CA LYS C 577 -11.66 31.32 -16.15
C LYS C 577 -11.71 32.55 -15.27
N TRP C 578 -10.54 33.11 -14.95
CA TRP C 578 -10.47 34.27 -14.08
C TRP C 578 -11.05 35.52 -14.73
N ASN C 579 -11.23 35.50 -16.06
CA ASN C 579 -11.80 36.63 -16.78
C ASN C 579 -13.33 36.58 -16.83
N SER C 580 -13.97 35.97 -15.84
CA SER C 580 -15.42 35.92 -15.78
C SER C 580 -15.84 35.97 -14.32
N ARG C 581 -16.62 36.98 -13.95
CA ARG C 581 -17.00 37.15 -12.55
C ARG C 581 -17.91 36.03 -12.07
N ASP C 582 -18.63 35.38 -12.97
CA ASP C 582 -19.53 34.31 -12.56
C ASP C 582 -18.75 33.06 -12.13
N GLU C 583 -17.68 32.72 -12.85
CA GLU C 583 -16.83 31.62 -12.41
C GLU C 583 -15.98 32.02 -11.21
N VAL C 584 -15.51 33.28 -11.18
CA VAL C 584 -14.72 33.75 -10.05
C VAL C 584 -15.57 33.73 -8.77
N ALA C 585 -16.86 34.04 -8.89
CA ALA C 585 -17.73 34.03 -7.72
C ALA C 585 -17.86 32.62 -7.14
N GLN C 586 -18.01 31.62 -8.02
CA GLN C 586 -18.18 30.25 -7.54
C GLN C 586 -16.89 29.72 -6.93
N MET C 587 -15.74 30.03 -7.54
CA MET C 587 -14.47 29.56 -7.00
C MET C 587 -14.19 30.18 -5.63
N TYR C 588 -14.68 31.40 -5.39
CA TYR C 588 -14.51 32.01 -4.08
C TYR C 588 -15.28 31.26 -3.00
N CYS C 589 -16.48 30.77 -3.32
CA CYS C 589 -17.26 30.02 -2.36
C CYS C 589 -16.66 28.63 -2.09
N LEU C 590 -16.08 28.00 -3.12
CA LEU C 590 -15.42 26.72 -2.90
C LEU C 590 -14.16 26.87 -2.04
N VAL C 591 -13.46 28.00 -2.16
CA VAL C 591 -12.24 28.19 -1.39
C VAL C 591 -12.54 28.63 0.05
N LYS C 592 -13.72 29.21 0.30
CA LYS C 592 -14.07 29.60 1.66
C LYS C 592 -14.27 28.37 2.56
N ASP C 593 -14.82 27.30 2.00
CA ASP C 593 -15.11 26.07 2.75
C ASP C 593 -14.22 24.92 2.34
N TRP C 594 -13.09 25.19 1.68
CA TRP C 594 -12.24 24.11 1.22
C TRP C 594 -11.52 23.46 2.41
N PRO C 595 -11.41 22.14 2.43
CA PRO C 595 -10.67 21.48 3.51
C PRO C 595 -9.20 21.84 3.43
N PRO C 596 -8.56 22.08 4.57
CA PRO C 596 -7.12 22.40 4.55
C PRO C 596 -6.32 21.23 4.00
N ILE C 597 -5.23 21.58 3.31
CA ILE C 597 -4.29 20.59 2.79
C ILE C 597 -2.96 20.78 3.55
N LYS C 598 -2.06 19.83 3.35
CA LYS C 598 -0.78 19.85 4.06
C LYS C 598 -0.01 21.11 3.70
N PRO C 599 0.83 21.62 4.61
CA PRO C 599 1.68 22.77 4.26
C PRO C 599 2.54 22.52 3.03
N GLU C 600 3.05 21.30 2.86
CA GLU C 600 3.87 20.98 1.70
C GLU C 600 3.14 21.19 0.38
N GLN C 601 1.80 21.22 0.40
CA GLN C 601 1.01 21.47 -0.79
C GLN C 601 0.35 22.84 -0.81
N ALA C 602 0.14 23.45 0.36
CA ALA C 602 -0.46 24.78 0.41
C ALA C 602 0.54 25.88 0.07
N MET C 603 1.85 25.60 0.16
CA MET C 603 2.84 26.60 -0.21
C MET C 603 2.80 26.90 -1.69
N GLU C 604 2.44 25.90 -2.51
CA GLU C 604 2.33 26.10 -3.95
C GLU C 604 1.34 27.22 -4.28
N LEU C 605 0.30 27.35 -3.48
CA LEU C 605 -0.66 28.44 -3.65
C LEU C 605 -0.09 29.80 -3.28
N LEU C 606 1.19 29.87 -2.91
CA LEU C 606 1.84 31.14 -2.58
C LEU C 606 2.87 31.57 -3.63
N ASP C 607 3.08 30.80 -4.68
CA ASP C 607 4.06 31.18 -5.69
C ASP C 607 3.47 32.23 -6.62
N CYS C 608 4.17 32.55 -7.71
CA CYS C 608 3.70 33.58 -8.64
C CYS C 608 2.46 33.17 -9.41
N ASN C 609 2.12 31.89 -9.43
CA ASN C 609 1.02 31.41 -10.27
C ASN C 609 -0.35 31.68 -9.66
N TYR C 610 -0.43 31.91 -8.34
CA TYR C 610 -1.70 32.11 -7.64
C TYR C 610 -1.67 33.47 -6.97
N PRO C 611 -1.95 34.55 -7.72
CA PRO C 611 -1.90 35.89 -7.13
C PRO C 611 -3.18 36.30 -6.44
N ASP C 612 -4.25 35.52 -6.56
CA ASP C 612 -5.54 35.91 -6.00
C ASP C 612 -5.43 36.00 -4.48
N PRO C 613 -5.97 37.05 -3.85
CA PRO C 613 -5.82 37.18 -2.40
C PRO C 613 -6.58 36.12 -1.61
N MET C 614 -7.70 35.63 -2.13
CA MET C 614 -8.46 34.60 -1.42
C MET C 614 -7.70 33.28 -1.38
N VAL C 615 -7.10 32.89 -2.49
CA VAL C 615 -6.32 31.65 -2.53
C VAL C 615 -5.15 31.73 -1.57
N ARG C 616 -4.38 32.83 -1.64
CA ARG C 616 -3.27 33.02 -0.71
C ARG C 616 -3.76 33.13 0.71
N GLY C 617 -4.94 33.74 0.91
CA GLY C 617 -5.56 33.74 2.23
C GLY C 617 -5.85 32.34 2.72
N PHE C 618 -6.38 31.49 1.85
CA PHE C 618 -6.59 30.09 2.22
C PHE C 618 -5.26 29.37 2.46
N ALA C 619 -4.23 29.72 1.68
CA ALA C 619 -2.94 29.05 1.82
C ALA C 619 -2.27 29.39 3.14
N VAL C 620 -2.42 30.64 3.61
CA VAL C 620 -1.81 31.02 4.87
C VAL C 620 -2.63 30.46 6.03
N ARG C 621 -3.94 30.23 5.81
CA ARG C 621 -4.76 29.60 6.83
C ARG C 621 -4.26 28.21 7.18
N CYS C 622 -3.91 27.43 6.15
CA CYS C 622 -3.37 26.09 6.39
C CYS C 622 -2.04 26.15 7.15
N LEU C 623 -1.25 27.20 6.93
CA LEU C 623 0.01 27.33 7.64
C LEU C 623 -0.20 27.72 9.10
N GLU C 624 -1.23 28.53 9.38
CA GLU C 624 -1.48 28.96 10.76
C GLU C 624 -1.96 27.81 11.63
N LYS C 625 -2.66 26.84 11.06
CA LYS C 625 -3.24 25.76 11.85
C LYS C 625 -2.42 24.49 11.85
N TYR C 626 -1.57 24.27 10.84
CA TYR C 626 -0.87 22.98 10.69
C TYR C 626 0.64 23.09 10.53
N LEU C 627 1.19 24.25 10.16
CA LEU C 627 2.63 24.38 9.94
C LEU C 627 3.34 24.52 11.28
N THR C 628 4.15 23.53 11.63
CA THR C 628 4.95 23.59 12.84
C THR C 628 6.15 24.52 12.63
N ASP C 629 6.73 24.96 13.74
CA ASP C 629 7.89 25.86 13.66
C ASP C 629 9.08 25.17 13.01
N ASP C 630 9.18 23.84 13.15
CA ASP C 630 10.28 23.12 12.52
C ASP C 630 10.18 23.20 11.00
N LYS C 631 9.01 22.89 10.44
CA LYS C 631 8.83 23.01 9.00
C LYS C 631 8.91 24.47 8.55
N LEU C 632 8.55 25.41 9.43
CA LEU C 632 8.64 26.82 9.05
C LEU C 632 10.08 27.25 8.83
N SER C 633 10.97 26.86 9.75
CA SER C 633 12.40 27.10 9.53
C SER C 633 12.92 26.29 8.34
N GLN C 634 12.35 25.11 8.11
CA GLN C 634 12.76 24.30 6.97
C GLN C 634 12.44 25.01 5.66
N TYR C 635 11.32 25.72 5.60
CA TYR C 635 10.85 26.37 4.38
C TYR C 635 10.91 27.90 4.46
N LEU C 636 11.72 28.45 5.38
CA LEU C 636 11.75 29.90 5.54
C LEU C 636 12.36 30.57 4.31
N ILE C 637 13.31 29.91 3.65
CA ILE C 637 13.89 30.44 2.42
C ILE C 637 12.80 30.71 1.40
N GLN C 638 11.94 29.72 1.18
CA GLN C 638 10.91 29.83 0.14
C GLN C 638 9.79 30.79 0.55
N LEU C 639 9.50 30.89 1.85
CA LEU C 639 8.40 31.74 2.29
C LEU C 639 8.78 33.21 2.36
N VAL C 640 10.07 33.51 2.56
CA VAL C 640 10.52 34.89 2.48
C VAL C 640 10.54 35.36 1.02
N GLN C 641 10.84 34.45 0.10
CA GLN C 641 10.94 34.81 -1.31
C GLN C 641 9.58 35.19 -1.88
N VAL C 642 8.55 34.40 -1.58
CA VAL C 642 7.23 34.56 -2.18
C VAL C 642 6.61 35.89 -1.74
N LEU C 643 7.29 36.61 -0.86
CA LEU C 643 6.82 37.92 -0.45
C LEU C 643 6.89 38.92 -1.60
N LYS C 644 7.82 38.72 -2.52
CA LYS C 644 7.93 39.58 -3.70
C LYS C 644 6.69 39.53 -4.57
N TYR C 645 5.92 38.44 -4.52
CA TYR C 645 4.80 38.23 -5.42
C TYR C 645 3.46 38.68 -4.84
N GLU C 646 3.42 39.07 -3.56
CA GLU C 646 2.23 39.69 -3.02
C GLU C 646 2.00 41.03 -3.70
N GLN C 647 0.73 41.31 -4.04
CA GLN C 647 0.42 42.54 -4.75
C GLN C 647 0.78 43.77 -3.92
N TYR C 648 0.54 43.72 -2.62
CA TYR C 648 0.66 44.88 -1.76
C TYR C 648 1.57 44.59 -0.58
N LEU C 649 1.95 45.64 0.13
CA LEU C 649 2.89 45.48 1.25
C LEU C 649 2.24 44.73 2.40
N ASP C 650 1.07 45.19 2.85
CA ASP C 650 0.38 44.54 3.95
C ASP C 650 -0.47 43.41 3.40
N ASN C 651 -0.12 42.17 3.75
CA ASN C 651 -0.89 41.00 3.35
C ASN C 651 -0.86 39.98 4.48
N LEU C 652 -1.61 38.90 4.29
CA LEU C 652 -1.73 37.91 5.36
C LEU C 652 -0.46 37.08 5.52
N LEU C 653 0.30 36.88 4.44
CA LEU C 653 1.50 36.06 4.52
C LEU C 653 2.58 36.73 5.37
N VAL C 654 2.76 38.04 5.21
CA VAL C 654 3.81 38.74 5.95
C VAL C 654 3.44 38.86 7.43
N ARG C 655 2.16 39.12 7.73
CA ARG C 655 1.72 39.18 9.11
C ARG C 655 1.96 37.85 9.82
N PHE C 656 1.64 36.74 9.14
CA PHE C 656 1.93 35.42 9.70
C PHE C 656 3.42 35.16 9.82
N LEU C 657 4.23 35.66 8.88
CA LEU C 657 5.68 35.46 8.95
C LEU C 657 6.31 36.34 10.01
N LEU C 658 5.87 37.59 10.14
CA LEU C 658 6.40 38.45 11.19
C LEU C 658 6.01 37.95 12.57
N LYS C 659 4.75 37.52 12.72
CA LYS C 659 4.26 37.04 14.01
C LYS C 659 5.05 35.82 14.47
N LYS C 660 5.42 34.94 13.54
CA LYS C 660 6.23 33.77 13.91
C LYS C 660 7.65 34.18 14.25
N ALA C 661 8.26 35.06 13.45
CA ALA C 661 9.61 35.51 13.72
C ALA C 661 9.69 36.27 15.05
N LEU C 662 8.63 36.99 15.41
CA LEU C 662 8.63 37.78 16.63
C LEU C 662 8.33 36.95 17.88
N THR C 663 7.87 35.71 17.72
CA THR C 663 7.57 34.84 18.85
C THR C 663 8.48 33.62 18.91
N ASN C 664 9.40 33.46 17.97
CA ASN C 664 10.37 32.37 17.95
C ASN C 664 11.68 32.98 17.47
N GLN C 665 12.61 33.22 18.41
CA GLN C 665 13.83 33.94 18.07
C GLN C 665 14.68 33.19 17.05
N ARG C 666 14.67 31.85 17.11
CA ARG C 666 15.39 31.07 16.12
C ARG C 666 14.78 31.23 14.73
N ILE C 667 13.46 31.39 14.65
CA ILE C 667 12.83 31.80 13.40
C ILE C 667 13.14 33.26 13.12
N GLY C 668 13.15 34.09 14.16
CA GLY C 668 13.45 35.50 13.95
C GLY C 668 14.87 35.74 13.46
N HIS C 669 15.82 34.91 13.91
CA HIS C 669 17.20 35.08 13.47
C HIS C 669 17.33 34.92 11.96
N PHE C 670 16.81 33.82 11.43
CA PHE C 670 16.97 33.57 10.01
C PHE C 670 15.97 34.36 9.17
N PHE C 671 14.82 34.72 9.75
CA PHE C 671 13.95 35.70 9.12
C PHE C 671 14.71 37.00 8.86
N PHE C 672 15.60 37.37 9.79
CA PHE C 672 16.38 38.59 9.65
C PHE C 672 17.41 38.47 8.54
N TRP C 673 18.25 37.44 8.60
CA TRP C 673 19.36 37.32 7.65
C TRP C 673 18.87 37.06 6.24
N HIS C 674 17.80 36.26 6.08
CA HIS C 674 17.24 36.06 4.75
C HIS C 674 16.71 37.37 4.18
N LEU C 675 16.07 38.18 5.03
CA LEU C 675 15.59 39.48 4.57
C LEU C 675 16.73 40.46 4.39
N LYS C 676 17.72 40.43 5.30
CA LYS C 676 18.82 41.39 5.25
C LYS C 676 19.71 41.16 4.04
N SER C 677 19.92 39.90 3.66
CA SER C 677 20.85 39.60 2.57
C SER C 677 20.38 40.12 1.23
N GLU C 678 19.07 40.33 1.05
CA GLU C 678 18.51 40.77 -0.22
C GLU C 678 18.09 42.24 -0.18
N MET C 679 18.64 43.03 0.74
CA MET C 679 18.36 44.46 0.74
C MET C 679 19.05 45.20 -0.41
N HIS C 680 19.99 44.56 -1.09
CA HIS C 680 20.65 45.16 -2.24
C HIS C 680 19.82 45.01 -3.51
N ASN C 681 18.94 44.01 -3.58
CA ASN C 681 18.10 43.79 -4.75
C ASN C 681 16.98 44.83 -4.72
N LYS C 682 17.10 45.84 -5.58
CA LYS C 682 16.16 46.97 -5.55
C LYS C 682 14.73 46.55 -5.85
N THR C 683 14.52 45.37 -6.43
CA THR C 683 13.16 44.92 -6.71
C THR C 683 12.38 44.60 -5.44
N VAL C 684 13.07 44.46 -4.31
CA VAL C 684 12.43 44.06 -3.06
C VAL C 684 13.02 44.84 -1.89
N SER C 685 13.89 45.80 -2.17
CA SER C 685 14.65 46.45 -1.09
C SER C 685 13.75 47.28 -0.18
N GLN C 686 12.73 47.94 -0.74
CA GLN C 686 11.82 48.73 0.10
C GLN C 686 10.95 47.82 0.95
N ARG C 687 10.33 46.82 0.32
CA ARG C 687 9.47 45.90 1.06
C ARG C 687 10.24 45.21 2.18
N PHE C 688 11.45 44.75 1.89
CA PHE C 688 12.24 44.09 2.91
C PHE C 688 12.77 45.09 3.94
N GLY C 689 12.97 46.34 3.53
CA GLY C 689 13.39 47.37 4.45
C GLY C 689 12.35 47.66 5.51
N LEU C 690 11.14 48.00 5.06
CA LEU C 690 10.05 48.27 5.99
C LEU C 690 9.75 47.07 6.86
N LEU C 691 9.88 45.86 6.31
CA LEU C 691 9.61 44.65 7.08
C LEU C 691 10.68 44.44 8.15
N LEU C 692 11.96 44.64 7.79
CA LEU C 692 13.02 44.47 8.77
C LEU C 692 12.96 45.53 9.87
N GLU C 693 12.51 46.74 9.54
CA GLU C 693 12.37 47.78 10.55
C GLU C 693 11.39 47.35 11.64
N SER C 694 10.25 46.79 11.23
CA SER C 694 9.23 46.41 12.21
C SER C 694 9.67 45.22 13.05
N TYR C 695 10.40 44.27 12.46
CA TYR C 695 10.95 43.18 13.25
C TYR C 695 11.95 43.69 14.28
N CYS C 696 12.95 44.46 13.82
CA CYS C 696 13.97 44.96 14.72
C CYS C 696 13.38 45.85 15.81
N ARG C 697 12.33 46.61 15.48
CA ARG C 697 11.71 47.50 16.44
C ARG C 697 10.98 46.76 17.55
N ALA C 698 10.79 45.45 17.43
CA ALA C 698 10.01 44.70 18.40
C ALA C 698 10.67 43.40 18.87
N CYS C 699 11.76 42.95 18.26
CA CYS C 699 12.35 41.67 18.63
C CYS C 699 12.99 41.69 20.02
N GLY C 700 13.14 42.86 20.62
CA GLY C 700 13.66 42.96 21.97
C GLY C 700 15.16 43.13 22.04
N MET C 701 15.80 42.43 22.96
CA MET C 701 17.24 42.58 23.17
C MET C 701 18.06 41.90 22.07
N TYR C 702 17.46 40.98 21.32
CA TYR C 702 18.22 40.29 20.28
C TYR C 702 18.71 41.26 19.20
N LEU C 703 18.13 42.46 19.12
CA LEU C 703 18.59 43.44 18.14
C LEU C 703 20.05 43.82 18.38
N LYS C 704 20.44 43.96 19.66
CA LYS C 704 21.83 44.25 19.97
C LYS C 704 22.73 43.08 19.59
N HIS C 705 22.26 41.85 19.83
CA HIS C 705 23.02 40.69 19.37
C HIS C 705 23.14 40.67 17.85
N LEU C 706 22.13 41.20 17.15
CA LEU C 706 22.20 41.26 15.69
C LEU C 706 23.18 42.34 15.24
N ASN C 707 23.17 43.51 15.89
CA ASN C 707 24.13 44.56 15.56
C ASN C 707 25.55 44.07 15.77
N ARG C 708 25.78 43.28 16.82
CA ARG C 708 27.10 42.69 17.03
C ARG C 708 27.51 41.80 15.87
N GLN C 709 26.55 41.00 15.34
CA GLN C 709 26.84 40.17 14.19
C GLN C 709 27.04 41.02 12.94
N VAL C 710 26.15 41.99 12.71
CA VAL C 710 26.22 42.84 11.52
C VAL C 710 27.58 43.52 11.43
N GLU C 711 28.01 44.17 12.52
CA GLU C 711 29.31 44.82 12.52
C GLU C 711 30.46 43.83 12.40
N ALA C 712 30.24 42.57 12.78
CA ALA C 712 31.28 41.57 12.65
C ALA C 712 31.49 41.15 11.20
N MET C 713 30.43 41.18 10.40
CA MET C 713 30.56 40.86 8.98
C MET C 713 31.09 42.05 8.18
N GLU C 714 30.84 43.27 8.64
CA GLU C 714 31.42 44.44 7.99
C GLU C 714 32.94 44.39 8.03
N LYS C 715 33.50 43.95 9.15
CA LYS C 715 34.95 43.87 9.26
C LYS C 715 35.53 42.81 8.33
N LEU C 716 34.77 41.76 8.05
CA LEU C 716 35.23 40.69 7.18
C LEU C 716 34.98 40.96 5.70
N ILE C 717 33.88 41.65 5.38
CA ILE C 717 33.65 42.09 4.00
C ILE C 717 34.74 43.06 3.57
N ASN C 718 35.02 44.05 4.43
CA ASN C 718 36.02 45.06 4.09
C ASN C 718 37.42 44.44 3.99
N LEU C 719 37.74 43.50 4.86
CA LEU C 719 39.08 42.90 4.85
C LEU C 719 39.29 42.07 3.58
N THR C 720 38.26 41.35 3.14
CA THR C 720 38.40 40.53 1.93
C THR C 720 38.41 41.41 0.69
N ASP C 721 37.65 42.52 0.71
CA ASP C 721 37.67 43.47 -0.41
C ASP C 721 39.08 43.98 -0.68
N ILE C 722 39.80 44.34 0.39
CA ILE C 722 41.19 44.74 0.27
C ILE C 722 42.01 43.61 -0.35
N LEU C 723 41.85 42.39 0.18
CA LEU C 723 42.60 41.26 -0.35
C LEU C 723 42.27 41.00 -1.81
N LYS C 724 41.05 41.31 -2.24
CA LYS C 724 40.63 41.04 -3.61
C LYS C 724 40.91 42.20 -4.56
N GLN C 725 41.18 43.40 -4.04
CA GLN C 725 41.37 44.55 -4.91
C GLN C 725 42.79 45.09 -4.82
N GLU C 726 43.10 45.78 -3.71
CA GLU C 726 44.38 46.47 -3.59
C GLU C 726 45.54 45.48 -3.58
N LYS C 727 45.47 44.47 -2.72
CA LYS C 727 46.57 43.52 -2.54
C LYS C 727 46.44 42.28 -3.39
N LYS C 728 45.59 42.31 -4.43
CA LYS C 728 45.28 41.10 -5.17
C LYS C 728 46.50 40.57 -5.93
N ASP C 729 47.44 41.44 -6.28
CA ASP C 729 48.63 41.05 -7.02
C ASP C 729 49.80 40.69 -6.11
N GLU C 730 49.57 40.58 -4.81
CA GLU C 730 50.61 40.21 -3.86
C GLU C 730 50.57 38.72 -3.58
N THR C 731 51.66 38.23 -3.00
CA THR C 731 51.78 36.81 -2.69
C THR C 731 50.89 36.45 -1.50
N GLN C 732 50.76 35.14 -1.26
CA GLN C 732 49.98 34.68 -0.12
C GLN C 732 50.63 35.08 1.19
N LYS C 733 51.96 35.09 1.25
CA LYS C 733 52.65 35.42 2.49
C LYS C 733 52.50 36.89 2.85
N VAL C 734 52.54 37.78 1.85
CA VAL C 734 52.34 39.21 2.11
C VAL C 734 50.92 39.46 2.58
N GLN C 735 49.94 38.75 2.01
CA GLN C 735 48.56 38.90 2.47
C GLN C 735 48.37 38.31 3.86
N MET C 736 49.05 37.19 4.15
CA MET C 736 48.96 36.61 5.49
C MET C 736 49.57 37.54 6.53
N LYS C 737 50.64 38.25 6.17
CA LYS C 737 51.16 39.32 7.00
C LYS C 737 50.07 40.37 7.26
N PHE C 738 49.46 40.85 6.18
CA PHE C 738 48.43 41.89 6.31
C PHE C 738 47.24 41.40 7.11
N LEU C 739 46.79 40.17 6.83
CA LEU C 739 45.64 39.62 7.54
C LEU C 739 45.91 39.53 9.04
N VAL C 740 47.07 38.98 9.41
CA VAL C 740 47.40 38.79 10.82
C VAL C 740 47.44 40.13 11.54
N GLU C 741 48.18 41.10 11.00
CA GLU C 741 48.30 42.39 11.65
C GLU C 741 46.96 43.13 11.70
N GLN C 742 46.08 42.88 10.74
CA GLN C 742 44.80 43.61 10.71
C GLN C 742 43.89 43.16 11.85
N MET C 743 43.90 41.87 12.18
CA MET C 743 42.98 41.37 13.19
C MET C 743 43.44 41.68 14.60
N ARG C 744 44.71 42.03 14.81
CA ARG C 744 45.17 42.42 16.14
C ARG C 744 44.92 43.88 16.44
N ARG C 745 44.54 44.67 15.44
CA ARG C 745 44.10 46.03 15.73
C ARG C 745 42.86 45.99 16.62
N PRO C 746 42.78 46.84 17.65
CA PRO C 746 41.70 46.70 18.64
C PRO C 746 40.29 46.81 18.05
N ASP C 747 40.10 47.57 16.96
CA ASP C 747 38.78 47.69 16.37
C ASP C 747 38.29 46.36 15.83
N PHE C 748 39.21 45.47 15.43
CA PHE C 748 38.83 44.14 14.97
C PHE C 748 38.59 43.19 16.13
N MET C 749 39.51 43.17 17.10
CA MET C 749 39.35 42.34 18.28
C MET C 749 38.03 42.64 18.99
N ASP C 750 37.66 43.93 19.05
CA ASP C 750 36.39 44.30 19.67
C ASP C 750 35.21 43.78 18.85
N ALA C 751 35.32 43.81 17.52
CA ALA C 751 34.18 43.50 16.66
C ALA C 751 34.11 42.04 16.24
N LEU C 752 35.24 41.35 16.14
CA LEU C 752 35.28 39.96 15.67
C LEU C 752 35.44 38.96 16.80
N GLN C 753 35.23 39.38 18.04
CA GLN C 753 35.25 38.49 19.20
C GLN C 753 34.03 38.77 20.06
N GLY C 754 33.35 37.70 20.48
CA GLY C 754 32.19 37.82 21.33
C GLY C 754 30.91 38.13 20.58
N PHE C 755 30.47 37.21 19.73
CA PHE C 755 29.18 37.33 19.06
C PHE C 755 28.69 35.93 18.69
N LEU C 756 27.44 35.87 18.24
CA LEU C 756 26.81 34.61 17.88
C LEU C 756 27.06 34.29 16.41
N SER C 757 27.47 33.06 16.14
CA SER C 757 27.65 32.59 14.77
C SER C 757 26.34 32.72 13.99
N PRO C 758 26.30 33.51 12.91
CA PRO C 758 25.06 33.61 12.13
C PRO C 758 24.61 32.28 11.53
N LEU C 759 25.51 31.31 11.39
CA LEU C 759 25.11 29.98 10.93
C LEU C 759 24.21 29.30 11.95
N ASN C 760 24.57 29.36 13.23
CA ASN C 760 23.77 28.77 14.30
C ASN C 760 23.97 29.62 15.54
N PRO C 761 23.03 30.54 15.83
CA PRO C 761 23.21 31.44 16.98
C PRO C 761 23.21 30.75 18.33
N ALA C 762 23.24 29.42 18.34
CA ALA C 762 23.49 28.65 19.55
C ALA C 762 24.97 28.41 19.78
N HIS C 763 25.82 28.82 18.84
CA HIS C 763 27.27 28.73 18.98
C HIS C 763 27.80 30.11 19.34
N GLN C 764 28.27 30.27 20.56
CA GLN C 764 28.93 31.51 20.95
C GLN C 764 30.34 31.52 20.40
N LEU C 765 30.71 32.62 19.73
CA LEU C 765 32.06 32.80 19.21
C LEU C 765 32.80 33.76 20.15
N GLY C 766 33.81 33.23 20.84
CA GLY C 766 34.52 33.99 21.84
C GLY C 766 35.76 34.69 21.32
N ASN C 767 36.92 34.31 21.84
CA ASN C 767 38.19 34.89 21.44
C ASN C 767 38.72 34.21 20.18
N LEU C 768 39.22 35.01 19.26
CA LEU C 768 39.78 34.49 18.02
C LEU C 768 41.01 33.64 18.30
N ARG C 769 41.19 32.60 17.49
CA ARG C 769 42.41 31.80 17.49
C ARG C 769 43.19 32.22 16.25
N LEU C 770 43.87 33.37 16.37
CA LEU C 770 44.52 33.99 15.21
C LEU C 770 45.55 33.07 14.58
N GLU C 771 46.15 32.18 15.37
CA GLU C 771 47.12 31.24 14.81
C GLU C 771 46.46 30.20 13.91
N GLU C 772 45.14 30.06 14.00
CA GLU C 772 44.41 29.13 13.14
C GLU C 772 43.66 29.83 12.01
N CYS C 773 43.55 31.15 12.04
CA CYS C 773 42.97 31.88 10.94
C CYS C 773 43.94 31.96 9.77
N ARG C 774 43.40 31.95 8.57
CA ARG C 774 44.23 31.94 7.36
C ARG C 774 43.39 32.37 6.17
N ILE C 775 44.08 32.70 5.08
CA ILE C 775 43.46 32.92 3.78
C ILE C 775 43.61 31.65 2.98
N MET C 776 42.50 31.12 2.48
CA MET C 776 42.57 29.90 1.71
C MET C 776 43.10 30.20 0.30
N SER C 777 43.62 29.15 -0.35
CA SER C 777 44.42 29.33 -1.55
C SER C 777 43.63 29.89 -2.73
N SER C 778 42.31 29.73 -2.74
CA SER C 778 41.50 30.10 -3.90
C SER C 778 41.57 31.60 -4.18
N ALA C 779 41.18 31.97 -5.40
CA ALA C 779 41.28 33.36 -5.85
C ALA C 779 40.20 34.26 -5.26
N LYS C 780 39.09 33.70 -4.77
CA LYS C 780 38.09 34.50 -4.08
C LYS C 780 38.55 34.94 -2.70
N ARG C 781 39.71 34.46 -2.26
CA ARG C 781 40.34 34.77 -0.99
C ARG C 781 39.41 34.49 0.18
N PRO C 782 38.98 33.25 0.39
CA PRO C 782 38.09 32.98 1.52
C PRO C 782 38.88 32.96 2.82
N LEU C 783 38.25 33.42 3.89
CA LEU C 783 38.88 33.48 5.20
C LEU C 783 38.47 32.27 6.03
N TRP C 784 39.45 31.49 6.49
CA TRP C 784 39.22 30.37 7.40
C TRP C 784 39.36 30.88 8.83
N LEU C 785 38.24 31.01 9.53
CA LEU C 785 38.23 31.62 10.84
C LEU C 785 37.97 30.58 11.93
N ASN C 786 38.56 30.81 13.10
CA ASN C 786 38.56 29.85 14.19
C ASN C 786 38.40 30.62 15.50
N TRP C 787 37.34 30.30 16.25
CA TRP C 787 37.05 30.96 17.51
C TRP C 787 37.14 29.97 18.66
N GLU C 788 37.44 30.51 19.85
CA GLU C 788 37.26 29.74 21.07
C GLU C 788 35.77 29.64 21.40
N ASN C 789 35.40 28.54 22.07
CA ASN C 789 34.03 28.36 22.53
C ASN C 789 33.96 28.77 23.98
N PRO C 790 33.27 29.87 24.32
CA PRO C 790 33.22 30.33 25.71
C PRO C 790 32.31 29.50 26.59
N ASP C 791 31.66 28.48 26.04
CA ASP C 791 30.81 27.59 26.83
C ASP C 791 31.62 26.97 27.96
N ILE C 792 31.03 26.96 29.15
CA ILE C 792 31.74 26.45 30.32
C ILE C 792 32.02 24.95 30.21
N MET C 793 31.34 24.26 29.28
CA MET C 793 31.54 22.84 29.03
C MET C 793 31.99 22.61 27.59
N SER C 794 32.86 23.50 27.10
CA SER C 794 33.15 23.53 25.67
C SER C 794 33.96 22.31 25.22
N GLU C 795 34.72 21.69 26.13
CA GLU C 795 35.61 20.61 25.73
C GLU C 795 34.88 19.33 25.34
N LEU C 796 33.57 19.25 25.58
CA LEU C 796 32.81 18.07 25.19
C LEU C 796 32.27 18.15 23.77
N LEU C 797 31.93 19.35 23.28
CA LEU C 797 31.34 19.51 21.96
C LEU C 797 32.34 20.11 20.98
N PHE C 798 32.15 21.38 20.65
CA PHE C 798 33.05 22.12 19.78
C PHE C 798 33.99 22.93 20.65
N GLN C 799 35.22 22.45 20.83
CA GLN C 799 36.26 23.33 21.34
C GLN C 799 36.66 24.37 20.29
N ASN C 800 36.49 24.02 19.01
CA ASN C 800 36.76 24.92 17.90
C ASN C 800 35.46 25.15 17.14
N ASN C 801 35.04 26.41 17.06
CA ASN C 801 34.05 26.85 16.10
C ASN C 801 34.79 27.39 14.89
N GLU C 802 34.56 26.80 13.72
CA GLU C 802 35.27 27.17 12.51
C GLU C 802 34.28 27.51 11.41
N ILE C 803 34.47 28.68 10.79
CA ILE C 803 33.59 29.18 9.75
C ILE C 803 34.46 29.66 8.59
N ILE C 804 34.00 29.44 7.37
CA ILE C 804 34.67 29.94 6.18
C ILE C 804 33.87 31.12 5.66
N PHE C 805 34.46 32.31 5.73
CA PHE C 805 33.86 33.52 5.17
C PHE C 805 34.28 33.64 3.71
N LYS C 806 33.32 33.86 2.83
CA LYS C 806 33.57 33.92 1.39
C LYS C 806 32.96 35.19 0.82
N ASN C 807 33.80 36.02 0.22
CA ASN C 807 33.38 37.24 -0.47
C ASN C 807 33.68 37.06 -1.95
N GLY C 808 32.65 36.81 -2.75
CA GLY C 808 32.85 36.65 -4.17
C GLY C 808 31.79 35.83 -4.90
N ASP C 809 31.40 34.70 -4.33
CA ASP C 809 30.48 33.77 -4.99
C ASP C 809 29.08 33.88 -4.41
N ASP C 810 28.09 33.76 -5.28
CA ASP C 810 26.69 33.75 -4.85
C ASP C 810 26.39 32.40 -4.18
N LEU C 811 25.96 32.47 -2.92
CA LEU C 811 25.72 31.27 -2.12
C LEU C 811 24.25 30.91 -2.03
N ARG C 812 23.41 31.44 -2.92
CA ARG C 812 21.99 31.11 -2.87
C ARG C 812 21.70 29.75 -3.50
N GLN C 813 22.45 29.40 -4.56
CA GLN C 813 22.29 28.07 -5.14
C GLN C 813 22.74 27.00 -4.15
N ASP C 814 23.93 27.15 -3.57
CA ASP C 814 24.39 26.22 -2.56
C ASP C 814 23.41 26.15 -1.39
N MET C 815 22.86 27.30 -1.00
CA MET C 815 21.88 27.32 0.10
C MET C 815 20.62 26.56 -0.27
N LEU C 816 20.06 26.85 -1.46
CA LEU C 816 18.86 26.14 -1.89
C LEU C 816 19.13 24.66 -2.09
N THR C 817 20.27 24.31 -2.69
CA THR C 817 20.62 22.91 -2.88
C THR C 817 20.74 22.18 -1.56
N LEU C 818 21.43 22.78 -0.59
CA LEU C 818 21.60 22.16 0.72
C LEU C 818 20.28 21.98 1.44
N GLN C 819 19.32 22.88 1.19
CA GLN C 819 17.98 22.70 1.76
C GLN C 819 17.28 21.51 1.12
N ILE C 820 17.31 21.42 -0.22
CA ILE C 820 16.75 20.27 -0.92
C ILE C 820 17.40 18.98 -0.45
N ILE C 821 18.71 19.02 -0.21
CA ILE C 821 19.46 17.82 0.16
C ILE C 821 18.97 17.28 1.50
N ARG C 822 18.74 18.17 2.47
CA ARG C 822 18.26 17.71 3.77
C ARG C 822 16.88 17.08 3.66
N ILE C 823 16.00 17.67 2.84
CA ILE C 823 14.64 17.15 2.70
C ILE C 823 14.66 15.77 2.04
N MET C 824 15.55 15.56 1.07
CA MET C 824 15.66 14.26 0.42
C MET C 824 15.99 13.16 1.43
N GLU C 825 16.84 13.47 2.41
CA GLU C 825 17.20 12.46 3.39
C GLU C 825 16.03 12.15 4.32
N ASN C 826 15.22 13.16 4.65
CA ASN C 826 14.02 12.91 5.45
C ASN C 826 13.11 11.92 4.76
N ILE C 827 12.94 12.04 3.44
CA ILE C 827 12.09 11.12 2.69
C ILE C 827 12.69 9.71 2.70
N TRP C 828 14.03 9.63 2.58
CA TRP C 828 14.68 8.33 2.55
C TRP C 828 14.67 7.65 3.93
N GLN C 829 14.76 8.43 5.00
CA GLN C 829 14.73 7.84 6.34
C GLN C 829 13.34 7.32 6.68
N ASN C 830 12.30 8.09 6.35
CA ASN C 830 10.93 7.66 6.60
C ASN C 830 10.51 6.50 5.70
N GLN C 831 11.29 6.17 4.68
CA GLN C 831 11.05 4.99 3.86
C GLN C 831 12.08 3.90 4.09
N GLY C 832 12.86 3.98 5.16
CA GLY C 832 13.72 2.87 5.57
C GLY C 832 15.06 2.80 4.90
N LEU C 833 15.39 3.76 4.05
CA LEU C 833 16.70 3.83 3.41
C LEU C 833 17.60 4.75 4.22
N ASP C 834 18.65 4.17 4.80
CA ASP C 834 19.57 4.90 5.66
C ASP C 834 20.73 5.45 4.83
N LEU C 835 20.40 6.42 3.97
CA LEU C 835 21.38 7.10 3.14
C LEU C 835 21.74 8.41 3.86
N ARG C 836 22.86 8.39 4.57
CA ARG C 836 23.21 9.50 5.46
C ARG C 836 23.83 10.64 4.65
N MET C 837 23.23 11.82 4.74
CA MET C 837 23.68 13.03 4.08
C MET C 837 24.37 13.94 5.10
N LEU C 838 24.92 15.05 4.60
CA LEU C 838 25.58 16.06 5.44
C LEU C 838 25.27 17.44 4.89
N PRO C 839 24.03 17.90 5.06
CA PRO C 839 23.72 19.29 4.67
C PRO C 839 24.36 20.29 5.62
N TYR C 840 25.64 20.59 5.39
CA TYR C 840 26.36 21.53 6.25
C TYR C 840 25.74 22.92 6.12
N GLY C 841 26.04 23.77 7.12
CA GLY C 841 25.46 25.10 7.14
C GLY C 841 26.02 25.99 6.06
N CYS C 842 25.15 26.81 5.48
CA CYS C 842 25.57 27.76 4.45
C CYS C 842 24.56 28.90 4.43
N LEU C 843 24.96 30.08 4.91
CA LEU C 843 24.08 31.23 5.01
C LEU C 843 24.61 32.36 4.14
N SER C 844 23.75 32.88 3.27
CA SER C 844 24.06 34.04 2.45
C SER C 844 23.72 35.29 3.25
N ILE C 845 24.73 36.11 3.53
CA ILE C 845 24.53 37.32 4.32
C ILE C 845 24.37 38.57 3.44
N GLY C 846 24.77 38.52 2.18
CA GLY C 846 24.59 39.66 1.31
C GLY C 846 24.88 39.31 -0.13
N ASP C 847 25.13 40.34 -0.92
CA ASP C 847 25.43 40.15 -2.35
C ASP C 847 26.72 39.37 -2.54
N CYS C 848 26.61 38.09 -2.86
CA CYS C 848 27.77 37.23 -3.11
C CYS C 848 28.75 37.25 -1.94
N VAL C 849 28.22 36.99 -0.75
CA VAL C 849 29.03 36.89 0.46
C VAL C 849 28.24 36.09 1.50
N GLY C 850 28.91 35.13 2.14
CA GLY C 850 28.20 34.32 3.11
C GLY C 850 29.13 33.45 3.92
N LEU C 851 28.54 32.70 4.84
CA LEU C 851 29.26 31.83 5.76
C LEU C 851 29.00 30.37 5.42
N ILE C 852 30.00 29.53 5.69
CA ILE C 852 29.92 28.09 5.46
C ILE C 852 30.44 27.39 6.70
N GLU C 853 29.59 26.57 7.32
CA GLU C 853 30.04 25.76 8.45
C GLU C 853 31.14 24.81 8.01
N VAL C 854 32.20 24.74 8.81
CA VAL C 854 33.31 23.84 8.55
C VAL C 854 32.99 22.48 9.15
N VAL C 855 33.02 21.44 8.33
CA VAL C 855 32.89 20.08 8.80
C VAL C 855 34.27 19.55 9.14
N ARG C 856 34.50 19.25 10.42
CA ARG C 856 35.80 18.77 10.84
C ARG C 856 36.05 17.36 10.33
N ASN C 857 37.34 17.00 10.27
CA ASN C 857 37.78 15.64 9.95
C ASN C 857 37.22 15.14 8.62
N SER C 858 37.10 16.05 7.65
CA SER C 858 36.62 15.71 6.33
C SER C 858 37.54 16.32 5.28
N HIS C 859 37.86 15.54 4.25
CA HIS C 859 38.83 15.94 3.24
C HIS C 859 38.24 15.67 1.86
N THR C 860 38.60 16.54 0.91
CA THR C 860 38.24 16.28 -0.48
C THR C 860 38.92 14.99 -0.95
N ILE C 861 38.35 14.39 -2.00
CA ILE C 861 38.95 13.18 -2.56
C ILE C 861 40.36 13.46 -3.03
N MET C 862 40.59 14.65 -3.62
CA MET C 862 41.93 15.01 -4.08
C MET C 862 42.91 15.04 -2.93
N GLN C 863 42.54 15.67 -1.81
CA GLN C 863 43.39 15.64 -0.63
C GLN C 863 43.60 14.22 -0.15
N ILE C 864 42.56 13.39 -0.21
CA ILE C 864 42.68 11.99 0.18
C ILE C 864 43.55 11.24 -0.81
N GLN C 865 43.36 11.48 -2.10
CA GLN C 865 44.14 10.79 -3.13
C GLN C 865 45.63 11.14 -3.06
N CYS C 866 45.98 12.29 -2.48
CA CYS C 866 47.38 12.66 -2.36
C CYS C 866 48.09 11.80 -1.32
N LYS C 867 48.19 10.50 -1.62
CA LYS C 867 49.00 9.58 -0.83
C LYS C 867 49.55 8.46 -1.72
N GLY C 868 49.72 8.74 -3.01
CA GLY C 868 50.23 7.79 -3.97
C GLY C 868 49.28 7.54 -5.14
N GLY C 869 49.72 7.89 -6.33
CA GLY C 869 48.92 7.62 -7.52
C GLY C 869 49.15 8.70 -8.56
N LEU C 870 48.48 8.51 -9.70
CA LEU C 870 48.58 9.44 -10.82
C LEU C 870 47.54 9.08 -11.87
N LYS C 871 46.87 10.10 -12.41
CA LYS C 871 45.95 9.99 -13.54
C LYS C 871 45.37 11.35 -13.93
N GLY C 872 45.39 11.70 -15.21
CA GLY C 872 44.69 12.85 -15.77
C GLY C 872 45.13 14.22 -15.24
N ALA C 873 44.23 15.20 -15.45
CA ALA C 873 44.51 16.57 -15.02
C ALA C 873 44.30 16.75 -13.51
N LEU C 874 43.36 16.02 -12.93
CA LEU C 874 43.18 15.96 -11.49
C LEU C 874 43.54 14.55 -11.04
N GLN C 875 42.73 13.88 -10.18
CA GLN C 875 42.71 12.44 -9.93
C GLN C 875 44.02 11.74 -9.58
N PHE C 876 43.93 10.55 -8.97
CA PHE C 876 45.09 9.73 -8.65
C PHE C 876 44.65 8.27 -8.56
N ASN C 877 45.13 7.46 -9.49
CA ASN C 877 45.05 5.99 -9.46
C ASN C 877 43.59 5.55 -9.28
N SER C 878 43.31 4.51 -8.51
CA SER C 878 41.96 3.99 -8.38
C SER C 878 41.78 3.37 -7.01
N HIS C 879 42.84 2.79 -6.47
CA HIS C 879 42.79 2.15 -5.16
C HIS C 879 43.16 3.10 -4.02
N THR C 880 43.60 4.32 -4.34
CA THR C 880 44.12 5.21 -3.30
C THR C 880 43.04 5.56 -2.28
N LEU C 881 41.84 5.87 -2.75
CA LEU C 881 40.76 6.22 -1.83
C LEU C 881 40.41 5.04 -0.92
N HIS C 882 40.33 3.84 -1.48
CA HIS C 882 40.06 2.66 -0.65
C HIS C 882 41.22 2.38 0.28
N GLN C 883 42.46 2.57 -0.19
CA GLN C 883 43.61 2.38 0.68
C GLN C 883 43.61 3.36 1.84
N TRP C 884 43.22 4.61 1.56
CA TRP C 884 43.10 5.60 2.63
C TRP C 884 42.04 5.21 3.63
N LEU C 885 40.90 4.70 3.15
CA LEU C 885 39.80 4.35 4.05
C LEU C 885 40.13 3.14 4.90
N LYS C 886 40.93 2.20 4.38
CA LYS C 886 41.35 1.05 5.18
C LYS C 886 42.19 1.49 6.36
N ASP C 887 43.19 2.34 6.10
CA ASP C 887 44.09 2.78 7.17
C ASP C 887 43.37 3.64 8.21
N LYS C 888 42.33 4.36 7.79
CA LYS C 888 41.57 5.18 8.73
C LYS C 888 40.57 4.37 9.54
N ASN C 889 40.21 3.17 9.08
CA ASN C 889 39.21 2.33 9.75
C ASN C 889 39.71 0.88 9.71
N LYS C 890 40.59 0.54 10.64
CA LYS C 890 41.16 -0.80 10.73
C LYS C 890 40.28 -1.70 11.59
N GLY C 891 40.24 -2.98 11.22
CA GLY C 891 39.61 -3.99 12.05
C GLY C 891 38.11 -4.08 11.93
N GLU C 892 37.44 -4.22 13.09
CA GLU C 892 36.00 -4.44 13.10
C GLU C 892 35.22 -3.24 12.56
N ILE C 893 35.74 -2.02 12.77
CA ILE C 893 35.06 -0.81 12.31
C ILE C 893 35.22 -0.59 10.82
N TYR C 894 35.94 -1.48 10.12
CA TYR C 894 36.15 -1.28 8.69
C TYR C 894 34.83 -1.42 7.91
N ASP C 895 34.02 -2.42 8.25
CA ASP C 895 32.78 -2.64 7.50
C ASP C 895 31.81 -1.50 7.68
N ALA C 896 31.75 -0.91 8.88
CA ALA C 896 30.84 0.20 9.13
C ALA C 896 31.16 1.38 8.22
N ALA C 897 32.45 1.63 7.97
CA ALA C 897 32.85 2.76 7.14
C ALA C 897 32.55 2.49 5.67
N ILE C 898 32.82 1.27 5.20
CA ILE C 898 32.51 0.92 3.82
C ILE C 898 31.00 1.00 3.60
N ASP C 899 30.22 0.55 4.57
CA ASP C 899 28.76 0.69 4.48
C ASP C 899 28.36 2.16 4.48
N LEU C 900 28.88 2.92 5.44
CA LEU C 900 28.56 4.35 5.50
C LEU C 900 29.04 5.06 4.23
N PHE C 901 30.18 4.62 3.68
CA PHE C 901 30.63 5.18 2.41
C PHE C 901 29.65 4.83 1.29
N THR C 902 29.11 3.60 1.29
CA THR C 902 28.25 3.17 0.20
C THR C 902 26.86 3.75 0.31
N ARG C 903 26.31 3.85 1.52
CA ARG C 903 25.00 4.45 1.70
C ARG C 903 25.04 5.94 1.43
N SER C 904 26.06 6.62 1.95
CA SER C 904 26.18 8.06 1.71
C SER C 904 26.46 8.36 0.25
N CYS C 905 27.29 7.53 -0.40
CA CYS C 905 27.60 7.74 -1.81
C CYS C 905 26.36 7.58 -2.68
N ALA C 906 25.44 6.68 -2.29
CA ALA C 906 24.23 6.48 -3.09
C ALA C 906 23.30 7.68 -2.98
N GLY C 907 23.12 8.22 -1.78
CA GLY C 907 22.20 9.33 -1.60
C GLY C 907 22.60 10.57 -2.39
N TYR C 908 23.88 10.92 -2.37
CA TYR C 908 24.34 12.07 -3.15
C TYR C 908 24.34 11.74 -4.64
N CYS C 909 24.58 10.49 -5.00
CA CYS C 909 24.51 10.10 -6.41
C CYS C 909 23.11 10.30 -6.95
N VAL C 910 22.08 10.00 -6.14
CA VAL C 910 20.71 10.23 -6.56
C VAL C 910 20.37 11.71 -6.48
N ALA C 911 20.82 12.39 -5.42
CA ALA C 911 20.47 13.79 -5.23
C ALA C 911 21.10 14.68 -6.29
N THR C 912 22.32 14.35 -6.73
CA THR C 912 22.97 15.15 -7.76
C THR C 912 22.41 14.84 -9.15
N PHE C 913 21.92 13.62 -9.37
CA PHE C 913 21.30 13.31 -10.65
C PHE C 913 19.97 14.02 -10.80
N ILE C 914 19.07 13.85 -9.83
CA ILE C 914 17.74 14.44 -9.90
C ILE C 914 17.84 15.96 -10.07
N LEU C 915 18.76 16.60 -9.36
CA LEU C 915 18.90 18.04 -9.40
C LEU C 915 19.81 18.53 -10.53
N GLY C 916 20.69 17.67 -11.03
CA GLY C 916 21.57 18.05 -12.13
C GLY C 916 22.72 18.92 -11.66
N ILE C 917 23.43 18.47 -10.63
CA ILE C 917 24.57 19.21 -10.12
C ILE C 917 25.78 18.94 -10.99
N GLY C 918 26.55 19.98 -11.30
CA GLY C 918 27.60 19.92 -12.30
C GLY C 918 28.91 19.26 -11.89
N ASP C 919 30.01 19.91 -12.26
CA ASP C 919 31.38 19.38 -12.18
C ASP C 919 31.65 18.48 -10.98
N ARG C 920 31.23 17.21 -11.07
CA ARG C 920 31.52 16.24 -10.01
C ARG C 920 32.87 15.59 -10.30
N HIS C 921 33.91 16.07 -9.63
CA HIS C 921 35.20 15.39 -9.62
C HIS C 921 35.83 15.57 -8.25
N ASN C 922 37.04 15.02 -8.08
CA ASN C 922 37.62 14.77 -6.77
C ASN C 922 37.79 16.03 -5.91
N SER C 923 37.61 17.22 -6.47
CA SER C 923 37.84 18.45 -5.72
C SER C 923 36.59 19.00 -5.03
N ASN C 924 35.41 18.42 -5.29
CA ASN C 924 34.19 18.86 -4.61
C ASN C 924 33.41 17.70 -4.01
N ILE C 925 34.04 16.54 -3.86
CA ILE C 925 33.47 15.40 -3.16
C ILE C 925 34.35 15.13 -1.95
N MET C 926 33.75 15.13 -0.77
CA MET C 926 34.49 15.01 0.48
C MET C 926 34.08 13.76 1.24
N VAL C 927 35.00 13.29 2.09
CA VAL C 927 34.80 12.08 2.88
C VAL C 927 35.32 12.34 4.30
N LYS C 928 34.47 12.07 5.29
CA LYS C 928 34.91 12.14 6.68
C LYS C 928 35.79 10.94 7.00
N ASP C 929 36.45 11.00 8.16
CA ASP C 929 37.33 9.92 8.57
C ASP C 929 36.56 8.62 8.77
N ASP C 930 35.30 8.70 9.18
CA ASP C 930 34.49 7.50 9.39
C ASP C 930 33.94 6.93 8.10
N GLY C 931 34.26 7.52 6.95
CA GLY C 931 33.83 7.01 5.66
C GLY C 931 32.63 7.71 5.06
N GLN C 932 31.93 8.57 5.81
CA GLN C 932 30.78 9.28 5.26
C GLN C 932 31.20 10.20 4.13
N LEU C 933 30.45 10.18 3.04
CA LEU C 933 30.70 11.00 1.86
C LEU C 933 29.67 12.13 1.79
N PHE C 934 30.13 13.31 1.38
CA PHE C 934 29.22 14.43 1.17
C PHE C 934 29.80 15.36 0.12
N HIS C 935 28.91 16.14 -0.49
CA HIS C 935 29.25 17.01 -1.61
C HIS C 935 29.30 18.47 -1.16
N ILE C 936 30.20 19.22 -1.79
CA ILE C 936 30.35 20.64 -1.54
C ILE C 936 30.36 21.36 -2.89
N ASP C 937 30.24 22.69 -2.82
CA ASP C 937 30.33 23.56 -4.00
C ASP C 937 29.36 23.15 -5.09
N PHE C 938 28.10 23.60 -4.97
CA PHE C 938 27.10 23.27 -5.98
C PHE C 938 27.06 24.38 -7.04
N GLY C 939 26.41 25.50 -6.72
CA GLY C 939 26.51 26.70 -7.52
C GLY C 939 25.98 26.64 -8.93
N HIS C 940 25.70 25.44 -9.45
CA HIS C 940 25.21 25.29 -10.81
C HIS C 940 24.43 24.00 -10.91
N PHE C 941 23.14 24.11 -11.27
CA PHE C 941 22.29 22.93 -11.41
C PHE C 941 21.25 23.19 -12.49
N LEU C 942 20.34 22.22 -12.66
CA LEU C 942 19.19 22.35 -13.56
C LEU C 942 19.60 22.61 -15.00
N ASP C 943 20.49 21.75 -15.52
CA ASP C 943 20.94 21.78 -16.91
C ASP C 943 21.68 23.08 -17.24
N HIS C 944 21.65 24.06 -16.34
CA HIS C 944 22.34 25.33 -16.56
C HIS C 944 23.84 25.23 -16.27
N LYS C 945 24.34 24.04 -15.94
CA LYS C 945 25.76 23.78 -16.07
C LYS C 945 26.13 23.34 -17.48
N LYS C 946 25.19 22.70 -18.19
CA LYS C 946 25.36 22.42 -19.60
C LYS C 946 25.08 23.64 -20.46
N LYS C 947 24.14 24.50 -20.03
CA LYS C 947 23.88 25.75 -20.71
C LYS C 947 25.06 26.72 -20.65
N LYS C 948 26.03 26.47 -19.77
CA LYS C 948 27.17 27.35 -19.59
C LYS C 948 28.48 26.77 -20.07
N PHE C 949 28.66 25.44 -20.00
CA PHE C 949 29.89 24.81 -20.45
C PHE C 949 29.78 24.18 -21.83
N GLY C 950 28.63 23.59 -22.17
CA GLY C 950 28.35 23.16 -23.53
C GLY C 950 28.08 21.67 -23.69
N TYR C 951 28.47 20.83 -22.74
CA TYR C 951 28.34 19.39 -22.87
C TYR C 951 26.90 18.95 -23.13
N LYS C 952 26.54 18.76 -24.40
CA LYS C 952 25.25 18.19 -24.78
C LYS C 952 25.36 16.68 -24.60
N ARG C 953 25.07 16.22 -23.38
CA ARG C 953 25.34 14.83 -23.04
C ARG C 953 24.27 14.21 -22.16
N GLU C 954 23.99 14.84 -21.01
CA GLU C 954 23.14 14.28 -19.96
C GLU C 954 23.72 12.99 -19.42
N ARG C 955 24.24 12.15 -20.31
CA ARG C 955 24.89 10.91 -19.92
C ARG C 955 26.21 11.18 -19.19
N VAL C 956 26.95 12.19 -19.63
CA VAL C 956 28.23 12.67 -19.09
C VAL C 956 28.99 11.62 -18.29
N PRO C 957 30.00 10.98 -18.87
CA PRO C 957 30.73 9.93 -18.14
C PRO C 957 31.30 10.45 -16.82
N PHE C 958 31.14 9.65 -15.77
CA PHE C 958 31.54 10.05 -14.43
C PHE C 958 32.98 9.64 -14.17
N VAL C 959 33.70 10.50 -13.45
CA VAL C 959 35.13 10.29 -13.24
C VAL C 959 35.37 9.24 -12.17
N LEU C 960 34.92 9.51 -10.95
CA LEU C 960 35.27 8.66 -9.81
C LEU C 960 34.43 7.40 -9.76
N THR C 961 34.24 6.75 -10.91
CA THR C 961 33.51 5.50 -10.95
C THR C 961 34.34 4.37 -10.37
N GLN C 962 35.53 4.14 -10.93
CA GLN C 962 36.38 3.04 -10.47
C GLN C 962 36.93 3.28 -9.08
N ASP C 963 37.16 4.55 -8.71
CA ASP C 963 37.73 4.85 -7.40
C ASP C 963 36.74 4.53 -6.28
N PHE C 964 35.45 4.79 -6.51
CA PHE C 964 34.44 4.49 -5.51
C PHE C 964 34.14 3.00 -5.46
N LEU C 965 34.06 2.34 -6.61
CA LEU C 965 33.65 0.94 -6.66
C LEU C 965 34.66 0.04 -5.95
N ILE C 966 35.94 0.39 -6.00
CA ILE C 966 36.94 -0.37 -5.24
C ILE C 966 36.66 -0.24 -3.75
N VAL C 967 36.17 0.92 -3.31
CA VAL C 967 35.77 1.06 -1.91
C VAL C 967 34.49 0.27 -1.64
N ILE C 968 33.54 0.31 -2.57
CA ILE C 968 32.23 -0.30 -2.34
C ILE C 968 32.35 -1.82 -2.31
N SER C 969 33.11 -2.40 -3.24
CA SER C 969 33.19 -3.84 -3.41
C SER C 969 34.30 -4.49 -2.59
N LYS C 970 34.79 -3.81 -1.56
CA LYS C 970 35.83 -4.37 -0.71
C LYS C 970 35.55 -4.10 0.77
N GLY C 971 35.95 -7.73 -1.77
CA GLY C 971 37.35 -7.46 -2.04
C GLY C 971 37.78 -7.85 -3.44
N ALA C 972 36.82 -8.23 -4.27
CA ALA C 972 37.14 -8.80 -5.58
C ALA C 972 37.94 -7.82 -6.44
N GLN C 973 38.72 -8.37 -7.36
CA GLN C 973 39.56 -7.54 -8.23
C GLN C 973 38.72 -6.79 -9.25
N GLU C 974 37.75 -7.46 -9.87
CA GLU C 974 36.81 -6.82 -10.79
C GLU C 974 35.50 -6.63 -10.04
N CYS C 975 35.17 -5.37 -9.74
CA CYS C 975 34.18 -5.03 -8.74
C CYS C 975 32.74 -5.02 -9.26
N THR C 976 32.53 -4.78 -10.55
CA THR C 976 31.18 -4.63 -11.08
C THR C 976 30.36 -5.90 -11.01
N LYS C 977 30.97 -7.04 -10.67
CA LYS C 977 30.26 -8.32 -10.56
C LYS C 977 30.13 -8.79 -9.13
N THR C 978 30.30 -7.90 -8.15
CA THR C 978 30.21 -8.25 -6.75
C THR C 978 28.79 -8.07 -6.22
N ARG C 979 28.55 -8.61 -5.03
CA ARG C 979 27.24 -8.43 -4.40
C ARG C 979 27.07 -7.02 -3.86
N GLU C 980 28.17 -6.36 -3.49
CA GLU C 980 28.07 -5.01 -2.95
C GLU C 980 27.62 -4.03 -4.02
N PHE C 981 28.10 -4.19 -5.25
CA PHE C 981 27.68 -3.31 -6.33
C PHE C 981 26.19 -3.47 -6.62
N GLU C 982 25.68 -4.69 -6.54
CA GLU C 982 24.24 -4.91 -6.65
C GLU C 982 23.50 -4.25 -5.50
N ARG C 983 24.02 -4.44 -4.27
CA ARG C 983 23.44 -3.79 -3.11
C ARG C 983 23.39 -2.29 -3.30
N PHE C 984 24.49 -1.71 -3.81
CA PHE C 984 24.55 -0.28 -4.05
C PHE C 984 23.54 0.14 -5.11
N GLN C 985 23.34 -0.71 -6.13
CA GLN C 985 22.41 -0.35 -7.20
C GLN C 985 20.97 -0.32 -6.68
N GLU C 986 20.59 -1.28 -5.85
CA GLU C 986 19.22 -1.30 -5.30
C GLU C 986 18.97 -0.08 -4.44
N MET C 987 20.00 0.37 -3.71
CA MET C 987 19.84 1.56 -2.86
C MET C 987 19.52 2.78 -3.70
N CYS C 988 20.22 2.98 -4.81
CA CYS C 988 19.95 4.12 -5.66
C CYS C 988 18.59 4.01 -6.32
N TYR C 989 18.21 2.81 -6.77
CA TYR C 989 16.92 2.63 -7.42
C TYR C 989 15.77 2.96 -6.48
N LYS C 990 15.82 2.43 -5.26
CA LYS C 990 14.72 2.66 -4.31
C LYS C 990 14.71 4.11 -3.84
N ALA C 991 15.89 4.70 -3.65
CA ALA C 991 15.95 6.12 -3.28
C ALA C 991 15.44 6.99 -4.41
N TYR C 992 15.84 6.68 -5.64
CA TYR C 992 15.40 7.45 -6.81
C TYR C 992 13.88 7.47 -6.93
N LEU C 993 13.23 6.31 -6.69
CA LEU C 993 11.77 6.26 -6.72
C LEU C 993 11.15 6.91 -5.49
N ALA C 994 11.83 6.87 -4.34
CA ALA C 994 11.31 7.50 -3.14
C ALA C 994 11.14 9.01 -3.34
N ILE C 995 12.16 9.66 -3.90
CA ILE C 995 12.07 11.08 -4.19
C ILE C 995 11.06 11.32 -5.31
N ARG C 996 11.06 10.47 -6.33
CA ARG C 996 10.16 10.62 -7.47
C ARG C 996 8.70 10.60 -7.06
N GLN C 997 8.36 9.99 -5.92
CA GLN C 997 7.00 10.03 -5.43
C GLN C 997 6.67 11.35 -4.76
N HIS C 998 7.68 12.06 -4.26
CA HIS C 998 7.51 13.37 -3.66
C HIS C 998 7.86 14.49 -4.64
N ALA C 999 7.71 14.25 -5.94
CA ALA C 999 8.12 15.24 -6.94
C ALA C 999 7.35 16.55 -6.80
N ASN C 1000 6.12 16.50 -6.28
CA ASN C 1000 5.34 17.73 -6.12
C ASN C 1000 6.01 18.70 -5.15
N LEU C 1001 6.73 18.19 -4.16
CA LEU C 1001 7.34 19.08 -3.16
C LEU C 1001 8.52 19.85 -3.75
N PHE C 1002 9.39 19.16 -4.49
CA PHE C 1002 10.61 19.80 -5.00
C PHE C 1002 10.29 20.81 -6.09
N ILE C 1003 9.32 20.51 -6.95
CA ILE C 1003 8.86 21.48 -7.93
C ILE C 1003 8.30 22.73 -7.25
N ASN C 1004 7.68 22.55 -6.08
CA ASN C 1004 7.11 23.69 -5.36
C ASN C 1004 8.20 24.57 -4.76
N LEU C 1005 9.21 23.95 -4.15
CA LEU C 1005 10.31 24.73 -3.56
C LEU C 1005 11.04 25.54 -4.62
N PHE C 1006 11.21 24.97 -5.82
CA PHE C 1006 11.82 25.73 -6.91
C PHE C 1006 10.90 26.83 -7.43
N SER C 1007 9.59 26.59 -7.43
CA SER C 1007 8.66 27.57 -7.98
C SER C 1007 8.58 28.83 -7.11
N MET C 1008 8.84 28.68 -5.82
CA MET C 1008 8.79 29.80 -4.88
C MET C 1008 10.07 30.63 -4.89
N MET C 1009 11.08 30.20 -5.63
CA MET C 1009 12.36 30.90 -5.71
C MET C 1009 12.52 31.66 -7.02
N LEU C 1010 11.42 31.90 -7.75
CA LEU C 1010 11.54 32.44 -9.10
C LEU C 1010 11.91 33.91 -9.10
N GLY C 1011 11.43 34.69 -8.13
CA GLY C 1011 11.76 36.09 -8.04
C GLY C 1011 13.06 36.42 -7.32
N SER C 1012 13.91 35.43 -7.04
CA SER C 1012 15.12 35.69 -6.26
C SER C 1012 16.21 36.39 -7.07
N GLY C 1013 16.24 36.16 -8.38
CA GLY C 1013 17.32 36.64 -9.21
C GLY C 1013 18.42 35.63 -9.44
N MET C 1014 18.20 34.38 -9.08
CA MET C 1014 19.21 33.35 -9.33
C MET C 1014 19.21 33.01 -10.81
N PRO C 1015 20.38 32.94 -11.46
CA PRO C 1015 20.38 32.76 -12.92
C PRO C 1015 19.81 31.42 -13.36
N GLU C 1016 20.10 30.34 -12.63
CA GLU C 1016 19.63 29.01 -13.01
C GLU C 1016 18.14 28.83 -12.79
N LEU C 1017 17.45 29.82 -12.19
CA LEU C 1017 16.07 29.68 -11.76
C LEU C 1017 15.30 30.95 -12.15
N GLN C 1018 15.13 31.14 -13.46
CA GLN C 1018 14.54 32.36 -14.01
C GLN C 1018 13.06 32.20 -14.35
N SER C 1019 12.72 31.17 -15.12
CA SER C 1019 11.33 30.88 -15.48
C SER C 1019 11.02 29.44 -15.09
N PHE C 1020 9.75 29.06 -15.25
CA PHE C 1020 9.36 27.68 -14.98
C PHE C 1020 10.05 26.71 -15.93
N ASP C 1021 10.40 27.17 -17.14
CA ASP C 1021 11.13 26.35 -18.09
C ASP C 1021 12.46 25.84 -17.51
N ASP C 1022 13.03 26.56 -16.54
CA ASP C 1022 14.23 26.05 -15.87
C ASP C 1022 13.90 24.88 -14.95
N ILE C 1023 12.68 24.83 -14.43
CA ILE C 1023 12.31 23.81 -13.46
C ILE C 1023 11.89 22.51 -14.13
N ALA C 1024 11.56 22.54 -15.43
CA ALA C 1024 11.16 21.33 -16.14
C ALA C 1024 12.27 20.29 -16.22
N TYR C 1025 13.51 20.65 -15.90
CA TYR C 1025 14.61 19.69 -15.99
C TYR C 1025 14.41 18.54 -15.00
N ILE C 1026 13.87 18.83 -13.82
CA ILE C 1026 13.62 17.76 -12.87
C ILE C 1026 12.42 16.93 -13.28
N ARG C 1027 11.50 17.50 -14.07
CA ARG C 1027 10.44 16.69 -14.66
C ARG C 1027 11.02 15.61 -15.56
N LYS C 1028 12.16 15.88 -16.18
CA LYS C 1028 12.84 14.93 -17.07
C LYS C 1028 13.74 13.97 -16.30
N THR C 1029 14.52 14.47 -15.33
CA THR C 1029 15.38 13.60 -14.55
C THR C 1029 14.56 12.66 -13.67
N LEU C 1030 13.37 13.08 -13.25
CA LEU C 1030 12.47 12.23 -12.51
C LEU C 1030 11.55 11.42 -13.41
N ALA C 1031 11.56 11.68 -14.71
CA ALA C 1031 10.72 10.98 -15.69
C ALA C 1031 9.26 10.98 -15.26
N LEU C 1032 8.75 12.18 -14.98
CA LEU C 1032 7.37 12.34 -14.55
C LEU C 1032 6.37 12.20 -15.69
N ASP C 1033 6.83 12.15 -16.94
CA ASP C 1033 5.98 11.86 -18.08
C ASP C 1033 5.99 10.39 -18.46
N LYS C 1034 6.73 9.56 -17.74
CA LYS C 1034 6.78 8.12 -18.00
C LYS C 1034 5.93 7.38 -16.97
N THR C 1035 5.95 6.05 -17.06
CA THR C 1035 5.42 5.23 -16.00
C THR C 1035 6.48 5.04 -14.92
N GLU C 1036 6.07 4.45 -13.79
CA GLU C 1036 7.03 4.19 -12.72
C GLU C 1036 8.11 3.20 -13.15
N GLN C 1037 7.75 2.21 -13.97
CA GLN C 1037 8.73 1.25 -14.46
C GLN C 1037 9.58 1.81 -15.58
N GLU C 1038 9.01 2.64 -16.46
CA GLU C 1038 9.82 3.31 -17.47
C GLU C 1038 10.81 4.28 -16.84
N ALA C 1039 10.44 4.91 -15.72
CA ALA C 1039 11.34 5.83 -15.05
C ALA C 1039 12.55 5.11 -14.48
N LEU C 1040 12.32 3.99 -13.80
CA LEU C 1040 13.43 3.24 -13.22
C LEU C 1040 14.37 2.72 -14.31
N GLU C 1041 13.81 2.27 -15.44
CA GLU C 1041 14.65 1.90 -16.58
C GLU C 1041 15.39 3.10 -17.13
N TYR C 1042 14.78 4.29 -17.09
CA TYR C 1042 15.44 5.50 -17.58
C TYR C 1042 16.60 5.88 -16.67
N PHE C 1043 16.43 5.73 -15.35
CA PHE C 1043 17.52 6.04 -14.43
C PHE C 1043 18.71 5.11 -14.64
N MET C 1044 18.44 3.81 -14.83
CA MET C 1044 19.53 2.84 -15.00
C MET C 1044 20.31 3.11 -16.29
N LYS C 1045 19.61 3.51 -17.36
CA LYS C 1045 20.30 3.80 -18.61
C LYS C 1045 21.20 5.02 -18.46
N GLN C 1046 20.73 6.06 -17.77
CA GLN C 1046 21.56 7.23 -17.53
C GLN C 1046 22.79 6.87 -16.70
N MET C 1047 22.61 6.01 -15.69
CA MET C 1047 23.73 5.61 -14.85
C MET C 1047 24.73 4.75 -15.62
N ASN C 1048 24.25 3.92 -16.55
CA ASN C 1048 25.16 3.07 -17.32
C ASN C 1048 26.02 3.90 -18.26
N ASP C 1049 25.41 4.82 -18.99
CA ASP C 1049 26.18 5.72 -19.85
C ASP C 1049 27.16 6.55 -19.04
N ALA C 1050 26.87 6.79 -17.77
CA ALA C 1050 27.70 7.65 -16.95
C ALA C 1050 28.82 6.87 -16.26
N ARG C 1051 29.27 5.80 -16.88
CA ARG C 1051 30.41 5.04 -16.35
C ARG C 1051 31.72 5.68 -16.80
N MET D 1 -14.78 17.13 -48.34
CA MET D 1 -13.98 18.28 -48.76
C MET D 1 -12.49 18.03 -48.56
N ASN D 2 -12.17 16.82 -48.08
CA ASN D 2 -10.78 16.37 -47.98
C ASN D 2 -10.63 14.99 -48.60
N ASN D 3 -9.44 14.40 -48.49
CA ASN D 3 -9.23 13.05 -49.01
C ASN D 3 -8.06 12.35 -48.35
N ASN D 4 -6.93 12.24 -49.05
CA ASN D 4 -5.86 11.32 -48.68
C ASN D 4 -4.59 12.11 -48.34
N MET D 5 -4.18 12.04 -47.08
CA MET D 5 -2.93 12.62 -46.58
C MET D 5 -2.55 11.90 -45.29
N SER D 6 -1.27 11.63 -45.13
CA SER D 6 -0.79 10.91 -43.95
C SER D 6 -0.38 11.87 -42.85
N LEU D 7 -0.35 11.35 -41.62
CA LEU D 7 -0.09 12.19 -40.45
C LEU D 7 1.38 12.60 -40.38
N GLN D 8 2.29 11.68 -40.65
CA GLN D 8 3.72 11.97 -40.47
C GLN D 8 4.21 13.01 -41.47
N ASP D 9 3.65 13.03 -42.68
CA ASP D 9 4.04 13.99 -43.70
C ASP D 9 3.31 15.33 -43.56
N ALA D 10 2.44 15.49 -42.56
CA ALA D 10 1.75 16.74 -42.38
C ALA D 10 2.74 17.85 -42.02
N GLU D 11 2.54 19.03 -42.63
CA GLU D 11 3.46 20.14 -42.42
C GLU D 11 3.47 20.59 -40.97
N TRP D 12 2.33 20.51 -40.28
CA TRP D 12 2.23 20.95 -38.90
C TRP D 12 2.51 19.86 -37.89
N TYR D 13 2.69 18.61 -38.33
CA TYR D 13 3.02 17.51 -37.44
C TYR D 13 4.52 17.49 -37.20
N TRP D 14 4.93 17.67 -35.95
CA TRP D 14 6.34 17.79 -35.59
C TRP D 14 6.88 16.57 -34.85
N GLY D 15 6.04 15.61 -34.52
CA GLY D 15 6.52 14.39 -33.89
C GLY D 15 6.82 14.52 -32.42
N ASP D 16 8.06 14.25 -32.04
CA ASP D 16 8.47 14.12 -30.64
C ASP D 16 9.16 15.37 -30.10
N ILE D 17 8.64 16.56 -30.40
CA ILE D 17 9.23 17.77 -29.85
C ILE D 17 8.67 18.03 -28.46
N SER D 18 9.46 18.71 -27.63
CA SER D 18 9.12 18.91 -26.23
C SER D 18 8.25 20.16 -26.05
N ARG D 19 7.95 20.49 -24.79
CA ARG D 19 7.13 21.66 -24.50
C ARG D 19 7.87 22.95 -24.80
N GLU D 20 9.18 22.98 -24.54
CA GLU D 20 9.95 24.20 -24.75
C GLU D 20 10.08 24.52 -26.24
N GLU D 21 10.21 23.49 -27.08
CA GLU D 21 10.32 23.73 -28.51
C GLU D 21 8.99 24.17 -29.11
N VAL D 22 7.86 23.78 -28.51
CA VAL D 22 6.57 24.29 -28.95
C VAL D 22 6.40 25.73 -28.48
N ASN D 23 6.84 26.03 -27.25
CA ASN D 23 6.76 27.39 -26.73
C ASN D 23 7.63 28.33 -27.55
N GLU D 24 8.80 27.85 -27.99
CA GLU D 24 9.71 28.69 -28.76
C GLU D 24 9.13 29.03 -30.13
N LYS D 25 8.43 28.07 -30.75
CA LYS D 25 7.94 28.29 -32.11
C LYS D 25 6.79 29.28 -32.14
N LEU D 26 5.94 29.28 -31.12
CA LEU D 26 4.76 30.13 -31.08
C LEU D 26 5.02 31.49 -30.44
N ARG D 27 6.25 31.77 -30.01
CA ARG D 27 6.56 33.06 -29.42
C ARG D 27 6.48 34.16 -30.48
N ASP D 28 5.66 35.18 -30.22
CA ASP D 28 5.51 36.36 -31.07
C ASP D 28 4.88 36.03 -32.41
N THR D 29 4.10 34.96 -32.50
CA THR D 29 3.45 34.57 -33.75
C THR D 29 2.01 35.07 -33.77
N ALA D 30 1.43 35.06 -34.97
CA ALA D 30 0.10 35.59 -35.17
C ALA D 30 -0.97 34.66 -34.60
N ASP D 31 -2.18 35.20 -34.44
CA ASP D 31 -3.30 34.38 -34.00
C ASP D 31 -3.62 33.33 -35.05
N GLY D 32 -3.87 32.11 -34.59
CA GLY D 32 -4.10 30.98 -35.46
C GLY D 32 -2.90 30.08 -35.63
N THR D 33 -1.71 30.51 -35.21
CA THR D 33 -0.52 29.68 -35.34
C THR D 33 -0.64 28.44 -34.47
N PHE D 34 -0.28 27.29 -35.03
CA PHE D 34 -0.49 26.02 -34.36
C PHE D 34 0.57 25.02 -34.77
N LEU D 35 0.58 23.89 -34.06
CA LEU D 35 1.38 22.73 -34.43
C LEU D 35 0.84 21.53 -33.65
N VAL D 36 1.07 20.34 -34.19
CA VAL D 36 0.61 19.10 -33.60
C VAL D 36 1.81 18.22 -33.28
N ARG D 37 1.80 17.62 -32.09
CA ARG D 37 2.89 16.78 -31.62
C ARG D 37 2.31 15.61 -30.85
N ASP D 38 3.18 14.68 -30.46
CA ASP D 38 2.77 13.59 -29.59
C ASP D 38 2.52 14.12 -28.18
N ALA D 39 1.66 13.42 -27.45
CA ALA D 39 1.46 13.74 -26.04
C ALA D 39 2.74 13.46 -25.27
N SER D 40 3.03 14.32 -24.28
CA SER D 40 4.23 14.13 -23.47
C SER D 40 4.20 12.79 -22.74
N THR D 41 3.02 12.30 -22.40
CA THR D 41 2.89 10.92 -21.93
C THR D 41 3.12 9.97 -23.10
N LYS D 42 3.87 8.90 -22.85
CA LYS D 42 4.25 7.97 -23.90
C LYS D 42 3.04 7.18 -24.42
N MET D 43 1.95 7.89 -24.71
CA MET D 43 0.72 7.27 -25.19
C MET D 43 0.73 7.31 -26.71
N HIS D 44 0.90 6.14 -27.33
CA HIS D 44 1.11 6.03 -28.77
C HIS D 44 -0.07 6.59 -29.57
N GLY D 45 -1.22 6.77 -28.94
CA GLY D 45 -2.38 7.27 -29.66
C GLY D 45 -2.67 8.74 -29.45
N ASP D 46 -2.37 9.25 -28.25
CA ASP D 46 -2.75 10.62 -27.90
C ASP D 46 -1.77 11.62 -28.53
N TYR D 47 -2.33 12.61 -29.21
CA TYR D 47 -1.59 13.74 -29.76
C TYR D 47 -2.10 15.03 -29.13
N THR D 48 -1.31 16.09 -29.27
CA THR D 48 -1.61 17.36 -28.65
C THR D 48 -1.44 18.49 -29.66
N LEU D 49 -2.53 19.20 -29.94
CA LEU D 49 -2.50 20.39 -30.78
C LEU D 49 -2.33 21.63 -29.90
N THR D 50 -1.34 22.45 -30.22
CA THR D 50 -1.06 23.68 -29.48
C THR D 50 -1.37 24.87 -30.38
N LEU D 51 -2.36 25.68 -29.97
CA LEU D 51 -2.81 26.83 -30.74
C LEU D 51 -2.58 28.10 -29.94
N ARG D 52 -2.03 29.12 -30.60
CA ARG D 52 -1.84 30.42 -29.98
C ARG D 52 -3.04 31.32 -30.28
N LYS D 53 -3.52 32.02 -29.25
CA LYS D 53 -4.68 32.89 -29.41
C LYS D 53 -4.61 33.97 -28.34
N GLY D 54 -4.42 35.21 -28.76
CA GLY D 54 -4.40 36.34 -27.84
C GLY D 54 -3.27 36.33 -26.84
N GLY D 55 -2.05 36.02 -27.28
CA GLY D 55 -0.92 36.00 -26.37
C GLY D 55 -0.87 34.82 -25.44
N ASN D 56 -1.66 33.78 -25.71
CA ASN D 56 -1.69 32.59 -24.87
C ASN D 56 -1.74 31.35 -25.76
N ASN D 57 -1.05 30.29 -25.34
CA ASN D 57 -1.04 29.04 -26.07
C ASN D 57 -2.06 28.09 -25.44
N LYS D 58 -3.03 27.65 -26.24
CA LYS D 58 -4.04 26.72 -25.77
C LYS D 58 -3.62 25.29 -26.13
N LEU D 59 -3.74 24.39 -25.17
CA LEU D 59 -3.42 22.97 -25.38
C LEU D 59 -4.72 22.20 -25.60
N ILE D 60 -4.80 21.52 -26.74
CA ILE D 60 -5.96 20.71 -27.10
C ILE D 60 -5.48 19.28 -27.34
N LYS D 61 -5.99 18.34 -26.56
CA LYS D 61 -5.58 16.95 -26.67
C LYS D 61 -6.38 16.26 -27.76
N ILE D 62 -5.69 15.52 -28.63
CA ILE D 62 -6.34 14.78 -29.70
C ILE D 62 -6.55 13.35 -29.20
N PHE D 63 -7.80 13.01 -28.90
CA PHE D 63 -8.11 11.68 -28.40
C PHE D 63 -8.23 10.68 -29.55
N HIS D 64 -7.62 9.51 -29.37
CA HIS D 64 -7.54 8.48 -30.40
C HIS D 64 -8.20 7.21 -29.88
N ARG D 65 -9.45 6.97 -30.30
CA ARG D 65 -10.17 5.75 -29.96
C ARG D 65 -10.94 5.26 -31.17
N ASP D 66 -11.06 3.94 -31.27
CA ASP D 66 -11.84 3.29 -32.33
C ASP D 66 -11.30 3.62 -33.72
N GLY D 67 -9.99 3.76 -33.83
CA GLY D 67 -9.37 4.11 -35.09
C GLY D 67 -9.80 5.47 -35.61
N LYS D 68 -10.57 6.19 -34.80
CA LYS D 68 -11.10 7.50 -35.13
C LYS D 68 -10.37 8.56 -34.32
N TYR D 69 -10.65 9.82 -34.66
CA TYR D 69 -10.01 10.94 -33.99
C TYR D 69 -11.05 12.03 -33.73
N GLY D 70 -10.84 12.77 -32.65
CA GLY D 70 -11.76 13.81 -32.26
C GLY D 70 -11.29 14.57 -31.04
N PHE D 71 -11.55 15.89 -31.02
CA PHE D 71 -11.21 16.69 -29.86
C PHE D 71 -12.05 16.29 -28.65
N SER D 72 -13.37 16.30 -28.79
CA SER D 72 -14.26 15.93 -27.70
C SER D 72 -15.22 14.83 -28.15
N ASP D 73 -16.23 14.55 -27.32
CA ASP D 73 -17.19 13.52 -27.65
C ASP D 73 -18.19 14.03 -28.70
N PRO D 74 -18.53 13.22 -29.71
CA PRO D 74 -17.90 11.92 -29.98
C PRO D 74 -16.79 12.03 -31.03
N LEU D 75 -16.03 10.95 -31.23
CA LEU D 75 -14.93 10.96 -32.19
C LEU D 75 -15.51 10.74 -33.59
N THR D 76 -15.39 11.74 -34.44
CA THR D 76 -16.05 11.74 -35.74
C THR D 76 -15.06 12.09 -36.86
N PHE D 77 -13.84 11.61 -36.76
CA PHE D 77 -12.85 11.73 -37.83
C PHE D 77 -12.16 10.38 -38.02
N SER D 78 -11.22 10.31 -38.95
CA SER D 78 -10.57 9.04 -39.25
C SER D 78 -9.06 9.16 -39.19
N SER D 79 -8.54 10.36 -39.43
CA SER D 79 -7.10 10.62 -39.29
C SER D 79 -6.92 11.95 -38.59
N VAL D 80 -5.70 12.19 -38.09
CA VAL D 80 -5.39 13.48 -37.48
C VAL D 80 -5.37 14.56 -38.54
N VAL D 81 -4.91 14.23 -39.75
CA VAL D 81 -4.88 15.21 -40.84
C VAL D 81 -6.29 15.66 -41.19
N GLU D 82 -7.24 14.73 -41.18
CA GLU D 82 -8.64 15.09 -41.38
C GLU D 82 -9.13 16.01 -40.27
N LEU D 83 -8.76 15.71 -39.03
CA LEU D 83 -9.25 16.48 -37.89
C LEU D 83 -8.72 17.90 -37.90
N ILE D 84 -7.42 18.08 -38.13
CA ILE D 84 -6.84 19.42 -38.17
C ILE D 84 -7.42 20.23 -39.32
N ASN D 85 -7.57 19.60 -40.48
CA ASN D 85 -8.02 20.34 -41.67
C ASN D 85 -9.48 20.76 -41.54
N HIS D 86 -10.32 19.92 -40.94
CA HIS D 86 -11.74 20.26 -40.80
C HIS D 86 -11.92 21.52 -39.98
N TYR D 87 -11.07 21.72 -38.97
CA TYR D 87 -11.04 22.96 -38.21
C TYR D 87 -10.08 23.99 -38.79
N ARG D 88 -9.25 23.59 -39.75
CA ARG D 88 -8.25 24.49 -40.31
C ARG D 88 -8.90 25.64 -41.08
N ASN D 89 -10.08 25.42 -41.63
CA ASN D 89 -10.79 26.42 -42.43
C ASN D 89 -11.81 27.20 -41.61
N GLU D 90 -12.72 26.51 -40.93
CA GLU D 90 -13.73 27.16 -40.12
C GLU D 90 -13.17 27.47 -38.73
N SER D 91 -13.93 28.25 -37.97
CA SER D 91 -13.49 28.63 -36.64
C SER D 91 -13.66 27.47 -35.65
N LEU D 92 -12.87 27.52 -34.59
CA LEU D 92 -13.00 26.57 -33.48
C LEU D 92 -14.00 27.03 -32.44
N ALA D 93 -14.71 28.14 -32.68
CA ALA D 93 -15.66 28.65 -31.71
C ALA D 93 -16.86 27.73 -31.50
N GLN D 94 -17.03 26.71 -32.34
CA GLN D 94 -18.07 25.72 -32.11
C GLN D 94 -17.79 24.91 -30.84
N TYR D 95 -16.53 24.60 -30.58
CA TYR D 95 -16.11 23.90 -29.37
C TYR D 95 -16.40 24.76 -28.15
N ASN D 96 -15.70 25.89 -28.03
CA ASN D 96 -16.02 26.90 -27.04
C ASN D 96 -15.82 28.25 -27.70
N PRO D 97 -16.76 29.19 -27.52
CA PRO D 97 -16.67 30.47 -28.26
C PRO D 97 -15.46 31.31 -27.90
N LYS D 98 -14.69 30.95 -26.88
CA LYS D 98 -13.52 31.75 -26.53
C LYS D 98 -12.31 31.34 -27.35
N LEU D 99 -12.56 30.84 -28.56
CA LEU D 99 -11.52 30.51 -29.52
C LEU D 99 -12.02 30.87 -30.92
N ASP D 100 -12.39 32.14 -31.11
CA ASP D 100 -12.90 32.62 -32.38
C ASP D 100 -11.78 32.76 -33.39
N VAL D 101 -10.99 31.69 -33.57
CA VAL D 101 -9.89 31.67 -34.51
C VAL D 101 -9.86 30.29 -35.17
N LYS D 102 -9.43 30.27 -36.42
CA LYS D 102 -9.28 29.01 -37.15
C LYS D 102 -7.85 28.48 -36.97
N LEU D 103 -7.33 27.79 -37.98
CA LEU D 103 -5.95 27.33 -38.01
C LEU D 103 -5.39 27.72 -39.37
N LEU D 104 -4.78 28.90 -39.45
CA LEU D 104 -4.29 29.41 -40.73
C LEU D 104 -2.77 29.35 -40.88
N TYR D 105 -2.02 29.46 -39.78
CA TYR D 105 -0.56 29.48 -39.87
C TYR D 105 0.02 28.26 -39.17
N PRO D 106 0.48 27.24 -39.90
CA PRO D 106 1.11 26.09 -39.26
C PRO D 106 2.61 26.29 -39.08
N VAL D 107 3.10 25.94 -37.89
CA VAL D 107 4.54 25.89 -37.64
C VAL D 107 5.10 24.72 -38.43
N SER D 108 5.65 25.00 -39.61
CA SER D 108 5.98 23.97 -40.59
C SER D 108 7.46 23.61 -40.52
N LYS D 109 7.75 22.31 -40.55
CA LYS D 109 9.12 21.86 -40.73
C LYS D 109 9.62 22.17 -42.13
N TYR D 110 8.71 22.28 -43.10
CA TYR D 110 9.09 22.52 -44.48
C TYR D 110 9.50 23.96 -44.75
N GLN D 111 9.08 24.91 -43.91
CA GLN D 111 9.56 26.28 -44.02
C GLN D 111 11.03 26.39 -43.62
N GLN D 112 11.56 25.38 -42.94
CA GLN D 112 13.00 25.37 -42.63
C GLN D 112 13.82 25.26 -43.91
N ASP D 113 13.39 24.42 -44.85
CA ASP D 113 14.16 24.15 -46.05
C ASP D 113 14.25 25.36 -46.98
N GLN D 114 13.40 26.37 -46.81
CA GLN D 114 13.54 27.59 -47.60
C GLN D 114 14.58 28.53 -47.02
N VAL D 115 14.79 28.49 -45.69
CA VAL D 115 15.82 29.31 -45.07
C VAL D 115 17.21 28.83 -45.47
N VAL D 116 17.38 27.53 -45.68
CA VAL D 116 18.65 26.96 -46.09
C VAL D 116 18.68 26.95 -47.62
N LYS D 117 19.38 27.92 -48.20
CA LYS D 117 19.42 28.08 -49.65
C LYS D 117 20.64 27.43 -50.30
N GLU D 118 21.66 27.10 -49.52
CA GLU D 118 22.87 26.50 -50.10
C GLU D 118 22.54 25.22 -50.84
N ASP D 119 23.18 25.03 -51.98
CA ASP D 119 22.84 23.94 -52.89
C ASP D 119 23.35 22.60 -52.37
N ASN D 120 24.67 22.49 -52.19
CA ASN D 120 25.27 21.22 -51.80
C ASN D 120 25.20 21.04 -50.28
N ILE D 121 25.36 19.78 -49.85
CA ILE D 121 25.38 19.48 -48.42
C ILE D 121 26.61 20.10 -47.76
N GLU D 122 27.70 20.26 -48.50
CA GLU D 122 28.90 20.86 -47.95
C GLU D 122 28.75 22.37 -47.78
N ALA D 123 28.02 23.02 -48.69
CA ALA D 123 27.78 24.46 -48.53
C ALA D 123 26.84 24.74 -47.38
N VAL D 124 25.94 23.80 -47.06
CA VAL D 124 25.08 23.97 -45.88
C VAL D 124 25.88 23.82 -44.60
N GLY D 125 26.80 22.85 -44.57
CA GLY D 125 27.64 22.67 -43.40
C GLY D 125 28.60 23.82 -43.18
N LYS D 126 29.04 24.47 -44.25
CA LYS D 126 29.91 25.64 -44.11
C LYS D 126 29.16 26.81 -43.48
N LYS D 127 27.94 27.07 -43.94
CA LYS D 127 27.18 28.19 -43.40
C LYS D 127 26.70 27.92 -41.98
N LEU D 128 26.35 26.67 -41.65
CA LEU D 128 26.03 26.34 -40.26
C LEU D 128 27.23 26.56 -39.36
N HIS D 129 28.42 26.22 -39.85
CA HIS D 129 29.64 26.49 -39.09
C HIS D 129 29.87 28.00 -38.97
N GLU D 130 29.59 28.75 -40.04
CA GLU D 130 29.76 30.20 -39.98
C GLU D 130 28.70 30.86 -39.11
N TYR D 131 27.44 30.42 -39.25
CA TYR D 131 26.38 30.99 -38.43
C TYR D 131 26.56 30.65 -36.96
N ASN D 132 27.06 29.45 -36.66
CA ASN D 132 27.28 29.08 -35.26
C ASN D 132 28.47 29.84 -34.66
N THR D 133 29.51 30.07 -35.47
CA THR D 133 30.63 30.88 -35.00
C THR D 133 30.20 32.31 -34.73
N GLN D 134 29.45 32.90 -35.67
CA GLN D 134 28.98 34.27 -35.48
C GLN D 134 28.01 34.36 -34.30
N PHE D 135 27.19 33.33 -34.10
CA PHE D 135 26.25 33.36 -32.99
C PHE D 135 26.97 33.30 -31.64
N GLN D 136 28.03 32.50 -31.55
CA GLN D 136 28.81 32.46 -30.31
C GLN D 136 29.61 33.74 -30.13
N GLU D 137 30.03 34.38 -31.22
CA GLU D 137 30.70 35.67 -31.12
C GLU D 137 29.78 36.73 -30.53
N LYS D 138 28.57 36.86 -31.09
CA LYS D 138 27.63 37.84 -30.57
C LYS D 138 27.03 37.41 -29.23
N SER D 139 27.14 36.14 -28.86
CA SER D 139 26.72 35.70 -27.54
C SER D 139 27.74 36.10 -26.47
N ARG D 140 29.03 35.91 -26.75
CA ARG D 140 30.05 36.36 -25.82
C ARG D 140 30.11 37.87 -25.73
N GLU D 141 29.87 38.55 -26.85
CA GLU D 141 29.84 40.01 -26.83
C GLU D 141 28.68 40.53 -26.00
N TYR D 142 27.49 39.93 -26.18
CA TYR D 142 26.32 40.37 -25.42
C TYR D 142 26.50 40.11 -23.93
N ASP D 143 27.10 38.97 -23.57
CA ASP D 143 27.34 38.66 -22.16
C ASP D 143 28.34 39.63 -21.54
N ARG D 144 29.48 39.82 -22.20
CA ARG D 144 30.47 40.78 -21.72
C ARG D 144 29.94 42.20 -21.75
N LEU D 145 29.09 42.54 -22.74
CA LEU D 145 28.48 43.85 -22.77
C LEU D 145 27.49 44.04 -21.63
N TYR D 146 26.84 42.96 -21.19
CA TYR D 146 25.89 43.06 -20.09
C TYR D 146 26.59 43.20 -18.75
N GLU D 147 27.85 42.75 -18.66
CA GLU D 147 28.61 42.92 -17.41
C GLU D 147 28.87 44.40 -17.13
N GLU D 148 29.43 45.11 -18.11
CA GLU D 148 29.64 46.55 -17.93
C GLU D 148 28.32 47.27 -17.67
N TYR D 149 27.22 46.78 -18.24
CA TYR D 149 25.92 47.41 -18.00
C TYR D 149 25.55 47.34 -16.53
N THR D 150 25.67 46.16 -15.93
CA THR D 150 25.31 46.00 -14.52
C THR D 150 26.33 46.68 -13.61
N ARG D 151 27.61 46.64 -14.00
CA ARG D 151 28.63 47.30 -13.20
C ARG D 151 28.51 48.82 -13.26
N THR D 152 28.37 49.37 -14.47
CA THR D 152 28.18 50.81 -14.62
C THR D 152 26.95 51.31 -13.85
N SER D 153 25.88 50.51 -13.79
CA SER D 153 24.69 50.91 -13.06
C SER D 153 24.96 50.99 -11.56
N GLN D 154 25.76 50.06 -11.03
CA GLN D 154 26.12 50.13 -9.62
C GLN D 154 27.01 51.35 -9.34
N GLU D 155 27.96 51.62 -10.24
CA GLU D 155 28.86 52.75 -10.03
C GLU D 155 28.11 54.08 -10.20
N ILE D 156 27.16 54.13 -11.14
CA ILE D 156 26.31 55.33 -11.25
C ILE D 156 25.53 55.55 -9.96
N GLN D 157 25.04 54.47 -9.36
CA GLN D 157 24.31 54.60 -8.10
C GLN D 157 25.24 55.09 -7.00
N MET D 158 26.50 54.64 -6.99
CA MET D 158 27.45 55.09 -5.99
C MET D 158 27.70 56.60 -6.12
N LYS D 159 27.85 57.09 -7.35
CA LYS D 159 28.08 58.52 -7.54
C LYS D 159 26.89 59.34 -7.08
N ARG D 160 25.67 58.80 -7.20
CA ARG D 160 24.50 59.53 -6.72
C ARG D 160 24.47 59.55 -5.20
N THR D 161 24.92 58.46 -4.56
CA THR D 161 25.02 58.43 -3.11
C THR D 161 26.02 59.46 -2.60
N ALA D 162 27.19 59.55 -3.24
CA ALA D 162 28.23 60.46 -2.78
C ALA D 162 27.84 61.91 -2.98
N ILE D 163 27.22 62.22 -4.12
CA ILE D 163 26.73 63.58 -4.35
C ILE D 163 25.72 63.96 -3.27
N GLU D 164 24.88 63.02 -2.87
CA GLU D 164 23.93 63.28 -1.81
C GLU D 164 24.64 63.48 -0.47
N ALA D 165 25.72 62.73 -0.23
CA ALA D 165 26.51 62.92 0.99
C ALA D 165 27.27 64.23 0.98
N PHE D 166 27.69 64.70 -0.20
CA PHE D 166 28.31 66.01 -0.31
C PHE D 166 27.31 67.13 -0.02
N ASN D 167 26.09 67.01 -0.53
CA ASN D 167 25.07 68.02 -0.24
C ASN D 167 24.80 68.14 1.25
N GLU D 168 24.93 67.04 1.98
CA GLU D 168 24.73 67.10 3.43
C GLU D 168 25.96 67.71 4.11
N THR D 169 27.15 67.37 3.64
CA THR D 169 28.38 67.94 4.21
C THR D 169 28.44 69.44 3.97
N ILE D 170 28.13 69.87 2.74
CA ILE D 170 28.08 71.30 2.45
C ILE D 170 27.04 72.00 3.30
N LYS D 171 25.88 71.34 3.49
CA LYS D 171 24.83 71.95 4.31
C LYS D 171 25.26 72.06 5.76
N ILE D 172 26.16 71.20 6.22
CA ILE D 172 26.64 71.26 7.60
C ILE D 172 27.74 72.30 7.75
N PHE D 173 28.65 72.37 6.77
CA PHE D 173 29.69 73.40 6.82
C PHE D 173 29.11 74.80 6.62
N GLU D 174 28.01 74.93 5.87
CA GLU D 174 27.40 76.24 5.70
C GLU D 174 26.66 76.68 6.97
N GLU D 175 26.12 75.73 7.74
CA GLU D 175 25.60 76.06 9.05
C GLU D 175 26.72 76.53 9.96
N GLN D 176 27.82 75.78 9.98
CA GLN D 176 28.97 76.15 10.81
C GLN D 176 29.42 77.57 10.50
N CYS D 177 29.32 77.99 9.24
CA CYS D 177 29.60 79.37 8.89
C CYS D 177 28.60 80.32 9.54
N GLN D 178 27.31 79.98 9.47
CA GLN D 178 26.28 80.83 10.07
C GLN D 178 26.48 80.94 11.58
N THR D 179 26.89 79.84 12.22
CA THR D 179 27.04 79.86 13.67
C THR D 179 28.25 80.70 14.09
N GLN D 180 29.35 80.61 13.36
CA GLN D 180 30.52 81.44 13.64
C GLN D 180 30.14 82.92 13.58
N GLU D 181 29.39 83.31 12.54
CA GLU D 181 28.95 84.69 12.41
C GLU D 181 27.99 85.09 13.53
N ARG D 182 27.19 84.15 14.01
CA ARG D 182 26.24 84.45 15.08
C ARG D 182 26.95 84.78 16.39
N TYR D 183 28.03 84.07 16.69
CA TYR D 183 28.72 84.18 17.97
C TYR D 183 29.84 85.21 17.95
N SER D 184 30.63 85.23 16.87
CA SER D 184 31.79 86.11 16.82
C SER D 184 31.41 87.59 16.86
N LYS D 185 30.15 87.91 16.60
CA LYS D 185 29.72 89.32 16.48
C LYS D 185 30.08 90.13 17.72
N GLU D 186 29.64 89.67 18.89
CA GLU D 186 29.92 90.39 20.13
C GLU D 186 31.39 90.40 20.49
N TYR D 187 32.22 89.57 19.84
CA TYR D 187 33.65 89.54 20.13
C TYR D 187 34.45 90.42 19.18
N ILE D 188 34.12 90.42 17.89
CA ILE D 188 34.76 91.37 17.00
C ILE D 188 34.42 92.80 17.42
N GLU D 189 33.25 93.00 18.02
CA GLU D 189 32.91 94.32 18.53
C GLU D 189 33.71 94.69 19.76
N LYS D 190 34.14 93.68 20.54
CA LYS D 190 34.96 93.97 21.70
C LYS D 190 36.41 94.26 21.29
N PHE D 191 36.98 93.40 20.44
CA PHE D 191 38.36 93.61 20.02
C PHE D 191 38.50 94.85 19.16
N LYS D 192 37.44 95.27 18.48
CA LYS D 192 37.51 96.50 17.69
C LYS D 192 37.59 97.73 18.57
N ARG D 193 36.71 97.81 19.58
CA ARG D 193 36.76 98.93 20.50
C ARG D 193 37.94 98.86 21.46
N GLU D 194 38.61 97.71 21.57
CA GLU D 194 39.74 97.55 22.46
C GLU D 194 41.08 97.51 21.71
N GLY D 195 41.11 98.02 20.47
CA GLY D 195 42.35 98.10 19.71
C GLY D 195 43.01 96.79 19.36
N ASN D 196 42.46 95.65 19.80
CA ASN D 196 43.06 94.36 19.48
C ASN D 196 42.81 94.05 18.00
N GLU D 197 43.89 93.82 17.25
CA GLU D 197 43.77 93.48 15.83
C GLU D 197 44.17 92.05 15.53
N LYS D 198 45.24 91.55 16.15
CA LYS D 198 45.66 90.18 15.90
C LYS D 198 44.60 89.19 16.35
N GLU D 199 43.81 89.53 17.37
CA GLU D 199 42.75 88.64 17.78
C GLU D 199 41.61 88.63 16.78
N ILE D 200 41.37 89.77 16.11
CA ILE D 200 40.38 89.79 15.04
C ILE D 200 40.87 88.97 13.85
N GLN D 201 42.18 89.04 13.57
CA GLN D 201 42.73 88.26 12.46
C GLN D 201 42.67 86.77 12.75
N ARG D 202 42.77 86.36 14.02
CA ARG D 202 42.61 84.96 14.37
C ARG D 202 41.18 84.49 14.07
N ILE D 203 40.19 85.33 14.38
CA ILE D 203 38.82 85.01 14.02
C ILE D 203 38.66 85.01 12.50
N MET D 204 39.22 86.02 11.83
CA MET D 204 39.17 86.07 10.38
C MET D 204 39.88 84.88 9.75
N HIS D 205 41.02 84.47 10.33
CA HIS D 205 41.78 83.36 9.77
C HIS D 205 40.99 82.06 9.83
N ASN D 206 40.34 81.80 10.97
CA ASN D 206 39.49 80.62 11.10
C ASN D 206 38.32 80.70 10.12
N TYR D 207 37.71 81.88 10.00
CA TYR D 207 36.62 82.06 9.05
C TYR D 207 37.09 81.85 7.61
N ASP D 208 38.34 82.24 7.33
CA ASP D 208 38.89 82.01 5.99
C ASP D 208 39.12 80.52 5.73
N LYS D 209 39.55 79.77 6.75
CA LYS D 209 39.76 78.35 6.56
C LYS D 209 38.44 77.62 6.38
N LEU D 210 37.43 77.97 7.17
CA LEU D 210 36.14 77.30 7.09
C LEU D 210 35.51 77.51 5.71
N LYS D 211 35.58 78.73 5.19
CA LYS D 211 34.90 79.03 3.93
C LYS D 211 35.69 78.58 2.72
N SER D 212 37.02 78.54 2.81
CA SER D 212 37.79 77.90 1.74
C SER D 212 37.57 76.39 1.75
N ARG D 213 37.25 75.82 2.91
CA ARG D 213 36.98 74.40 2.99
C ARG D 213 35.67 74.05 2.28
N ILE D 214 34.66 74.93 2.37
CA ILE D 214 33.41 74.69 1.67
C ILE D 214 33.63 74.75 0.16
N SER D 215 34.34 75.78 -0.30
CA SER D 215 34.68 75.87 -1.73
C SER D 215 35.41 74.63 -2.21
N GLU D 216 36.17 73.99 -1.32
CA GLU D 216 36.87 72.77 -1.68
C GLU D 216 35.91 71.58 -1.74
N ILE D 217 34.91 71.57 -0.86
CA ILE D 217 33.94 70.48 -0.87
C ILE D 217 32.94 70.65 -2.01
N ILE D 218 32.55 71.89 -2.32
CA ILE D 218 31.63 72.12 -3.42
C ILE D 218 32.29 71.76 -4.75
N ASP D 219 33.58 72.04 -4.89
CA ASP D 219 34.29 71.67 -6.11
C ASP D 219 34.43 70.16 -6.24
N SER D 220 34.66 69.47 -5.12
CA SER D 220 34.72 68.02 -5.15
C SER D 220 33.38 67.42 -5.57
N ARG D 221 32.28 68.04 -5.15
CA ARG D 221 30.97 67.59 -5.59
C ARG D 221 30.70 68.01 -7.04
N ARG D 222 31.14 69.21 -7.42
CA ARG D 222 31.00 69.64 -8.81
C ARG D 222 31.73 68.70 -9.76
N ARG D 223 32.96 68.29 -9.40
CA ARG D 223 33.70 67.37 -10.23
C ARG D 223 33.11 65.96 -10.23
N LEU D 224 32.38 65.59 -9.16
CA LEU D 224 31.75 64.28 -9.15
C LEU D 224 30.54 64.24 -10.06
N GLU D 225 29.75 65.31 -10.09
CA GLU D 225 28.63 65.39 -11.03
C GLU D 225 29.12 65.26 -12.47
N GLU D 226 30.27 65.87 -12.78
CA GLU D 226 30.81 65.78 -14.13
C GLU D 226 31.09 64.32 -14.50
N ASP D 227 31.78 63.60 -13.63
CA ASP D 227 32.04 62.18 -13.89
C ASP D 227 30.74 61.38 -13.92
N LEU D 228 29.76 61.75 -13.11
CA LEU D 228 28.46 61.08 -13.17
C LEU D 228 27.76 61.32 -14.50
N LYS D 229 27.92 62.51 -15.09
CA LYS D 229 27.39 62.75 -16.42
C LYS D 229 28.11 61.89 -17.47
N LYS D 230 29.44 61.79 -17.36
CA LYS D 230 30.19 60.97 -18.32
C LYS D 230 29.79 59.51 -18.21
N GLN D 231 29.67 58.99 -16.99
CA GLN D 231 29.28 57.60 -16.82
C GLN D 231 27.80 57.39 -17.16
N ALA D 232 26.98 58.43 -16.99
CA ALA D 232 25.60 58.34 -17.46
C ALA D 232 25.54 58.21 -18.98
N ALA D 233 26.48 58.84 -19.68
CA ALA D 233 26.52 58.73 -21.13
C ALA D 233 27.00 57.35 -21.56
N GLU D 234 28.08 56.86 -20.94
CA GLU D 234 28.56 55.52 -21.26
C GLU D 234 27.49 54.47 -20.98
N TYR D 235 26.68 54.69 -19.95
CA TYR D 235 25.60 53.76 -19.62
C TYR D 235 24.64 53.59 -20.80
N ARG D 236 24.10 54.71 -21.29
CA ARG D 236 23.16 54.64 -22.40
C ARG D 236 23.83 54.13 -23.68
N GLU D 237 25.13 54.39 -23.85
CA GLU D 237 25.84 53.85 -25.00
C GLU D 237 25.89 52.33 -24.92
N ILE D 238 26.04 51.78 -23.72
CA ILE D 238 26.04 50.33 -23.55
C ILE D 238 24.65 49.77 -23.79
N ASP D 239 23.61 50.49 -23.35
CA ASP D 239 22.24 50.03 -23.60
C ASP D 239 21.92 50.05 -25.09
N LYS D 240 22.39 51.08 -25.79
CA LYS D 240 22.20 51.13 -27.24
C LYS D 240 22.89 49.97 -27.94
N ARG D 241 24.08 49.59 -27.46
CA ARG D 241 24.83 48.52 -28.12
C ARG D 241 24.25 47.16 -27.83
N MET D 242 23.62 46.97 -26.66
CA MET D 242 22.97 45.70 -26.37
C MET D 242 21.68 45.55 -27.18
N ASN D 243 20.90 46.62 -27.29
CA ASN D 243 19.64 46.58 -28.01
C ASN D 243 19.81 46.37 -29.51
N SER D 244 21.04 46.48 -30.03
CA SER D 244 21.31 46.13 -31.42
C SER D 244 21.84 44.72 -31.58
N ILE D 245 22.22 44.07 -30.48
CA ILE D 245 22.77 42.71 -30.53
C ILE D 245 21.71 41.72 -30.10
N LYS D 246 20.77 42.17 -29.26
CA LYS D 246 19.70 41.27 -28.82
C LYS D 246 18.86 40.76 -29.98
N PRO D 247 18.34 41.59 -30.89
CA PRO D 247 17.67 41.03 -32.07
C PRO D 247 18.61 40.30 -33.02
N ASP D 248 19.91 40.60 -33.00
CA ASP D 248 20.84 39.85 -33.83
C ASP D 248 21.07 38.46 -33.26
N LEU D 249 21.08 38.33 -31.93
CA LEU D 249 21.18 37.01 -31.32
C LEU D 249 19.95 36.18 -31.61
N ILE D 250 18.77 36.82 -31.66
CA ILE D 250 17.54 36.11 -32.01
C ILE D 250 17.62 35.61 -33.45
N GLN D 251 18.15 36.44 -34.36
CA GLN D 251 18.24 36.05 -35.76
C GLN D 251 19.20 34.89 -35.95
N LEU D 252 20.43 35.03 -35.44
CA LEU D 252 21.42 33.97 -35.63
C LEU D 252 21.01 32.68 -34.93
N ARG D 253 20.24 32.78 -33.84
CA ARG D 253 19.75 31.56 -33.19
C ARG D 253 18.69 30.88 -34.02
N LYS D 254 17.78 31.66 -34.62
CA LYS D 254 16.74 31.08 -35.47
C LYS D 254 17.33 30.50 -36.75
N THR D 255 18.30 31.20 -37.35
CA THR D 255 18.90 30.71 -38.59
C THR D 255 19.78 29.49 -38.33
N ARG D 256 20.53 29.49 -37.23
CA ARG D 256 21.41 28.37 -36.93
C ARG D 256 20.61 27.12 -36.59
N ASP D 257 19.49 27.27 -35.87
CA ASP D 257 18.69 26.12 -35.48
C ASP D 257 18.02 25.46 -36.68
N GLN D 258 17.72 26.24 -37.73
CA GLN D 258 17.13 25.65 -38.93
C GLN D 258 18.17 24.87 -39.72
N TYR D 259 19.41 25.35 -39.76
CA TYR D 259 20.49 24.59 -40.37
C TYR D 259 20.82 23.33 -39.57
N LEU D 260 20.47 23.28 -38.29
CA LEU D 260 20.75 22.10 -37.48
C LEU D 260 19.78 20.97 -37.81
N MET D 261 18.47 21.27 -37.87
CA MET D 261 17.51 20.26 -38.29
C MET D 261 17.67 19.92 -39.76
N TRP D 262 18.14 20.87 -40.58
CA TRP D 262 18.29 20.63 -42.01
C TRP D 262 19.29 19.50 -42.28
N LEU D 263 20.40 19.49 -41.53
CA LEU D 263 21.41 18.46 -41.75
C LEU D 263 21.01 17.13 -41.11
N THR D 264 20.45 17.17 -39.91
CA THR D 264 20.01 15.93 -39.26
C THR D 264 18.91 15.24 -40.05
N GLN D 265 18.08 16.01 -40.76
CA GLN D 265 16.98 15.44 -41.54
C GLN D 265 17.45 14.85 -42.86
N LYS D 266 18.55 15.37 -43.42
CA LYS D 266 19.07 14.89 -44.70
C LYS D 266 20.08 13.76 -44.55
N GLY D 267 20.37 13.33 -43.33
CA GLY D 267 21.16 12.14 -43.11
C GLY D 267 22.60 12.34 -42.75
N VAL D 268 22.97 13.47 -42.13
CA VAL D 268 24.33 13.61 -41.64
C VAL D 268 24.50 12.73 -40.41
N ARG D 269 25.75 12.36 -40.13
CA ARG D 269 26.03 11.35 -39.11
C ARG D 269 25.49 11.76 -37.75
N GLN D 270 25.02 10.77 -36.99
CA GLN D 270 24.58 11.01 -35.62
C GLN D 270 25.75 11.40 -34.74
N LYS D 271 26.91 10.77 -34.94
CA LYS D 271 28.13 11.18 -34.26
C LYS D 271 28.54 12.60 -34.64
N LYS D 272 28.14 13.06 -35.83
CA LYS D 272 28.44 14.42 -36.28
C LYS D 272 27.55 15.48 -35.63
N LEU D 273 26.70 15.10 -34.69
CA LEU D 273 25.94 16.07 -33.90
C LEU D 273 26.84 16.95 -33.05
N ASN D 274 28.18 16.74 -33.06
CA ASN D 274 29.15 17.56 -32.33
C ASN D 274 30.48 17.48 -33.10
N GLU D 275 30.58 18.26 -34.17
CA GLU D 275 31.82 18.35 -34.95
C GLU D 275 31.85 19.60 -35.82
N TRP D 276 30.73 19.90 -36.48
CA TRP D 276 30.62 21.05 -37.37
C TRP D 276 30.39 22.36 -36.63
N LEU D 277 30.47 22.34 -35.30
CA LEU D 277 30.12 23.50 -34.49
C LEU D 277 31.22 23.90 -33.52
N GLY D 278 32.43 23.37 -33.69
CA GLY D 278 33.52 23.62 -32.77
C GLY D 278 33.79 22.53 -31.76
N ASN D 279 32.98 21.47 -31.76
CA ASN D 279 33.15 20.37 -30.82
C ASN D 279 33.06 19.02 -31.52
#